data_5ZR0
#
_entry.id   5ZR0
#
_entity_poly.entity_id   1
_entity_poly.type   'polypeptide(L)'
_entity_poly.pdbx_seq_one_letter_code
;GIAEAAFNKGETAMTINGPWAWSNIDTSKVGSGSGSGSGSQATWKEKDGAVEAEDRVTIDFTGSVDGEEFEGGKASDFVL
AMGQGRMIPGFEDGIKGHKAGEEFTIDVTFPEEYHAENLKGKAAKFAINLKKVEERELPELT
;
_entity_poly.pdbx_strand_id   A
#
# COMPACT_ATOMS: atom_id res chain seq x y z
N GLY A 1 0.82 8.31 -15.63
CA GLY A 1 1.57 8.25 -14.36
C GLY A 1 0.68 8.49 -13.14
N ILE A 2 1.10 7.98 -11.97
CA ILE A 2 0.30 8.05 -10.71
C ILE A 2 0.15 9.52 -10.25
N ALA A 3 1.11 10.38 -10.65
CA ALA A 3 1.10 11.82 -10.35
C ALA A 3 -0.15 12.52 -10.94
N GLU A 4 -0.71 11.94 -12.02
CA GLU A 4 -1.95 12.42 -12.65
C GLU A 4 -3.16 12.09 -11.75
N ALA A 5 -3.15 10.88 -11.16
CA ALA A 5 -4.22 10.37 -10.28
C ALA A 5 -4.27 11.14 -8.94
N ALA A 6 -3.09 11.37 -8.37
CA ALA A 6 -2.92 12.10 -7.10
C ALA A 6 -1.99 13.30 -7.34
N PHE A 7 -2.54 14.53 -7.23
CA PHE A 7 -1.83 15.79 -7.53
C PHE A 7 -0.50 15.90 -6.73
N ASN A 8 0.61 15.93 -7.47
CA ASN A 8 1.97 16.01 -6.91
C ASN A 8 2.67 17.26 -7.48
N LYS A 9 3.44 17.98 -6.63
CA LYS A 9 4.19 19.19 -7.05
C LYS A 9 5.54 18.81 -7.69
N GLY A 10 5.99 17.58 -7.39
CA GLY A 10 7.15 16.98 -8.05
C GLY A 10 6.85 16.59 -9.50
N GLU A 11 7.91 16.22 -10.25
CA GLU A 11 7.80 15.75 -11.66
C GLU A 11 6.77 14.61 -11.80
N THR A 12 6.20 14.48 -13.02
CA THR A 12 5.10 13.54 -13.29
C THR A 12 5.60 12.08 -13.16
N ALA A 13 5.60 11.60 -11.90
CA ALA A 13 6.07 10.27 -11.55
C ALA A 13 5.11 9.21 -12.11
N MET A 14 5.70 8.19 -12.75
CA MET A 14 4.96 7.07 -13.32
C MET A 14 4.32 6.22 -12.21
N THR A 15 3.44 5.29 -12.63
CA THR A 15 2.66 4.43 -11.72
C THR A 15 3.59 3.72 -10.71
N ILE A 16 3.25 3.86 -9.40
CA ILE A 16 4.02 3.33 -8.26
C ILE A 16 4.40 1.85 -8.49
N ASN A 17 5.63 1.49 -8.18
CA ASN A 17 6.07 0.08 -8.15
C ASN A 17 5.76 -0.46 -6.75
N GLY A 18 5.14 -1.66 -6.71
CA GLY A 18 4.71 -2.30 -5.47
C GLY A 18 5.74 -2.28 -4.34
N PRO A 19 6.97 -2.86 -4.57
CA PRO A 19 8.08 -2.76 -3.60
C PRO A 19 8.55 -1.28 -3.44
N TRP A 20 8.26 -0.73 -2.27
CA TRP A 20 8.46 0.69 -1.92
C TRP A 20 9.92 0.99 -1.50
N ALA A 21 10.52 2.04 -2.10
CA ALA A 21 11.89 2.48 -1.77
C ALA A 21 11.88 3.38 -0.51
N TRP A 22 12.15 2.76 0.65
CA TRP A 22 12.37 3.46 1.94
C TRP A 22 13.60 4.39 1.84
N SER A 23 14.67 3.89 1.19
CA SER A 23 15.89 4.68 0.95
C SER A 23 15.60 5.70 -0.15
N ASN A 24 15.76 6.99 0.19
CA ASN A 24 15.32 8.12 -0.65
C ASN A 24 16.52 8.94 -1.16
N ILE A 25 16.20 10.02 -1.90
CA ILE A 25 17.19 11.00 -2.42
C ILE A 25 18.01 11.70 -1.29
N ASP A 26 17.53 11.62 -0.03
CA ASP A 26 18.32 12.05 1.15
C ASP A 26 19.60 11.17 1.29
N THR A 27 19.42 9.87 1.00
CA THR A 27 20.52 8.87 0.94
C THR A 27 21.17 8.85 -0.49
N SER A 28 20.67 9.73 -1.38
CA SER A 28 21.10 9.85 -2.81
C SER A 28 20.69 8.60 -3.62
N LYS A 29 19.67 7.86 -3.11
CA LYS A 29 19.23 6.58 -3.69
C LYS A 29 18.30 6.81 -4.90
N VAL A 30 17.07 7.29 -4.62
CA VAL A 30 16.05 7.51 -5.66
C VAL A 30 16.17 8.96 -6.19
N GLY A 31 15.42 9.31 -7.24
CA GLY A 31 15.32 10.69 -7.71
C GLY A 31 14.53 11.59 -6.75
N SER A 32 14.08 12.74 -7.25
CA SER A 32 13.35 13.74 -6.45
C SER A 32 11.97 13.21 -6.00
N GLY A 33 11.98 12.48 -4.87
CA GLY A 33 10.77 11.90 -4.27
C GLY A 33 10.43 12.52 -2.92
N SER A 34 10.96 13.73 -2.68
CA SER A 34 10.73 14.48 -1.43
C SER A 34 9.35 15.16 -1.49
N GLY A 35 8.35 14.53 -0.84
CA GLY A 35 6.99 15.03 -0.83
C GLY A 35 6.05 14.11 -0.05
N SER A 36 5.09 14.73 0.67
CA SER A 36 4.04 14.00 1.40
C SER A 36 2.83 13.71 0.49
N GLY A 37 2.68 14.54 -0.57
CA GLY A 37 1.56 14.46 -1.49
C GLY A 37 0.36 15.29 -1.01
N SER A 38 -0.11 16.23 -1.85
CA SER A 38 -1.29 17.06 -1.55
C SER A 38 -2.26 16.99 -2.73
N GLY A 39 -3.21 16.04 -2.65
CA GLY A 39 -4.23 15.87 -3.68
C GLY A 39 -5.60 15.66 -3.05
N SER A 40 -6.48 14.96 -3.75
CA SER A 40 -7.82 14.64 -3.26
C SER A 40 -8.25 13.28 -3.84
N GLN A 41 -9.01 12.52 -3.05
CA GLN A 41 -9.46 11.17 -3.41
C GLN A 41 -10.86 11.21 -4.03
N ALA A 42 -11.14 10.23 -4.92
CA ALA A 42 -12.50 9.97 -5.43
C ALA A 42 -13.32 9.30 -4.32
N THR A 43 -14.66 9.52 -4.32
CA THR A 43 -15.52 9.09 -3.22
C THR A 43 -15.79 7.57 -3.28
N TRP A 44 -15.72 6.92 -2.12
CA TRP A 44 -15.94 5.48 -1.94
C TRP A 44 -17.26 5.23 -1.22
N LYS A 45 -17.78 4.01 -1.41
CA LYS A 45 -18.97 3.50 -0.71
C LYS A 45 -18.61 2.22 0.04
N GLU A 46 -19.40 1.86 1.05
CA GLU A 46 -19.20 0.66 1.86
C GLU A 46 -19.45 -0.62 1.04
N LYS A 47 -18.58 -1.63 1.22
CA LYS A 47 -18.75 -2.96 0.60
C LYS A 47 -19.47 -3.89 1.59
N ASP A 48 -20.49 -4.58 1.10
CA ASP A 48 -21.30 -5.52 1.91
C ASP A 48 -20.63 -6.90 1.94
N GLY A 49 -20.64 -7.54 3.12
CA GLY A 49 -20.06 -8.87 3.31
C GLY A 49 -18.54 -8.88 3.20
N ALA A 50 -18.01 -9.54 2.16
CA ALA A 50 -16.56 -9.75 1.98
C ALA A 50 -16.01 -8.89 0.84
N VAL A 51 -14.67 -8.78 0.78
CA VAL A 51 -13.94 -8.12 -0.30
C VAL A 51 -13.78 -9.11 -1.48
N GLU A 52 -14.05 -8.63 -2.70
CA GLU A 52 -14.03 -9.47 -3.92
C GLU A 52 -12.64 -9.40 -4.58
N ALA A 53 -12.47 -10.20 -5.64
CA ALA A 53 -11.21 -10.26 -6.44
C ALA A 53 -11.00 -8.98 -7.27
N GLU A 54 -12.08 -8.25 -7.56
CA GLU A 54 -12.02 -6.97 -8.31
C GLU A 54 -12.24 -5.76 -7.39
N ASP A 55 -12.67 -6.02 -6.14
CA ASP A 55 -13.13 -4.97 -5.22
C ASP A 55 -11.96 -4.24 -4.55
N ARG A 56 -12.23 -3.00 -4.14
CA ARG A 56 -11.29 -2.16 -3.40
C ARG A 56 -11.70 -2.07 -1.91
N VAL A 57 -10.71 -1.98 -1.02
CA VAL A 57 -10.93 -1.83 0.43
C VAL A 57 -9.82 -0.94 1.02
N THR A 58 -10.21 -0.02 1.91
CA THR A 58 -9.27 0.75 2.70
C THR A 58 -8.59 -0.21 3.71
N ILE A 59 -7.34 -0.52 3.45
CA ILE A 59 -6.54 -1.41 4.29
C ILE A 59 -5.69 -0.60 5.28
N ASP A 60 -5.00 -1.34 6.13
CA ASP A 60 -3.93 -0.85 6.98
C ASP A 60 -2.85 -1.92 6.94
N PHE A 61 -1.56 -1.53 7.01
CA PHE A 61 -0.45 -2.50 7.00
C PHE A 61 0.78 -1.93 7.71
N THR A 62 1.31 -2.75 8.64
CA THR A 62 2.55 -2.50 9.37
C THR A 62 3.00 -3.81 10.02
N GLY A 63 4.32 -3.95 10.25
CA GLY A 63 4.88 -5.15 10.86
C GLY A 63 6.34 -5.34 10.51
N SER A 64 6.77 -6.60 10.31
CA SER A 64 8.16 -6.95 9.99
C SER A 64 8.23 -7.75 8.69
N VAL A 65 9.44 -7.83 8.14
CA VAL A 65 9.75 -8.55 6.91
C VAL A 65 10.83 -9.61 7.23
N ASP A 66 10.39 -10.89 7.26
CA ASP A 66 11.24 -12.04 7.65
C ASP A 66 11.87 -11.81 9.06
N GLY A 67 11.08 -11.18 9.97
CA GLY A 67 11.52 -10.91 11.35
C GLY A 67 12.26 -9.58 11.52
N GLU A 68 12.58 -8.91 10.41
CA GLU A 68 13.29 -7.61 10.41
C GLU A 68 12.27 -6.46 10.37
N GLU A 69 12.37 -5.52 11.30
CA GLU A 69 11.46 -4.36 11.35
C GLU A 69 11.89 -3.33 10.30
N PHE A 70 11.07 -3.14 9.24
CA PHE A 70 11.39 -2.25 8.11
C PHE A 70 10.60 -0.93 8.23
N GLU A 71 11.29 0.10 8.75
CA GLU A 71 10.72 1.43 8.94
C GLU A 71 10.78 2.21 7.61
N GLY A 72 9.64 2.76 7.21
CA GLY A 72 9.46 3.40 5.91
C GLY A 72 8.41 2.67 5.08
N GLY A 73 8.30 1.35 5.31
CA GLY A 73 7.45 0.47 4.50
C GLY A 73 6.15 0.08 5.16
N LYS A 74 5.38 1.09 5.58
CA LYS A 74 4.06 0.89 6.24
C LYS A 74 3.14 2.06 5.89
N ALA A 75 1.82 1.82 5.88
CA ALA A 75 0.81 2.86 5.66
C ALA A 75 -0.51 2.51 6.36
N SER A 76 -1.05 3.50 7.09
CA SER A 76 -2.36 3.41 7.75
C SER A 76 -3.42 4.06 6.84
N ASP A 77 -4.66 3.48 6.83
CA ASP A 77 -5.81 4.01 6.07
C ASP A 77 -5.51 4.11 4.56
N PHE A 78 -4.75 3.13 4.04
CA PHE A 78 -4.34 3.09 2.64
C PHE A 78 -5.48 2.53 1.80
N VAL A 79 -5.86 3.24 0.74
CA VAL A 79 -7.02 2.89 -0.09
C VAL A 79 -6.57 1.94 -1.23
N LEU A 80 -6.71 0.63 -0.97
CA LEU A 80 -6.16 -0.43 -1.82
C LEU A 80 -7.19 -0.93 -2.85
N ALA A 81 -6.91 -0.70 -4.12
CA ALA A 81 -7.49 -1.49 -5.21
C ALA A 81 -6.57 -2.70 -5.41
N MET A 82 -7.12 -3.93 -5.28
CA MET A 82 -6.30 -5.16 -5.34
C MET A 82 -6.00 -5.58 -6.78
N GLY A 83 -5.01 -6.49 -6.92
CA GLY A 83 -4.57 -7.02 -8.22
C GLY A 83 -4.08 -5.95 -9.17
N GLN A 84 -3.48 -4.89 -8.60
CA GLN A 84 -2.89 -3.79 -9.36
C GLN A 84 -1.37 -3.95 -9.39
N GLY A 85 -0.77 -3.64 -10.56
CA GLY A 85 0.70 -3.64 -10.70
C GLY A 85 1.37 -2.52 -9.90
N ARG A 86 0.56 -1.57 -9.41
CA ARG A 86 1.03 -0.44 -8.57
C ARG A 86 1.40 -0.93 -7.17
N MET A 87 0.80 -2.05 -6.77
CA MET A 87 1.01 -2.68 -5.46
C MET A 87 1.69 -4.05 -5.63
N ILE A 88 2.24 -4.59 -4.52
CA ILE A 88 2.98 -5.87 -4.51
C ILE A 88 2.07 -7.07 -4.94
N PRO A 89 2.68 -8.16 -5.54
CA PRO A 89 1.93 -9.39 -5.94
C PRO A 89 1.25 -10.10 -4.75
N GLY A 90 1.59 -9.71 -3.51
CA GLY A 90 0.92 -10.20 -2.31
C GLY A 90 -0.54 -9.77 -2.22
N PHE A 91 -0.85 -8.58 -2.77
CA PHE A 91 -2.21 -8.02 -2.83
C PHE A 91 -3.02 -8.59 -4.02
N GLU A 92 -2.56 -9.73 -4.58
CA GLU A 92 -3.41 -10.62 -5.41
C GLU A 92 -4.45 -11.35 -4.53
N ASP A 93 -4.18 -11.39 -3.21
CA ASP A 93 -5.12 -11.90 -2.19
C ASP A 93 -4.88 -11.08 -0.90
N GLY A 94 -5.01 -11.68 0.30
CA GLY A 94 -4.73 -11.00 1.56
C GLY A 94 -5.95 -10.31 2.17
N ILE A 95 -6.79 -9.74 1.30
CA ILE A 95 -8.04 -9.04 1.69
C ILE A 95 -9.28 -9.82 1.23
N LYS A 96 -9.07 -10.72 0.25
CA LYS A 96 -10.15 -11.46 -0.44
C LYS A 96 -10.85 -12.47 0.50
N GLY A 97 -12.14 -12.71 0.21
CA GLY A 97 -12.93 -13.74 0.89
C GLY A 97 -13.12 -13.49 2.38
N HIS A 98 -12.99 -12.22 2.82
CA HIS A 98 -13.26 -11.82 4.20
C HIS A 98 -13.55 -10.31 4.30
N LYS A 99 -13.99 -9.89 5.49
CA LYS A 99 -14.55 -8.56 5.75
C LYS A 99 -13.48 -7.63 6.38
N ALA A 100 -13.83 -6.34 6.52
CA ALA A 100 -13.07 -5.37 7.34
C ALA A 100 -13.56 -5.39 8.80
N GLY A 101 -12.79 -4.73 9.68
CA GLY A 101 -13.08 -4.70 11.12
C GLY A 101 -12.39 -5.84 11.88
N GLU A 102 -12.14 -6.97 11.18
CA GLU A 102 -11.41 -8.11 11.74
C GLU A 102 -9.90 -7.86 11.67
N GLU A 103 -9.13 -8.55 12.54
CA GLU A 103 -7.67 -8.48 12.53
C GLU A 103 -7.07 -9.85 12.18
N PHE A 104 -6.04 -9.84 11.33
CA PHE A 104 -5.47 -11.07 10.74
C PHE A 104 -4.00 -10.83 10.41
N THR A 105 -3.30 -11.91 10.06
CA THR A 105 -1.92 -11.88 9.59
C THR A 105 -1.85 -12.41 8.16
N ILE A 106 -1.05 -11.75 7.30
CA ILE A 106 -0.79 -12.20 5.92
C ILE A 106 0.70 -12.11 5.63
N ASP A 107 1.28 -13.15 5.06
CA ASP A 107 2.67 -13.13 4.58
C ASP A 107 2.66 -12.97 3.05
N VAL A 108 3.32 -11.92 2.59
CA VAL A 108 3.41 -11.53 1.18
C VAL A 108 4.89 -11.46 0.81
N THR A 109 5.27 -11.98 -0.36
CA THR A 109 6.68 -11.97 -0.79
C THR A 109 6.91 -10.77 -1.72
N PHE A 110 7.88 -9.93 -1.33
CA PHE A 110 8.35 -8.82 -2.18
C PHE A 110 9.04 -9.38 -3.43
N PRO A 111 8.79 -8.81 -4.64
CA PRO A 111 9.42 -9.30 -5.88
C PRO A 111 10.92 -8.93 -5.99
N GLU A 112 11.57 -9.56 -6.97
CA GLU A 112 12.99 -9.33 -7.31
C GLU A 112 13.17 -7.94 -7.98
N GLU A 113 12.05 -7.25 -8.27
CA GLU A 113 12.04 -5.87 -8.77
C GLU A 113 12.28 -4.83 -7.66
N TYR A 114 12.50 -5.29 -6.40
CA TYR A 114 12.67 -4.40 -5.23
C TYR A 114 13.87 -3.43 -5.40
N HIS A 115 13.55 -2.15 -5.63
CA HIS A 115 14.55 -1.06 -5.74
C HIS A 115 14.93 -0.51 -4.34
N ALA A 116 15.54 -1.39 -3.52
CA ALA A 116 16.04 -1.03 -2.17
C ALA A 116 17.27 -1.87 -1.85
N GLU A 117 17.99 -1.45 -0.81
CA GLU A 117 19.32 -1.98 -0.45
C GLU A 117 19.18 -3.26 0.39
N ASN A 118 18.70 -3.09 1.64
CA ASN A 118 18.53 -4.19 2.61
C ASN A 118 17.35 -5.08 2.22
N LEU A 119 16.33 -4.45 1.63
CA LEU A 119 15.10 -5.11 1.21
C LEU A 119 15.22 -5.57 -0.25
N LYS A 120 15.24 -6.90 -0.46
CA LYS A 120 15.40 -7.51 -1.79
C LYS A 120 14.76 -8.92 -1.81
N GLY A 121 13.59 -9.04 -2.46
CA GLY A 121 12.96 -10.33 -2.77
C GLY A 121 12.45 -11.14 -1.56
N LYS A 122 12.60 -10.58 -0.34
CA LYS A 122 12.25 -11.28 0.92
C LYS A 122 10.76 -11.04 1.29
N ALA A 123 10.18 -12.00 2.03
CA ALA A 123 8.76 -11.99 2.41
C ALA A 123 8.51 -11.17 3.69
N ALA A 124 7.43 -10.37 3.68
CA ALA A 124 6.94 -9.59 4.83
C ALA A 124 5.66 -10.19 5.38
N LYS A 125 5.32 -9.82 6.61
CA LYS A 125 4.10 -10.27 7.29
C LYS A 125 3.46 -9.06 7.99
N PHE A 126 2.15 -8.90 7.77
CA PHE A 126 1.36 -7.79 8.30
C PHE A 126 0.25 -8.35 9.20
N ALA A 127 0.49 -8.32 10.52
CA ALA A 127 -0.49 -8.72 11.53
C ALA A 127 -1.26 -7.47 11.99
N ILE A 128 -2.32 -7.14 11.26
CA ILE A 128 -3.03 -5.86 11.40
C ILE A 128 -4.51 -6.03 11.02
N ASN A 129 -5.36 -5.16 11.58
CA ASN A 129 -6.79 -5.12 11.26
C ASN A 129 -7.02 -4.46 9.89
N LEU A 130 -7.93 -5.06 9.11
CA LEU A 130 -8.39 -4.47 7.84
C LEU A 130 -9.21 -3.22 8.19
N LYS A 131 -8.75 -2.04 7.72
CA LYS A 131 -9.26 -0.73 8.19
C LYS A 131 -10.79 -0.64 8.03
N LYS A 132 -11.26 -0.42 6.78
CA LYS A 132 -12.69 -0.40 6.45
C LYS A 132 -12.92 -0.66 4.95
N VAL A 133 -14.05 -1.35 4.68
CA VAL A 133 -14.61 -1.53 3.32
C VAL A 133 -15.39 -0.26 2.87
N GLU A 134 -15.38 0.76 3.73
CA GLU A 134 -16.07 2.04 3.54
C GLU A 134 -15.17 3.06 2.84
N GLU A 135 -15.67 4.31 2.79
CA GLU A 135 -14.91 5.47 2.31
C GLU A 135 -13.71 5.79 3.24
N ARG A 136 -12.74 6.55 2.71
CA ARG A 136 -11.63 7.12 3.49
C ARG A 136 -10.89 8.17 2.65
N GLU A 137 -11.65 9.16 2.15
CA GLU A 137 -11.12 10.27 1.34
C GLU A 137 -10.32 11.25 2.22
N LEU A 138 -9.01 11.32 1.95
CA LEU A 138 -8.03 12.17 2.68
C LEU A 138 -8.01 11.85 4.20
N PRO A 139 -7.52 10.63 4.59
CA PRO A 139 -7.56 10.16 6.00
C PRO A 139 -6.53 10.91 6.88
N GLU A 140 -7.00 11.43 8.02
CA GLU A 140 -6.18 12.18 8.99
C GLU A 140 -6.57 11.78 10.42
N LEU A 141 -5.99 12.51 11.41
CA LEU A 141 -6.29 12.30 12.83
C LEU A 141 -7.73 12.76 13.15
N THR A 142 -8.64 11.79 13.21
CA THR A 142 -10.09 12.03 13.44
C THR A 142 -10.45 11.65 14.91
N GLY A 1 -2.30 8.58 -13.64
CA GLY A 1 -3.45 8.52 -12.71
C GLY A 1 -3.09 8.99 -11.31
N ILE A 2 -2.41 8.10 -10.56
CA ILE A 2 -2.15 8.28 -9.11
C ILE A 2 -1.11 9.40 -8.83
N ALA A 3 -0.25 9.70 -9.81
CA ALA A 3 0.77 10.77 -9.70
C ALA A 3 0.12 12.17 -9.72
N GLU A 4 -0.98 12.30 -10.50
CA GLU A 4 -1.78 13.53 -10.57
C GLU A 4 -2.73 13.59 -9.35
N ALA A 5 -3.20 12.39 -8.92
CA ALA A 5 -4.13 12.23 -7.78
C ALA A 5 -3.49 12.67 -6.45
N ALA A 6 -2.16 12.49 -6.36
CA ALA A 6 -1.33 12.97 -5.25
C ALA A 6 -0.73 14.33 -5.62
N PHE A 7 -0.82 15.32 -4.72
CA PHE A 7 -0.20 16.64 -4.95
C PHE A 7 1.30 16.53 -4.63
N ASN A 8 2.13 16.46 -5.67
CA ASN A 8 3.59 16.24 -5.55
C ASN A 8 4.36 17.53 -5.90
N LYS A 9 5.51 17.75 -5.25
CA LYS A 9 6.42 18.89 -5.55
C LYS A 9 7.26 18.58 -6.81
N GLY A 10 7.61 17.30 -6.97
CA GLY A 10 8.40 16.84 -8.10
C GLY A 10 7.56 16.60 -9.35
N GLU A 11 8.26 16.42 -10.48
CA GLU A 11 7.65 16.13 -11.80
C GLU A 11 6.73 14.87 -11.73
N THR A 12 5.71 14.81 -12.62
CA THR A 12 4.79 13.67 -12.69
C THR A 12 5.56 12.41 -13.15
N ALA A 13 6.00 11.63 -12.14
CA ALA A 13 6.77 10.40 -12.34
C ALA A 13 5.88 9.27 -12.85
N MET A 14 6.49 8.08 -13.06
CA MET A 14 5.77 6.87 -13.49
C MET A 14 4.76 6.40 -12.43
N THR A 15 3.95 5.39 -12.81
CA THR A 15 2.99 4.75 -11.89
C THR A 15 3.76 4.09 -10.72
N ILE A 16 3.11 4.01 -9.54
CA ILE A 16 3.72 3.42 -8.33
C ILE A 16 4.21 1.99 -8.63
N ASN A 17 5.48 1.72 -8.30
CA ASN A 17 6.14 0.43 -8.58
C ASN A 17 5.65 -0.60 -7.56
N GLY A 18 5.62 -1.89 -8.00
CA GLY A 18 5.17 -3.00 -7.15
C GLY A 18 5.84 -3.01 -5.78
N PRO A 19 7.19 -3.19 -5.71
CA PRO A 19 7.95 -3.00 -4.47
C PRO A 19 8.31 -1.50 -4.25
N TRP A 20 7.74 -0.91 -3.20
CA TRP A 20 7.99 0.50 -2.85
C TRP A 20 9.32 0.62 -2.07
N ALA A 21 10.27 1.37 -2.63
CA ALA A 21 11.58 1.63 -2.00
C ALA A 21 11.49 2.91 -1.15
N TRP A 22 11.78 2.78 0.16
CA TRP A 22 11.86 3.93 1.10
C TRP A 22 13.07 4.84 0.77
N SER A 23 14.01 4.33 -0.05
CA SER A 23 15.17 5.09 -0.53
C SER A 23 14.71 6.20 -1.52
N ASN A 24 14.33 7.35 -0.95
CA ASN A 24 13.86 8.53 -1.71
C ASN A 24 15.09 9.29 -2.25
N ILE A 25 15.05 9.60 -3.56
CA ILE A 25 16.04 10.45 -4.28
C ILE A 25 17.52 9.97 -4.14
N ASP A 26 17.70 8.73 -3.63
CA ASP A 26 19.01 8.10 -3.42
C ASP A 26 19.24 7.05 -4.52
N THR A 27 18.46 5.96 -4.45
CA THR A 27 18.47 4.90 -5.48
C THR A 27 17.63 5.36 -6.70
N SER A 28 16.50 6.03 -6.42
CA SER A 28 15.58 6.54 -7.46
C SER A 28 14.90 7.83 -6.96
N LYS A 29 14.73 8.82 -7.87
CA LYS A 29 14.04 10.10 -7.55
C LYS A 29 12.51 9.87 -7.49
N VAL A 30 12.06 9.25 -6.39
CA VAL A 30 10.65 8.96 -6.14
C VAL A 30 10.00 10.14 -5.37
N GLY A 31 9.11 10.85 -6.05
CA GLY A 31 8.43 12.01 -5.48
C GLY A 31 9.22 13.30 -5.61
N SER A 32 10.39 13.36 -4.92
CA SER A 32 11.25 14.56 -4.84
C SER A 32 10.47 15.72 -4.16
N GLY A 33 9.56 15.33 -3.25
CA GLY A 33 8.70 16.27 -2.53
C GLY A 33 7.66 15.54 -1.70
N SER A 34 8.14 14.61 -0.86
CA SER A 34 7.28 13.79 0.02
C SER A 34 6.93 14.57 1.30
N GLY A 35 5.75 14.25 1.88
CA GLY A 35 5.21 14.99 3.03
C GLY A 35 4.34 16.16 2.58
N SER A 36 3.80 16.05 1.36
CA SER A 36 2.94 17.07 0.76
C SER A 36 1.46 16.70 0.98
N GLY A 37 0.98 15.65 0.29
CA GLY A 37 -0.40 15.17 0.43
C GLY A 37 -1.01 14.73 -0.89
N SER A 38 -2.32 14.42 -0.87
CA SER A 38 -3.06 14.01 -2.06
C SER A 38 -4.05 15.12 -2.47
N GLY A 39 -4.09 15.43 -3.78
CA GLY A 39 -4.97 16.47 -4.32
C GLY A 39 -6.39 15.98 -4.61
N SER A 40 -6.65 14.67 -4.40
CA SER A 40 -7.99 14.06 -4.63
C SER A 40 -8.20 12.82 -3.74
N GLN A 41 -9.48 12.40 -3.65
CA GLN A 41 -9.90 11.24 -2.86
C GLN A 41 -10.84 10.37 -3.71
N ALA A 42 -10.76 9.04 -3.55
CA ALA A 42 -11.68 8.09 -4.19
C ALA A 42 -12.88 7.88 -3.26
N THR A 43 -14.08 8.36 -3.66
CA THR A 43 -15.28 8.27 -2.82
C THR A 43 -15.87 6.86 -2.88
N TRP A 44 -16.04 6.24 -1.69
CA TRP A 44 -16.54 4.86 -1.55
C TRP A 44 -17.82 4.83 -0.72
N LYS A 45 -18.52 3.70 -0.84
CA LYS A 45 -19.66 3.35 0.01
C LYS A 45 -19.27 2.18 0.92
N GLU A 46 -20.00 2.00 2.01
CA GLU A 46 -19.84 0.85 2.93
C GLU A 46 -20.23 -0.45 2.19
N LYS A 47 -19.36 -1.47 2.24
CA LYS A 47 -19.61 -2.77 1.57
C LYS A 47 -20.26 -3.74 2.57
N ASP A 48 -21.17 -4.57 2.05
CA ASP A 48 -21.79 -5.67 2.81
C ASP A 48 -21.54 -6.97 2.03
N GLY A 49 -20.98 -7.98 2.71
CA GLY A 49 -20.64 -9.27 2.11
C GLY A 49 -19.18 -9.60 2.28
N ALA A 50 -18.38 -9.39 1.23
CA ALA A 50 -16.93 -9.68 1.25
C ALA A 50 -16.19 -8.81 0.20
N VAL A 51 -14.85 -8.80 0.29
CA VAL A 51 -13.99 -8.08 -0.67
C VAL A 51 -13.81 -8.94 -1.95
N GLU A 52 -14.07 -8.32 -3.11
CA GLU A 52 -14.10 -9.00 -4.42
C GLU A 52 -12.74 -8.87 -5.13
N ALA A 53 -12.60 -9.55 -6.29
CA ALA A 53 -11.38 -9.52 -7.13
C ALA A 53 -11.23 -8.16 -7.87
N GLU A 54 -12.33 -7.38 -7.97
CA GLU A 54 -12.31 -6.02 -8.56
C GLU A 54 -12.54 -4.94 -7.49
N ASP A 55 -13.01 -5.35 -6.28
CA ASP A 55 -13.39 -4.41 -5.20
C ASP A 55 -12.15 -3.76 -4.55
N ARG A 56 -12.35 -2.58 -3.96
CA ARG A 56 -11.31 -1.81 -3.28
C ARG A 56 -11.72 -1.61 -1.82
N VAL A 57 -10.80 -1.92 -0.90
CA VAL A 57 -11.04 -1.86 0.54
C VAL A 57 -9.79 -1.25 1.22
N THR A 58 -10.02 -0.62 2.38
CA THR A 58 -8.95 0.04 3.14
C THR A 58 -8.26 -0.95 4.09
N ILE A 59 -6.92 -0.88 4.16
CA ILE A 59 -6.10 -1.63 5.13
C ILE A 59 -4.97 -0.74 5.66
N ASP A 60 -4.65 -0.92 6.95
CA ASP A 60 -3.54 -0.21 7.61
C ASP A 60 -2.40 -1.23 7.80
N PHE A 61 -1.31 -1.10 7.04
CA PHE A 61 -0.25 -2.13 7.05
C PHE A 61 1.04 -1.57 7.65
N THR A 62 1.55 -2.26 8.67
CA THR A 62 2.82 -1.97 9.35
C THR A 62 3.20 -3.20 10.20
N GLY A 63 4.49 -3.48 10.34
CA GLY A 63 4.95 -4.65 11.10
C GLY A 63 6.43 -4.95 10.86
N SER A 64 6.71 -6.12 10.26
CA SER A 64 8.08 -6.57 9.98
C SER A 64 8.17 -7.24 8.61
N VAL A 65 9.37 -7.22 8.02
CA VAL A 65 9.68 -7.88 6.76
C VAL A 65 10.80 -8.92 7.01
N ASP A 66 10.45 -10.20 6.88
CA ASP A 66 11.34 -11.36 7.19
C ASP A 66 11.81 -11.29 8.67
N GLY A 67 10.85 -10.90 9.55
CA GLY A 67 11.08 -10.77 10.99
C GLY A 67 11.83 -9.50 11.40
N GLU A 68 12.17 -8.66 10.40
CA GLU A 68 12.97 -7.43 10.61
C GLU A 68 12.07 -6.19 10.60
N GLU A 69 12.20 -5.33 11.61
CA GLU A 69 11.38 -4.11 11.71
C GLU A 69 11.88 -3.07 10.69
N PHE A 70 11.05 -2.78 9.67
CA PHE A 70 11.40 -1.84 8.58
C PHE A 70 10.57 -0.56 8.74
N GLU A 71 11.26 0.57 8.94
CA GLU A 71 10.64 1.90 9.07
C GLU A 71 10.60 2.59 7.70
N GLY A 72 9.51 3.32 7.43
CA GLY A 72 9.30 4.02 6.15
C GLY A 72 8.50 3.21 5.13
N GLY A 73 8.47 1.86 5.29
CA GLY A 73 7.80 0.97 4.32
C GLY A 73 6.38 0.59 4.73
N LYS A 74 5.64 1.55 5.30
CA LYS A 74 4.25 1.32 5.78
C LYS A 74 3.35 2.49 5.38
N ALA A 75 2.02 2.27 5.46
CA ALA A 75 1.02 3.30 5.16
C ALA A 75 -0.24 3.06 6.01
N SER A 76 -0.73 4.14 6.65
CA SER A 76 -1.97 4.13 7.43
C SER A 76 -3.17 4.43 6.52
N ASP A 77 -4.24 3.63 6.65
CA ASP A 77 -5.47 3.71 5.83
C ASP A 77 -5.15 3.74 4.33
N PHE A 78 -4.40 2.72 3.88
CA PHE A 78 -4.01 2.57 2.49
C PHE A 78 -5.19 1.96 1.73
N VAL A 79 -5.68 2.72 0.74
CA VAL A 79 -6.88 2.38 -0.01
C VAL A 79 -6.49 1.55 -1.26
N LEU A 80 -6.53 0.21 -1.08
CA LEU A 80 -6.01 -0.77 -2.06
C LEU A 80 -7.15 -1.35 -2.91
N ALA A 81 -6.99 -1.25 -4.24
CA ALA A 81 -7.92 -1.82 -5.21
C ALA A 81 -7.41 -3.19 -5.68
N MET A 82 -8.31 -4.18 -5.69
CA MET A 82 -8.00 -5.56 -6.12
C MET A 82 -8.02 -5.68 -7.65
N GLY A 83 -7.20 -6.63 -8.15
CA GLY A 83 -6.98 -6.80 -9.59
C GLY A 83 -5.84 -5.94 -10.12
N GLN A 84 -5.34 -5.03 -9.27
CA GLN A 84 -4.28 -4.08 -9.63
C GLN A 84 -2.90 -4.66 -9.28
N GLY A 85 -1.99 -4.67 -10.27
CA GLY A 85 -0.59 -5.07 -10.05
C GLY A 85 0.32 -3.86 -9.78
N ARG A 86 -0.28 -2.77 -9.24
CA ARG A 86 0.45 -1.52 -8.93
C ARG A 86 1.30 -1.72 -7.65
N MET A 87 0.88 -2.68 -6.82
CA MET A 87 1.57 -3.10 -5.60
C MET A 87 2.15 -4.51 -5.76
N ILE A 88 2.86 -4.97 -4.71
CA ILE A 88 3.49 -6.31 -4.65
C ILE A 88 2.45 -7.47 -4.90
N PRO A 89 2.93 -8.65 -5.45
CA PRO A 89 2.05 -9.83 -5.74
C PRO A 89 1.32 -10.35 -4.48
N GLY A 90 1.90 -10.12 -3.29
CA GLY A 90 1.26 -10.48 -2.03
C GLY A 90 -0.03 -9.71 -1.79
N PHE A 91 -0.03 -8.41 -2.17
CA PHE A 91 -1.19 -7.50 -2.01
C PHE A 91 -2.33 -7.82 -3.00
N GLU A 92 -2.16 -8.81 -3.89
CA GLU A 92 -3.26 -9.26 -4.78
C GLU A 92 -4.34 -10.05 -3.99
N ASP A 93 -3.98 -10.56 -2.80
CA ASP A 93 -4.89 -11.36 -1.95
C ASP A 93 -4.55 -11.14 -0.45
N GLY A 94 -5.26 -11.84 0.46
CA GLY A 94 -5.07 -11.68 1.90
C GLY A 94 -6.23 -10.94 2.54
N ILE A 95 -6.83 -10.01 1.78
CA ILE A 95 -7.97 -9.19 2.23
C ILE A 95 -9.29 -9.63 1.56
N LYS A 96 -9.18 -10.40 0.45
CA LYS A 96 -10.34 -10.88 -0.32
C LYS A 96 -11.02 -12.08 0.36
N GLY A 97 -12.29 -12.33 -0.02
CA GLY A 97 -13.04 -13.49 0.42
C GLY A 97 -13.71 -13.34 1.78
N HIS A 98 -13.45 -12.20 2.46
CA HIS A 98 -13.95 -11.98 3.84
C HIS A 98 -14.19 -10.48 4.13
N LYS A 99 -14.52 -10.18 5.40
CA LYS A 99 -15.01 -8.87 5.86
C LYS A 99 -13.86 -8.04 6.49
N ALA A 100 -14.13 -6.76 6.76
CA ALA A 100 -13.26 -5.90 7.60
C ALA A 100 -13.62 -6.08 9.09
N GLY A 101 -12.79 -5.52 9.98
CA GLY A 101 -13.02 -5.57 11.43
C GLY A 101 -12.41 -6.80 12.09
N GLU A 102 -12.32 -7.89 11.33
CA GLU A 102 -11.62 -9.12 11.74
C GLU A 102 -10.10 -8.91 11.66
N GLU A 103 -9.36 -9.55 12.57
CA GLU A 103 -7.90 -9.40 12.62
C GLU A 103 -7.21 -10.73 12.29
N PHE A 104 -6.14 -10.61 11.50
CA PHE A 104 -5.39 -11.74 10.93
C PHE A 104 -3.96 -11.28 10.63
N THR A 105 -3.09 -12.24 10.31
CA THR A 105 -1.76 -11.96 9.76
C THR A 105 -1.73 -12.46 8.32
N ILE A 106 -1.13 -11.67 7.41
CA ILE A 106 -0.86 -12.12 6.03
C ILE A 106 0.61 -11.88 5.70
N ASP A 107 1.24 -12.89 5.10
CA ASP A 107 2.59 -12.78 4.55
C ASP A 107 2.46 -12.40 3.07
N VAL A 108 3.13 -11.32 2.70
CA VAL A 108 3.14 -10.77 1.34
C VAL A 108 4.59 -10.75 0.84
N THR A 109 4.87 -11.20 -0.39
CA THR A 109 6.25 -11.27 -0.89
C THR A 109 6.56 -10.05 -1.78
N PHE A 110 7.66 -9.34 -1.44
CA PHE A 110 8.23 -8.32 -2.31
C PHE A 110 8.97 -9.00 -3.48
N PRO A 111 8.83 -8.47 -4.75
CA PRO A 111 9.55 -8.99 -5.93
C PRO A 111 11.08 -8.93 -5.79
N GLU A 112 11.80 -9.73 -6.59
CA GLU A 112 13.27 -9.66 -6.72
C GLU A 112 13.71 -8.31 -7.35
N GLU A 113 12.72 -7.61 -7.95
CA GLU A 113 12.87 -6.27 -8.53
C GLU A 113 12.89 -5.16 -7.44
N TYR A 114 12.82 -5.55 -6.14
CA TYR A 114 12.95 -4.62 -5.01
C TYR A 114 14.42 -4.16 -4.91
N HIS A 115 14.73 -3.11 -5.68
CA HIS A 115 16.09 -2.57 -5.83
C HIS A 115 16.54 -1.81 -4.56
N ALA A 116 17.04 -2.59 -3.60
CA ALA A 116 17.67 -2.11 -2.35
C ALA A 116 18.56 -3.24 -1.80
N GLU A 117 19.53 -2.87 -0.94
CA GLU A 117 20.55 -3.82 -0.42
C GLU A 117 19.91 -4.88 0.51
N ASN A 118 19.57 -4.46 1.75
CA ASN A 118 18.94 -5.34 2.74
C ASN A 118 17.53 -5.73 2.28
N LEU A 119 16.80 -4.74 1.75
CA LEU A 119 15.46 -4.93 1.17
C LEU A 119 15.58 -5.39 -0.30
N LYS A 120 16.09 -6.63 -0.49
CA LYS A 120 16.36 -7.20 -1.83
C LYS A 120 15.08 -7.72 -2.53
N GLY A 121 14.13 -8.17 -1.72
CA GLY A 121 12.91 -8.82 -2.19
C GLY A 121 12.39 -9.79 -1.14
N LYS A 122 12.37 -9.32 0.11
CA LYS A 122 12.04 -10.12 1.30
C LYS A 122 10.51 -10.32 1.40
N ALA A 123 10.08 -11.39 2.09
CA ALA A 123 8.66 -11.61 2.41
C ALA A 123 8.33 -10.88 3.74
N ALA A 124 7.26 -10.08 3.73
CA ALA A 124 6.81 -9.26 4.86
C ALA A 124 5.55 -9.87 5.48
N LYS A 125 5.23 -9.43 6.70
CA LYS A 125 4.05 -9.86 7.45
C LYS A 125 3.33 -8.62 8.01
N PHE A 126 2.00 -8.65 7.95
CA PHE A 126 1.15 -7.59 8.51
C PHE A 126 0.05 -8.23 9.36
N ALA A 127 0.34 -8.30 10.67
CA ALA A 127 -0.62 -8.75 11.69
C ALA A 127 -1.47 -7.55 12.14
N ILE A 128 -2.62 -7.38 11.50
CA ILE A 128 -3.51 -6.24 11.75
C ILE A 128 -4.94 -6.61 11.30
N ASN A 129 -5.92 -5.95 11.92
CA ASN A 129 -7.31 -5.99 11.47
C ASN A 129 -7.44 -5.33 10.09
N LEU A 130 -8.24 -5.98 9.21
CA LEU A 130 -8.67 -5.34 7.95
C LEU A 130 -9.42 -4.06 8.35
N LYS A 131 -8.97 -2.91 7.82
CA LYS A 131 -9.31 -1.59 8.39
C LYS A 131 -10.82 -1.33 8.33
N LYS A 132 -11.34 -0.99 7.13
CA LYS A 132 -12.79 -0.82 6.89
C LYS A 132 -13.12 -1.03 5.41
N VAL A 133 -14.31 -1.61 5.20
CA VAL A 133 -14.97 -1.68 3.87
C VAL A 133 -15.73 -0.36 3.56
N GLU A 134 -15.61 0.61 4.48
CA GLU A 134 -16.20 1.94 4.37
C GLU A 134 -15.24 2.90 3.65
N GLU A 135 -15.73 4.14 3.46
CA GLU A 135 -15.01 5.22 2.75
C GLU A 135 -13.85 5.78 3.60
N ARG A 136 -12.61 5.65 3.11
CA ARG A 136 -11.42 6.31 3.70
C ARG A 136 -10.87 7.32 2.70
N GLU A 137 -11.56 8.46 2.67
CA GLU A 137 -11.28 9.57 1.77
C GLU A 137 -10.30 10.56 2.44
N LEU A 138 -9.01 10.18 2.40
CA LEU A 138 -7.87 10.93 2.99
C LEU A 138 -8.08 11.18 4.52
N PRO A 139 -8.20 10.10 5.38
CA PRO A 139 -8.49 10.26 6.82
C PRO A 139 -7.21 10.40 7.68
N GLU A 140 -7.37 10.88 8.93
CA GLU A 140 -6.27 11.06 9.90
C GLU A 140 -6.63 10.38 11.23
N LEU A 141 -5.71 10.44 12.23
CA LEU A 141 -5.91 9.82 13.56
C LEU A 141 -6.98 10.64 14.33
N THR A 142 -8.25 10.38 13.98
CA THR A 142 -9.42 11.14 14.47
C THR A 142 -10.65 10.19 14.36
N GLY A 1 -1.01 8.59 -1.95
CA GLY A 1 -1.72 8.00 -3.10
C GLY A 1 -0.89 8.02 -4.37
N ILE A 2 -1.51 7.62 -5.50
CA ILE A 2 -0.86 7.67 -6.82
C ILE A 2 -0.79 9.13 -7.30
N ALA A 3 0.34 9.50 -7.97
CA ALA A 3 0.59 10.87 -8.46
C ALA A 3 -0.51 11.37 -9.42
N GLU A 4 -1.14 10.42 -10.15
CA GLU A 4 -2.23 10.70 -11.09
C GLU A 4 -3.49 11.22 -10.36
N ALA A 5 -3.85 10.57 -9.23
CA ALA A 5 -5.06 10.93 -8.46
C ALA A 5 -4.81 12.14 -7.58
N ALA A 6 -3.72 12.08 -6.80
CA ALA A 6 -3.32 13.16 -5.90
C ALA A 6 -2.11 13.88 -6.48
N PHE A 7 -2.30 15.14 -6.91
CA PHE A 7 -1.26 15.94 -7.54
C PHE A 7 -0.16 16.27 -6.52
N ASN A 8 0.97 15.57 -6.65
CA ASN A 8 2.17 15.81 -5.85
C ASN A 8 2.73 17.21 -6.19
N LYS A 9 3.15 18.00 -5.16
CA LYS A 9 3.74 19.35 -5.40
C LYS A 9 5.16 19.24 -5.95
N GLY A 10 5.86 18.16 -5.54
CA GLY A 10 7.12 17.75 -6.17
C GLY A 10 6.85 17.14 -7.55
N GLU A 11 7.91 16.90 -8.34
CA GLU A 11 7.80 16.34 -9.71
C GLU A 11 6.91 15.06 -9.72
N THR A 12 5.92 15.05 -10.62
CA THR A 12 4.97 13.92 -10.75
C THR A 12 5.67 12.71 -11.39
N ALA A 13 4.94 11.59 -11.45
CA ALA A 13 5.47 10.34 -11.99
C ALA A 13 4.31 9.50 -12.56
N MET A 14 4.66 8.30 -13.03
CA MET A 14 3.69 7.28 -13.46
C MET A 14 2.88 6.77 -12.25
N THR A 15 2.03 5.75 -12.50
CA THR A 15 1.45 4.93 -11.43
C THR A 15 2.58 4.30 -10.57
N ILE A 16 2.24 3.85 -9.33
CA ILE A 16 3.25 3.36 -8.35
C ILE A 16 4.11 2.25 -8.98
N ASN A 17 5.42 2.55 -9.14
CA ASN A 17 6.39 1.69 -9.83
C ASN A 17 6.84 0.55 -8.91
N GLY A 18 5.99 -0.50 -8.84
CA GLY A 18 6.26 -1.67 -8.03
C GLY A 18 6.09 -1.43 -6.53
N PRO A 19 6.92 -2.10 -5.67
CA PRO A 19 6.85 -1.92 -4.21
C PRO A 19 7.33 -0.52 -3.75
N TRP A 20 6.90 -0.17 -2.55
CA TRP A 20 7.19 1.11 -1.90
C TRP A 20 8.59 1.05 -1.24
N ALA A 21 9.48 1.98 -1.64
CA ALA A 21 10.81 2.11 -1.05
C ALA A 21 10.99 3.54 -0.53
N TRP A 22 10.72 3.73 0.77
CA TRP A 22 10.82 5.04 1.46
C TRP A 22 12.26 5.26 1.97
N SER A 23 13.25 4.87 1.15
CA SER A 23 14.66 4.91 1.52
C SER A 23 15.17 6.37 1.55
N ASN A 24 15.17 6.95 2.76
CA ASN A 24 15.63 8.33 3.01
C ASN A 24 17.11 8.50 2.69
N ILE A 25 17.54 9.75 2.45
CA ILE A 25 18.93 10.12 2.08
C ILE A 25 19.98 9.63 3.13
N ASP A 26 19.49 9.32 4.34
CA ASP A 26 20.26 8.69 5.43
C ASP A 26 21.02 7.43 4.97
N THR A 27 20.40 6.64 4.07
CA THR A 27 21.01 5.40 3.52
C THR A 27 21.15 5.50 1.98
N SER A 28 20.09 5.97 1.28
CA SER A 28 20.07 6.08 -0.19
C SER A 28 19.43 7.41 -0.60
N LYS A 29 20.01 8.10 -1.61
CA LYS A 29 19.62 9.47 -2.00
C LYS A 29 18.14 9.50 -2.45
N VAL A 30 17.25 9.92 -1.53
CA VAL A 30 15.79 9.88 -1.72
C VAL A 30 15.33 10.84 -2.84
N GLY A 31 15.95 12.03 -2.91
CA GLY A 31 15.61 13.05 -3.92
C GLY A 31 15.88 14.45 -3.41
N SER A 32 15.26 15.44 -4.06
CA SER A 32 15.43 16.86 -3.74
C SER A 32 14.55 17.22 -2.52
N GLY A 33 15.09 16.96 -1.31
CA GLY A 33 14.39 17.22 -0.04
C GLY A 33 13.27 16.22 0.24
N SER A 34 12.12 16.41 -0.44
CA SER A 34 10.89 15.63 -0.25
C SER A 34 9.99 15.76 -1.51
N GLY A 35 8.83 15.10 -1.46
CA GLY A 35 7.82 15.14 -2.53
C GLY A 35 6.46 14.72 -2.00
N SER A 36 5.59 15.71 -1.73
CA SER A 36 4.25 15.48 -1.12
C SER A 36 3.20 16.36 -1.81
N GLY A 37 1.95 15.88 -1.84
CA GLY A 37 0.83 16.67 -2.42
C GLY A 37 -0.51 15.93 -2.39
N SER A 38 -1.56 16.64 -2.85
CA SER A 38 -2.97 16.16 -2.85
C SER A 38 -3.67 16.62 -4.15
N GLY A 39 -4.89 16.13 -4.40
CA GLY A 39 -5.65 16.50 -5.60
C GLY A 39 -7.06 15.94 -5.60
N SER A 40 -7.33 14.97 -6.48
CA SER A 40 -8.63 14.26 -6.54
C SER A 40 -8.74 13.23 -5.41
N GLN A 41 -9.94 12.66 -5.26
CA GLN A 41 -10.27 11.76 -4.15
C GLN A 41 -11.12 10.58 -4.66
N ALA A 42 -10.88 9.39 -4.09
CA ALA A 42 -11.65 8.18 -4.39
C ALA A 42 -12.96 8.19 -3.60
N THR A 43 -14.11 8.19 -4.31
CA THR A 43 -15.44 8.14 -3.68
C THR A 43 -15.74 6.70 -3.22
N TRP A 44 -16.28 6.53 -2.01
CA TRP A 44 -16.51 5.19 -1.41
C TRP A 44 -17.97 4.95 -1.05
N LYS A 45 -18.31 3.66 -0.94
CA LYS A 45 -19.66 3.15 -0.61
C LYS A 45 -19.52 1.91 0.29
N GLU A 46 -20.51 1.68 1.18
CA GLU A 46 -20.51 0.53 2.10
C GLU A 46 -20.67 -0.79 1.33
N LYS A 47 -19.68 -1.68 1.48
CA LYS A 47 -19.75 -3.06 0.95
C LYS A 47 -19.96 -4.02 2.14
N ASP A 48 -20.93 -4.93 2.00
CA ASP A 48 -21.17 -6.00 3.00
C ASP A 48 -20.61 -7.35 2.48
N GLY A 49 -20.74 -8.40 3.32
CA GLY A 49 -20.31 -9.75 2.94
C GLY A 49 -18.79 -9.89 2.88
N ALA A 50 -18.22 -9.82 1.67
CA ALA A 50 -16.78 -10.04 1.44
C ALA A 50 -16.25 -9.05 0.39
N VAL A 51 -14.93 -8.78 0.46
CA VAL A 51 -14.23 -7.95 -0.53
C VAL A 51 -13.84 -8.82 -1.73
N GLU A 52 -14.04 -8.29 -2.94
CA GLU A 52 -13.87 -9.06 -4.19
C GLU A 52 -12.47 -8.86 -4.79
N ALA A 53 -12.16 -9.68 -5.82
CA ALA A 53 -10.87 -9.64 -6.54
C ALA A 53 -10.70 -8.34 -7.35
N GLU A 54 -11.83 -7.77 -7.78
CA GLU A 54 -11.85 -6.53 -8.58
C GLU A 54 -12.18 -5.31 -7.71
N ASP A 55 -12.52 -5.55 -6.43
CA ASP A 55 -13.01 -4.50 -5.52
C ASP A 55 -11.84 -3.85 -4.77
N ARG A 56 -12.07 -2.61 -4.32
CA ARG A 56 -11.12 -1.83 -3.52
C ARG A 56 -11.57 -1.84 -2.06
N VAL A 57 -10.60 -1.85 -1.17
CA VAL A 57 -10.81 -1.80 0.27
C VAL A 57 -9.70 -0.98 0.94
N THR A 58 -10.09 -0.13 1.90
CA THR A 58 -9.14 0.59 2.75
C THR A 58 -8.47 -0.43 3.67
N ILE A 59 -7.13 -0.42 3.71
CA ILE A 59 -6.31 -1.46 4.37
C ILE A 59 -5.09 -0.87 5.04
N ASP A 60 -4.56 -1.62 5.99
CA ASP A 60 -3.39 -1.25 6.78
C ASP A 60 -2.33 -2.32 6.54
N PHE A 61 -1.06 -1.93 6.65
CA PHE A 61 0.05 -2.86 6.58
C PHE A 61 1.21 -2.31 7.42
N THR A 62 1.57 -3.06 8.47
CA THR A 62 2.70 -2.75 9.35
C THR A 62 3.20 -4.03 10.04
N GLY A 63 4.48 -4.03 10.43
CA GLY A 63 5.12 -5.19 11.06
C GLY A 63 6.59 -5.26 10.71
N SER A 64 7.11 -6.50 10.59
CA SER A 64 8.53 -6.76 10.27
C SER A 64 8.64 -7.48 8.92
N VAL A 65 9.88 -7.53 8.39
CA VAL A 65 10.23 -8.28 7.19
C VAL A 65 11.30 -9.33 7.56
N ASP A 66 10.91 -10.62 7.46
CA ASP A 66 11.78 -11.79 7.80
C ASP A 66 12.26 -11.74 9.28
N GLY A 67 11.47 -11.06 10.13
CA GLY A 67 11.75 -10.90 11.57
C GLY A 67 12.56 -9.65 11.89
N GLU A 68 12.98 -8.91 10.86
CA GLU A 68 13.73 -7.65 10.99
C GLU A 68 12.76 -6.46 10.92
N GLU A 69 12.85 -5.54 11.89
CA GLU A 69 11.98 -4.37 11.97
C GLU A 69 12.49 -3.26 11.02
N PHE A 70 11.70 -2.96 9.96
CA PHE A 70 12.08 -2.02 8.88
C PHE A 70 11.20 -0.77 8.93
N GLU A 71 11.82 0.42 9.05
CA GLU A 71 11.11 1.72 9.04
C GLU A 71 11.14 2.31 7.63
N GLY A 72 10.02 2.96 7.25
CA GLY A 72 9.83 3.43 5.89
C GLY A 72 9.33 2.31 4.99
N GLY A 73 8.31 1.59 5.47
CA GLY A 73 7.77 0.44 4.77
C GLY A 73 6.39 0.04 5.26
N LYS A 74 5.62 1.03 5.75
CA LYS A 74 4.25 0.82 6.26
C LYS A 74 3.36 2.03 5.99
N ALA A 75 2.05 1.80 5.95
CA ALA A 75 1.03 2.85 5.82
C ALA A 75 -0.28 2.40 6.49
N SER A 76 -0.85 3.31 7.31
CA SER A 76 -2.16 3.13 7.92
C SER A 76 -3.25 3.74 7.03
N ASP A 77 -4.38 3.02 6.87
CA ASP A 77 -5.59 3.51 6.14
C ASP A 77 -5.30 3.77 4.64
N PHE A 78 -4.43 2.94 4.06
CA PHE A 78 -4.06 3.05 2.64
C PHE A 78 -5.16 2.39 1.79
N VAL A 79 -5.71 3.16 0.84
CA VAL A 79 -6.86 2.73 0.01
C VAL A 79 -6.32 2.02 -1.26
N LEU A 80 -6.59 0.71 -1.37
CA LEU A 80 -6.02 -0.14 -2.42
C LEU A 80 -7.08 -1.00 -3.12
N ALA A 81 -7.07 -0.94 -4.46
CA ALA A 81 -7.86 -1.84 -5.32
C ALA A 81 -7.00 -3.01 -5.79
N MET A 82 -7.55 -4.24 -5.70
CA MET A 82 -6.91 -5.43 -6.29
C MET A 82 -7.26 -5.53 -7.79
N GLY A 83 -6.51 -6.40 -8.49
CA GLY A 83 -6.49 -6.46 -9.96
C GLY A 83 -5.43 -5.56 -10.55
N GLN A 84 -4.85 -4.66 -9.73
CA GLN A 84 -3.80 -3.73 -10.13
C GLN A 84 -2.43 -4.35 -9.82
N GLY A 85 -1.54 -4.40 -10.83
CA GLY A 85 -0.20 -5.00 -10.69
C GLY A 85 0.87 -3.99 -10.26
N ARG A 86 0.42 -2.82 -9.74
CA ARG A 86 1.30 -1.73 -9.30
C ARG A 86 1.91 -2.00 -7.92
N MET A 87 1.27 -2.88 -7.14
CA MET A 87 1.75 -3.30 -5.81
C MET A 87 2.47 -4.66 -5.90
N ILE A 88 2.99 -5.10 -4.74
CA ILE A 88 3.66 -6.41 -4.59
C ILE A 88 2.68 -7.57 -4.93
N PRO A 89 3.21 -8.75 -5.41
CA PRO A 89 2.37 -9.96 -5.68
C PRO A 89 1.66 -10.51 -4.41
N GLY A 90 2.14 -10.08 -3.22
CA GLY A 90 1.49 -10.39 -1.95
C GLY A 90 0.06 -9.85 -1.89
N PHE A 91 -0.14 -8.63 -2.45
CA PHE A 91 -1.46 -7.96 -2.53
C PHE A 91 -2.32 -8.50 -3.70
N GLU A 92 -2.07 -9.76 -4.11
CA GLU A 92 -3.01 -10.52 -4.95
C GLU A 92 -4.15 -11.08 -4.06
N ASP A 93 -3.80 -11.38 -2.79
CA ASP A 93 -4.75 -11.88 -1.78
C ASP A 93 -4.41 -11.25 -0.41
N GLY A 94 -5.30 -11.42 0.59
CA GLY A 94 -5.10 -10.90 1.94
C GLY A 94 -6.40 -10.41 2.54
N ILE A 95 -7.26 -9.83 1.70
CA ILE A 95 -8.51 -9.14 2.12
C ILE A 95 -9.75 -9.75 1.45
N LYS A 96 -9.53 -10.74 0.56
CA LYS A 96 -10.58 -11.30 -0.29
C LYS A 96 -11.32 -12.45 0.42
N GLY A 97 -12.63 -12.57 0.15
CA GLY A 97 -13.45 -13.65 0.71
C GLY A 97 -13.75 -13.47 2.19
N HIS A 98 -13.60 -12.22 2.68
CA HIS A 98 -13.94 -11.86 4.07
C HIS A 98 -14.14 -10.32 4.18
N LYS A 99 -14.51 -9.89 5.38
CA LYS A 99 -15.00 -8.52 5.66
C LYS A 99 -13.91 -7.69 6.37
N ALA A 100 -14.16 -6.37 6.53
CA ALA A 100 -13.36 -5.48 7.39
C ALA A 100 -13.80 -5.60 8.87
N GLY A 101 -12.99 -5.01 9.77
CA GLY A 101 -13.27 -5.01 11.22
C GLY A 101 -12.59 -6.16 11.95
N GLU A 102 -12.36 -7.26 11.24
CA GLU A 102 -11.65 -8.46 11.77
C GLU A 102 -10.13 -8.24 11.72
N GLU A 103 -9.39 -8.90 12.63
CA GLU A 103 -7.91 -8.82 12.69
C GLU A 103 -7.28 -10.15 12.30
N PHE A 104 -6.20 -10.08 11.51
CA PHE A 104 -5.50 -11.24 10.94
C PHE A 104 -4.05 -10.86 10.61
N THR A 105 -3.25 -11.87 10.29
CA THR A 105 -1.90 -11.70 9.75
C THR A 105 -1.86 -12.22 8.31
N ILE A 106 -1.19 -11.49 7.41
CA ILE A 106 -0.91 -11.96 6.04
C ILE A 106 0.61 -11.91 5.78
N ASP A 107 1.13 -12.99 5.21
CA ASP A 107 2.55 -13.08 4.81
C ASP A 107 2.65 -12.77 3.30
N VAL A 108 3.46 -11.79 2.98
CA VAL A 108 3.66 -11.31 1.60
C VAL A 108 5.16 -11.45 1.26
N THR A 109 5.47 -11.84 0.02
CA THR A 109 6.85 -11.85 -0.46
C THR A 109 7.07 -10.62 -1.34
N PHE A 110 8.04 -9.77 -0.94
CA PHE A 110 8.48 -8.62 -1.75
C PHE A 110 9.11 -9.13 -3.06
N PRO A 111 8.84 -8.47 -4.22
CA PRO A 111 9.33 -8.93 -5.54
C PRO A 111 10.81 -8.59 -5.79
N GLU A 112 11.33 -9.12 -6.91
CA GLU A 112 12.67 -8.78 -7.44
C GLU A 112 12.69 -7.34 -8.01
N GLU A 113 11.49 -6.76 -8.17
CA GLU A 113 11.27 -5.37 -8.61
C GLU A 113 11.52 -4.37 -7.46
N TYR A 114 11.83 -4.88 -6.23
CA TYR A 114 12.12 -4.02 -5.07
C TYR A 114 13.48 -3.34 -5.26
N HIS A 115 13.42 -2.08 -5.74
CA HIS A 115 14.59 -1.22 -5.92
C HIS A 115 15.17 -0.78 -4.55
N ALA A 116 15.99 -1.67 -3.97
CA ALA A 116 16.64 -1.49 -2.65
C ALA A 116 17.76 -2.53 -2.48
N GLU A 117 18.61 -2.32 -1.46
CA GLU A 117 19.73 -3.24 -1.15
C GLU A 117 19.22 -4.46 -0.37
N ASN A 118 18.90 -4.23 0.92
CA ASN A 118 18.55 -5.29 1.89
C ASN A 118 17.32 -6.11 1.44
N LEU A 119 16.33 -5.41 0.87
CA LEU A 119 15.09 -6.01 0.39
C LEU A 119 15.33 -6.66 -0.98
N LYS A 120 16.00 -7.81 -0.95
CA LYS A 120 16.35 -8.61 -2.15
C LYS A 120 15.27 -9.67 -2.44
N GLY A 121 14.00 -9.30 -2.21
CA GLY A 121 12.88 -10.23 -2.32
C GLY A 121 12.59 -10.96 -1.02
N LYS A 122 12.84 -10.26 0.11
CA LYS A 122 12.52 -10.77 1.47
C LYS A 122 10.98 -10.84 1.68
N ALA A 123 10.54 -11.78 2.53
CA ALA A 123 9.12 -11.96 2.87
C ALA A 123 8.78 -11.24 4.20
N ALA A 124 7.74 -10.41 4.18
CA ALA A 124 7.25 -9.61 5.32
C ALA A 124 5.90 -10.16 5.82
N LYS A 125 5.52 -9.78 7.05
CA LYS A 125 4.20 -10.09 7.61
C LYS A 125 3.52 -8.80 8.11
N PHE A 126 2.20 -8.73 7.92
CA PHE A 126 1.39 -7.58 8.33
C PHE A 126 0.25 -8.10 9.23
N ALA A 127 0.48 -8.04 10.55
CA ALA A 127 -0.48 -8.48 11.58
C ALA A 127 -1.30 -7.29 12.05
N ILE A 128 -2.46 -7.07 11.40
CA ILE A 128 -3.31 -5.88 11.66
C ILE A 128 -4.79 -6.18 11.33
N ASN A 129 -5.68 -5.43 11.99
CA ASN A 129 -7.11 -5.41 11.67
C ASN A 129 -7.36 -4.70 10.33
N LEU A 130 -8.27 -5.28 9.54
CA LEU A 130 -8.71 -4.69 8.29
C LEU A 130 -9.47 -3.39 8.59
N LYS A 131 -9.06 -2.31 7.91
CA LYS A 131 -9.51 -0.94 8.13
C LYS A 131 -11.03 -0.78 7.87
N LYS A 132 -11.44 -0.73 6.58
CA LYS A 132 -12.86 -0.52 6.23
C LYS A 132 -13.11 -0.73 4.71
N VAL A 133 -14.35 -1.14 4.34
CA VAL A 133 -14.80 -1.26 2.92
C VAL A 133 -15.97 -0.27 2.67
N GLU A 134 -16.09 0.75 3.54
CA GLU A 134 -17.23 1.70 3.54
C GLU A 134 -16.81 3.08 3.03
N GLU A 135 -15.77 3.68 3.67
CA GLU A 135 -15.27 5.02 3.33
C GLU A 135 -13.74 5.15 3.52
N ARG A 136 -13.27 6.20 4.25
CA ARG A 136 -11.87 6.66 4.26
C ARG A 136 -11.47 7.24 2.89
N GLU A 137 -12.36 8.09 2.36
CA GLU A 137 -12.04 9.00 1.24
C GLU A 137 -11.06 10.07 1.77
N LEU A 138 -9.75 9.86 1.51
CA LEU A 138 -8.64 10.67 2.07
C LEU A 138 -8.68 10.62 3.64
N PRO A 139 -8.21 9.50 4.26
CA PRO A 139 -8.26 9.33 5.73
C PRO A 139 -7.20 10.20 6.45
N GLU A 140 -7.69 11.04 7.37
CA GLU A 140 -6.87 11.95 8.19
C GLU A 140 -7.35 11.90 9.65
N LEU A 141 -6.53 12.45 10.57
CA LEU A 141 -6.81 12.46 12.02
C LEU A 141 -8.02 13.38 12.33
N THR A 142 -9.21 12.77 12.38
CA THR A 142 -10.48 13.47 12.65
C THR A 142 -10.94 13.16 14.11
N GLY A 1 -1.89 6.44 -2.53
CA GLY A 1 -2.64 5.98 -3.73
C GLY A 1 -1.74 5.87 -4.96
N ILE A 2 -2.23 6.32 -6.14
CA ILE A 2 -1.45 6.26 -7.40
C ILE A 2 -0.73 7.61 -7.63
N ALA A 3 0.52 7.55 -8.13
CA ALA A 3 1.37 8.72 -8.37
C ALA A 3 0.76 9.70 -9.40
N GLU A 4 0.19 9.13 -10.49
CA GLU A 4 -0.45 9.92 -11.57
C GLU A 4 -1.74 10.61 -11.06
N ALA A 5 -2.44 9.94 -10.12
CA ALA A 5 -3.62 10.49 -9.44
C ALA A 5 -3.21 11.54 -8.39
N ALA A 6 -2.00 11.37 -7.84
CA ALA A 6 -1.46 12.26 -6.80
C ALA A 6 -0.90 13.56 -7.41
N PHE A 7 -1.29 14.70 -6.82
CA PHE A 7 -0.77 16.01 -7.18
C PHE A 7 0.46 16.30 -6.31
N ASN A 8 1.65 16.20 -6.92
CA ASN A 8 2.94 16.43 -6.22
C ASN A 8 3.54 17.77 -6.69
N LYS A 9 4.17 18.49 -5.75
CA LYS A 9 4.82 19.79 -6.00
C LYS A 9 6.02 19.63 -6.96
N GLY A 10 6.65 18.44 -6.88
CA GLY A 10 7.76 18.05 -7.75
C GLY A 10 7.33 17.00 -8.78
N GLU A 11 8.24 16.71 -9.72
CA GLU A 11 8.03 15.72 -10.81
C GLU A 11 7.54 14.38 -10.25
N THR A 12 6.26 14.03 -10.55
CA THR A 12 5.63 12.81 -10.03
C THR A 12 6.21 11.55 -10.72
N ALA A 13 5.88 10.37 -10.17
CA ALA A 13 6.36 9.07 -10.70
C ALA A 13 5.38 8.49 -11.72
N MET A 14 5.77 7.35 -12.31
CA MET A 14 4.92 6.54 -13.21
C MET A 14 3.82 5.81 -12.38
N THR A 15 3.03 4.95 -13.06
CA THR A 15 2.06 4.07 -12.40
C THR A 15 2.76 3.24 -11.28
N ILE A 16 2.03 2.99 -10.17
CA ILE A 16 2.57 2.32 -8.96
C ILE A 16 3.22 0.96 -9.32
N ASN A 17 4.52 0.84 -8.95
CA ASN A 17 5.32 -0.37 -9.15
C ASN A 17 4.94 -1.40 -8.07
N GLY A 18 5.41 -2.65 -8.25
CA GLY A 18 5.13 -3.75 -7.31
C GLY A 18 5.41 -3.36 -5.86
N PRO A 19 6.70 -3.13 -5.51
CA PRO A 19 7.07 -2.52 -4.22
C PRO A 19 7.00 -0.98 -4.31
N TRP A 20 7.04 -0.32 -3.14
CA TRP A 20 6.95 1.15 -3.03
C TRP A 20 8.31 1.71 -2.54
N ALA A 21 8.82 2.75 -3.21
CA ALA A 21 10.13 3.35 -2.91
C ALA A 21 10.04 4.31 -1.71
N TRP A 22 10.37 3.80 -0.50
CA TRP A 22 10.50 4.66 0.69
C TRP A 22 11.97 5.12 0.85
N SER A 23 12.89 4.49 0.11
CA SER A 23 14.33 4.78 0.20
C SER A 23 14.65 6.21 -0.32
N ASN A 24 14.57 7.20 0.60
CA ASN A 24 14.83 8.61 0.31
C ASN A 24 16.17 9.02 0.97
N ILE A 25 17.18 9.27 0.11
CA ILE A 25 18.56 9.74 0.46
C ILE A 25 19.45 8.67 1.17
N ASP A 26 18.84 7.82 2.03
CA ASP A 26 19.54 6.86 2.94
C ASP A 26 20.68 6.07 2.27
N THR A 27 20.33 5.32 1.23
CA THR A 27 21.29 4.57 0.39
C THR A 27 21.09 4.97 -1.08
N SER A 28 19.92 5.55 -1.39
CA SER A 28 19.55 5.97 -2.74
C SER A 28 20.33 7.23 -3.16
N LYS A 29 20.60 8.12 -2.17
CA LYS A 29 21.21 9.46 -2.38
C LYS A 29 20.31 10.37 -3.26
N VAL A 30 19.00 10.01 -3.37
CA VAL A 30 18.00 10.77 -4.14
C VAL A 30 17.32 11.80 -3.21
N GLY A 31 16.73 12.84 -3.81
CA GLY A 31 15.93 13.81 -3.06
C GLY A 31 14.49 13.33 -2.92
N SER A 32 13.55 14.17 -3.41
CA SER A 32 12.09 13.88 -3.40
C SER A 32 11.37 14.91 -4.27
N GLY A 33 10.09 14.64 -4.55
CA GLY A 33 9.20 15.61 -5.19
C GLY A 33 8.93 16.80 -4.29
N SER A 34 8.66 16.49 -3.00
CA SER A 34 8.50 17.51 -1.95
C SER A 34 8.48 16.81 -0.57
N GLY A 35 7.34 16.17 -0.24
CA GLY A 35 7.13 15.54 1.07
C GLY A 35 5.64 15.42 1.37
N SER A 36 4.95 16.57 1.38
CA SER A 36 3.49 16.63 1.49
C SER A 36 2.88 16.88 0.10
N GLY A 37 1.85 16.09 -0.24
CA GLY A 37 1.16 16.21 -1.53
C GLY A 37 -0.08 15.34 -1.56
N SER A 38 -1.25 15.97 -1.69
CA SER A 38 -2.55 15.27 -1.74
C SER A 38 -2.77 14.67 -3.15
N GLY A 39 -3.95 14.06 -3.38
CA GLY A 39 -4.24 13.40 -4.65
C GLY A 39 -5.72 13.33 -4.95
N SER A 40 -6.04 12.66 -6.06
CA SER A 40 -7.42 12.43 -6.48
C SER A 40 -8.07 11.39 -5.55
N GLN A 41 -8.72 11.89 -4.48
CA GLN A 41 -9.47 11.05 -3.53
C GLN A 41 -10.71 10.42 -4.21
N ALA A 42 -10.51 9.21 -4.77
CA ALA A 42 -11.60 8.38 -5.30
C ALA A 42 -12.64 8.18 -4.20
N THR A 43 -13.92 8.50 -4.49
CA THR A 43 -14.97 8.56 -3.47
C THR A 43 -15.43 7.15 -3.06
N TRP A 44 -15.68 6.96 -1.76
CA TRP A 44 -16.04 5.67 -1.17
C TRP A 44 -17.49 5.67 -0.68
N LYS A 45 -18.03 4.46 -0.57
CA LYS A 45 -19.36 4.19 0.00
C LYS A 45 -19.28 2.87 0.77
N GLU A 46 -20.21 2.69 1.71
CA GLU A 46 -20.22 1.57 2.64
C GLU A 46 -20.44 0.24 1.90
N LYS A 47 -19.47 -0.68 2.01
CA LYS A 47 -19.56 -2.04 1.44
C LYS A 47 -20.11 -3.01 2.48
N ASP A 48 -20.87 -3.99 2.00
CA ASP A 48 -21.42 -5.09 2.82
C ASP A 48 -20.85 -6.42 2.31
N GLY A 49 -20.60 -7.35 3.25
CA GLY A 49 -20.04 -8.66 2.94
C GLY A 49 -18.52 -8.66 2.97
N ALA A 50 -17.91 -9.34 1.98
CA ALA A 50 -16.45 -9.52 1.88
C ALA A 50 -15.87 -8.71 0.71
N VAL A 51 -14.54 -8.51 0.75
CA VAL A 51 -13.80 -7.88 -0.35
C VAL A 51 -13.63 -8.90 -1.48
N GLU A 52 -13.88 -8.47 -2.73
CA GLU A 52 -13.79 -9.32 -3.93
C GLU A 52 -12.43 -9.15 -4.61
N ALA A 53 -12.21 -9.97 -5.66
CA ALA A 53 -10.94 -10.06 -6.39
C ALA A 53 -10.59 -8.76 -7.13
N GLU A 54 -11.61 -7.99 -7.53
CA GLU A 54 -11.44 -6.70 -8.24
C GLU A 54 -11.82 -5.51 -7.34
N ASP A 55 -12.39 -5.81 -6.16
CA ASP A 55 -13.05 -4.80 -5.31
C ASP A 55 -12.01 -3.96 -4.52
N ARG A 56 -12.43 -2.77 -4.12
CA ARG A 56 -11.55 -1.77 -3.50
C ARG A 56 -11.79 -1.75 -1.98
N VAL A 57 -10.70 -1.72 -1.21
CA VAL A 57 -10.74 -1.74 0.24
C VAL A 57 -9.61 -0.88 0.82
N THR A 58 -9.95 -0.02 1.80
CA THR A 58 -8.95 0.71 2.56
C THR A 58 -8.39 -0.23 3.63
N ILE A 59 -7.16 -0.68 3.42
CA ILE A 59 -6.46 -1.62 4.31
C ILE A 59 -5.40 -0.88 5.13
N ASP A 60 -4.92 -1.57 6.15
CA ASP A 60 -3.81 -1.13 7.00
C ASP A 60 -2.79 -2.27 6.97
N PHE A 61 -1.48 -1.98 7.11
CA PHE A 61 -0.46 -3.05 7.17
C PHE A 61 0.83 -2.59 7.89
N THR A 62 1.33 -3.49 8.76
CA THR A 62 2.60 -3.35 9.51
C THR A 62 2.87 -4.68 10.27
N GLY A 63 4.14 -4.92 10.65
CA GLY A 63 4.52 -6.13 11.38
C GLY A 63 6.02 -6.37 11.36
N SER A 64 6.48 -7.15 10.38
CA SER A 64 7.91 -7.44 10.18
C SER A 64 8.16 -7.92 8.73
N VAL A 65 9.43 -7.85 8.28
CA VAL A 65 9.89 -8.40 7.00
C VAL A 65 11.03 -9.41 7.28
N ASP A 66 10.77 -10.70 7.00
CA ASP A 66 11.70 -11.83 7.29
C ASP A 66 12.03 -11.90 8.81
N GLY A 67 11.06 -11.44 9.64
CA GLY A 67 11.20 -11.42 11.10
C GLY A 67 11.78 -10.12 11.66
N GLU A 68 12.14 -9.18 10.78
CA GLU A 68 12.78 -7.89 11.13
C GLU A 68 11.74 -6.75 11.18
N GLU A 69 11.71 -6.00 12.28
CA GLU A 69 10.84 -4.82 12.42
C GLU A 69 11.52 -3.62 11.74
N PHE A 70 10.84 -3.09 10.72
CA PHE A 70 11.43 -2.14 9.74
C PHE A 70 10.51 -0.92 9.59
N GLU A 71 11.08 0.25 9.33
CA GLU A 71 10.33 1.52 9.17
C GLU A 71 10.13 1.84 7.68
N GLY A 72 8.94 2.37 7.35
CA GLY A 72 8.65 2.92 6.02
C GLY A 72 7.99 1.96 5.05
N GLY A 73 8.24 0.64 5.23
CA GLY A 73 7.63 -0.39 4.38
C GLY A 73 6.24 -0.80 4.88
N LYS A 74 5.49 0.20 5.35
CA LYS A 74 4.17 0.04 5.95
C LYS A 74 3.32 1.27 5.61
N ALA A 75 1.99 1.09 5.59
CA ALA A 75 1.06 2.21 5.38
C ALA A 75 -0.24 1.94 6.12
N SER A 76 -0.62 2.89 6.98
CA SER A 76 -1.91 2.90 7.67
C SER A 76 -2.92 3.70 6.81
N ASP A 77 -4.17 3.19 6.73
CA ASP A 77 -5.28 3.84 5.99
C ASP A 77 -5.00 3.89 4.46
N PHE A 78 -4.32 2.86 3.94
CA PHE A 78 -3.93 2.80 2.53
C PHE A 78 -5.12 2.31 1.68
N VAL A 79 -5.49 3.09 0.66
CA VAL A 79 -6.69 2.84 -0.18
C VAL A 79 -6.28 1.95 -1.39
N LEU A 80 -6.38 0.62 -1.18
CA LEU A 80 -5.92 -0.39 -2.14
C LEU A 80 -7.10 -0.98 -2.92
N ALA A 81 -7.18 -0.66 -4.21
CA ALA A 81 -8.10 -1.33 -5.14
C ALA A 81 -7.47 -2.66 -5.57
N MET A 82 -8.24 -3.75 -5.48
CA MET A 82 -7.79 -5.07 -5.97
C MET A 82 -8.10 -5.22 -7.47
N GLY A 83 -7.73 -6.38 -8.04
CA GLY A 83 -7.78 -6.58 -9.49
C GLY A 83 -6.69 -5.81 -10.21
N GLN A 84 -5.71 -5.31 -9.42
CA GLN A 84 -4.57 -4.55 -9.91
C GLN A 84 -3.32 -5.43 -9.82
N GLY A 85 -2.62 -5.60 -10.95
CA GLY A 85 -1.29 -6.23 -10.98
C GLY A 85 -0.18 -5.20 -10.93
N ARG A 86 -0.52 -4.01 -10.39
CA ARG A 86 0.41 -2.89 -10.26
C ARG A 86 1.33 -3.12 -9.06
N MET A 87 0.76 -3.63 -7.96
CA MET A 87 1.45 -3.82 -6.67
C MET A 87 1.99 -5.27 -6.55
N ILE A 88 2.72 -5.55 -5.45
CA ILE A 88 3.32 -6.88 -5.16
C ILE A 88 2.28 -8.04 -5.24
N PRO A 89 2.74 -9.28 -5.65
CA PRO A 89 1.83 -10.47 -5.81
C PRO A 89 1.16 -10.92 -4.48
N GLY A 90 1.66 -10.38 -3.35
CA GLY A 90 1.06 -10.63 -2.04
C GLY A 90 -0.35 -10.07 -1.90
N PHE A 91 -0.58 -8.89 -2.50
CA PHE A 91 -1.88 -8.21 -2.45
C PHE A 91 -2.93 -8.88 -3.36
N GLU A 92 -2.50 -9.92 -4.15
CA GLU A 92 -3.44 -10.78 -4.92
C GLU A 92 -4.44 -11.47 -3.97
N ASP A 93 -4.01 -11.69 -2.71
CA ASP A 93 -4.85 -12.22 -1.63
C ASP A 93 -4.54 -11.48 -0.31
N GLY A 94 -5.06 -12.00 0.81
CA GLY A 94 -4.85 -11.44 2.13
C GLY A 94 -5.96 -10.52 2.59
N ILE A 95 -6.60 -9.84 1.65
CA ILE A 95 -7.66 -8.83 1.93
C ILE A 95 -9.05 -9.33 1.48
N LYS A 96 -9.06 -10.34 0.60
CA LYS A 96 -10.28 -10.87 -0.05
C LYS A 96 -10.90 -12.04 0.78
N GLY A 97 -12.20 -12.30 0.55
CA GLY A 97 -12.91 -13.42 1.18
C GLY A 97 -13.34 -13.14 2.61
N HIS A 98 -13.17 -11.87 3.06
CA HIS A 98 -13.53 -11.43 4.41
C HIS A 98 -13.73 -9.91 4.46
N LYS A 99 -14.21 -9.42 5.61
CA LYS A 99 -14.71 -8.05 5.78
C LYS A 99 -13.63 -7.14 6.41
N ALA A 100 -13.95 -5.84 6.49
CA ALA A 100 -13.14 -4.85 7.22
C ALA A 100 -13.47 -4.87 8.72
N GLY A 101 -12.56 -4.32 9.54
CA GLY A 101 -12.75 -4.23 10.99
C GLY A 101 -12.15 -5.42 11.73
N GLU A 102 -11.90 -6.54 11.03
CA GLU A 102 -11.27 -7.75 11.61
C GLU A 102 -9.74 -7.65 11.55
N GLU A 103 -9.05 -8.44 12.38
CA GLU A 103 -7.57 -8.48 12.40
C GLU A 103 -7.09 -9.88 12.01
N PHE A 104 -6.06 -9.92 11.17
CA PHE A 104 -5.48 -11.16 10.59
C PHE A 104 -3.97 -10.96 10.39
N THR A 105 -3.28 -12.06 10.08
CA THR A 105 -1.88 -12.05 9.65
C THR A 105 -1.81 -12.55 8.21
N ILE A 106 -1.00 -11.87 7.39
CA ILE A 106 -0.76 -12.25 5.99
C ILE A 106 0.73 -12.19 5.71
N ASP A 107 1.15 -12.80 4.61
CA ASP A 107 2.52 -12.72 4.11
C ASP A 107 2.50 -12.30 2.64
N VAL A 108 3.31 -11.29 2.33
CA VAL A 108 3.50 -10.75 0.98
C VAL A 108 4.98 -10.91 0.61
N THR A 109 5.30 -11.04 -0.68
CA THR A 109 6.69 -11.18 -1.15
C THR A 109 7.07 -9.96 -1.99
N PHE A 110 8.12 -9.25 -1.57
CA PHE A 110 8.73 -8.18 -2.35
C PHE A 110 9.70 -8.82 -3.37
N PRO A 111 9.55 -8.54 -4.70
CA PRO A 111 10.47 -9.06 -5.74
C PRO A 111 11.90 -8.49 -5.59
N GLU A 112 12.85 -9.14 -6.30
CA GLU A 112 14.25 -8.68 -6.40
C GLU A 112 14.32 -7.30 -7.08
N GLU A 113 13.28 -6.99 -7.89
CA GLU A 113 13.15 -5.72 -8.62
C GLU A 113 12.93 -4.52 -7.70
N TYR A 114 12.77 -4.76 -6.37
CA TYR A 114 12.73 -3.70 -5.36
C TYR A 114 14.11 -3.01 -5.31
N HIS A 115 14.17 -1.75 -5.77
CA HIS A 115 15.35 -0.88 -5.65
C HIS A 115 15.63 -0.47 -4.18
N ALA A 116 16.09 -1.47 -3.40
CA ALA A 116 16.40 -1.35 -1.97
C ALA A 116 17.18 -2.60 -1.56
N GLU A 117 18.50 -2.43 -1.36
CA GLU A 117 19.41 -3.51 -0.93
C GLU A 117 19.06 -4.00 0.50
N ASN A 118 18.34 -3.15 1.24
CA ASN A 118 17.79 -3.46 2.57
C ASN A 118 16.75 -4.58 2.46
N LEU A 119 15.76 -4.36 1.57
CA LEU A 119 14.68 -5.33 1.30
C LEU A 119 15.05 -6.18 0.07
N LYS A 120 16.19 -6.88 0.18
CA LYS A 120 16.74 -7.75 -0.89
C LYS A 120 15.83 -8.97 -1.16
N GLY A 121 14.78 -8.76 -1.97
CA GLY A 121 13.81 -9.81 -2.31
C GLY A 121 13.15 -10.46 -1.10
N LYS A 122 13.03 -9.70 0.00
CA LYS A 122 12.54 -10.22 1.30
C LYS A 122 11.00 -10.32 1.32
N ALA A 123 10.48 -11.41 1.92
CA ALA A 123 9.04 -11.59 2.17
C ALA A 123 8.68 -10.97 3.54
N ALA A 124 7.57 -10.22 3.61
CA ALA A 124 7.09 -9.57 4.85
C ALA A 124 5.79 -10.22 5.35
N LYS A 125 5.63 -10.23 6.68
CA LYS A 125 4.41 -10.67 7.35
C LYS A 125 3.77 -9.47 8.08
N PHE A 126 2.48 -9.22 7.78
CA PHE A 126 1.74 -8.07 8.32
C PHE A 126 0.54 -8.58 9.16
N ALA A 127 0.77 -8.69 10.47
CA ALA A 127 -0.27 -8.99 11.46
C ALA A 127 -0.96 -7.67 11.84
N ILE A 128 -2.13 -7.40 11.24
CA ILE A 128 -2.76 -6.07 11.33
C ILE A 128 -4.29 -6.14 11.18
N ASN A 129 -4.97 -5.19 11.85
CA ASN A 129 -6.40 -4.91 11.70
C ASN A 129 -6.67 -4.22 10.35
N LEU A 130 -7.58 -4.82 9.56
CA LEU A 130 -8.11 -4.21 8.32
C LEU A 130 -8.89 -2.95 8.69
N LYS A 131 -8.66 -1.85 7.93
CA LYS A 131 -9.23 -0.54 8.22
C LYS A 131 -10.74 -0.51 7.86
N LYS A 132 -11.09 -0.10 6.62
CA LYS A 132 -12.50 0.13 6.22
C LYS A 132 -12.77 -0.31 4.78
N VAL A 133 -13.95 -0.95 4.59
CA VAL A 133 -14.60 -1.14 3.28
C VAL A 133 -15.65 -0.01 3.07
N GLU A 134 -15.70 0.91 4.05
CA GLU A 134 -16.72 1.96 4.13
C GLU A 134 -16.24 3.25 3.42
N GLU A 135 -15.45 4.10 4.12
CA GLU A 135 -15.02 5.41 3.58
C GLU A 135 -13.84 5.96 4.38
N ARG A 136 -12.69 6.18 3.69
CA ARG A 136 -11.49 6.84 4.26
C ARG A 136 -10.86 7.77 3.18
N GLU A 137 -11.63 8.78 2.76
CA GLU A 137 -11.16 9.83 1.82
C GLU A 137 -10.39 10.91 2.58
N LEU A 138 -9.04 10.91 2.42
CA LEU A 138 -8.09 11.78 3.16
C LEU A 138 -8.25 11.57 4.69
N PRO A 139 -7.88 10.36 5.22
CA PRO A 139 -8.08 10.01 6.65
C PRO A 139 -6.88 10.42 7.55
N GLU A 140 -7.19 11.16 8.63
CA GLU A 140 -6.20 11.64 9.61
C GLU A 140 -6.64 11.21 11.02
N LEU A 141 -5.72 11.29 12.00
CA LEU A 141 -5.99 10.90 13.39
C LEU A 141 -6.90 11.97 14.04
N THR A 142 -8.20 11.70 14.03
CA THR A 142 -9.22 12.58 14.63
C THR A 142 -9.45 12.17 16.11
N GLY A 1 -2.35 7.70 -3.61
CA GLY A 1 -2.85 6.79 -4.68
C GLY A 1 -1.85 6.63 -5.80
N ILE A 2 -2.34 6.36 -7.03
CA ILE A 2 -1.48 6.23 -8.23
C ILE A 2 -1.01 7.62 -8.70
N ALA A 3 0.25 7.73 -9.17
CA ALA A 3 0.93 9.02 -9.45
C ALA A 3 0.21 9.90 -10.50
N GLU A 4 -0.52 9.27 -11.42
CA GLU A 4 -1.35 9.98 -12.42
C GLU A 4 -2.61 10.59 -11.74
N ALA A 5 -3.19 9.84 -10.80
CA ALA A 5 -4.38 10.26 -10.02
C ALA A 5 -4.00 11.22 -8.87
N ALA A 6 -2.72 11.12 -8.43
CA ALA A 6 -2.20 11.86 -7.26
C ALA A 6 -1.62 13.21 -7.70
N PHE A 7 -2.31 14.32 -7.31
CA PHE A 7 -1.84 15.69 -7.61
C PHE A 7 -0.73 16.09 -6.62
N ASN A 8 0.52 15.99 -7.09
CA ASN A 8 1.73 16.14 -6.25
C ASN A 8 2.28 17.58 -6.38
N LYS A 9 2.57 18.23 -5.24
CA LYS A 9 3.17 19.60 -5.20
C LYS A 9 4.58 19.58 -5.85
N GLY A 10 5.26 18.44 -5.70
CA GLY A 10 6.55 18.19 -6.32
C GLY A 10 6.39 17.48 -7.65
N GLU A 11 7.47 17.39 -8.44
CA GLU A 11 7.49 16.61 -9.68
C GLU A 11 7.10 15.14 -9.40
N THR A 12 6.01 14.67 -10.04
CA THR A 12 5.50 13.30 -9.83
C THR A 12 6.28 12.31 -10.72
N ALA A 13 6.16 11.03 -10.39
CA ALA A 13 6.81 9.92 -11.13
C ALA A 13 5.77 9.18 -11.97
N MET A 14 6.18 8.09 -12.64
CA MET A 14 5.27 7.20 -13.40
C MET A 14 4.34 6.40 -12.44
N THR A 15 3.51 5.50 -13.03
CA THR A 15 2.60 4.60 -12.28
C THR A 15 3.32 3.86 -11.15
N ILE A 16 2.60 3.69 -10.02
CA ILE A 16 3.16 3.12 -8.78
C ILE A 16 3.76 1.73 -9.05
N ASN A 17 5.07 1.61 -8.81
CA ASN A 17 5.79 0.33 -8.88
C ASN A 17 5.52 -0.45 -7.59
N GLY A 18 5.54 -1.79 -7.71
CA GLY A 18 5.20 -2.70 -6.63
C GLY A 18 5.93 -2.43 -5.31
N PRO A 19 7.29 -2.65 -5.25
CA PRO A 19 8.04 -2.57 -3.99
C PRO A 19 8.28 -1.10 -3.54
N TRP A 20 7.62 -0.69 -2.44
CA TRP A 20 7.74 0.68 -1.90
C TRP A 20 9.06 0.80 -1.09
N ALA A 21 10.00 1.63 -1.60
CA ALA A 21 11.33 1.80 -1.00
C ALA A 21 11.32 3.00 -0.03
N TRP A 22 11.52 2.71 1.26
CA TRP A 22 11.56 3.72 2.33
C TRP A 22 12.89 3.61 3.08
N SER A 23 13.91 4.19 2.46
CA SER A 23 15.30 4.21 2.93
C SER A 23 15.91 5.59 2.60
N ASN A 24 17.16 5.84 3.07
CA ASN A 24 17.90 7.10 2.77
C ASN A 24 18.06 7.28 1.26
N ILE A 25 18.24 8.53 0.82
CA ILE A 25 18.27 8.88 -0.62
C ILE A 25 19.73 8.78 -1.14
N ASP A 26 19.91 8.93 -2.46
CA ASP A 26 21.23 8.91 -3.11
C ASP A 26 22.11 10.06 -2.60
N THR A 27 23.20 9.70 -1.87
CA THR A 27 24.25 10.64 -1.38
C THR A 27 23.77 11.53 -0.20
N SER A 28 22.55 11.26 0.32
CA SER A 28 21.95 12.02 1.43
C SER A 28 20.90 11.16 2.17
N LYS A 29 20.12 11.76 3.09
CA LYS A 29 18.99 11.11 3.77
C LYS A 29 17.68 11.85 3.40
N VAL A 30 16.77 11.19 2.66
CA VAL A 30 15.41 11.74 2.40
C VAL A 30 14.55 11.64 3.68
N GLY A 31 13.62 12.61 3.82
CA GLY A 31 12.69 12.66 4.94
C GLY A 31 12.16 14.07 5.12
N SER A 32 12.95 14.90 5.84
CA SER A 32 12.63 16.32 6.10
C SER A 32 12.91 17.21 4.88
N GLY A 33 13.62 16.67 3.87
CA GLY A 33 13.95 17.40 2.64
C GLY A 33 12.79 17.45 1.65
N SER A 34 13.09 17.14 0.38
CA SER A 34 12.11 17.12 -0.71
C SER A 34 11.49 15.71 -0.84
N GLY A 35 10.17 15.68 -1.10
CA GLY A 35 9.43 14.44 -1.27
C GLY A 35 7.94 14.63 -1.02
N SER A 36 7.57 14.77 0.28
CA SER A 36 6.17 14.93 0.77
C SER A 36 5.24 13.83 0.18
N GLY A 37 3.94 14.13 -0.01
CA GLY A 37 3.00 13.19 -0.61
C GLY A 37 1.65 13.84 -0.87
N SER A 38 1.02 13.46 -1.99
CA SER A 38 -0.32 13.91 -2.36
C SER A 38 -1.37 13.21 -1.48
N GLY A 39 -2.30 14.01 -0.92
CA GLY A 39 -3.46 13.49 -0.19
C GLY A 39 -4.55 13.02 -1.14
N SER A 40 -4.28 11.90 -1.84
CA SER A 40 -5.17 11.36 -2.85
C SER A 40 -6.44 10.77 -2.20
N GLN A 41 -7.60 11.39 -2.47
CA GLN A 41 -8.92 10.93 -1.97
C GLN A 41 -9.66 10.16 -3.08
N ALA A 42 -10.78 9.52 -2.71
CA ALA A 42 -11.62 8.74 -3.63
C ALA A 42 -12.98 8.50 -2.97
N THR A 43 -14.08 8.82 -3.67
CA THR A 43 -15.43 8.68 -3.11
C THR A 43 -15.89 7.19 -3.14
N TRP A 44 -16.14 6.68 -1.94
CA TRP A 44 -16.48 5.27 -1.65
C TRP A 44 -17.78 5.22 -0.85
N LYS A 45 -18.43 4.04 -0.84
CA LYS A 45 -19.67 3.80 -0.07
C LYS A 45 -19.55 2.47 0.71
N GLU A 46 -20.40 2.34 1.75
CA GLU A 46 -20.29 1.27 2.76
C GLU A 46 -20.50 -0.12 2.15
N LYS A 47 -19.49 -0.99 2.31
CA LYS A 47 -19.50 -2.37 1.79
C LYS A 47 -19.88 -3.37 2.89
N ASP A 48 -20.76 -4.31 2.55
CA ASP A 48 -21.18 -5.41 3.44
C ASP A 48 -20.65 -6.75 2.87
N GLY A 49 -20.56 -7.77 3.73
CA GLY A 49 -20.10 -9.09 3.34
C GLY A 49 -18.58 -9.21 3.39
N ALA A 50 -17.94 -9.27 2.21
CA ALA A 50 -16.51 -9.59 2.06
C ALA A 50 -15.90 -8.91 0.83
N VAL A 51 -14.55 -8.89 0.76
CA VAL A 51 -13.81 -8.31 -0.37
C VAL A 51 -13.68 -9.35 -1.51
N GLU A 52 -14.09 -8.95 -2.72
CA GLU A 52 -14.16 -9.81 -3.91
C GLU A 52 -12.90 -9.68 -4.79
N ALA A 53 -12.85 -10.51 -5.86
CA ALA A 53 -11.68 -10.63 -6.78
C ALA A 53 -11.31 -9.32 -7.49
N GLU A 54 -12.33 -8.51 -7.77
CA GLU A 54 -12.19 -7.21 -8.46
C GLU A 54 -12.47 -6.03 -7.50
N ASP A 55 -12.87 -6.33 -6.25
CA ASP A 55 -13.40 -5.33 -5.31
C ASP A 55 -12.30 -4.59 -4.54
N ARG A 56 -12.59 -3.33 -4.17
CA ARG A 56 -11.66 -2.45 -3.48
C ARG A 56 -12.03 -2.33 -1.99
N VAL A 57 -11.03 -2.36 -1.10
CA VAL A 57 -11.19 -2.08 0.34
C VAL A 57 -10.01 -1.24 0.84
N THR A 58 -10.28 -0.38 1.83
CA THR A 58 -9.25 0.38 2.50
C THR A 58 -8.57 -0.54 3.53
N ILE A 59 -7.32 -0.88 3.25
CA ILE A 59 -6.50 -1.69 4.14
C ILE A 59 -5.61 -0.81 5.04
N ASP A 60 -4.99 -1.49 5.99
CA ASP A 60 -3.87 -0.97 6.78
C ASP A 60 -2.83 -2.10 6.75
N PHE A 61 -1.55 -1.76 6.69
CA PHE A 61 -0.46 -2.74 6.69
C PHE A 61 0.73 -2.19 7.50
N THR A 62 1.21 -3.01 8.46
CA THR A 62 2.39 -2.72 9.27
C THR A 62 2.80 -3.98 10.05
N GLY A 63 4.09 -4.07 10.38
CA GLY A 63 4.63 -5.20 11.12
C GLY A 63 6.12 -5.39 10.83
N SER A 64 6.43 -6.41 9.99
CA SER A 64 7.83 -6.77 9.64
C SER A 64 7.88 -7.41 8.25
N VAL A 65 9.10 -7.61 7.76
CA VAL A 65 9.39 -8.28 6.49
C VAL A 65 10.38 -9.45 6.76
N ASP A 66 9.86 -10.69 6.71
CA ASP A 66 10.58 -11.94 7.07
C ASP A 66 11.10 -11.91 8.55
N GLY A 67 10.41 -11.13 9.41
CA GLY A 67 10.78 -10.98 10.83
C GLY A 67 11.78 -9.85 11.09
N GLU A 68 12.15 -9.14 10.02
CA GLU A 68 13.03 -7.96 10.08
C GLU A 68 12.19 -6.67 10.05
N GLU A 69 12.46 -5.72 10.96
CA GLU A 69 11.77 -4.42 10.97
C GLU A 69 12.26 -3.54 9.80
N PHE A 70 11.30 -2.90 9.11
CA PHE A 70 11.58 -1.95 8.03
C PHE A 70 10.72 -0.68 8.29
N GLU A 71 11.33 0.26 9.02
CA GLU A 71 10.68 1.50 9.46
C GLU A 71 10.43 2.44 8.26
N GLY A 72 9.20 2.95 8.15
CA GLY A 72 8.77 3.74 7.00
C GLY A 72 7.96 2.94 5.98
N GLY A 73 8.20 1.60 5.92
CA GLY A 73 7.58 0.72 4.91
C GLY A 73 6.17 0.25 5.27
N LYS A 74 5.37 1.15 5.85
CA LYS A 74 3.99 0.85 6.29
C LYS A 74 3.12 2.09 6.07
N ALA A 75 1.82 1.85 5.85
CA ALA A 75 0.82 2.92 5.66
C ALA A 75 -0.55 2.45 6.14
N SER A 76 -1.23 3.31 6.91
CA SER A 76 -2.64 3.15 7.27
C SER A 76 -3.51 3.86 6.21
N ASP A 77 -4.76 3.41 6.08
CA ASP A 77 -5.77 4.02 5.18
C ASP A 77 -5.35 3.88 3.70
N PHE A 78 -4.64 2.80 3.37
CA PHE A 78 -4.22 2.53 1.98
C PHE A 78 -5.38 1.87 1.22
N VAL A 79 -5.70 2.40 0.04
CA VAL A 79 -6.85 1.95 -0.75
C VAL A 79 -6.38 0.87 -1.76
N LEU A 80 -6.53 -0.41 -1.35
CA LEU A 80 -6.08 -1.58 -2.12
C LEU A 80 -7.27 -2.26 -2.81
N ALA A 81 -7.30 -2.16 -4.15
CA ALA A 81 -8.22 -2.90 -5.00
C ALA A 81 -7.62 -4.27 -5.32
N MET A 82 -8.42 -5.33 -5.21
CA MET A 82 -8.01 -6.69 -5.64
C MET A 82 -7.95 -6.78 -7.17
N GLY A 83 -6.97 -7.56 -7.65
CA GLY A 83 -6.70 -7.69 -9.08
C GLY A 83 -5.81 -6.57 -9.60
N GLN A 84 -4.90 -6.08 -8.75
CA GLN A 84 -3.96 -4.98 -9.11
C GLN A 84 -2.52 -5.47 -9.24
N GLY A 85 -1.89 -5.15 -10.39
CA GLY A 85 -0.49 -5.45 -10.67
C GLY A 85 0.42 -4.24 -10.57
N ARG A 86 -0.12 -3.13 -10.02
CA ARG A 86 0.67 -1.91 -9.72
C ARG A 86 1.38 -2.09 -8.36
N MET A 87 0.79 -2.91 -7.51
CA MET A 87 1.34 -3.29 -6.20
C MET A 87 2.06 -4.65 -6.33
N ILE A 88 2.76 -5.08 -5.26
CA ILE A 88 3.53 -6.35 -5.26
C ILE A 88 2.58 -7.57 -5.52
N PRO A 89 3.11 -8.69 -6.14
CA PRO A 89 2.29 -9.90 -6.46
C PRO A 89 1.50 -10.43 -5.26
N GLY A 90 2.14 -10.38 -4.08
CA GLY A 90 1.52 -10.83 -2.84
C GLY A 90 0.34 -9.97 -2.39
N PHE A 91 0.42 -8.65 -2.70
CA PHE A 91 -0.63 -7.67 -2.32
C PHE A 91 -1.92 -7.85 -3.13
N GLU A 92 -1.89 -8.72 -4.15
CA GLU A 92 -3.09 -9.03 -4.97
C GLU A 92 -3.95 -10.15 -4.30
N ASP A 93 -3.56 -10.54 -3.07
CA ASP A 93 -4.36 -11.44 -2.19
C ASP A 93 -4.04 -11.13 -0.71
N GLY A 94 -4.93 -11.56 0.20
CA GLY A 94 -4.72 -11.37 1.65
C GLY A 94 -5.94 -10.74 2.34
N ILE A 95 -6.78 -10.05 1.56
CA ILE A 95 -7.99 -9.37 2.08
C ILE A 95 -9.29 -10.04 1.57
N LYS A 96 -9.11 -11.08 0.76
CA LYS A 96 -10.19 -11.84 0.13
C LYS A 96 -10.99 -12.66 1.16
N GLY A 97 -12.32 -12.72 0.98
CA GLY A 97 -13.19 -13.61 1.75
C GLY A 97 -13.46 -13.13 3.17
N HIS A 98 -13.32 -11.80 3.41
CA HIS A 98 -13.59 -11.19 4.73
C HIS A 98 -13.73 -9.66 4.64
N LYS A 99 -14.08 -9.04 5.78
CA LYS A 99 -14.43 -7.59 5.87
C LYS A 99 -13.38 -6.84 6.74
N ALA A 100 -13.49 -5.50 6.80
CA ALA A 100 -12.67 -4.66 7.69
C ALA A 100 -13.07 -4.79 9.18
N GLY A 101 -12.19 -4.26 10.07
CA GLY A 101 -12.40 -4.25 11.52
C GLY A 101 -11.76 -5.43 12.24
N GLU A 102 -11.64 -6.57 11.52
CA GLU A 102 -11.01 -7.79 12.05
C GLU A 102 -9.49 -7.74 11.90
N GLU A 103 -8.77 -8.39 12.83
CA GLU A 103 -7.31 -8.43 12.83
C GLU A 103 -6.80 -9.81 12.35
N PHE A 104 -5.71 -9.79 11.57
CA PHE A 104 -5.12 -10.99 10.92
C PHE A 104 -3.66 -10.71 10.52
N THR A 105 -2.96 -11.77 10.12
CA THR A 105 -1.61 -11.68 9.53
C THR A 105 -1.68 -12.12 8.05
N ILE A 106 -0.90 -11.45 7.18
CA ILE A 106 -0.77 -11.85 5.76
C ILE A 106 0.70 -11.80 5.33
N ASP A 107 1.14 -12.85 4.60
CA ASP A 107 2.46 -12.91 3.98
C ASP A 107 2.32 -12.50 2.51
N VAL A 108 3.08 -11.48 2.11
CA VAL A 108 3.03 -10.88 0.76
C VAL A 108 4.49 -10.72 0.28
N THR A 109 4.79 -11.13 -0.96
CA THR A 109 6.18 -11.13 -1.47
C THR A 109 6.45 -9.89 -2.34
N PHE A 110 7.49 -9.13 -1.96
CA PHE A 110 8.08 -8.07 -2.79
C PHE A 110 8.89 -8.72 -3.94
N PRO A 111 8.85 -8.17 -5.18
CA PRO A 111 9.73 -8.63 -6.29
C PRO A 111 11.19 -8.16 -6.10
N GLU A 112 12.12 -8.77 -6.85
CA GLU A 112 13.58 -8.51 -6.74
C GLU A 112 14.02 -7.19 -7.45
N GLU A 113 13.08 -6.23 -7.49
CA GLU A 113 13.28 -4.85 -7.99
C GLU A 113 13.24 -3.84 -6.81
N TYR A 114 13.06 -4.36 -5.57
CA TYR A 114 13.07 -3.54 -4.33
C TYR A 114 14.47 -2.92 -4.16
N HIS A 115 14.49 -1.57 -4.10
CA HIS A 115 15.72 -0.77 -4.13
C HIS A 115 16.32 -0.64 -2.71
N ALA A 116 16.91 -1.75 -2.21
CA ALA A 116 17.63 -1.81 -0.91
C ALA A 116 18.47 -3.11 -0.86
N GLU A 117 19.42 -3.15 0.10
CA GLU A 117 20.35 -4.29 0.25
C GLU A 117 19.66 -5.47 0.95
N ASN A 118 19.17 -5.20 2.18
CA ASN A 118 18.42 -6.18 2.98
C ASN A 118 17.06 -6.48 2.31
N LEU A 119 16.42 -5.41 1.78
CA LEU A 119 15.15 -5.51 1.07
C LEU A 119 15.43 -5.52 -0.45
N LYS A 120 15.85 -6.68 -0.97
CA LYS A 120 16.08 -6.88 -2.42
C LYS A 120 14.78 -7.32 -3.11
N GLY A 121 13.99 -8.12 -2.37
CA GLY A 121 12.77 -8.75 -2.89
C GLY A 121 12.44 -9.99 -2.08
N LYS A 122 11.77 -9.78 -0.94
CA LYS A 122 11.50 -10.84 0.07
C LYS A 122 10.05 -10.78 0.59
N ALA A 123 9.69 -11.79 1.40
CA ALA A 123 8.34 -11.97 1.97
C ALA A 123 8.13 -11.06 3.19
N ALA A 124 6.93 -10.48 3.31
CA ALA A 124 6.57 -9.52 4.37
C ALA A 124 5.31 -9.96 5.12
N LYS A 125 5.35 -9.87 6.45
CA LYS A 125 4.25 -10.27 7.33
C LYS A 125 3.60 -9.02 7.96
N PHE A 126 2.29 -8.88 7.74
CA PHE A 126 1.51 -7.73 8.26
C PHE A 126 0.41 -8.25 9.20
N ALA A 127 0.72 -8.25 10.51
CA ALA A 127 -0.24 -8.57 11.57
C ALA A 127 -0.93 -7.28 12.01
N ILE A 128 -2.08 -7.00 11.40
CA ILE A 128 -2.81 -5.75 11.60
C ILE A 128 -4.30 -5.97 11.30
N ASN A 129 -5.15 -5.10 11.87
CA ASN A 129 -6.58 -5.09 11.55
C ASN A 129 -6.82 -4.34 10.23
N LEU A 130 -7.74 -4.89 9.42
CA LEU A 130 -8.17 -4.24 8.16
C LEU A 130 -8.88 -2.90 8.50
N LYS A 131 -8.64 -1.85 7.68
CA LYS A 131 -8.96 -0.47 8.07
C LYS A 131 -10.47 -0.17 7.95
N LYS A 132 -10.99 -0.09 6.71
CA LYS A 132 -12.34 0.45 6.46
C LYS A 132 -12.95 -0.14 5.16
N VAL A 133 -14.25 -0.47 5.20
CA VAL A 133 -15.02 -0.91 4.00
C VAL A 133 -15.98 0.22 3.53
N GLU A 134 -16.15 1.26 4.36
CA GLU A 134 -17.07 2.37 4.07
C GLU A 134 -16.41 3.38 3.11
N GLU A 135 -15.59 4.31 3.66
CA GLU A 135 -14.96 5.39 2.88
C GLU A 135 -13.76 5.96 3.62
N ARG A 136 -13.02 6.84 2.92
CA ARG A 136 -11.96 7.69 3.48
C ARG A 136 -11.53 8.70 2.42
N GLU A 137 -11.74 9.99 2.71
CA GLU A 137 -11.32 11.12 1.85
C GLU A 137 -10.64 12.18 2.71
N LEU A 138 -9.35 12.45 2.38
CA LEU A 138 -8.46 13.36 3.13
C LEU A 138 -8.36 12.96 4.64
N PRO A 139 -7.96 11.68 4.97
CA PRO A 139 -7.93 11.21 6.37
C PRO A 139 -6.67 11.73 7.11
N GLU A 140 -6.90 12.35 8.27
CA GLU A 140 -5.83 12.93 9.11
C GLU A 140 -5.21 11.82 9.96
N LEU A 141 -4.08 11.30 9.49
CA LEU A 141 -3.37 10.17 10.12
C LEU A 141 -2.71 10.59 11.45
N THR A 142 -2.45 9.59 12.30
CA THR A 142 -1.84 9.80 13.63
C THR A 142 -0.28 9.92 13.46
N GLY A 1 -0.80 8.87 -3.80
CA GLY A 1 -1.15 8.99 -5.22
C GLY A 1 0.00 8.61 -6.15
N ILE A 2 -0.35 8.03 -7.32
CA ILE A 2 0.62 7.78 -8.42
C ILE A 2 0.88 9.14 -9.14
N ALA A 3 2.05 9.30 -9.79
CA ALA A 3 2.41 10.55 -10.52
C ALA A 3 1.43 10.85 -11.66
N GLU A 4 0.77 9.80 -12.16
CA GLU A 4 -0.28 9.90 -13.20
C GLU A 4 -1.54 10.60 -12.64
N ALA A 5 -1.87 10.25 -11.37
CA ALA A 5 -3.06 10.75 -10.68
C ALA A 5 -2.86 12.20 -10.17
N ALA A 6 -1.71 12.43 -9.52
CA ALA A 6 -1.43 13.71 -8.83
C ALA A 6 -0.14 14.35 -9.37
N PHE A 7 -0.17 15.68 -9.55
CA PHE A 7 0.97 16.45 -10.07
C PHE A 7 1.98 16.71 -8.94
N ASN A 8 3.24 16.31 -9.17
CA ASN A 8 4.37 16.50 -8.23
C ASN A 8 5.35 17.55 -8.80
N LYS A 9 6.07 18.24 -7.91
CA LYS A 9 7.15 19.17 -8.30
C LYS A 9 8.41 18.40 -8.77
N GLY A 10 8.41 17.08 -8.50
CA GLY A 10 9.53 16.20 -8.82
C GLY A 10 9.40 15.62 -10.22
N GLU A 11 10.44 14.91 -10.68
CA GLU A 11 10.36 14.11 -11.91
C GLU A 11 9.16 13.14 -11.83
N THR A 12 8.27 13.18 -12.84
CA THR A 12 7.15 12.26 -12.93
C THR A 12 7.69 10.86 -13.26
N ALA A 13 7.99 10.10 -12.19
CA ALA A 13 8.52 8.73 -12.28
C ALA A 13 7.49 7.80 -12.93
N MET A 14 7.95 6.59 -13.32
CA MET A 14 7.06 5.55 -13.86
C MET A 14 6.06 5.08 -12.76
N THR A 15 5.05 4.31 -13.17
CA THR A 15 4.01 3.79 -12.26
C THR A 15 4.61 3.01 -11.07
N ILE A 16 3.85 2.97 -9.93
CA ILE A 16 4.32 2.36 -8.66
C ILE A 16 4.88 0.95 -8.92
N ASN A 17 6.21 0.83 -8.78
CA ASN A 17 6.97 -0.40 -9.06
C ASN A 17 6.85 -1.39 -7.91
N GLY A 18 5.61 -1.92 -7.72
CA GLY A 18 5.29 -2.92 -6.69
C GLY A 18 5.73 -2.51 -5.27
N PRO A 19 6.89 -3.05 -4.76
CA PRO A 19 7.44 -2.70 -3.43
C PRO A 19 7.77 -1.19 -3.25
N TRP A 20 7.46 -0.69 -2.04
CA TRP A 20 7.72 0.71 -1.64
C TRP A 20 9.09 0.80 -0.94
N ALA A 21 10.04 1.52 -1.55
CA ALA A 21 11.43 1.62 -1.05
C ALA A 21 11.67 2.97 -0.37
N TRP A 22 11.71 2.94 0.96
CA TRP A 22 11.99 4.12 1.80
C TRP A 22 13.47 4.06 2.23
N SER A 23 14.34 4.23 1.23
CA SER A 23 15.80 4.20 1.40
C SER A 23 16.27 5.55 2.01
N ASN A 24 16.33 5.58 3.35
CA ASN A 24 16.56 6.80 4.15
C ASN A 24 18.06 6.96 4.49
N ILE A 25 18.38 7.58 5.64
CA ILE A 25 19.76 7.66 6.13
C ILE A 25 20.15 6.29 6.73
N ASP A 26 20.67 5.43 5.84
CA ASP A 26 21.13 4.08 6.17
C ASP A 26 22.21 3.64 5.17
N THR A 27 22.05 4.04 3.89
CA THR A 27 23.02 3.71 2.82
C THR A 27 23.47 4.99 2.08
N SER A 28 22.49 5.82 1.66
CA SER A 28 22.75 7.02 0.85
C SER A 28 22.58 8.26 1.73
N LYS A 29 21.32 8.59 2.02
CA LYS A 29 20.90 9.78 2.76
C LYS A 29 19.37 9.82 2.78
N VAL A 30 18.78 10.25 3.91
CA VAL A 30 17.31 10.47 4.00
C VAL A 30 16.88 11.59 3.02
N GLY A 31 15.85 11.27 2.22
CA GLY A 31 15.26 12.19 1.26
C GLY A 31 13.81 11.85 1.02
N SER A 32 13.28 12.34 -0.13
CA SER A 32 11.87 12.14 -0.60
C SER A 32 10.83 12.61 0.45
N GLY A 33 11.28 13.41 1.44
CA GLY A 33 10.42 13.99 2.47
C GLY A 33 9.94 15.37 2.07
N SER A 34 9.15 16.00 2.97
CA SER A 34 8.47 17.29 2.72
C SER A 34 7.51 17.14 1.51
N GLY A 35 6.34 16.56 1.76
CA GLY A 35 5.35 16.27 0.72
C GLY A 35 4.35 15.22 1.18
N SER A 36 4.03 15.23 2.49
CA SER A 36 3.08 14.29 3.12
C SER A 36 1.67 14.91 3.15
N GLY A 37 0.75 14.25 3.89
CA GLY A 37 -0.63 14.73 4.05
C GLY A 37 -1.63 13.84 3.33
N SER A 38 -2.90 14.26 3.34
CA SER A 38 -4.01 13.54 2.67
C SER A 38 -3.78 13.48 1.15
N GLY A 39 -3.30 14.61 0.57
CA GLY A 39 -3.05 14.71 -0.88
C GLY A 39 -4.35 14.78 -1.66
N SER A 40 -4.94 13.60 -1.88
CA SER A 40 -6.27 13.44 -2.48
C SER A 40 -6.91 12.14 -1.93
N GLN A 41 -8.23 12.02 -2.13
CA GLN A 41 -9.02 10.89 -1.64
C GLN A 41 -10.02 10.43 -2.72
N ALA A 42 -10.22 9.12 -2.81
CA ALA A 42 -11.30 8.53 -3.60
C ALA A 42 -12.55 8.45 -2.71
N THR A 43 -13.61 9.22 -3.06
CA THR A 43 -14.86 9.21 -2.29
C THR A 43 -15.64 7.92 -2.64
N TRP A 44 -15.89 7.11 -1.62
CA TRP A 44 -16.51 5.78 -1.77
C TRP A 44 -17.83 5.72 -1.00
N LYS A 45 -18.65 4.74 -1.39
CA LYS A 45 -19.83 4.31 -0.64
C LYS A 45 -19.40 3.22 0.35
N GLU A 46 -20.21 3.01 1.40
CA GLU A 46 -19.97 1.96 2.40
C GLU A 46 -20.12 0.57 1.74
N LYS A 47 -19.08 -0.26 1.84
CA LYS A 47 -19.05 -1.59 1.21
C LYS A 47 -19.60 -2.60 2.22
N ASP A 48 -20.38 -3.58 1.72
CA ASP A 48 -21.03 -4.61 2.54
C ASP A 48 -20.41 -5.98 2.25
N GLY A 49 -20.20 -6.78 3.31
CA GLY A 49 -19.80 -8.18 3.20
C GLY A 49 -18.30 -8.38 3.02
N ALA A 50 -17.92 -9.50 2.39
CA ALA A 50 -16.51 -9.91 2.21
C ALA A 50 -15.91 -9.23 0.98
N VAL A 51 -14.62 -8.86 1.06
CA VAL A 51 -13.86 -8.28 -0.04
C VAL A 51 -13.69 -9.33 -1.14
N GLU A 52 -14.10 -8.97 -2.36
CA GLU A 52 -14.12 -9.85 -3.53
C GLU A 52 -12.86 -9.65 -4.40
N ALA A 53 -12.78 -10.44 -5.49
CA ALA A 53 -11.59 -10.49 -6.38
C ALA A 53 -11.42 -9.21 -7.21
N GLU A 54 -12.51 -8.46 -7.42
CA GLU A 54 -12.51 -7.18 -8.17
C GLU A 54 -12.67 -5.98 -7.22
N ASP A 55 -12.95 -6.27 -5.94
CA ASP A 55 -13.38 -5.28 -4.93
C ASP A 55 -12.22 -4.34 -4.54
N ARG A 56 -12.57 -3.14 -4.05
CA ARG A 56 -11.63 -2.15 -3.52
C ARG A 56 -12.02 -1.84 -2.07
N VAL A 57 -11.06 -1.93 -1.15
CA VAL A 57 -11.31 -1.65 0.27
C VAL A 57 -10.09 -0.90 0.85
N THR A 58 -10.35 -0.03 1.84
CA THR A 58 -9.31 0.74 2.49
C THR A 58 -8.64 -0.17 3.53
N ILE A 59 -7.42 -0.62 3.22
CA ILE A 59 -6.63 -1.50 4.11
C ILE A 59 -5.53 -0.73 4.84
N ASP A 60 -4.91 -1.43 5.78
CA ASP A 60 -3.73 -0.95 6.53
C ASP A 60 -2.71 -2.09 6.49
N PHE A 61 -1.41 -1.75 6.60
CA PHE A 61 -0.34 -2.77 6.62
C PHE A 61 0.84 -2.30 7.49
N THR A 62 1.36 -3.22 8.32
CA THR A 62 2.55 -3.01 9.17
C THR A 62 3.03 -4.35 9.75
N GLY A 63 4.36 -4.48 9.91
CA GLY A 63 4.97 -5.68 10.48
C GLY A 63 6.44 -5.79 10.14
N SER A 64 6.94 -7.04 10.00
CA SER A 64 8.34 -7.33 9.67
C SER A 64 8.44 -7.99 8.28
N VAL A 65 9.64 -7.94 7.70
CA VAL A 65 9.98 -8.59 6.44
C VAL A 65 11.18 -9.55 6.69
N ASP A 66 10.93 -10.86 6.56
CA ASP A 66 11.91 -11.94 6.85
C ASP A 66 12.38 -11.90 8.33
N GLY A 67 11.55 -11.32 9.21
CA GLY A 67 11.82 -11.21 10.65
C GLY A 67 12.52 -9.92 11.02
N GLU A 68 12.73 -9.03 10.03
CA GLU A 68 13.41 -7.74 10.21
C GLU A 68 12.38 -6.60 10.12
N GLU A 69 12.38 -5.71 11.12
CA GLU A 69 11.41 -4.60 11.21
C GLU A 69 11.84 -3.46 10.26
N PHE A 70 11.05 -3.21 9.21
CA PHE A 70 11.34 -2.19 8.19
C PHE A 70 10.46 -0.94 8.40
N GLU A 71 11.00 0.00 9.20
CA GLU A 71 10.32 1.27 9.53
C GLU A 71 10.30 2.20 8.31
N GLY A 72 9.17 2.92 8.15
CA GLY A 72 8.91 3.71 6.94
C GLY A 72 8.08 2.92 5.91
N GLY A 73 8.30 1.58 5.86
CA GLY A 73 7.62 0.70 4.91
C GLY A 73 6.26 0.21 5.40
N LYS A 74 5.48 1.13 5.96
CA LYS A 74 4.11 0.86 6.42
C LYS A 74 3.26 2.11 6.22
N ALA A 75 1.97 1.90 5.92
CA ALA A 75 1.03 3.00 5.64
C ALA A 75 -0.37 2.63 6.14
N SER A 76 -1.05 3.66 6.63
CA SER A 76 -2.45 3.60 7.07
C SER A 76 -3.36 4.17 5.98
N ASP A 77 -4.60 3.65 5.93
CA ASP A 77 -5.66 4.09 5.00
C ASP A 77 -5.24 3.96 3.53
N PHE A 78 -4.56 2.85 3.23
CA PHE A 78 -4.08 2.54 1.88
C PHE A 78 -5.24 1.90 1.11
N VAL A 79 -5.61 2.47 -0.04
CA VAL A 79 -6.73 1.97 -0.85
C VAL A 79 -6.21 0.92 -1.84
N LEU A 80 -6.78 -0.28 -1.76
CA LEU A 80 -6.31 -1.45 -2.50
C LEU A 80 -7.47 -2.10 -3.28
N ALA A 81 -7.41 -1.94 -4.60
CA ALA A 81 -8.22 -2.66 -5.57
C ALA A 81 -7.41 -3.86 -6.09
N MET A 82 -8.02 -5.05 -6.15
CA MET A 82 -7.35 -6.27 -6.67
C MET A 82 -7.36 -6.28 -8.22
N GLY A 83 -6.29 -6.86 -8.80
CA GLY A 83 -6.09 -6.86 -10.25
C GLY A 83 -5.34 -5.62 -10.72
N GLN A 84 -4.50 -5.06 -9.83
CA GLN A 84 -3.63 -3.91 -10.15
C GLN A 84 -2.16 -4.36 -10.21
N GLY A 85 -1.48 -4.04 -11.33
CA GLY A 85 -0.03 -4.26 -11.48
C GLY A 85 0.82 -3.14 -10.89
N ARG A 86 0.17 -2.17 -10.22
CA ARG A 86 0.84 -1.10 -9.46
C ARG A 86 1.28 -1.63 -8.08
N MET A 87 0.55 -2.65 -7.63
CA MET A 87 0.72 -3.24 -6.29
C MET A 87 1.54 -4.53 -6.40
N ILE A 88 2.06 -4.99 -5.24
CA ILE A 88 2.79 -6.27 -5.15
C ILE A 88 1.84 -7.47 -5.42
N PRO A 89 2.37 -8.63 -5.95
CA PRO A 89 1.57 -9.86 -6.23
C PRO A 89 0.75 -10.38 -5.02
N GLY A 90 1.27 -10.13 -3.80
CA GLY A 90 0.61 -10.55 -2.55
C GLY A 90 -0.68 -9.78 -2.25
N PHE A 91 -0.79 -8.56 -2.83
CA PHE A 91 -1.98 -7.68 -2.68
C PHE A 91 -3.15 -8.14 -3.59
N GLU A 92 -2.92 -9.20 -4.40
CA GLU A 92 -4.01 -9.87 -5.17
C GLU A 92 -4.81 -10.83 -4.24
N ASP A 93 -4.31 -11.06 -3.01
CA ASP A 93 -5.02 -11.84 -1.97
C ASP A 93 -4.77 -11.19 -0.59
N GLY A 94 -5.12 -11.89 0.50
CA GLY A 94 -4.83 -11.44 1.85
C GLY A 94 -6.01 -10.77 2.52
N ILE A 95 -6.52 -9.72 1.85
CA ILE A 95 -7.67 -8.93 2.35
C ILE A 95 -9.01 -9.53 1.86
N LYS A 96 -8.92 -10.54 0.97
CA LYS A 96 -10.10 -11.13 0.28
C LYS A 96 -10.82 -12.16 1.18
N GLY A 97 -12.08 -12.47 0.82
CA GLY A 97 -12.87 -13.49 1.50
C GLY A 97 -13.24 -13.14 2.93
N HIS A 98 -13.08 -11.85 3.30
CA HIS A 98 -13.36 -11.35 4.65
C HIS A 98 -13.52 -9.82 4.66
N LYS A 99 -13.90 -9.28 5.82
CA LYS A 99 -14.40 -7.90 5.99
C LYS A 99 -13.39 -7.02 6.78
N ALA A 100 -13.67 -5.69 6.88
CA ALA A 100 -12.90 -4.76 7.75
C ALA A 100 -13.32 -4.87 9.23
N GLY A 101 -12.42 -4.45 10.13
CA GLY A 101 -12.66 -4.47 11.58
C GLY A 101 -12.04 -5.68 12.27
N GLU A 102 -11.89 -6.79 11.51
CA GLU A 102 -11.26 -8.03 12.01
C GLU A 102 -9.73 -7.96 11.87
N GLU A 103 -9.02 -8.62 12.79
CA GLU A 103 -7.55 -8.64 12.80
C GLU A 103 -7.06 -9.98 12.24
N PHE A 104 -5.94 -9.93 11.51
CA PHE A 104 -5.38 -11.07 10.77
C PHE A 104 -3.89 -10.81 10.46
N THR A 105 -3.21 -11.86 9.97
CA THR A 105 -1.83 -11.76 9.45
C THR A 105 -1.83 -12.25 7.99
N ILE A 106 -1.09 -11.54 7.11
CA ILE A 106 -0.95 -11.90 5.68
C ILE A 106 0.52 -11.83 5.27
N ASP A 107 0.97 -12.84 4.53
CA ASP A 107 2.36 -12.91 4.02
C ASP A 107 2.39 -12.49 2.54
N VAL A 108 3.22 -11.49 2.21
CA VAL A 108 3.38 -10.98 0.84
C VAL A 108 4.87 -11.09 0.44
N THR A 109 5.16 -11.58 -0.76
CA THR A 109 6.54 -11.66 -1.26
C THR A 109 6.82 -10.45 -2.17
N PHE A 110 7.79 -9.62 -1.76
CA PHE A 110 8.26 -8.51 -2.59
C PHE A 110 9.13 -9.08 -3.74
N PRO A 111 8.83 -8.75 -5.04
CA PRO A 111 9.70 -9.13 -6.19
C PRO A 111 11.12 -8.52 -6.08
N GLU A 112 12.06 -9.13 -6.83
CA GLU A 112 13.51 -8.83 -6.82
C GLU A 112 13.81 -7.34 -7.16
N GLU A 113 12.83 -6.66 -7.77
CA GLU A 113 12.94 -5.24 -8.19
C GLU A 113 12.94 -4.26 -6.98
N TYR A 114 12.74 -4.79 -5.75
CA TYR A 114 12.76 -3.99 -4.50
C TYR A 114 14.17 -3.41 -4.27
N HIS A 115 14.38 -2.20 -4.81
CA HIS A 115 15.66 -1.46 -4.75
C HIS A 115 15.87 -0.86 -3.34
N ALA A 116 16.34 -1.72 -2.43
CA ALA A 116 16.72 -1.37 -1.05
C ALA A 116 17.71 -2.44 -0.56
N GLU A 117 18.67 -2.03 0.30
CA GLU A 117 19.80 -2.88 0.68
C GLU A 117 19.36 -4.10 1.50
N ASN A 118 18.89 -3.86 2.74
CA ASN A 118 18.38 -4.91 3.62
C ASN A 118 17.10 -5.52 3.03
N LEU A 119 16.27 -4.63 2.45
CA LEU A 119 14.95 -4.97 1.89
C LEU A 119 15.13 -5.34 0.40
N LYS A 120 15.85 -6.45 0.14
CA LYS A 120 16.25 -6.85 -1.22
C LYS A 120 15.29 -7.88 -1.85
N GLY A 121 13.99 -7.53 -1.85
CA GLY A 121 12.95 -8.37 -2.45
C GLY A 121 12.76 -9.70 -1.75
N LYS A 122 12.42 -9.62 -0.46
CA LYS A 122 12.15 -10.81 0.37
C LYS A 122 10.71 -10.79 0.91
N ALA A 123 10.34 -11.86 1.63
CA ALA A 123 8.95 -12.09 2.09
C ALA A 123 8.64 -11.33 3.40
N ALA A 124 7.52 -10.59 3.38
CA ALA A 124 7.01 -9.79 4.52
C ALA A 124 5.73 -10.38 5.09
N LYS A 125 5.37 -9.93 6.30
CA LYS A 125 4.10 -10.28 6.96
C LYS A 125 3.50 -9.01 7.57
N PHE A 126 2.17 -8.88 7.44
CA PHE A 126 1.42 -7.74 7.97
C PHE A 126 0.34 -8.25 8.93
N ALA A 127 0.67 -8.30 10.22
CA ALA A 127 -0.28 -8.59 11.29
C ALA A 127 -0.95 -7.27 11.70
N ILE A 128 -2.18 -7.07 11.22
CA ILE A 128 -2.96 -5.83 11.43
C ILE A 128 -4.46 -6.12 11.14
N ASN A 129 -5.36 -5.31 11.71
CA ASN A 129 -6.79 -5.35 11.32
C ASN A 129 -7.01 -4.55 10.03
N LEU A 130 -7.95 -5.03 9.21
CA LEU A 130 -8.34 -4.33 7.97
C LEU A 130 -8.98 -2.97 8.36
N LYS A 131 -8.52 -1.90 7.70
CA LYS A 131 -8.78 -0.50 8.11
C LYS A 131 -10.29 -0.18 8.11
N LYS A 132 -10.91 -0.14 6.92
CA LYS A 132 -12.32 0.25 6.78
C LYS A 132 -12.88 -0.06 5.37
N VAL A 133 -14.14 -0.52 5.34
CA VAL A 133 -14.89 -0.82 4.09
C VAL A 133 -15.56 0.43 3.49
N GLU A 134 -15.71 1.50 4.30
CA GLU A 134 -16.37 2.74 3.86
C GLU A 134 -15.48 3.49 2.85
N GLU A 135 -14.53 4.30 3.39
CA GLU A 135 -13.68 5.22 2.59
C GLU A 135 -12.45 5.67 3.43
N ARG A 136 -11.81 6.79 3.02
CA ARG A 136 -10.61 7.34 3.69
C ARG A 136 -10.48 8.82 3.35
N GLU A 137 -11.60 9.51 3.36
CA GLU A 137 -11.69 10.90 2.90
C GLU A 137 -11.04 11.90 3.90
N LEU A 138 -9.86 12.42 3.48
CA LEU A 138 -8.99 13.33 4.27
C LEU A 138 -8.54 12.68 5.61
N PRO A 139 -7.64 11.64 5.56
CA PRO A 139 -7.14 10.93 6.77
C PRO A 139 -5.71 11.34 7.21
N GLU A 140 -5.33 10.88 8.41
CA GLU A 140 -3.94 10.92 8.91
C GLU A 140 -3.40 9.48 8.99
N LEU A 141 -2.14 9.32 9.46
CA LEU A 141 -1.52 8.00 9.67
C LEU A 141 -2.20 7.33 10.90
N THR A 142 -3.38 6.75 10.64
CA THR A 142 -4.31 6.26 11.67
C THR A 142 -3.89 4.85 12.17
N GLY A 1 -4.27 12.13 -7.30
CA GLY A 1 -4.18 10.66 -7.29
C GLY A 1 -2.75 10.15 -7.38
N ILE A 2 -2.50 9.17 -8.27
CA ILE A 2 -1.24 8.41 -8.35
C ILE A 2 -0.08 9.29 -8.92
N ALA A 3 -0.33 9.93 -10.08
CA ALA A 3 0.66 10.82 -10.75
C ALA A 3 0.98 12.04 -9.87
N GLU A 4 -0.07 12.55 -9.22
CA GLU A 4 -0.01 13.68 -8.28
C GLU A 4 0.76 13.31 -7.00
N ALA A 5 0.64 12.03 -6.58
CA ALA A 5 1.30 11.50 -5.37
C ALA A 5 2.80 11.29 -5.60
N ALA A 6 3.18 11.00 -6.86
CA ALA A 6 4.58 10.75 -7.23
C ALA A 6 5.40 12.05 -7.05
N PHE A 7 6.27 12.05 -6.01
CA PHE A 7 7.13 13.21 -5.70
C PHE A 7 8.41 13.12 -6.52
N ASN A 8 8.49 13.95 -7.56
CA ASN A 8 9.68 14.07 -8.43
C ASN A 8 10.13 15.54 -8.45
N LYS A 9 11.45 15.78 -8.65
CA LYS A 9 12.02 17.15 -8.71
C LYS A 9 11.40 17.98 -9.85
N GLY A 10 11.03 17.29 -10.94
CA GLY A 10 10.21 17.88 -12.00
C GLY A 10 8.98 17.00 -12.18
N GLU A 11 7.78 17.53 -11.83
CA GLU A 11 6.53 16.76 -11.78
C GLU A 11 6.26 16.05 -13.12
N THR A 12 6.34 14.72 -13.07
CA THR A 12 6.13 13.84 -14.23
C THR A 12 5.11 12.76 -13.84
N ALA A 13 4.08 12.57 -14.68
CA ALA A 13 3.04 11.55 -14.48
C ALA A 13 3.67 10.14 -14.50
N MET A 14 3.85 9.57 -13.30
CA MET A 14 4.46 8.24 -13.13
C MET A 14 3.65 7.44 -12.09
N THR A 15 3.48 6.15 -12.36
CA THR A 15 2.80 5.23 -11.46
C THR A 15 3.68 4.85 -10.27
N ILE A 16 3.04 4.55 -9.13
CA ILE A 16 3.72 4.09 -7.91
C ILE A 16 4.26 2.67 -8.15
N ASN A 17 5.51 2.42 -7.75
CA ASN A 17 6.16 1.10 -7.91
C ASN A 17 5.67 0.13 -6.83
N GLY A 18 5.75 -1.18 -7.15
CA GLY A 18 5.28 -2.24 -6.27
C GLY A 18 6.01 -2.29 -4.94
N PRO A 19 7.29 -2.78 -4.91
CA PRO A 19 8.10 -2.84 -3.68
C PRO A 19 8.59 -1.44 -3.23
N TRP A 20 7.92 -0.91 -2.19
CA TRP A 20 8.13 0.46 -1.68
C TRP A 20 9.41 0.53 -0.82
N ALA A 21 10.35 1.40 -1.23
CA ALA A 21 11.60 1.67 -0.50
C ALA A 21 11.65 3.15 -0.12
N TRP A 22 12.26 3.44 1.04
CA TRP A 22 12.46 4.81 1.53
C TRP A 22 13.76 5.36 0.90
N SER A 23 13.73 5.49 -0.44
CA SER A 23 14.85 6.01 -1.22
C SER A 23 14.66 7.53 -1.48
N ASN A 24 15.11 8.33 -0.50
CA ASN A 24 15.05 9.80 -0.54
C ASN A 24 16.00 10.39 0.53
N ILE A 25 16.50 11.62 0.27
CA ILE A 25 17.35 12.45 1.18
C ILE A 25 18.80 11.93 1.39
N ASP A 26 19.03 10.62 1.21
CA ASP A 26 20.35 10.00 1.44
C ASP A 26 21.30 10.32 0.29
N THR A 27 21.05 9.72 -0.89
CA THR A 27 21.90 9.88 -2.07
C THR A 27 21.51 11.15 -2.85
N SER A 28 20.20 11.47 -2.84
CA SER A 28 19.64 12.66 -3.52
C SER A 28 19.95 13.95 -2.76
N LYS A 29 19.91 13.86 -1.40
CA LYS A 29 19.95 15.02 -0.49
C LYS A 29 18.81 16.00 -0.82
N VAL A 30 17.56 15.51 -0.66
CA VAL A 30 16.35 16.33 -0.79
C VAL A 30 16.17 17.15 0.50
N GLY A 31 16.82 18.34 0.53
CA GLY A 31 16.71 19.25 1.66
C GLY A 31 15.29 19.79 1.82
N SER A 32 14.63 20.03 0.69
CA SER A 32 13.23 20.51 0.64
C SER A 32 12.27 19.33 0.45
N GLY A 33 11.87 18.71 1.56
CA GLY A 33 10.84 17.66 1.54
C GLY A 33 9.43 18.25 1.52
N SER A 34 8.54 17.75 2.39
CA SER A 34 7.18 18.29 2.63
C SER A 34 6.27 18.10 1.39
N GLY A 35 6.69 17.22 0.45
CA GLY A 35 5.96 16.94 -0.78
C GLY A 35 4.87 15.90 -0.56
N SER A 36 3.87 16.26 0.26
CA SER A 36 2.79 15.35 0.68
C SER A 36 1.73 15.23 -0.44
N GLY A 37 1.98 14.29 -1.37
CA GLY A 37 1.08 14.05 -2.50
C GLY A 37 -0.02 13.06 -2.15
N SER A 38 -1.28 13.53 -2.17
CA SER A 38 -2.46 12.67 -1.96
C SER A 38 -3.64 13.30 -2.72
N GLY A 39 -4.09 14.48 -2.22
CA GLY A 39 -5.09 15.34 -2.86
C GLY A 39 -6.37 14.64 -3.30
N SER A 40 -6.43 14.29 -4.58
CA SER A 40 -7.58 13.68 -5.23
C SER A 40 -7.48 12.14 -5.15
N GLN A 41 -7.99 11.58 -4.05
CA GLN A 41 -8.07 10.11 -3.84
C GLN A 41 -9.37 9.57 -4.45
N ALA A 42 -9.37 8.24 -4.69
CA ALA A 42 -10.53 7.52 -5.26
C ALA A 42 -11.71 7.54 -4.27
N THR A 43 -12.78 8.29 -4.62
CA THR A 43 -14.00 8.36 -3.82
C THR A 43 -14.85 7.11 -4.06
N TRP A 44 -15.09 6.36 -2.97
CA TRP A 44 -15.88 5.12 -2.98
C TRP A 44 -17.18 5.38 -2.18
N LYS A 45 -18.17 4.50 -2.36
CA LYS A 45 -19.36 4.47 -1.49
C LYS A 45 -19.10 3.55 -0.31
N GLU A 46 -19.90 3.72 0.76
CA GLU A 46 -19.86 2.82 1.93
C GLU A 46 -20.32 1.41 1.52
N LYS A 47 -19.43 0.43 1.70
CA LYS A 47 -19.70 -0.99 1.43
C LYS A 47 -20.08 -1.67 2.75
N ASP A 48 -20.88 -2.74 2.66
CA ASP A 48 -21.16 -3.63 3.80
C ASP A 48 -21.10 -5.10 3.33
N GLY A 49 -20.51 -5.97 4.15
CA GLY A 49 -20.32 -7.38 3.82
C GLY A 49 -18.87 -7.70 3.51
N ALA A 50 -18.64 -8.67 2.63
CA ALA A 50 -17.30 -9.17 2.28
C ALA A 50 -16.71 -8.41 1.10
N VAL A 51 -15.36 -8.40 1.03
CA VAL A 51 -14.58 -7.84 -0.09
C VAL A 51 -14.49 -8.90 -1.21
N GLU A 52 -14.65 -8.48 -2.46
CA GLU A 52 -14.71 -9.37 -3.64
C GLU A 52 -13.33 -9.54 -4.28
N ALA A 53 -13.30 -10.32 -5.37
CA ALA A 53 -12.08 -10.65 -6.12
C ALA A 53 -11.46 -9.41 -6.78
N GLU A 54 -12.32 -8.54 -7.31
CA GLU A 54 -11.91 -7.32 -8.05
C GLU A 54 -12.22 -6.04 -7.26
N ASP A 55 -12.60 -6.19 -5.97
CA ASP A 55 -13.07 -5.06 -5.14
C ASP A 55 -11.92 -4.31 -4.44
N ARG A 56 -12.19 -3.04 -4.16
CA ARG A 56 -11.25 -2.09 -3.56
C ARG A 56 -11.69 -1.75 -2.13
N VAL A 57 -10.77 -1.84 -1.17
CA VAL A 57 -11.06 -1.63 0.24
C VAL A 57 -9.87 -0.95 0.95
N THR A 58 -10.15 -0.15 2.00
CA THR A 58 -9.11 0.47 2.80
C THR A 58 -8.60 -0.54 3.85
N ILE A 59 -7.29 -0.80 3.82
CA ILE A 59 -6.58 -1.58 4.84
C ILE A 59 -5.43 -0.77 5.41
N ASP A 60 -4.86 -1.27 6.50
CA ASP A 60 -3.61 -0.75 7.07
C ASP A 60 -2.55 -1.84 6.88
N PHE A 61 -1.26 -1.47 6.93
CA PHE A 61 -0.17 -2.44 7.01
C PHE A 61 1.02 -1.83 7.77
N THR A 62 1.49 -2.58 8.77
CA THR A 62 2.65 -2.24 9.60
C THR A 62 3.14 -3.51 10.30
N GLY A 63 4.47 -3.62 10.49
CA GLY A 63 5.08 -4.80 11.10
C GLY A 63 6.54 -4.95 10.70
N SER A 64 6.91 -6.10 10.12
CA SER A 64 8.31 -6.39 9.72
C SER A 64 8.37 -7.29 8.48
N VAL A 65 9.56 -7.33 7.88
CA VAL A 65 9.87 -8.13 6.70
C VAL A 65 11.05 -9.07 7.02
N ASP A 66 10.80 -10.40 6.95
CA ASP A 66 11.77 -11.46 7.36
C ASP A 66 12.17 -11.32 8.88
N GLY A 67 11.30 -10.63 9.65
CA GLY A 67 11.56 -10.33 11.07
C GLY A 67 12.44 -9.10 11.28
N GLU A 68 12.66 -8.32 10.21
CA GLU A 68 13.47 -7.09 10.22
C GLU A 68 12.55 -5.86 10.09
N GLU A 69 12.72 -4.87 10.96
CA GLU A 69 12.01 -3.58 10.86
C GLU A 69 12.63 -2.70 9.75
N PHE A 70 11.77 -2.28 8.83
CA PHE A 70 12.13 -1.54 7.61
C PHE A 70 11.37 -0.20 7.60
N GLU A 71 12.13 0.91 7.67
CA GLU A 71 11.58 2.25 7.83
C GLU A 71 11.14 2.82 6.49
N GLY A 72 9.95 3.47 6.50
CA GLY A 72 9.24 3.85 5.27
C GLY A 72 8.52 2.67 4.62
N GLY A 73 8.50 1.51 5.32
CA GLY A 73 7.91 0.28 4.81
C GLY A 73 6.50 0.01 5.33
N LYS A 74 5.89 1.01 5.97
CA LYS A 74 4.54 0.91 6.52
C LYS A 74 3.72 2.11 6.06
N ALA A 75 2.42 1.87 5.82
CA ALA A 75 1.47 2.92 5.45
C ALA A 75 0.10 2.59 6.07
N SER A 76 -0.40 3.56 6.84
CA SER A 76 -1.72 3.49 7.46
C SER A 76 -2.78 4.10 6.52
N ASP A 77 -4.02 3.55 6.58
CA ASP A 77 -5.18 4.05 5.80
C ASP A 77 -4.94 3.90 4.29
N PHE A 78 -4.31 2.80 3.91
CA PHE A 78 -3.92 2.51 2.53
C PHE A 78 -5.14 1.96 1.77
N VAL A 79 -5.49 2.62 0.66
CA VAL A 79 -6.66 2.24 -0.14
C VAL A 79 -6.23 1.22 -1.22
N LEU A 80 -6.43 -0.07 -0.89
CA LEU A 80 -5.96 -1.21 -1.70
C LEU A 80 -7.05 -1.64 -2.68
N ALA A 81 -6.80 -1.38 -3.97
CA ALA A 81 -7.66 -1.83 -5.04
C ALA A 81 -7.16 -3.19 -5.56
N MET A 82 -8.06 -4.19 -5.62
CA MET A 82 -7.78 -5.47 -6.31
C MET A 82 -7.85 -5.28 -7.81
N GLY A 83 -7.07 -6.09 -8.55
CA GLY A 83 -6.91 -5.93 -9.99
C GLY A 83 -5.79 -4.97 -10.36
N GLN A 84 -4.98 -4.57 -9.36
CA GLN A 84 -3.81 -3.68 -9.57
C GLN A 84 -2.52 -4.51 -9.65
N GLY A 85 -1.74 -4.31 -10.72
CA GLY A 85 -0.39 -4.89 -10.83
C GLY A 85 0.70 -3.89 -10.46
N ARG A 86 0.30 -2.62 -10.20
CA ARG A 86 1.21 -1.54 -9.77
C ARG A 86 1.78 -1.78 -8.37
N MET A 87 1.07 -2.60 -7.57
CA MET A 87 1.46 -2.97 -6.20
C MET A 87 2.18 -4.35 -6.20
N ILE A 88 2.68 -4.79 -5.02
CA ILE A 88 3.40 -6.09 -4.89
C ILE A 88 2.47 -7.30 -5.18
N PRO A 89 3.04 -8.47 -5.61
CA PRO A 89 2.25 -9.70 -5.89
C PRO A 89 1.52 -10.23 -4.64
N GLY A 90 2.02 -9.87 -3.43
CA GLY A 90 1.38 -10.24 -2.17
C GLY A 90 -0.03 -9.67 -2.01
N PHE A 91 -0.25 -8.46 -2.56
CA PHE A 91 -1.55 -7.75 -2.54
C PHE A 91 -2.55 -8.33 -3.58
N GLU A 92 -2.30 -9.56 -4.08
CA GLU A 92 -3.30 -10.32 -4.86
C GLU A 92 -4.35 -10.96 -3.92
N ASP A 93 -4.01 -11.07 -2.62
CA ASP A 93 -4.84 -11.76 -1.62
C ASP A 93 -4.68 -11.07 -0.24
N GLY A 94 -5.53 -11.46 0.73
CA GLY A 94 -5.47 -10.94 2.10
C GLY A 94 -6.80 -10.38 2.59
N ILE A 95 -7.65 -9.94 1.63
CA ILE A 95 -8.93 -9.24 1.93
C ILE A 95 -10.14 -9.97 1.30
N LYS A 96 -9.86 -10.79 0.27
CA LYS A 96 -10.88 -11.43 -0.59
C LYS A 96 -11.70 -12.49 0.18
N GLY A 97 -13.01 -12.54 -0.12
CA GLY A 97 -13.91 -13.56 0.44
C GLY A 97 -14.20 -13.42 1.93
N HIS A 98 -13.91 -12.24 2.51
CA HIS A 98 -14.18 -11.98 3.95
C HIS A 98 -14.37 -10.48 4.21
N LYS A 99 -14.89 -10.17 5.41
CA LYS A 99 -15.45 -8.84 5.76
C LYS A 99 -14.40 -7.96 6.47
N ALA A 100 -14.76 -6.68 6.69
CA ALA A 100 -13.93 -5.72 7.44
C ALA A 100 -14.09 -5.92 8.97
N GLY A 101 -13.16 -5.33 9.74
CA GLY A 101 -13.21 -5.36 11.21
C GLY A 101 -12.50 -6.55 11.83
N GLU A 102 -12.42 -7.67 11.08
CA GLU A 102 -11.74 -8.89 11.56
C GLU A 102 -10.21 -8.72 11.44
N GLU A 103 -9.47 -9.24 12.44
CA GLU A 103 -8.01 -9.12 12.49
C GLU A 103 -7.36 -10.46 12.10
N PHE A 104 -6.25 -10.35 11.36
CA PHE A 104 -5.52 -11.48 10.77
C PHE A 104 -4.06 -11.07 10.54
N THR A 105 -3.23 -12.03 10.14
CA THR A 105 -1.86 -11.76 9.66
C THR A 105 -1.73 -12.34 8.25
N ILE A 106 -1.07 -11.60 7.34
CA ILE A 106 -0.82 -12.06 5.96
C ILE A 106 0.66 -11.90 5.62
N ASP A 107 1.24 -12.95 5.02
CA ASP A 107 2.63 -12.93 4.53
C ASP A 107 2.60 -12.60 3.02
N VAL A 108 3.32 -11.54 2.64
CA VAL A 108 3.36 -11.03 1.26
C VAL A 108 4.82 -11.06 0.77
N THR A 109 5.07 -11.56 -0.43
CA THR A 109 6.43 -11.67 -0.98
C THR A 109 6.71 -10.49 -1.91
N PHE A 110 7.74 -9.70 -1.55
CA PHE A 110 8.26 -8.63 -2.40
C PHE A 110 9.01 -9.25 -3.60
N PRO A 111 9.01 -8.56 -4.80
CA PRO A 111 9.82 -9.02 -5.96
C PRO A 111 11.29 -8.55 -5.86
N GLU A 112 12.16 -9.14 -6.73
CA GLU A 112 13.61 -8.75 -6.83
C GLU A 112 13.77 -7.29 -7.32
N GLU A 113 12.67 -6.71 -7.81
CA GLU A 113 12.53 -5.30 -8.22
C GLU A 113 12.79 -4.30 -7.06
N TYR A 114 12.77 -4.80 -5.80
CA TYR A 114 12.96 -3.99 -4.57
C TYR A 114 14.36 -3.32 -4.56
N HIS A 115 14.42 -2.06 -5.04
CA HIS A 115 15.67 -1.26 -5.13
C HIS A 115 16.15 -0.79 -3.74
N ALA A 116 16.74 -1.74 -3.00
CA ALA A 116 17.28 -1.49 -1.66
C ALA A 116 18.39 -2.51 -1.35
N GLU A 117 18.90 -2.51 -0.12
CA GLU A 117 20.08 -3.30 0.27
C GLU A 117 19.67 -4.50 1.14
N ASN A 118 19.17 -4.21 2.35
CA ASN A 118 18.62 -5.23 3.29
C ASN A 118 17.27 -5.75 2.77
N LEU A 119 16.65 -4.97 1.87
CA LEU A 119 15.35 -5.27 1.27
C LEU A 119 15.55 -5.69 -0.20
N LYS A 120 14.93 -6.83 -0.55
CA LYS A 120 15.04 -7.45 -1.88
C LYS A 120 13.74 -8.27 -2.15
N GLY A 121 13.83 -9.40 -2.89
CA GLY A 121 12.69 -10.31 -3.06
C GLY A 121 12.36 -11.16 -1.83
N LYS A 122 12.38 -10.52 -0.63
CA LYS A 122 12.12 -11.18 0.65
C LYS A 122 10.62 -11.07 1.02
N ALA A 123 10.17 -11.93 1.95
CA ALA A 123 8.77 -11.96 2.40
C ALA A 123 8.57 -11.11 3.66
N ALA A 124 7.46 -10.37 3.71
CA ALA A 124 6.99 -9.59 4.86
C ALA A 124 5.76 -10.25 5.48
N LYS A 125 5.44 -9.86 6.71
CA LYS A 125 4.22 -10.29 7.40
C LYS A 125 3.60 -9.07 8.13
N PHE A 126 2.29 -8.89 7.95
CA PHE A 126 1.54 -7.76 8.52
C PHE A 126 0.35 -8.27 9.34
N ALA A 127 0.53 -8.25 10.68
CA ALA A 127 -0.54 -8.53 11.64
C ALA A 127 -1.40 -7.26 11.80
N ILE A 128 -2.58 -7.25 11.17
CA ILE A 128 -3.47 -6.08 11.13
C ILE A 128 -4.91 -6.52 10.77
N ASN A 129 -5.90 -5.70 11.17
CA ASN A 129 -7.30 -5.89 10.79
C ASN A 129 -7.55 -5.32 9.39
N LEU A 130 -8.51 -5.92 8.66
CA LEU A 130 -9.08 -5.30 7.45
C LEU A 130 -9.75 -4.00 7.93
N LYS A 131 -9.16 -2.85 7.58
CA LYS A 131 -9.41 -1.58 8.30
C LYS A 131 -10.88 -1.13 8.15
N LYS A 132 -11.29 -0.81 6.91
CA LYS A 132 -12.69 -0.44 6.64
C LYS A 132 -13.04 -0.58 5.15
N VAL A 133 -14.25 -1.12 4.93
CA VAL A 133 -14.91 -1.23 3.61
C VAL A 133 -15.49 0.13 3.11
N GLU A 134 -15.08 1.22 3.78
CA GLU A 134 -15.23 2.57 3.27
C GLU A 134 -13.91 2.99 2.58
N GLU A 135 -13.69 4.31 2.47
CA GLU A 135 -12.52 4.90 1.80
C GLU A 135 -11.90 5.95 2.74
N ARG A 136 -10.58 5.86 2.95
CA ARG A 136 -9.82 6.91 3.65
C ARG A 136 -9.15 7.81 2.61
N GLU A 137 -9.98 8.71 2.05
CA GLU A 137 -9.51 9.81 1.21
C GLU A 137 -8.74 10.81 2.10
N LEU A 138 -7.49 11.11 1.68
CA LEU A 138 -6.51 11.88 2.48
C LEU A 138 -6.14 11.08 3.77
N PRO A 139 -5.27 10.03 3.63
CA PRO A 139 -4.88 9.16 4.77
C PRO A 139 -3.99 9.86 5.80
N GLU A 140 -3.96 9.31 7.03
CA GLU A 140 -3.12 9.82 8.13
C GLU A 140 -1.90 8.90 8.31
N LEU A 141 -1.02 9.27 9.24
CA LEU A 141 0.18 8.49 9.59
C LEU A 141 0.04 7.97 11.05
N THR A 142 -0.66 6.85 11.20
CA THR A 142 -0.88 6.17 12.49
C THR A 142 0.08 4.96 12.61
N GLY A 1 -4.41 9.32 -2.35
CA GLY A 1 -3.20 8.92 -1.60
C GLY A 1 -2.22 8.16 -2.47
N ILE A 2 -1.63 8.87 -3.47
CA ILE A 2 -0.64 8.29 -4.42
C ILE A 2 0.56 9.24 -4.57
N ALA A 3 0.27 10.51 -4.90
CA ALA A 3 1.29 11.52 -5.30
C ALA A 3 2.28 11.86 -4.17
N GLU A 4 1.84 11.66 -2.91
CA GLU A 4 2.61 12.01 -1.71
C GLU A 4 3.74 10.99 -1.50
N ALA A 5 3.36 9.70 -1.64
CA ALA A 5 4.28 8.56 -1.47
C ALA A 5 5.18 8.40 -2.71
N ALA A 6 4.69 8.87 -3.88
CA ALA A 6 5.46 8.84 -5.14
C ALA A 6 6.56 9.90 -5.09
N PHE A 7 7.82 9.43 -4.95
CA PHE A 7 9.00 10.30 -4.93
C PHE A 7 9.45 10.56 -6.38
N ASN A 8 9.15 11.77 -6.88
CA ASN A 8 9.48 12.20 -8.25
C ASN A 8 10.34 13.47 -8.21
N LYS A 9 11.22 13.63 -9.21
CA LYS A 9 12.12 14.80 -9.33
C LYS A 9 11.52 15.89 -10.24
N GLY A 10 10.49 15.51 -11.00
CA GLY A 10 9.93 16.38 -12.02
C GLY A 10 8.55 15.92 -12.45
N GLU A 11 7.85 16.78 -13.21
CA GLU A 11 6.51 16.48 -13.76
C GLU A 11 6.57 15.20 -14.64
N THR A 12 6.13 14.08 -14.05
CA THR A 12 6.07 12.77 -14.72
C THR A 12 4.77 12.07 -14.30
N ALA A 13 4.00 11.55 -15.29
CA ALA A 13 2.78 10.78 -14.99
C ALA A 13 3.20 9.41 -14.43
N MET A 14 3.16 9.31 -13.09
CA MET A 14 3.59 8.10 -12.34
C MET A 14 2.52 7.73 -11.30
N THR A 15 2.63 6.51 -10.78
CA THR A 15 1.77 5.94 -9.74
C THR A 15 2.65 5.00 -8.89
N ILE A 16 2.19 4.64 -7.67
CA ILE A 16 2.92 3.70 -6.80
C ILE A 16 2.93 2.30 -7.48
N ASN A 17 4.06 1.95 -8.13
CA ASN A 17 4.19 0.68 -8.88
C ASN A 17 5.25 -0.22 -8.21
N GLY A 18 4.91 -1.51 -8.10
CA GLY A 18 5.80 -2.52 -7.51
C GLY A 18 6.09 -2.28 -6.04
N PRO A 19 7.39 -2.27 -5.60
CA PRO A 19 7.79 -2.03 -4.21
C PRO A 19 8.12 -0.54 -3.89
N TRP A 20 8.02 -0.20 -2.61
CA TRP A 20 8.27 1.17 -2.08
C TRP A 20 9.71 1.26 -1.53
N ALA A 21 10.55 2.16 -2.10
CA ALA A 21 11.95 2.32 -1.66
C ALA A 21 12.05 3.23 -0.43
N TRP A 22 12.21 2.61 0.76
CA TRP A 22 12.44 3.30 2.04
C TRP A 22 13.71 2.76 2.69
N SER A 23 14.84 3.32 2.25
CA SER A 23 16.17 3.05 2.82
C SER A 23 17.08 4.25 2.53
N ASN A 24 17.87 4.67 3.54
CA ASN A 24 18.60 5.95 3.52
C ASN A 24 19.69 5.98 2.43
N ILE A 25 19.42 6.80 1.38
CA ILE A 25 20.26 7.01 0.17
C ILE A 25 20.82 5.68 -0.41
N ASP A 26 19.95 4.65 -0.40
CA ASP A 26 20.29 3.31 -0.87
C ASP A 26 20.38 3.29 -2.41
N THR A 27 19.21 3.18 -3.07
CA THR A 27 19.10 3.03 -4.53
C THR A 27 19.30 4.35 -5.27
N SER A 28 19.00 5.45 -4.58
CA SER A 28 18.95 6.79 -5.15
C SER A 28 19.08 7.80 -3.99
N LYS A 29 19.03 9.10 -4.33
CA LYS A 29 19.15 10.19 -3.34
C LYS A 29 17.79 10.38 -2.62
N VAL A 30 17.50 9.45 -1.70
CA VAL A 30 16.21 9.35 -0.99
C VAL A 30 16.31 8.32 0.15
N GLY A 31 15.64 8.61 1.30
CA GLY A 31 15.56 7.71 2.44
C GLY A 31 14.35 8.07 3.30
N SER A 32 14.07 9.38 3.38
CA SER A 32 12.91 9.92 4.08
C SER A 32 12.42 11.18 3.35
N GLY A 33 11.13 11.21 2.99
CA GLY A 33 10.54 12.33 2.28
C GLY A 33 9.01 12.28 2.31
N SER A 34 8.37 13.42 1.99
CA SER A 34 6.90 13.54 1.97
C SER A 34 6.46 14.41 0.80
N GLY A 35 5.15 14.39 0.49
CA GLY A 35 4.57 15.23 -0.56
C GLY A 35 4.12 16.59 -0.04
N SER A 36 3.70 17.47 -0.95
CA SER A 36 3.26 18.84 -0.64
C SER A 36 1.83 18.84 -0.06
N GLY A 37 0.87 18.26 -0.81
CA GLY A 37 -0.54 18.15 -0.39
C GLY A 37 -1.01 16.70 -0.39
N SER A 38 -2.17 16.42 -1.02
CA SER A 38 -2.70 15.05 -1.19
C SER A 38 -3.26 14.87 -2.61
N GLY A 39 -2.60 14.01 -3.41
CA GLY A 39 -2.99 13.75 -4.79
C GLY A 39 -3.78 12.45 -4.94
N SER A 40 -4.75 12.46 -5.89
CA SER A 40 -5.63 11.32 -6.23
C SER A 40 -6.59 10.98 -5.08
N GLN A 41 -7.74 11.67 -5.06
CA GLN A 41 -8.81 11.45 -4.09
C GLN A 41 -9.99 10.73 -4.77
N ALA A 42 -10.60 9.78 -4.04
CA ALA A 42 -11.72 8.96 -4.54
C ALA A 42 -12.75 8.77 -3.42
N THR A 43 -13.97 9.32 -3.64
CA THR A 43 -15.10 9.15 -2.73
C THR A 43 -15.70 7.75 -2.96
N TRP A 44 -15.83 6.97 -1.88
CA TRP A 44 -16.30 5.56 -1.96
C TRP A 44 -17.59 5.40 -1.15
N LYS A 45 -18.42 4.46 -1.61
CA LYS A 45 -19.68 4.10 -0.93
C LYS A 45 -19.42 2.89 0.00
N GLU A 46 -20.32 2.71 0.98
CA GLU A 46 -20.20 1.66 2.00
C GLU A 46 -20.31 0.27 1.32
N LYS A 47 -19.36 -0.63 1.60
CA LYS A 47 -19.38 -2.01 1.09
C LYS A 47 -20.05 -2.91 2.14
N ASP A 48 -20.96 -3.77 1.67
CA ASP A 48 -21.73 -4.70 2.51
C ASP A 48 -21.06 -6.06 2.49
N GLY A 49 -21.04 -6.73 3.65
CA GLY A 49 -20.56 -8.12 3.77
C GLY A 49 -19.05 -8.22 3.76
N ALA A 50 -18.50 -8.97 2.79
CA ALA A 50 -17.06 -9.31 2.72
C ALA A 50 -16.41 -8.74 1.45
N VAL A 51 -15.08 -8.58 1.51
CA VAL A 51 -14.24 -8.19 0.38
C VAL A 51 -14.13 -9.36 -0.62
N GLU A 52 -14.26 -9.02 -1.91
CA GLU A 52 -14.26 -9.98 -3.02
C GLU A 52 -12.85 -10.08 -3.64
N ALA A 53 -12.78 -10.74 -4.82
CA ALA A 53 -11.54 -10.86 -5.61
C ALA A 53 -11.15 -9.52 -6.28
N GLU A 54 -12.16 -8.80 -6.82
CA GLU A 54 -11.97 -7.53 -7.58
C GLU A 54 -12.44 -6.30 -6.77
N ASP A 55 -13.02 -6.54 -5.56
CA ASP A 55 -13.58 -5.47 -4.70
C ASP A 55 -12.49 -4.48 -4.23
N ARG A 56 -12.90 -3.22 -4.01
CA ARG A 56 -12.01 -2.15 -3.54
C ARG A 56 -12.31 -1.91 -2.05
N VAL A 57 -11.27 -1.95 -1.21
CA VAL A 57 -11.42 -1.79 0.24
C VAL A 57 -10.22 -1.01 0.83
N THR A 58 -10.51 -0.12 1.80
CA THR A 58 -9.47 0.62 2.55
C THR A 58 -8.80 -0.35 3.53
N ILE A 59 -7.50 -0.59 3.34
CA ILE A 59 -6.71 -1.50 4.18
C ILE A 59 -5.55 -0.77 4.84
N ASP A 60 -4.85 -1.50 5.70
CA ASP A 60 -3.70 -1.03 6.46
C ASP A 60 -2.65 -2.13 6.38
N PHE A 61 -1.36 -1.79 6.38
CA PHE A 61 -0.29 -2.81 6.40
C PHE A 61 0.94 -2.31 7.17
N THR A 62 1.28 -3.06 8.25
CA THR A 62 2.48 -2.83 9.07
C THR A 62 2.80 -4.12 9.87
N GLY A 63 4.08 -4.27 10.28
CA GLY A 63 4.50 -5.46 11.03
C GLY A 63 6.01 -5.68 10.94
N SER A 64 6.43 -6.76 10.24
CA SER A 64 7.85 -7.10 10.07
C SER A 64 8.06 -7.75 8.70
N VAL A 65 9.31 -7.73 8.22
CA VAL A 65 9.73 -8.39 6.98
C VAL A 65 10.82 -9.45 7.32
N ASP A 66 10.45 -10.74 7.12
CA ASP A 66 11.31 -11.92 7.46
C ASP A 66 11.67 -11.90 8.97
N GLY A 67 10.71 -11.45 9.80
CA GLY A 67 10.88 -11.35 11.26
C GLY A 67 11.74 -10.16 11.69
N GLU A 68 12.01 -9.23 10.75
CA GLU A 68 12.85 -8.03 10.98
C GLU A 68 12.02 -6.77 10.76
N GLU A 69 12.06 -5.82 11.69
CA GLU A 69 11.26 -4.59 11.62
C GLU A 69 11.88 -3.62 10.59
N PHE A 70 11.04 -3.15 9.65
CA PHE A 70 11.47 -2.27 8.55
C PHE A 70 10.70 -0.93 8.61
N GLU A 71 11.40 0.13 9.04
CA GLU A 71 10.84 1.49 9.20
C GLU A 71 10.63 2.16 7.82
N GLY A 72 9.51 2.90 7.69
CA GLY A 72 9.14 3.55 6.44
C GLY A 72 8.32 2.66 5.50
N GLY A 73 8.53 1.32 5.59
CA GLY A 73 7.93 0.37 4.68
C GLY A 73 6.50 -0.05 5.04
N LYS A 74 5.68 0.93 5.43
CA LYS A 74 4.28 0.71 5.78
C LYS A 74 3.45 1.93 5.35
N ALA A 75 2.14 1.71 5.22
CA ALA A 75 1.17 2.78 4.99
C ALA A 75 -0.14 2.39 5.67
N SER A 76 -0.63 3.29 6.53
CA SER A 76 -1.91 3.15 7.20
C SER A 76 -3.02 3.67 6.28
N ASP A 77 -4.25 3.14 6.47
CA ASP A 77 -5.50 3.65 5.85
C ASP A 77 -5.38 3.93 4.33
N PHE A 78 -4.66 3.04 3.64
CA PHE A 78 -4.44 3.11 2.19
C PHE A 78 -5.66 2.51 1.48
N VAL A 79 -6.18 3.23 0.48
CA VAL A 79 -7.36 2.81 -0.28
C VAL A 79 -6.92 1.95 -1.49
N LEU A 80 -7.09 0.62 -1.36
CA LEU A 80 -6.61 -0.36 -2.34
C LEU A 80 -7.78 -0.92 -3.18
N ALA A 81 -7.67 -0.75 -4.50
CA ALA A 81 -8.56 -1.39 -5.47
C ALA A 81 -7.90 -2.68 -5.96
N MET A 82 -8.57 -3.84 -5.74
CA MET A 82 -8.07 -5.15 -6.21
C MET A 82 -8.17 -5.25 -7.74
N GLY A 83 -7.21 -5.97 -8.34
CA GLY A 83 -7.07 -6.07 -9.80
C GLY A 83 -6.12 -5.03 -10.38
N GLN A 84 -5.44 -4.28 -9.50
CA GLN A 84 -4.41 -3.32 -9.90
C GLN A 84 -3.02 -3.99 -9.80
N GLY A 85 -2.25 -3.90 -10.91
CA GLY A 85 -0.85 -4.36 -10.94
C GLY A 85 0.13 -3.28 -10.46
N ARG A 86 -0.40 -2.27 -9.75
CA ARG A 86 0.40 -1.19 -9.15
C ARG A 86 1.07 -1.68 -7.86
N MET A 87 0.48 -2.65 -7.18
CA MET A 87 1.01 -3.17 -5.90
C MET A 87 1.79 -4.47 -6.10
N ILE A 88 2.60 -4.81 -5.07
CA ILE A 88 3.45 -6.03 -5.03
C ILE A 88 2.62 -7.33 -5.31
N PRO A 89 3.27 -8.45 -5.80
CA PRO A 89 2.56 -9.74 -6.13
C PRO A 89 1.80 -10.33 -4.93
N GLY A 90 2.17 -9.91 -3.70
CA GLY A 90 1.47 -10.32 -2.49
C GLY A 90 0.01 -9.83 -2.43
N PHE A 91 -0.23 -8.62 -2.96
CA PHE A 91 -1.58 -7.99 -3.00
C PHE A 91 -2.44 -8.52 -4.17
N GLU A 92 -2.06 -9.68 -4.76
CA GLU A 92 -2.97 -10.48 -5.61
C GLU A 92 -4.03 -11.18 -4.72
N ASP A 93 -3.70 -11.33 -3.42
CA ASP A 93 -4.60 -11.95 -2.42
C ASP A 93 -4.32 -11.30 -1.03
N GLY A 94 -4.97 -11.82 0.03
CA GLY A 94 -4.67 -11.41 1.41
C GLY A 94 -5.86 -10.75 2.07
N ILE A 95 -6.42 -9.75 1.40
CA ILE A 95 -7.58 -8.97 1.88
C ILE A 95 -8.91 -9.57 1.34
N LYS A 96 -8.78 -10.52 0.41
CA LYS A 96 -9.92 -11.20 -0.24
C LYS A 96 -10.65 -12.18 0.71
N GLY A 97 -11.96 -12.35 0.47
CA GLY A 97 -12.79 -13.35 1.14
C GLY A 97 -12.96 -13.15 2.64
N HIS A 98 -13.06 -11.89 3.08
CA HIS A 98 -13.29 -11.55 4.50
C HIS A 98 -13.63 -10.06 4.66
N LYS A 99 -14.23 -9.73 5.80
CA LYS A 99 -14.86 -8.42 6.06
C LYS A 99 -13.93 -7.50 6.87
N ALA A 100 -14.37 -6.24 7.06
CA ALA A 100 -13.71 -5.28 7.97
C ALA A 100 -13.96 -5.66 9.44
N GLY A 101 -13.27 -4.97 10.36
CA GLY A 101 -13.50 -5.12 11.79
C GLY A 101 -12.66 -6.22 12.43
N GLU A 102 -12.28 -7.22 11.62
CA GLU A 102 -11.44 -8.34 12.06
C GLU A 102 -9.95 -7.98 11.93
N GLU A 103 -9.11 -8.67 12.74
CA GLU A 103 -7.64 -8.59 12.61
C GLU A 103 -7.10 -9.94 12.13
N PHE A 104 -6.14 -9.88 11.22
CA PHE A 104 -5.56 -11.04 10.54
C PHE A 104 -4.06 -10.81 10.31
N THR A 105 -3.37 -11.86 9.90
CA THR A 105 -1.98 -11.77 9.44
C THR A 105 -1.90 -12.33 8.01
N ILE A 106 -1.16 -11.63 7.13
CA ILE A 106 -0.90 -12.08 5.76
C ILE A 106 0.59 -11.92 5.45
N ASP A 107 1.19 -12.96 4.85
CA ASP A 107 2.58 -12.92 4.40
C ASP A 107 2.61 -12.77 2.88
N VAL A 108 3.32 -11.74 2.42
CA VAL A 108 3.44 -11.33 1.02
C VAL A 108 4.93 -11.36 0.66
N THR A 109 5.25 -11.61 -0.61
CA THR A 109 6.65 -11.60 -1.06
C THR A 109 6.91 -10.35 -1.92
N PHE A 110 8.00 -9.63 -1.60
CA PHE A 110 8.47 -8.50 -2.39
C PHE A 110 9.18 -9.01 -3.67
N PRO A 111 9.05 -8.26 -4.82
CA PRO A 111 9.76 -8.60 -6.06
C PRO A 111 11.29 -8.34 -5.95
N GLU A 112 12.05 -8.93 -6.89
CA GLU A 112 13.50 -8.70 -7.02
C GLU A 112 13.78 -7.24 -7.44
N GLU A 113 12.77 -6.61 -8.06
CA GLU A 113 12.79 -5.19 -8.44
C GLU A 113 12.69 -4.24 -7.21
N TYR A 114 12.75 -4.80 -5.98
CA TYR A 114 12.93 -4.00 -4.76
C TYR A 114 14.36 -3.46 -4.75
N HIS A 115 14.52 -2.28 -5.39
CA HIS A 115 15.77 -1.55 -5.44
C HIS A 115 16.10 -0.99 -4.04
N ALA A 116 16.73 -1.87 -3.22
CA ALA A 116 17.19 -1.59 -1.86
C ALA A 116 18.00 -2.80 -1.37
N GLU A 117 19.30 -2.59 -1.10
CA GLU A 117 20.21 -3.67 -0.63
C GLU A 117 19.71 -4.30 0.68
N ASN A 118 19.09 -3.46 1.53
CA ASN A 118 18.47 -3.87 2.80
C ASN A 118 17.33 -4.87 2.54
N LEU A 119 16.35 -4.47 1.72
CA LEU A 119 15.19 -5.31 1.37
C LEU A 119 15.47 -6.00 0.02
N LYS A 120 16.16 -7.17 0.09
CA LYS A 120 16.66 -7.88 -1.11
C LYS A 120 15.61 -8.84 -1.70
N GLY A 121 14.36 -8.35 -1.83
CA GLY A 121 13.23 -9.18 -2.24
C GLY A 121 12.81 -10.14 -1.13
N LYS A 122 12.83 -9.63 0.12
CA LYS A 122 12.38 -10.38 1.33
C LYS A 122 10.85 -10.64 1.29
N ALA A 123 10.35 -11.43 2.25
CA ALA A 123 8.90 -11.67 2.43
C ALA A 123 8.43 -10.98 3.73
N ALA A 124 7.37 -10.14 3.63
CA ALA A 124 6.85 -9.33 4.75
C ALA A 124 5.50 -9.87 5.23
N LYS A 125 5.32 -9.87 6.55
CA LYS A 125 4.05 -10.23 7.19
C LYS A 125 3.40 -8.97 7.76
N PHE A 126 2.08 -8.89 7.63
CA PHE A 126 1.29 -7.77 8.12
C PHE A 126 0.20 -8.31 9.06
N ALA A 127 0.56 -8.35 10.36
CA ALA A 127 -0.39 -8.67 11.43
C ALA A 127 -1.16 -7.39 11.77
N ILE A 128 -2.26 -7.16 11.05
CA ILE A 128 -3.00 -5.89 11.07
C ILE A 128 -4.51 -6.14 10.85
N ASN A 129 -5.32 -5.29 11.51
CA ASN A 129 -6.77 -5.25 11.30
C ASN A 129 -7.12 -4.59 9.96
N LEU A 130 -8.20 -5.09 9.32
CA LEU A 130 -8.74 -4.45 8.11
C LEU A 130 -9.31 -3.08 8.51
N LYS A 131 -8.92 -2.04 7.75
CA LYS A 131 -9.14 -0.65 8.13
C LYS A 131 -10.63 -0.25 8.03
N LYS A 132 -11.21 -0.34 6.82
CA LYS A 132 -12.60 0.07 6.56
C LYS A 132 -13.05 -0.40 5.16
N VAL A 133 -14.28 -0.98 5.06
CA VAL A 133 -14.89 -1.34 3.74
C VAL A 133 -15.60 -0.11 3.11
N GLU A 134 -15.48 1.05 3.77
CA GLU A 134 -15.96 2.34 3.26
C GLU A 134 -14.76 3.15 2.72
N GLU A 135 -14.92 4.48 2.63
CA GLU A 135 -13.89 5.39 2.10
C GLU A 135 -12.92 5.85 3.19
N ARG A 136 -11.72 6.22 2.73
CA ARG A 136 -10.76 7.05 3.47
C ARG A 136 -10.52 8.32 2.63
N GLU A 137 -11.64 8.97 2.26
CA GLU A 137 -11.60 10.19 1.44
C GLU A 137 -11.11 11.33 2.33
N LEU A 138 -9.92 11.86 1.96
CA LEU A 138 -9.11 12.78 2.78
C LEU A 138 -8.55 11.99 3.98
N PRO A 139 -7.48 11.16 3.75
CA PRO A 139 -6.91 10.29 4.79
C PRO A 139 -6.31 11.10 5.94
N GLU A 140 -6.54 10.64 7.18
CA GLU A 140 -5.88 11.22 8.36
C GLU A 140 -4.43 10.73 8.36
N LEU A 141 -3.51 11.64 7.99
CA LEU A 141 -2.07 11.33 7.87
C LEU A 141 -1.51 10.88 9.24
N THR A 142 -1.41 9.54 9.41
CA THR A 142 -0.91 8.91 10.63
C THR A 142 0.65 8.86 10.61
N GLY A 1 1.11 9.12 -3.43
CA GLY A 1 0.32 8.05 -4.10
C GLY A 1 0.67 7.95 -5.58
N ILE A 2 -0.30 7.47 -6.39
CA ILE A 2 -0.13 7.33 -7.86
C ILE A 2 -0.02 8.74 -8.50
N ALA A 3 1.09 9.01 -9.23
CA ALA A 3 1.39 10.35 -9.81
C ALA A 3 0.34 10.80 -10.83
N GLU A 4 -0.27 9.82 -11.54
CA GLU A 4 -1.36 10.06 -12.50
C GLU A 4 -2.63 10.54 -11.78
N ALA A 5 -2.96 9.86 -10.67
CA ALA A 5 -4.11 10.19 -9.81
C ALA A 5 -3.85 11.50 -9.02
N ALA A 6 -2.57 11.79 -8.79
CA ALA A 6 -2.13 12.97 -8.03
C ALA A 6 -2.34 14.25 -8.84
N PHE A 7 -3.01 15.25 -8.23
CA PHE A 7 -3.19 16.58 -8.84
C PHE A 7 -1.84 17.31 -8.93
N ASN A 8 -1.29 17.37 -10.15
CA ASN A 8 -0.01 18.05 -10.43
C ASN A 8 -0.25 19.20 -11.42
N LYS A 9 0.49 20.32 -11.24
CA LYS A 9 0.37 21.52 -12.08
C LYS A 9 0.98 21.27 -13.48
N GLY A 10 1.86 20.25 -13.57
CA GLY A 10 2.36 19.71 -14.85
C GLY A 10 1.75 18.34 -15.16
N GLU A 11 1.67 17.96 -16.45
CA GLU A 11 1.15 16.65 -16.88
C GLU A 11 2.15 15.53 -16.55
N THR A 12 1.84 14.75 -15.50
CA THR A 12 2.69 13.63 -15.04
C THR A 12 1.82 12.39 -14.79
N ALA A 13 1.62 11.59 -15.84
CA ALA A 13 0.86 10.32 -15.75
C ALA A 13 1.82 9.16 -15.49
N MET A 14 1.90 8.71 -14.22
CA MET A 14 2.78 7.61 -13.80
C MET A 14 2.13 6.86 -12.63
N THR A 15 2.07 5.53 -12.75
CA THR A 15 1.50 4.65 -11.73
C THR A 15 2.61 4.08 -10.83
N ILE A 16 2.25 3.56 -9.63
CA ILE A 16 3.20 2.99 -8.67
C ILE A 16 4.02 1.84 -9.32
N ASN A 17 5.36 1.97 -9.24
CA ASN A 17 6.31 0.97 -9.77
C ASN A 17 6.49 -0.18 -8.77
N GLY A 18 5.65 -1.23 -8.94
CA GLY A 18 5.71 -2.43 -8.11
C GLY A 18 5.38 -2.14 -6.65
N PRO A 19 6.32 -2.42 -5.68
CA PRO A 19 6.09 -2.13 -4.25
C PRO A 19 6.22 -0.63 -3.91
N TRP A 20 6.15 -0.37 -2.61
CA TRP A 20 6.45 0.93 -2.02
C TRP A 20 7.92 0.93 -1.58
N ALA A 21 8.67 1.99 -1.90
CA ALA A 21 10.10 2.09 -1.57
C ALA A 21 10.36 3.32 -0.71
N TRP A 22 11.26 3.18 0.26
CA TRP A 22 11.71 4.29 1.13
C TRP A 22 12.94 5.00 0.51
N SER A 23 13.18 4.75 -0.79
CA SER A 23 14.33 5.25 -1.54
C SER A 23 14.36 6.79 -1.55
N ASN A 24 15.08 7.38 -0.59
CA ASN A 24 15.33 8.84 -0.48
C ASN A 24 16.80 9.05 -0.11
N ILE A 25 17.40 10.14 -0.66
CA ILE A 25 18.84 10.51 -0.53
C ILE A 25 19.81 9.31 -0.79
N ASP A 26 19.31 8.35 -1.60
CA ASP A 26 19.97 7.08 -1.91
C ASP A 26 21.11 7.26 -2.93
N THR A 27 20.91 8.15 -3.92
CA THR A 27 21.91 8.45 -4.98
C THR A 27 22.12 9.98 -5.03
N SER A 28 21.04 10.71 -5.30
CA SER A 28 21.02 12.19 -5.23
C SER A 28 20.26 12.60 -3.96
N LYS A 29 20.42 13.87 -3.54
CA LYS A 29 19.83 14.42 -2.30
C LYS A 29 18.31 14.65 -2.47
N VAL A 30 17.54 13.56 -2.40
CA VAL A 30 16.07 13.59 -2.53
C VAL A 30 15.45 13.98 -1.18
N GLY A 31 15.33 15.30 -0.98
CA GLY A 31 14.79 15.88 0.25
C GLY A 31 13.28 16.07 0.19
N SER A 32 12.55 14.95 0.07
CA SER A 32 11.08 14.92 0.03
C SER A 32 10.49 15.47 1.36
N GLY A 33 11.14 15.08 2.47
CA GLY A 33 10.79 15.59 3.79
C GLY A 33 9.41 15.16 4.28
N SER A 34 8.43 16.07 4.18
CA SER A 34 7.05 15.85 4.65
C SER A 34 6.07 16.79 3.92
N GLY A 35 4.81 16.35 3.83
CA GLY A 35 3.76 17.12 3.16
C GLY A 35 3.77 16.92 1.65
N SER A 36 4.01 15.67 1.24
CA SER A 36 4.03 15.27 -0.19
C SER A 36 2.66 14.70 -0.63
N GLY A 37 1.60 15.12 0.08
CA GLY A 37 0.25 14.62 -0.14
C GLY A 37 -0.41 15.19 -1.39
N SER A 38 -0.75 14.31 -2.35
CA SER A 38 -1.56 14.67 -3.51
C SER A 38 -2.32 13.42 -3.99
N GLY A 39 -3.47 13.67 -4.61
CA GLY A 39 -4.34 12.62 -5.10
C GLY A 39 -5.73 13.13 -5.40
N SER A 40 -6.42 12.49 -6.35
CA SER A 40 -7.84 12.75 -6.61
C SER A 40 -8.68 12.31 -5.39
N GLN A 41 -9.67 13.13 -5.02
CA GLN A 41 -10.59 12.82 -3.91
C GLN A 41 -11.47 11.63 -4.30
N ALA A 42 -10.93 10.42 -4.05
CA ALA A 42 -11.60 9.16 -4.34
C ALA A 42 -12.77 8.99 -3.38
N THR A 43 -13.99 9.26 -3.85
CA THR A 43 -15.19 9.19 -3.02
C THR A 43 -15.61 7.71 -2.87
N TRP A 44 -15.73 7.27 -1.61
CA TRP A 44 -16.01 5.88 -1.25
C TRP A 44 -17.44 5.73 -0.72
N LYS A 45 -17.98 4.54 -0.98
CA LYS A 45 -19.28 4.07 -0.48
C LYS A 45 -19.07 2.67 0.12
N GLU A 46 -19.99 2.26 1.00
CA GLU A 46 -19.83 1.06 1.84
C GLU A 46 -19.80 -0.24 1.00
N LYS A 47 -18.78 -1.09 1.28
CA LYS A 47 -18.64 -2.43 0.66
C LYS A 47 -19.24 -3.48 1.61
N ASP A 48 -19.78 -4.57 1.06
CA ASP A 48 -20.48 -5.61 1.83
C ASP A 48 -19.94 -7.01 1.51
N GLY A 49 -20.35 -8.00 2.33
CA GLY A 49 -19.97 -9.40 2.16
C GLY A 49 -18.49 -9.64 2.43
N ALA A 50 -17.67 -9.58 1.36
CA ALA A 50 -16.22 -9.87 1.41
C ALA A 50 -15.49 -9.14 0.28
N VAL A 51 -14.17 -8.92 0.45
CA VAL A 51 -13.35 -8.21 -0.54
C VAL A 51 -13.03 -9.12 -1.75
N GLU A 52 -13.22 -8.57 -2.94
CA GLU A 52 -13.13 -9.29 -4.23
C GLU A 52 -12.13 -8.61 -5.19
N ALA A 53 -11.92 -9.20 -6.37
CA ALA A 53 -10.92 -8.73 -7.37
C ALA A 53 -11.28 -7.35 -7.94
N GLU A 54 -12.55 -7.17 -8.28
CA GLU A 54 -13.10 -5.89 -8.77
C GLU A 54 -13.48 -4.98 -7.60
N ASP A 55 -13.51 -5.54 -6.38
CA ASP A 55 -13.86 -4.82 -5.15
C ASP A 55 -12.61 -4.11 -4.60
N ARG A 56 -12.80 -2.91 -4.03
CA ARG A 56 -11.72 -2.11 -3.43
C ARG A 56 -11.99 -2.00 -1.93
N VAL A 57 -10.93 -2.03 -1.10
CA VAL A 57 -11.05 -1.86 0.36
C VAL A 57 -9.85 -1.06 0.91
N THR A 58 -10.10 -0.30 1.99
CA THR A 58 -9.05 0.40 2.72
C THR A 58 -8.36 -0.58 3.68
N ILE A 59 -7.02 -0.54 3.71
CA ILE A 59 -6.18 -1.52 4.45
C ILE A 59 -4.96 -0.84 5.07
N ASP A 60 -4.19 -1.65 5.82
CA ASP A 60 -3.02 -1.20 6.58
C ASP A 60 -1.93 -2.24 6.38
N PHE A 61 -0.67 -1.81 6.40
CA PHE A 61 0.48 -2.70 6.28
C PHE A 61 1.67 -2.16 7.09
N THR A 62 1.99 -2.86 8.19
CA THR A 62 3.14 -2.58 9.05
C THR A 62 3.45 -3.82 9.92
N GLY A 63 4.66 -3.86 10.51
CA GLY A 63 5.09 -4.96 11.37
C GLY A 63 6.55 -5.32 11.14
N SER A 64 6.81 -6.45 10.45
CA SER A 64 8.18 -6.94 10.21
C SER A 64 8.28 -7.60 8.83
N VAL A 65 9.52 -7.73 8.33
CA VAL A 65 9.81 -8.43 7.05
C VAL A 65 10.83 -9.56 7.33
N ASP A 66 10.36 -10.83 7.27
CA ASP A 66 11.16 -12.03 7.66
C ASP A 66 11.65 -11.92 9.14
N GLY A 67 10.84 -11.25 9.97
CA GLY A 67 11.14 -11.04 11.39
C GLY A 67 12.08 -9.87 11.66
N GLU A 68 12.29 -9.03 10.64
CA GLU A 68 13.14 -7.84 10.72
C GLU A 68 12.28 -6.58 10.87
N GLU A 69 12.58 -5.73 11.87
CA GLU A 69 11.91 -4.42 11.99
C GLU A 69 12.51 -3.49 10.93
N PHE A 70 11.70 -3.18 9.89
CA PHE A 70 12.13 -2.35 8.76
C PHE A 70 11.42 -1.00 8.86
N GLU A 71 12.20 0.08 8.98
CA GLU A 71 11.68 1.44 9.01
C GLU A 71 11.75 2.02 7.60
N GLY A 72 10.69 2.74 7.22
CA GLY A 72 10.47 3.12 5.83
C GLY A 72 9.97 1.94 5.02
N GLY A 73 8.66 1.70 5.07
CA GLY A 73 8.02 0.63 4.31
C GLY A 73 6.67 0.25 4.88
N LYS A 74 5.95 1.24 5.41
CA LYS A 74 4.69 1.02 6.13
C LYS A 74 3.74 2.21 5.92
N ALA A 75 2.45 1.92 5.77
CA ALA A 75 1.41 2.95 5.62
C ALA A 75 0.08 2.42 6.17
N SER A 76 -0.57 3.25 7.00
CA SER A 76 -1.89 2.96 7.59
C SER A 76 -2.98 3.68 6.80
N ASP A 77 -4.20 3.13 6.82
CA ASP A 77 -5.41 3.74 6.20
C ASP A 77 -5.22 3.97 4.68
N PHE A 78 -4.40 3.10 4.05
CA PHE A 78 -4.09 3.17 2.61
C PHE A 78 -5.21 2.50 1.83
N VAL A 79 -5.72 3.18 0.80
CA VAL A 79 -6.86 2.69 0.01
C VAL A 79 -6.32 1.84 -1.18
N LEU A 80 -6.72 0.57 -1.23
CA LEU A 80 -6.17 -0.45 -2.14
C LEU A 80 -7.27 -1.07 -3.01
N ALA A 81 -7.01 -1.13 -4.31
CA ALA A 81 -7.78 -1.94 -5.26
C ALA A 81 -7.14 -3.33 -5.33
N MET A 82 -7.96 -4.38 -5.26
CA MET A 82 -7.48 -5.77 -5.23
C MET A 82 -7.01 -6.21 -6.64
N GLY A 83 -6.01 -7.10 -6.67
CA GLY A 83 -5.60 -7.79 -7.90
C GLY A 83 -4.85 -6.94 -8.89
N GLN A 84 -4.21 -5.89 -8.40
CA GLN A 84 -3.47 -4.95 -9.25
C GLN A 84 -2.01 -5.40 -9.41
N GLY A 85 -1.57 -5.54 -10.67
CA GLY A 85 -0.20 -5.94 -10.99
C GLY A 85 0.79 -4.80 -10.81
N ARG A 86 0.28 -3.56 -10.74
CA ARG A 86 1.09 -2.35 -10.49
C ARG A 86 1.73 -2.38 -9.08
N MET A 87 1.12 -3.13 -8.16
CA MET A 87 1.64 -3.37 -6.80
C MET A 87 2.06 -4.84 -6.65
N ILE A 88 2.62 -5.20 -5.48
CA ILE A 88 3.12 -6.57 -5.19
C ILE A 88 2.09 -7.70 -5.53
N PRO A 89 2.56 -8.91 -5.98
CA PRO A 89 1.65 -10.05 -6.31
C PRO A 89 0.88 -10.59 -5.08
N GLY A 90 1.36 -10.23 -3.88
CA GLY A 90 0.71 -10.61 -2.62
C GLY A 90 -0.62 -9.90 -2.41
N PHE A 91 -0.77 -8.67 -2.98
CA PHE A 91 -2.02 -7.87 -2.91
C PHE A 91 -3.05 -8.31 -3.97
N GLU A 92 -2.80 -9.47 -4.63
CA GLU A 92 -3.82 -10.16 -5.45
C GLU A 92 -4.62 -11.15 -4.55
N ASP A 93 -4.25 -11.22 -3.26
CA ASP A 93 -4.93 -12.05 -2.24
C ASP A 93 -4.71 -11.40 -0.84
N GLY A 94 -5.05 -12.12 0.24
CA GLY A 94 -4.81 -11.66 1.61
C GLY A 94 -6.06 -11.07 2.21
N ILE A 95 -6.52 -9.97 1.61
CA ILE A 95 -7.76 -9.26 2.00
C ILE A 95 -9.01 -9.95 1.40
N LYS A 96 -8.78 -10.86 0.44
CA LYS A 96 -9.83 -11.61 -0.27
C LYS A 96 -10.65 -12.53 0.66
N GLY A 97 -11.94 -12.72 0.30
CA GLY A 97 -12.79 -13.74 0.92
C GLY A 97 -13.08 -13.52 2.41
N HIS A 98 -13.02 -12.25 2.85
CA HIS A 98 -13.40 -11.84 4.23
C HIS A 98 -13.63 -10.32 4.31
N LYS A 99 -14.04 -9.85 5.49
CA LYS A 99 -14.56 -8.49 5.71
C LYS A 99 -13.52 -7.60 6.44
N ALA A 100 -13.86 -6.30 6.59
CA ALA A 100 -13.07 -5.34 7.40
C ALA A 100 -13.46 -5.38 8.88
N GLY A 101 -12.62 -4.72 9.71
CA GLY A 101 -12.85 -4.63 11.16
C GLY A 101 -12.14 -5.73 11.93
N GLU A 102 -11.97 -6.90 11.28
CA GLU A 102 -11.31 -8.07 11.87
C GLU A 102 -9.77 -7.92 11.82
N GLU A 103 -9.06 -8.60 12.74
CA GLU A 103 -7.58 -8.61 12.76
C GLU A 103 -7.06 -9.98 12.28
N PHE A 104 -5.98 -9.94 11.49
CA PHE A 104 -5.38 -11.12 10.84
C PHE A 104 -3.90 -10.83 10.51
N THR A 105 -3.19 -11.88 10.08
CA THR A 105 -1.82 -11.76 9.54
C THR A 105 -1.79 -12.23 8.08
N ILE A 106 -1.07 -11.50 7.23
CA ILE A 106 -0.79 -11.90 5.83
C ILE A 106 0.71 -11.79 5.57
N ASP A 107 1.26 -12.74 4.82
CA ASP A 107 2.66 -12.68 4.34
C ASP A 107 2.66 -12.46 2.82
N VAL A 108 3.51 -11.54 2.36
CA VAL A 108 3.60 -11.12 0.95
C VAL A 108 5.08 -11.04 0.55
N THR A 109 5.44 -11.60 -0.62
CA THR A 109 6.84 -11.58 -1.09
C THR A 109 7.05 -10.40 -2.06
N PHE A 110 8.03 -9.53 -1.74
CA PHE A 110 8.43 -8.41 -2.61
C PHE A 110 9.04 -8.94 -3.94
N PRO A 111 8.70 -8.32 -5.11
CA PRO A 111 9.37 -8.59 -6.41
C PRO A 111 10.93 -8.64 -6.33
N GLU A 112 11.49 -9.54 -7.17
CA GLU A 112 12.93 -9.88 -7.29
C GLU A 112 13.89 -8.68 -7.04
N GLU A 113 14.27 -8.54 -5.74
CA GLU A 113 15.09 -7.44 -5.18
C GLU A 113 14.84 -6.06 -5.85
N TYR A 114 13.66 -5.46 -5.57
CA TYR A 114 13.34 -4.10 -6.03
C TYR A 114 14.26 -3.05 -5.35
N HIS A 115 14.18 -1.78 -5.81
CA HIS A 115 15.06 -0.69 -5.33
C HIS A 115 14.76 -0.31 -3.85
N ALA A 116 15.33 -1.11 -2.94
CA ALA A 116 15.28 -0.92 -1.47
C ALA A 116 16.29 -1.89 -0.85
N GLU A 117 17.24 -1.34 -0.07
CA GLU A 117 18.47 -2.05 0.37
C GLU A 117 18.18 -3.36 1.11
N ASN A 118 17.45 -3.26 2.22
CA ASN A 118 17.20 -4.41 3.14
C ASN A 118 15.86 -5.12 2.81
N LEU A 119 15.29 -4.84 1.62
CA LEU A 119 14.03 -5.46 1.14
C LEU A 119 14.29 -6.22 -0.19
N LYS A 120 15.28 -7.13 -0.19
CA LYS A 120 15.71 -7.83 -1.42
C LYS A 120 14.83 -9.08 -1.70
N GLY A 121 13.60 -8.80 -2.18
CA GLY A 121 12.65 -9.84 -2.60
C GLY A 121 12.19 -10.78 -1.48
N LYS A 122 12.36 -10.35 -0.22
CA LYS A 122 11.99 -11.14 0.97
C LYS A 122 10.49 -10.95 1.33
N ALA A 123 9.95 -11.87 2.15
CA ALA A 123 8.53 -11.87 2.54
C ALA A 123 8.29 -11.03 3.81
N ALA A 124 7.27 -10.17 3.77
CA ALA A 124 6.88 -9.28 4.88
C ALA A 124 5.55 -9.75 5.47
N LYS A 125 5.43 -9.68 6.80
CA LYS A 125 4.18 -10.04 7.51
C LYS A 125 3.53 -8.76 8.03
N PHE A 126 2.23 -8.63 7.74
CA PHE A 126 1.43 -7.51 8.18
C PHE A 126 0.28 -8.04 9.05
N ALA A 127 0.57 -8.12 10.36
CA ALA A 127 -0.41 -8.53 11.38
C ALA A 127 -1.12 -7.27 11.89
N ILE A 128 -2.32 -7.02 11.35
CA ILE A 128 -3.06 -5.77 11.58
C ILE A 128 -4.58 -6.01 11.37
N ASN A 129 -5.41 -5.15 11.96
CA ASN A 129 -6.85 -5.11 11.69
C ASN A 129 -7.11 -4.44 10.33
N LEU A 130 -7.99 -5.06 9.52
CA LEU A 130 -8.43 -4.50 8.23
C LEU A 130 -9.17 -3.18 8.52
N LYS A 131 -8.73 -2.11 7.84
CA LYS A 131 -9.14 -0.72 8.13
C LYS A 131 -10.65 -0.52 7.98
N LYS A 132 -11.16 -0.54 6.73
CA LYS A 132 -12.56 -0.11 6.49
C LYS A 132 -13.05 -0.50 5.07
N VAL A 133 -14.19 -1.24 5.02
CA VAL A 133 -14.95 -1.47 3.76
C VAL A 133 -15.82 -0.24 3.43
N GLU A 134 -16.25 0.49 4.48
CA GLU A 134 -17.18 1.62 4.36
C GLU A 134 -16.58 2.76 3.51
N GLU A 135 -15.55 3.45 4.05
CA GLU A 135 -14.86 4.54 3.32
C GLU A 135 -13.53 4.90 3.95
N ARG A 136 -12.70 5.63 3.20
CA ARG A 136 -11.52 6.34 3.71
C ARG A 136 -11.07 7.35 2.65
N GLU A 137 -11.97 8.29 2.35
CA GLU A 137 -11.72 9.34 1.36
C GLU A 137 -10.66 10.32 1.90
N LEU A 138 -9.39 10.03 1.55
CA LEU A 138 -8.20 10.83 1.92
C LEU A 138 -8.19 11.25 3.42
N PRO A 139 -7.72 10.35 4.36
CA PRO A 139 -7.70 10.63 5.83
C PRO A 139 -6.55 11.60 6.21
N GLU A 140 -6.05 11.48 7.46
CA GLU A 140 -4.83 12.19 7.90
C GLU A 140 -3.58 11.70 7.13
N LEU A 141 -2.43 12.34 7.39
CA LEU A 141 -1.13 11.87 6.90
C LEU A 141 -0.76 10.63 7.74
N THR A 142 -1.19 9.46 7.24
CA THR A 142 -1.21 8.19 7.96
C THR A 142 -0.11 7.23 7.42
N GLY A 1 -2.42 3.83 -19.09
CA GLY A 1 -1.78 3.32 -17.86
C GLY A 1 -2.38 3.92 -16.59
N ILE A 2 -1.52 4.16 -15.58
CA ILE A 2 -1.94 4.71 -14.28
C ILE A 2 -1.92 6.26 -14.30
N ALA A 3 -1.19 6.85 -15.29
CA ALA A 3 -0.97 8.32 -15.37
C ALA A 3 -2.27 9.12 -15.54
N GLU A 4 -3.27 8.51 -16.21
CA GLU A 4 -4.59 9.12 -16.42
C GLU A 4 -5.37 9.13 -15.10
N ALA A 5 -5.21 8.03 -14.34
CA ALA A 5 -5.86 7.83 -13.04
C ALA A 5 -5.31 8.84 -12.00
N ALA A 6 -3.97 8.97 -11.95
CA ALA A 6 -3.28 9.90 -11.05
C ALA A 6 -2.32 10.79 -11.86
N PHE A 7 -2.67 12.08 -11.99
CA PHE A 7 -1.84 13.09 -12.67
C PHE A 7 -0.93 13.75 -11.62
N ASN A 8 0.34 13.34 -11.59
CA ASN A 8 1.33 13.89 -10.64
C ASN A 8 2.12 15.03 -11.33
N LYS A 9 2.46 16.06 -10.55
CA LYS A 9 3.23 17.23 -11.02
C LYS A 9 4.72 16.87 -11.03
N GLY A 10 5.10 15.98 -10.09
CA GLY A 10 6.39 15.30 -10.13
C GLY A 10 6.46 14.33 -11.29
N GLU A 11 7.68 14.00 -11.73
CA GLU A 11 7.94 13.23 -12.97
C GLU A 11 7.17 11.90 -12.93
N THR A 12 6.06 11.85 -13.69
CA THR A 12 5.14 10.72 -13.70
C THR A 12 5.75 9.58 -14.52
N ALA A 13 6.40 8.64 -13.81
CA ALA A 13 6.99 7.42 -14.40
C ALA A 13 5.89 6.48 -14.91
N MET A 14 6.30 5.31 -15.45
CA MET A 14 5.35 4.25 -15.88
C MET A 14 4.56 3.70 -14.68
N THR A 15 3.69 2.69 -14.93
CA THR A 15 2.81 2.12 -13.89
C THR A 15 3.60 1.67 -12.65
N ILE A 16 2.99 1.88 -11.46
CA ILE A 16 3.65 1.70 -10.14
C ILE A 16 4.39 0.34 -10.08
N ASN A 17 5.59 0.35 -9.46
CA ASN A 17 6.55 -0.76 -9.53
C ASN A 17 6.07 -1.93 -8.65
N GLY A 18 5.33 -1.59 -7.58
CA GLY A 18 4.84 -2.57 -6.61
C GLY A 18 5.40 -2.31 -5.23
N PRO A 19 6.70 -2.72 -4.96
CA PRO A 19 7.34 -2.49 -3.66
C PRO A 19 7.66 -1.00 -3.42
N TRP A 20 7.45 -0.56 -2.18
CA TRP A 20 7.66 0.83 -1.75
C TRP A 20 9.04 0.94 -1.07
N ALA A 21 9.97 1.68 -1.71
CA ALA A 21 11.35 1.84 -1.22
C ALA A 21 11.54 3.25 -0.67
N TRP A 22 11.47 3.39 0.67
CA TRP A 22 11.69 4.68 1.35
C TRP A 22 13.18 4.80 1.72
N SER A 23 14.00 4.96 0.68
CA SER A 23 15.43 5.24 0.80
C SER A 23 15.77 6.24 -0.32
N ASN A 24 15.51 7.52 -0.04
CA ASN A 24 15.57 8.59 -1.05
C ASN A 24 17.01 9.07 -1.27
N ILE A 25 17.24 9.69 -2.45
CA ILE A 25 18.54 10.27 -2.92
C ILE A 25 19.73 9.25 -2.85
N ASP A 26 19.41 7.94 -2.77
CA ASP A 26 20.43 6.88 -2.64
C ASP A 26 19.98 5.63 -3.44
N THR A 27 19.19 4.75 -2.78
CA THR A 27 18.68 3.50 -3.36
C THR A 27 17.61 3.83 -4.44
N SER A 28 16.69 4.71 -4.03
CA SER A 28 15.73 5.35 -4.91
C SER A 28 16.15 6.82 -5.02
N LYS A 29 16.96 7.13 -6.05
CA LYS A 29 17.51 8.48 -6.26
C LYS A 29 16.43 9.44 -6.79
N VAL A 30 15.71 10.04 -5.85
CA VAL A 30 14.69 11.05 -6.12
C VAL A 30 15.40 12.41 -6.27
N GLY A 31 15.71 12.76 -7.53
CA GLY A 31 16.47 13.98 -7.86
C GLY A 31 15.72 15.26 -7.49
N SER A 32 14.39 15.22 -7.62
CA SER A 32 13.50 16.32 -7.23
C SER A 32 13.01 16.06 -5.79
N GLY A 33 13.61 16.77 -4.81
CA GLY A 33 13.26 16.61 -3.39
C GLY A 33 12.05 17.44 -3.00
N SER A 34 10.95 17.27 -3.75
CA SER A 34 9.69 17.98 -3.52
C SER A 34 8.78 17.13 -2.62
N GLY A 35 8.84 17.37 -1.29
CA GLY A 35 8.02 16.65 -0.31
C GLY A 35 6.63 17.26 -0.14
N SER A 36 5.99 17.55 -1.28
CA SER A 36 4.66 18.18 -1.35
C SER A 36 4.06 17.87 -2.74
N GLY A 37 2.87 18.42 -3.02
CA GLY A 37 2.21 18.25 -4.33
C GLY A 37 0.90 17.49 -4.20
N SER A 38 0.50 16.82 -5.29
CA SER A 38 -0.71 15.97 -5.33
C SER A 38 -0.73 15.15 -6.63
N GLY A 39 -1.38 13.99 -6.57
CA GLY A 39 -1.68 13.20 -7.77
C GLY A 39 -3.10 13.49 -8.26
N SER A 40 -4.02 12.54 -8.01
CA SER A 40 -5.45 12.69 -8.32
C SER A 40 -6.26 11.77 -7.40
N GLN A 41 -7.43 12.27 -6.94
CA GLN A 41 -8.31 11.55 -6.01
C GLN A 41 -9.17 10.51 -6.74
N ALA A 42 -9.35 9.35 -6.09
CA ALA A 42 -10.27 8.29 -6.54
C ALA A 42 -11.33 8.13 -5.44
N THR A 43 -12.26 9.11 -5.39
CA THR A 43 -13.04 9.38 -4.17
C THR A 43 -14.08 8.28 -3.92
N TRP A 44 -14.21 7.91 -2.64
CA TRP A 44 -14.88 6.70 -2.20
C TRP A 44 -16.25 6.99 -1.57
N LYS A 45 -17.03 5.93 -1.43
CA LYS A 45 -18.36 5.92 -0.79
C LYS A 45 -18.40 4.80 0.26
N GLU A 46 -19.33 4.89 1.24
CA GLU A 46 -19.53 3.82 2.23
C GLU A 46 -20.08 2.55 1.53
N LYS A 47 -19.43 1.44 1.82
CA LYS A 47 -19.69 0.12 1.21
C LYS A 47 -19.80 -0.92 2.33
N ASP A 48 -20.56 -2.01 2.11
CA ASP A 48 -20.58 -3.16 3.03
C ASP A 48 -20.55 -4.46 2.21
N GLY A 49 -19.93 -5.50 2.78
CA GLY A 49 -19.81 -6.80 2.15
C GLY A 49 -18.40 -7.36 2.31
N ALA A 50 -18.21 -8.61 1.88
CA ALA A 50 -16.90 -9.27 1.87
C ALA A 50 -16.16 -8.85 0.59
N VAL A 51 -14.84 -8.68 0.70
CA VAL A 51 -14.00 -8.18 -0.39
C VAL A 51 -13.83 -9.26 -1.46
N GLU A 52 -14.05 -8.86 -2.71
CA GLU A 52 -14.02 -9.74 -3.88
C GLU A 52 -12.63 -9.69 -4.56
N ALA A 53 -12.45 -10.50 -5.61
CA ALA A 53 -11.17 -10.63 -6.34
C ALA A 53 -10.86 -9.38 -7.20
N GLU A 54 -11.88 -8.56 -7.46
CA GLU A 54 -11.72 -7.29 -8.21
C GLU A 54 -11.90 -6.09 -7.26
N ASP A 55 -12.46 -6.34 -6.06
CA ASP A 55 -12.94 -5.28 -5.17
C ASP A 55 -11.78 -4.56 -4.47
N ARG A 56 -12.03 -3.29 -4.18
CA ARG A 56 -11.05 -2.33 -3.68
C ARG A 56 -11.52 -1.86 -2.31
N VAL A 57 -10.63 -1.92 -1.28
CA VAL A 57 -11.01 -1.67 0.12
C VAL A 57 -9.87 -0.95 0.89
N THR A 58 -10.23 -0.26 2.00
CA THR A 58 -9.26 0.40 2.88
C THR A 58 -8.65 -0.62 3.86
N ILE A 59 -7.29 -0.65 3.93
CA ILE A 59 -6.52 -1.52 4.85
C ILE A 59 -5.36 -0.73 5.46
N ASP A 60 -4.97 -1.09 6.67
CA ASP A 60 -3.74 -0.60 7.30
C ASP A 60 -2.67 -1.66 7.05
N PHE A 61 -1.38 -1.30 7.09
CA PHE A 61 -0.29 -2.27 7.03
C PHE A 61 0.93 -1.76 7.81
N THR A 62 1.45 -2.62 8.69
CA THR A 62 2.68 -2.40 9.45
C THR A 62 3.12 -3.74 10.08
N GLY A 63 4.37 -3.78 10.54
CA GLY A 63 4.97 -5.00 11.11
C GLY A 63 6.43 -5.13 10.74
N SER A 64 6.80 -6.29 10.19
CA SER A 64 8.20 -6.60 9.84
C SER A 64 8.27 -7.34 8.51
N VAL A 65 9.49 -7.47 7.98
CA VAL A 65 9.78 -8.14 6.74
C VAL A 65 10.81 -9.27 7.02
N ASP A 66 10.32 -10.53 7.02
CA ASP A 66 11.12 -11.74 7.38
C ASP A 66 11.71 -11.63 8.82
N GLY A 67 11.08 -10.81 9.67
CA GLY A 67 11.54 -10.56 11.05
C GLY A 67 12.49 -9.36 11.19
N GLU A 68 12.73 -8.65 10.08
CA GLU A 68 13.47 -7.36 10.10
C GLU A 68 12.46 -6.20 10.16
N GLU A 69 12.62 -5.26 11.09
CA GLU A 69 11.73 -4.10 11.17
C GLU A 69 12.22 -3.03 10.15
N PHE A 70 11.42 -2.82 9.10
CA PHE A 70 11.73 -1.89 8.00
C PHE A 70 11.01 -0.55 8.25
N GLU A 71 11.81 0.53 8.33
CA GLU A 71 11.33 1.88 8.68
C GLU A 71 10.93 2.67 7.44
N GLY A 72 9.85 3.45 7.57
CA GLY A 72 9.26 4.21 6.46
C GLY A 72 8.45 3.36 5.50
N GLY A 73 8.21 2.09 5.86
CA GLY A 73 7.51 1.13 4.99
C GLY A 73 6.15 0.72 5.55
N LYS A 74 5.47 1.66 6.21
CA LYS A 74 4.12 1.43 6.78
C LYS A 74 3.21 2.62 6.46
N ALA A 75 1.90 2.37 6.31
CA ALA A 75 0.92 3.42 6.02
C ALA A 75 -0.44 3.07 6.64
N SER A 76 -1.09 4.10 7.20
CA SER A 76 -2.42 3.98 7.80
C SER A 76 -3.51 4.30 6.76
N ASP A 77 -4.56 3.45 6.72
CA ASP A 77 -5.73 3.63 5.84
C ASP A 77 -5.33 3.68 4.35
N PHE A 78 -4.47 2.75 3.95
CA PHE A 78 -4.02 2.61 2.56
C PHE A 78 -5.10 1.83 1.79
N VAL A 79 -5.59 2.43 0.71
CA VAL A 79 -6.73 1.89 -0.06
C VAL A 79 -6.21 0.96 -1.17
N LEU A 80 -6.24 -0.34 -0.86
CA LEU A 80 -5.68 -1.41 -1.70
C LEU A 80 -6.78 -1.99 -2.61
N ALA A 81 -6.55 -1.87 -3.93
CA ALA A 81 -7.42 -2.41 -4.96
C ALA A 81 -6.93 -3.80 -5.39
N MET A 82 -7.86 -4.77 -5.46
CA MET A 82 -7.57 -6.14 -5.91
C MET A 82 -7.51 -6.23 -7.45
N GLY A 83 -6.72 -7.20 -7.94
CA GLY A 83 -6.54 -7.42 -9.38
C GLY A 83 -5.71 -6.33 -10.05
N GLN A 84 -4.80 -5.70 -9.28
CA GLN A 84 -3.93 -4.63 -9.78
C GLN A 84 -2.51 -5.14 -10.01
N GLY A 85 -1.98 -4.89 -11.22
CA GLY A 85 -0.56 -5.13 -11.52
C GLY A 85 0.35 -4.05 -10.94
N ARG A 86 -0.25 -2.88 -10.60
CA ARG A 86 0.49 -1.72 -10.04
C ARG A 86 1.14 -2.06 -8.68
N MET A 87 0.53 -2.97 -7.93
CA MET A 87 0.99 -3.36 -6.58
C MET A 87 1.75 -4.69 -6.65
N ILE A 88 2.36 -5.08 -5.50
CA ILE A 88 3.07 -6.38 -5.38
C ILE A 88 2.08 -7.56 -5.57
N PRO A 89 2.54 -8.72 -6.13
CA PRO A 89 1.67 -9.92 -6.34
C PRO A 89 1.00 -10.41 -5.04
N GLY A 90 1.66 -10.16 -3.89
CA GLY A 90 1.10 -10.48 -2.58
C GLY A 90 -0.13 -9.62 -2.22
N PHE A 91 -0.11 -8.35 -2.69
CA PHE A 91 -1.24 -7.40 -2.56
C PHE A 91 -2.26 -7.59 -3.71
N GLU A 92 -2.32 -8.83 -4.24
CA GLU A 92 -3.46 -9.30 -5.05
C GLU A 92 -4.37 -10.19 -4.17
N ASP A 93 -3.98 -10.43 -2.89
CA ASP A 93 -4.76 -11.33 -1.99
C ASP A 93 -4.54 -10.94 -0.51
N GLY A 94 -5.20 -11.69 0.40
CA GLY A 94 -5.00 -11.52 1.84
C GLY A 94 -6.20 -10.90 2.52
N ILE A 95 -6.74 -9.86 1.87
CA ILE A 95 -7.89 -9.07 2.36
C ILE A 95 -9.20 -9.50 1.68
N LYS A 96 -9.08 -10.47 0.74
CA LYS A 96 -10.21 -11.05 -0.01
C LYS A 96 -10.97 -12.11 0.80
N GLY A 97 -12.18 -12.44 0.33
CA GLY A 97 -12.99 -13.52 0.89
C GLY A 97 -13.62 -13.19 2.24
N HIS A 98 -13.49 -11.93 2.69
CA HIS A 98 -13.94 -11.51 4.03
C HIS A 98 -14.07 -9.98 4.14
N LYS A 99 -14.72 -9.53 5.23
CA LYS A 99 -15.13 -8.12 5.42
C LYS A 99 -14.11 -7.36 6.30
N ALA A 100 -14.27 -6.05 6.42
CA ALA A 100 -13.50 -5.20 7.35
C ALA A 100 -13.92 -5.40 8.82
N GLY A 101 -13.05 -4.96 9.73
CA GLY A 101 -13.30 -5.00 11.18
C GLY A 101 -12.69 -6.21 11.87
N GLU A 102 -12.39 -7.25 11.09
CA GLU A 102 -11.72 -8.46 11.58
C GLU A 102 -10.19 -8.30 11.51
N GLU A 103 -9.46 -8.99 12.42
CA GLU A 103 -8.00 -8.95 12.49
C GLU A 103 -7.41 -10.29 12.00
N PHE A 104 -6.29 -10.19 11.28
CA PHE A 104 -5.59 -11.34 10.66
C PHE A 104 -4.12 -10.96 10.40
N THR A 105 -3.32 -11.94 9.96
CA THR A 105 -1.94 -11.72 9.55
C THR A 105 -1.75 -12.29 8.13
N ILE A 106 -1.04 -11.56 7.27
CA ILE A 106 -0.74 -12.02 5.89
C ILE A 106 0.73 -11.77 5.57
N ASP A 107 1.41 -12.77 4.99
CA ASP A 107 2.81 -12.64 4.56
C ASP A 107 2.86 -12.68 3.02
N VAL A 108 3.47 -11.63 2.45
CA VAL A 108 3.49 -11.35 1.01
C VAL A 108 4.95 -11.26 0.56
N THR A 109 5.27 -11.77 -0.64
CA THR A 109 6.64 -11.70 -1.18
C THR A 109 6.76 -10.52 -2.15
N PHE A 110 7.71 -9.62 -1.83
CA PHE A 110 8.11 -8.53 -2.74
C PHE A 110 8.89 -9.12 -3.94
N PRO A 111 8.61 -8.69 -5.20
CA PRO A 111 9.49 -9.00 -6.36
C PRO A 111 10.88 -8.36 -6.17
N GLU A 112 11.89 -8.86 -6.92
CA GLU A 112 13.28 -8.35 -6.83
C GLU A 112 13.44 -6.97 -7.53
N GLU A 113 12.31 -6.42 -8.04
CA GLU A 113 12.17 -4.99 -8.38
C GLU A 113 12.34 -4.11 -7.12
N TYR A 114 12.18 -4.71 -5.92
CA TYR A 114 12.62 -4.11 -4.65
C TYR A 114 14.16 -4.17 -4.62
N HIS A 115 14.79 -3.30 -5.41
CA HIS A 115 16.24 -3.18 -5.47
C HIS A 115 16.73 -2.45 -4.20
N ALA A 116 17.03 -3.23 -3.16
CA ALA A 116 17.59 -2.72 -1.89
C ALA A 116 18.45 -3.81 -1.24
N GLU A 117 19.49 -3.39 -0.49
CA GLU A 117 20.48 -4.31 0.12
C GLU A 117 19.81 -5.23 1.15
N ASN A 118 19.13 -4.61 2.13
CA ASN A 118 18.37 -5.32 3.17
C ASN A 118 17.10 -5.92 2.55
N LEU A 119 16.34 -5.06 1.86
CA LEU A 119 15.07 -5.41 1.22
C LEU A 119 15.31 -5.96 -0.20
N LYS A 120 15.90 -7.16 -0.25
CA LYS A 120 16.38 -7.79 -1.51
C LYS A 120 15.31 -8.70 -2.14
N GLY A 121 14.10 -8.13 -2.36
CA GLY A 121 12.96 -8.87 -2.90
C GLY A 121 12.53 -10.01 -1.97
N LYS A 122 12.39 -9.68 -0.69
CA LYS A 122 12.14 -10.65 0.39
C LYS A 122 10.65 -10.63 0.82
N ALA A 123 10.27 -11.53 1.73
CA ALA A 123 8.86 -11.66 2.19
C ALA A 123 8.61 -10.82 3.46
N ALA A 124 7.50 -10.08 3.48
CA ALA A 124 7.03 -9.29 4.64
C ALA A 124 5.78 -9.91 5.24
N LYS A 125 5.49 -9.57 6.50
CA LYS A 125 4.29 -10.00 7.22
C LYS A 125 3.62 -8.77 7.87
N PHE A 126 2.29 -8.70 7.75
CA PHE A 126 1.49 -7.59 8.27
C PHE A 126 0.39 -8.16 9.18
N ALA A 127 0.64 -8.15 10.49
CA ALA A 127 -0.32 -8.59 11.52
C ALA A 127 -1.27 -7.43 11.85
N ILE A 128 -2.35 -7.30 11.07
CA ILE A 128 -3.23 -6.12 11.10
C ILE A 128 -4.67 -6.49 10.70
N ASN A 129 -5.62 -5.73 11.24
CA ASN A 129 -7.04 -5.80 10.87
C ASN A 129 -7.29 -5.20 9.47
N LEU A 130 -8.27 -5.76 8.75
CA LEU A 130 -8.83 -5.10 7.55
C LEU A 130 -9.50 -3.82 8.06
N LYS A 131 -9.04 -2.67 7.54
CA LYS A 131 -9.30 -1.37 8.16
C LYS A 131 -10.79 -1.04 8.12
N LYS A 132 -11.30 -0.77 6.91
CA LYS A 132 -12.66 -0.26 6.76
C LYS A 132 -13.21 -0.45 5.33
N VAL A 133 -14.52 -0.76 5.26
CA VAL A 133 -15.31 -0.80 4.01
C VAL A 133 -16.15 0.50 3.84
N GLU A 134 -16.12 1.42 4.84
CA GLU A 134 -16.65 2.81 4.67
C GLU A 134 -15.80 3.59 3.66
N GLU A 135 -14.51 3.19 3.58
CA GLU A 135 -13.54 3.63 2.56
C GLU A 135 -13.00 5.06 2.84
N ARG A 136 -11.65 5.21 2.87
CA ARG A 136 -10.95 6.47 3.22
C ARG A 136 -10.23 7.05 1.99
N GLU A 137 -10.77 8.16 1.45
CA GLU A 137 -10.09 8.90 0.36
C GLU A 137 -8.95 9.76 0.95
N LEU A 138 -7.75 9.13 1.01
CA LEU A 138 -6.48 9.73 1.49
C LEU A 138 -6.69 10.58 2.77
N PRO A 139 -6.91 9.92 3.94
CA PRO A 139 -7.30 10.60 5.18
C PRO A 139 -6.15 11.43 5.79
N GLU A 140 -6.49 12.63 6.27
CA GLU A 140 -5.55 13.53 6.96
C GLU A 140 -5.37 13.05 8.42
N LEU A 141 -4.46 13.72 9.16
CA LEU A 141 -4.13 13.34 10.55
C LEU A 141 -5.31 13.68 11.48
N THR A 142 -6.30 12.76 11.53
CA THR A 142 -7.54 12.94 12.28
C THR A 142 -7.34 12.46 13.74
N GLY A 1 -0.46 9.06 -14.29
CA GLY A 1 -0.18 8.29 -13.06
C GLY A 1 -1.14 8.60 -11.95
N ILE A 2 -0.99 7.91 -10.80
CA ILE A 2 -1.82 8.17 -9.60
C ILE A 2 -1.46 9.55 -8.98
N ALA A 3 -0.19 9.98 -9.15
CA ALA A 3 0.28 11.32 -8.76
C ALA A 3 -0.32 12.40 -9.69
N GLU A 4 -0.63 12.02 -10.94
CA GLU A 4 -1.33 12.89 -11.89
C GLU A 4 -2.86 12.89 -11.62
N ALA A 5 -3.42 11.73 -11.24
CA ALA A 5 -4.87 11.55 -11.01
C ALA A 5 -5.32 12.34 -9.78
N ALA A 6 -4.53 12.20 -8.72
CA ALA A 6 -4.67 12.98 -7.48
C ALA A 6 -3.97 14.34 -7.65
N PHE A 7 -4.58 15.40 -7.10
CA PHE A 7 -3.98 16.77 -7.04
C PHE A 7 -2.66 16.71 -6.27
N ASN A 8 -1.53 16.77 -6.99
CA ASN A 8 -0.18 16.62 -6.41
C ASN A 8 0.58 17.96 -6.48
N LYS A 9 1.05 18.44 -5.32
CA LYS A 9 1.87 19.68 -5.24
C LYS A 9 3.32 19.41 -5.68
N GLY A 10 3.77 18.16 -5.46
CA GLY A 10 5.02 17.66 -6.02
C GLY A 10 4.92 17.44 -7.52
N GLU A 11 6.06 17.20 -8.17
CA GLU A 11 6.11 16.90 -9.62
C GLU A 11 5.29 15.62 -9.89
N THR A 12 4.38 15.68 -10.88
CA THR A 12 3.48 14.58 -11.23
C THR A 12 4.27 13.40 -11.80
N ALA A 13 4.56 12.43 -10.92
CA ALA A 13 5.26 11.20 -11.27
C ALA A 13 4.28 10.15 -11.83
N MET A 14 4.81 8.98 -12.19
CA MET A 14 4.03 7.83 -12.65
C MET A 14 3.27 7.18 -11.47
N THR A 15 2.46 6.15 -11.78
CA THR A 15 1.68 5.41 -10.76
C THR A 15 2.63 4.58 -9.85
N ILE A 16 2.10 4.19 -8.67
CA ILE A 16 2.81 3.32 -7.70
C ILE A 16 3.28 2.04 -8.42
N ASN A 17 4.61 1.83 -8.45
CA ASN A 17 5.25 0.73 -9.21
C ASN A 17 5.72 -0.39 -8.26
N GLY A 18 4.80 -1.33 -7.99
CA GLY A 18 5.06 -2.56 -7.22
C GLY A 18 5.56 -2.30 -5.80
N PRO A 19 6.86 -2.65 -5.48
CA PRO A 19 7.50 -2.30 -4.19
C PRO A 19 7.68 -0.78 -4.02
N TRP A 20 7.40 -0.30 -2.81
CA TRP A 20 7.46 1.14 -2.44
C TRP A 20 8.88 1.55 -2.03
N ALA A 21 9.32 2.74 -2.51
CA ALA A 21 10.58 3.38 -2.09
C ALA A 21 10.28 4.43 -1.02
N TRP A 22 10.43 4.03 0.25
CA TRP A 22 10.19 4.92 1.41
C TRP A 22 11.36 5.92 1.60
N SER A 23 12.52 5.58 1.05
CA SER A 23 13.73 6.41 1.14
C SER A 23 13.70 7.50 0.05
N ASN A 24 13.35 8.75 0.47
CA ASN A 24 13.31 9.94 -0.43
C ASN A 24 14.74 10.38 -0.81
N ILE A 25 14.87 10.91 -2.05
CA ILE A 25 16.16 11.35 -2.69
C ILE A 25 17.31 10.32 -2.41
N ASP A 26 16.97 9.02 -2.51
CA ASP A 26 17.86 7.88 -2.17
C ASP A 26 19.10 7.86 -3.11
N THR A 27 18.92 7.34 -4.34
CA THR A 27 19.95 7.34 -5.40
C THR A 27 19.38 7.97 -6.70
N SER A 28 18.16 8.51 -6.57
CA SER A 28 17.42 9.22 -7.65
C SER A 28 16.46 10.22 -6.97
N LYS A 29 15.68 10.98 -7.78
CA LYS A 29 14.71 11.96 -7.25
C LYS A 29 13.44 11.21 -6.78
N VAL A 30 13.56 10.53 -5.63
CA VAL A 30 12.46 9.76 -5.04
C VAL A 30 11.60 10.68 -4.17
N GLY A 31 10.36 10.97 -4.64
CA GLY A 31 9.41 11.81 -3.89
C GLY A 31 9.93 13.22 -3.64
N SER A 32 10.30 13.50 -2.38
CA SER A 32 10.87 14.79 -1.93
C SER A 32 11.20 14.68 -0.43
N GLY A 33 12.38 15.23 -0.04
CA GLY A 33 12.82 15.26 1.37
C GLY A 33 11.88 16.08 2.26
N SER A 34 10.96 15.37 2.95
CA SER A 34 9.90 15.97 3.80
C SER A 34 8.87 16.78 2.97
N GLY A 35 8.89 16.59 1.64
CA GLY A 35 7.96 17.26 0.72
C GLY A 35 6.78 16.37 0.36
N SER A 36 6.43 15.45 1.28
CA SER A 36 5.34 14.50 1.12
C SER A 36 3.99 15.18 1.46
N GLY A 37 3.40 15.85 0.46
CA GLY A 37 2.09 16.49 0.62
C GLY A 37 0.95 15.47 0.63
N SER A 38 -0.15 15.80 1.35
CA SER A 38 -1.32 14.90 1.49
C SER A 38 -1.96 14.57 0.12
N GLY A 39 -1.90 15.56 -0.79
CA GLY A 39 -2.49 15.46 -2.12
C GLY A 39 -4.01 15.45 -2.06
N SER A 40 -4.63 14.46 -2.71
CA SER A 40 -6.08 14.22 -2.64
C SER A 40 -6.36 12.71 -2.75
N GLN A 41 -7.19 12.20 -1.85
CA GLN A 41 -7.64 10.81 -1.87
C GLN A 41 -8.95 10.70 -2.68
N ALA A 42 -9.17 9.52 -3.30
CA ALA A 42 -10.41 9.19 -4.03
C ALA A 42 -11.61 9.14 -3.06
N THR A 43 -12.79 9.55 -3.55
CA THR A 43 -14.00 9.59 -2.72
C THR A 43 -14.60 8.18 -2.57
N TRP A 44 -14.92 7.81 -1.33
CA TRP A 44 -15.41 6.46 -0.97
C TRP A 44 -16.84 6.52 -0.44
N LYS A 45 -17.53 5.38 -0.56
CA LYS A 45 -18.86 5.16 -0.02
C LYS A 45 -18.81 3.97 0.94
N GLU A 46 -19.82 3.88 1.81
CA GLU A 46 -19.94 2.80 2.78
C GLU A 46 -20.13 1.48 2.02
N LYS A 47 -19.20 0.56 2.21
CA LYS A 47 -19.19 -0.77 1.57
C LYS A 47 -19.66 -1.85 2.55
N ASP A 48 -20.26 -2.91 2.00
CA ASP A 48 -20.60 -4.14 2.73
C ASP A 48 -20.36 -5.35 1.80
N GLY A 49 -20.68 -6.55 2.31
CA GLY A 49 -20.38 -7.80 1.61
C GLY A 49 -18.93 -8.21 1.80
N ALA A 50 -18.42 -9.10 0.92
CA ALA A 50 -17.02 -9.58 0.98
C ALA A 50 -16.22 -8.96 -0.17
N VAL A 51 -14.92 -8.71 0.10
CA VAL A 51 -13.97 -8.15 -0.88
C VAL A 51 -13.73 -9.18 -2.01
N GLU A 52 -13.86 -8.71 -3.25
CA GLU A 52 -13.78 -9.52 -4.47
C GLU A 52 -12.36 -9.44 -5.06
N ALA A 53 -12.18 -10.10 -6.21
CA ALA A 53 -10.93 -10.03 -7.00
C ALA A 53 -10.76 -8.67 -7.70
N GLU A 54 -11.88 -7.95 -7.89
CA GLU A 54 -11.89 -6.62 -8.53
C GLU A 54 -12.17 -5.50 -7.50
N ASP A 55 -12.68 -5.88 -6.32
CA ASP A 55 -13.25 -4.92 -5.36
C ASP A 55 -12.16 -4.21 -4.55
N ARG A 56 -12.51 -3.02 -4.04
CA ARG A 56 -11.60 -2.14 -3.28
C ARG A 56 -11.96 -2.18 -1.78
N VAL A 57 -10.90 -2.24 -0.95
CA VAL A 57 -10.99 -2.26 0.51
C VAL A 57 -9.88 -1.35 1.08
N THR A 58 -10.08 -0.76 2.26
CA THR A 58 -9.04 0.05 2.90
C THR A 58 -8.37 -0.77 3.99
N ILE A 59 -7.07 -0.97 3.82
CA ILE A 59 -6.24 -1.74 4.75
C ILE A 59 -5.19 -0.83 5.42
N ASP A 60 -4.46 -1.42 6.36
CA ASP A 60 -3.40 -0.76 7.12
C ASP A 60 -2.25 -1.78 7.18
N PHE A 61 -1.07 -1.48 6.61
CA PHE A 61 0.02 -2.47 6.60
C PHE A 61 1.25 -1.94 7.37
N THR A 62 1.60 -2.69 8.44
CA THR A 62 2.75 -2.42 9.31
C THR A 62 3.04 -3.70 10.15
N GLY A 63 4.28 -3.81 10.66
CA GLY A 63 4.67 -4.96 11.49
C GLY A 63 6.15 -5.31 11.33
N SER A 64 6.45 -6.32 10.49
CA SER A 64 7.83 -6.80 10.29
C SER A 64 8.02 -7.33 8.85
N VAL A 65 9.28 -7.38 8.42
CA VAL A 65 9.72 -8.05 7.18
C VAL A 65 10.74 -9.16 7.54
N ASP A 66 10.45 -10.41 7.10
CA ASP A 66 11.27 -11.61 7.42
C ASP A 66 11.34 -11.84 8.97
N GLY A 67 10.31 -11.34 9.68
CA GLY A 67 10.18 -11.46 11.14
C GLY A 67 10.83 -10.31 11.91
N GLU A 68 11.67 -9.51 11.25
CA GLU A 68 12.37 -8.34 11.85
C GLU A 68 11.67 -7.05 11.43
N GLU A 69 11.51 -6.10 12.38
CA GLU A 69 10.85 -4.82 12.10
C GLU A 69 11.69 -3.95 11.15
N PHE A 70 10.98 -3.08 10.41
CA PHE A 70 11.56 -2.17 9.42
C PHE A 70 10.80 -0.83 9.45
N GLU A 71 11.56 0.27 9.33
CA GLU A 71 11.00 1.63 9.40
C GLU A 71 10.79 2.18 7.97
N GLY A 72 9.68 2.92 7.80
CA GLY A 72 9.37 3.64 6.57
C GLY A 72 8.47 2.87 5.62
N GLY A 73 8.70 1.54 5.51
CA GLY A 73 8.00 0.69 4.53
C GLY A 73 6.60 0.24 4.97
N LYS A 74 5.80 1.21 5.41
CA LYS A 74 4.45 0.99 5.95
C LYS A 74 3.55 2.19 5.62
N ALA A 75 2.23 1.95 5.58
CA ALA A 75 1.24 3.02 5.32
C ALA A 75 -0.09 2.70 6.03
N SER A 76 -0.65 3.74 6.66
CA SER A 76 -1.93 3.69 7.37
C SER A 76 -3.06 4.25 6.45
N ASP A 77 -4.27 3.67 6.58
CA ASP A 77 -5.49 4.12 5.85
C ASP A 77 -5.30 4.04 4.32
N PHE A 78 -4.55 3.03 3.88
CA PHE A 78 -4.22 2.83 2.46
C PHE A 78 -5.39 2.13 1.75
N VAL A 79 -5.88 2.76 0.67
CA VAL A 79 -7.04 2.26 -0.07
C VAL A 79 -6.56 1.34 -1.21
N LEU A 80 -6.62 0.02 -0.93
CA LEU A 80 -6.13 -1.01 -1.86
C LEU A 80 -7.29 -1.50 -2.74
N ALA A 81 -7.25 -1.14 -4.01
CA ALA A 81 -8.16 -1.66 -5.04
C ALA A 81 -7.54 -2.91 -5.65
N MET A 82 -8.34 -3.99 -5.74
CA MET A 82 -7.89 -5.26 -6.34
C MET A 82 -8.12 -5.26 -7.86
N GLY A 83 -7.35 -6.10 -8.55
CA GLY A 83 -7.28 -6.09 -10.01
C GLY A 83 -6.27 -5.07 -10.53
N GLN A 84 -5.50 -4.45 -9.60
CA GLN A 84 -4.46 -3.47 -9.93
C GLN A 84 -3.08 -4.14 -9.86
N GLY A 85 -2.29 -4.01 -10.94
CA GLY A 85 -0.89 -4.45 -10.95
C GLY A 85 0.07 -3.37 -10.44
N ARG A 86 -0.46 -2.40 -9.66
CA ARG A 86 0.31 -1.24 -9.14
C ARG A 86 1.07 -1.59 -7.86
N MET A 87 0.58 -2.61 -7.15
CA MET A 87 1.18 -3.06 -5.89
C MET A 87 1.94 -4.38 -6.09
N ILE A 88 2.62 -4.83 -5.03
CA ILE A 88 3.34 -6.11 -5.00
C ILE A 88 2.38 -7.31 -5.24
N PRO A 89 2.89 -8.45 -5.84
CA PRO A 89 2.05 -9.64 -6.12
C PRO A 89 1.51 -10.32 -4.84
N GLY A 90 2.09 -9.95 -3.67
CA GLY A 90 1.68 -10.48 -2.37
C GLY A 90 0.23 -10.15 -1.99
N PHE A 91 -0.23 -8.93 -2.34
CA PHE A 91 -1.59 -8.44 -2.03
C PHE A 91 -2.69 -9.21 -2.82
N GLU A 92 -2.26 -10.03 -3.82
CA GLU A 92 -3.17 -10.86 -4.63
C GLU A 92 -3.86 -11.96 -3.76
N ASP A 93 -3.30 -12.23 -2.57
CA ASP A 93 -3.89 -13.11 -1.56
C ASP A 93 -3.62 -12.53 -0.16
N GLY A 94 -4.69 -12.21 0.59
CA GLY A 94 -4.56 -11.73 1.97
C GLY A 94 -5.80 -11.00 2.48
N ILE A 95 -6.37 -10.13 1.64
CA ILE A 95 -7.47 -9.19 2.04
C ILE A 95 -8.80 -9.51 1.34
N LYS A 96 -8.78 -10.49 0.43
CA LYS A 96 -9.94 -10.90 -0.38
C LYS A 96 -10.70 -12.07 0.31
N GLY A 97 -11.96 -12.28 -0.10
CA GLY A 97 -12.77 -13.41 0.39
C GLY A 97 -13.28 -13.24 1.82
N HIS A 98 -13.19 -11.99 2.35
CA HIS A 98 -13.65 -11.65 3.70
C HIS A 98 -13.88 -10.13 3.83
N LYS A 99 -14.17 -9.67 5.05
CA LYS A 99 -14.71 -8.32 5.32
C LYS A 99 -13.76 -7.51 6.23
N ALA A 100 -14.09 -6.22 6.44
CA ALA A 100 -13.36 -5.33 7.36
C ALA A 100 -13.76 -5.55 8.82
N GLY A 101 -12.95 -5.00 9.76
CA GLY A 101 -13.23 -5.06 11.20
C GLY A 101 -12.56 -6.24 11.92
N GLU A 102 -12.15 -7.25 11.13
CA GLU A 102 -11.45 -8.45 11.64
C GLU A 102 -9.93 -8.21 11.69
N GLU A 103 -9.24 -8.91 12.60
CA GLU A 103 -7.77 -8.86 12.72
C GLU A 103 -7.15 -10.18 12.23
N PHE A 104 -6.01 -10.09 11.54
CA PHE A 104 -5.28 -11.24 10.96
C PHE A 104 -3.82 -10.85 10.67
N THR A 105 -3.01 -11.87 10.35
CA THR A 105 -1.65 -11.69 9.84
C THR A 105 -1.60 -12.18 8.38
N ILE A 106 -0.90 -11.43 7.51
CA ILE A 106 -0.70 -11.82 6.09
C ILE A 106 0.78 -11.72 5.71
N ASP A 107 1.28 -12.76 5.03
CA ASP A 107 2.63 -12.78 4.46
C ASP A 107 2.55 -12.48 2.95
N VAL A 108 3.33 -11.48 2.53
CA VAL A 108 3.36 -10.98 1.14
C VAL A 108 4.81 -11.07 0.61
N THR A 109 4.98 -11.56 -0.62
CA THR A 109 6.32 -11.74 -1.22
C THR A 109 6.62 -10.56 -2.18
N PHE A 110 7.79 -9.95 -1.98
CA PHE A 110 8.29 -8.86 -2.84
C PHE A 110 9.16 -9.44 -3.98
N PRO A 111 9.19 -8.79 -5.18
CA PRO A 111 10.15 -9.13 -6.25
C PRO A 111 11.62 -8.84 -5.82
N GLU A 112 12.55 -9.69 -6.29
CA GLU A 112 14.02 -9.52 -6.08
C GLU A 112 14.55 -8.30 -6.85
N GLU A 113 13.73 -7.77 -7.76
CA GLU A 113 14.00 -6.50 -8.48
C GLU A 113 13.52 -5.26 -7.67
N TYR A 114 13.32 -5.46 -6.34
CA TYR A 114 13.02 -4.37 -5.38
C TYR A 114 14.15 -3.33 -5.43
N HIS A 115 13.81 -2.07 -5.72
CA HIS A 115 14.77 -0.94 -5.83
C HIS A 115 15.23 -0.43 -4.43
N ALA A 116 15.92 -1.33 -3.70
CA ALA A 116 16.42 -1.12 -2.33
C ALA A 116 17.21 -2.39 -1.96
N GLU A 117 18.53 -2.22 -1.74
CA GLU A 117 19.51 -3.33 -1.63
C GLU A 117 19.18 -4.29 -0.45
N ASN A 118 18.81 -3.71 0.70
CA ASN A 118 18.50 -4.47 1.94
C ASN A 118 17.18 -5.25 1.82
N LEU A 119 16.33 -4.85 0.86
CA LEU A 119 14.97 -5.39 0.68
C LEU A 119 14.95 -6.42 -0.50
N LYS A 120 16.01 -7.22 -0.59
CA LYS A 120 16.23 -8.26 -1.63
C LYS A 120 15.11 -9.39 -1.64
N GLY A 121 13.99 -9.10 -2.34
CA GLY A 121 12.96 -10.09 -2.72
C GLY A 121 12.33 -10.97 -1.63
N LYS A 122 12.58 -10.65 -0.34
CA LYS A 122 12.06 -11.43 0.80
C LYS A 122 10.55 -11.16 1.04
N ALA A 123 9.95 -11.96 1.92
CA ALA A 123 8.52 -11.84 2.31
C ALA A 123 8.38 -11.06 3.63
N ALA A 124 7.35 -10.20 3.71
CA ALA A 124 7.00 -9.44 4.93
C ALA A 124 5.71 -9.99 5.53
N LYS A 125 5.50 -9.71 6.82
CA LYS A 125 4.29 -10.09 7.56
C LYS A 125 3.65 -8.84 8.19
N PHE A 126 2.34 -8.67 7.97
CA PHE A 126 1.57 -7.55 8.50
C PHE A 126 0.47 -8.10 9.41
N ALA A 127 0.80 -8.17 10.72
CA ALA A 127 -0.12 -8.58 11.78
C ALA A 127 -0.90 -7.35 12.26
N ILE A 128 -2.10 -7.17 11.70
CA ILE A 128 -2.88 -5.94 11.82
C ILE A 128 -4.39 -6.23 11.62
N ASN A 129 -5.24 -5.39 12.22
CA ASN A 129 -6.68 -5.36 11.93
C ASN A 129 -6.93 -4.72 10.56
N LEU A 130 -7.79 -5.36 9.74
CA LEU A 130 -8.28 -4.77 8.48
C LEU A 130 -9.09 -3.52 8.86
N LYS A 131 -8.61 -2.37 8.36
CA LYS A 131 -9.07 -1.04 8.76
C LYS A 131 -10.60 -0.87 8.64
N LYS A 132 -11.08 -0.61 7.41
CA LYS A 132 -12.53 -0.40 7.14
C LYS A 132 -12.80 -0.26 5.64
N VAL A 133 -14.09 -0.04 5.32
CA VAL A 133 -14.59 -0.01 3.93
C VAL A 133 -15.54 1.19 3.71
N GLU A 134 -15.67 2.09 4.71
CA GLU A 134 -16.53 3.28 4.58
C GLU A 134 -15.84 4.39 3.76
N GLU A 135 -15.08 5.29 4.43
CA GLU A 135 -14.47 6.46 3.77
C GLU A 135 -13.25 6.99 4.56
N ARG A 136 -12.31 7.63 3.81
CA ARG A 136 -11.11 8.29 4.39
C ARG A 136 -10.42 9.15 3.31
N GLU A 137 -10.94 10.38 3.15
CA GLU A 137 -10.31 11.37 2.27
C GLU A 137 -9.36 12.25 3.10
N LEU A 138 -8.04 11.98 2.95
CA LEU A 138 -6.93 12.66 3.64
C LEU A 138 -6.99 12.37 5.17
N PRO A 139 -6.48 11.17 5.60
CA PRO A 139 -6.56 10.70 7.02
C PRO A 139 -5.52 11.37 7.96
N GLU A 140 -5.69 11.12 9.27
CA GLU A 140 -4.80 11.66 10.32
C GLU A 140 -3.49 10.85 10.40
N LEU A 141 -2.39 11.51 10.80
CA LEU A 141 -1.05 10.91 10.85
C LEU A 141 -0.96 9.88 11.99
N THR A 142 -0.90 8.60 11.62
CA THR A 142 -0.78 7.47 12.56
C THR A 142 0.56 6.73 12.29
N GLY A 1 8.34 10.22 -6.72
CA GLY A 1 8.17 8.77 -6.45
C GLY A 1 7.37 8.11 -7.55
N ILE A 2 6.19 7.58 -7.19
CA ILE A 2 5.31 6.87 -8.12
C ILE A 2 4.43 7.87 -8.91
N ALA A 3 4.22 7.58 -10.20
CA ALA A 3 3.46 8.46 -11.11
C ALA A 3 1.97 8.55 -10.73
N GLU A 4 1.42 7.42 -10.26
CA GLU A 4 0.01 7.35 -9.79
C GLU A 4 -0.14 8.09 -8.45
N ALA A 5 0.94 8.02 -7.62
CA ALA A 5 1.01 8.71 -6.32
C ALA A 5 1.11 10.23 -6.48
N ALA A 6 1.63 10.67 -7.65
CA ALA A 6 1.71 12.11 -8.01
C ALA A 6 0.31 12.75 -8.14
N PHE A 7 0.25 14.09 -7.99
CA PHE A 7 -1.02 14.86 -8.01
C PHE A 7 -1.69 14.74 -9.39
N ASN A 8 -2.87 14.13 -9.42
CA ASN A 8 -3.62 13.86 -10.65
C ASN A 8 -4.99 14.57 -10.60
N LYS A 9 -5.39 15.17 -11.74
CA LYS A 9 -6.66 15.91 -11.90
C LYS A 9 -7.81 14.99 -12.34
N GLY A 10 -7.52 13.70 -12.53
CA GLY A 10 -8.53 12.70 -12.90
C GLY A 10 -8.85 11.83 -11.70
N GLU A 11 -10.14 11.82 -11.27
CA GLU A 11 -10.55 11.21 -9.97
C GLU A 11 -10.16 9.72 -9.90
N THR A 12 -9.03 9.45 -9.24
CA THR A 12 -8.48 8.09 -9.03
C THR A 12 -7.93 7.96 -7.59
N ALA A 13 -7.51 6.73 -7.24
CA ALA A 13 -6.77 6.47 -5.99
C ALA A 13 -5.27 6.43 -6.29
N MET A 14 -4.48 7.22 -5.54
CA MET A 14 -3.02 7.31 -5.71
C MET A 14 -2.36 5.95 -5.33
N THR A 15 -2.05 5.16 -6.36
CA THR A 15 -1.50 3.80 -6.22
C THR A 15 0.04 3.85 -6.26
N ILE A 16 0.68 2.81 -5.69
CA ILE A 16 2.13 2.62 -5.73
C ILE A 16 2.49 1.54 -6.78
N ASN A 17 3.58 1.76 -7.52
CA ASN A 17 4.07 0.82 -8.54
C ASN A 17 5.09 -0.15 -7.90
N GLY A 18 4.73 -1.43 -7.87
CA GLY A 18 5.62 -2.50 -7.42
C GLY A 18 6.00 -2.36 -5.96
N PRO A 19 7.31 -2.54 -5.60
CA PRO A 19 7.80 -2.29 -4.25
C PRO A 19 8.14 -0.80 -4.01
N TRP A 20 7.79 -0.30 -2.83
CA TRP A 20 8.16 1.06 -2.37
C TRP A 20 9.49 0.96 -1.58
N ALA A 21 10.57 1.56 -2.11
CA ALA A 21 11.90 1.43 -1.51
C ALA A 21 12.26 2.63 -0.63
N TRP A 22 12.43 2.38 0.67
CA TRP A 22 12.99 3.36 1.60
C TRP A 22 14.48 3.04 1.78
N SER A 23 15.24 3.24 0.69
CA SER A 23 16.69 3.11 0.72
C SER A 23 17.27 4.49 1.10
N ASN A 24 17.30 4.74 2.42
CA ASN A 24 17.65 6.05 3.01
C ASN A 24 19.13 6.41 2.71
N ILE A 25 19.35 7.70 2.35
CA ILE A 25 20.66 8.31 1.94
C ILE A 25 21.38 7.56 0.77
N ASP A 26 20.67 6.62 0.11
CA ASP A 26 21.23 5.81 -0.99
C ASP A 26 20.58 6.24 -2.31
N THR A 27 21.37 6.18 -3.42
CA THR A 27 20.96 6.59 -4.78
C THR A 27 20.96 8.13 -4.92
N SER A 28 20.21 8.81 -4.02
CA SER A 28 20.16 10.26 -3.91
C SER A 28 20.06 10.67 -2.43
N LYS A 29 20.05 11.98 -2.16
CA LYS A 29 19.85 12.51 -0.79
C LYS A 29 18.39 12.28 -0.31
N VAL A 30 18.19 11.16 0.41
CA VAL A 30 16.86 10.79 0.95
C VAL A 30 16.69 11.40 2.34
N GLY A 31 16.24 12.67 2.34
CA GLY A 31 15.95 13.42 3.57
C GLY A 31 14.92 14.52 3.34
N SER A 32 14.14 14.39 2.26
CA SER A 32 13.04 15.32 1.94
C SER A 32 11.82 15.01 2.83
N GLY A 33 11.83 15.55 4.07
CA GLY A 33 10.74 15.37 5.03
C GLY A 33 9.66 16.45 4.88
N SER A 34 9.28 16.71 3.61
CA SER A 34 8.31 17.74 3.22
C SER A 34 7.60 17.28 1.93
N GLY A 35 6.35 17.73 1.75
CA GLY A 35 5.54 17.37 0.58
C GLY A 35 4.17 16.90 1.02
N SER A 36 3.17 17.81 0.96
CA SER A 36 1.78 17.50 1.32
C SER A 36 1.12 16.69 0.19
N GLY A 37 1.29 15.35 0.24
CA GLY A 37 0.81 14.43 -0.80
C GLY A 37 -0.69 14.16 -0.70
N SER A 38 -1.49 15.16 -1.05
CA SER A 38 -2.95 15.08 -1.07
C SER A 38 -3.46 15.25 -2.51
N GLY A 39 -3.61 14.11 -3.22
CA GLY A 39 -4.08 14.09 -4.60
C GLY A 39 -5.60 14.15 -4.70
N SER A 40 -6.21 13.15 -5.39
CA SER A 40 -7.67 13.04 -5.52
C SER A 40 -8.25 12.34 -4.29
N GLN A 41 -9.21 13.01 -3.62
CA GLN A 41 -9.96 12.43 -2.49
C GLN A 41 -10.68 11.15 -2.96
N ALA A 42 -10.25 10.01 -2.42
CA ALA A 42 -10.85 8.71 -2.73
C ALA A 42 -12.27 8.66 -2.14
N THR A 43 -13.29 8.85 -3.01
CA THR A 43 -14.70 8.75 -2.62
C THR A 43 -15.09 7.25 -2.53
N TRP A 44 -15.74 6.88 -1.42
CA TRP A 44 -16.05 5.47 -1.10
C TRP A 44 -17.51 5.29 -0.67
N LYS A 45 -17.96 4.04 -0.77
CA LYS A 45 -19.30 3.58 -0.31
C LYS A 45 -19.16 2.20 0.34
N GLU A 46 -20.10 1.87 1.23
CA GLU A 46 -20.03 0.68 2.10
C GLU A 46 -20.17 -0.63 1.30
N LYS A 47 -19.28 -1.61 1.59
CA LYS A 47 -19.41 -2.99 1.09
C LYS A 47 -20.10 -3.83 2.18
N ASP A 48 -21.07 -4.65 1.78
CA ASP A 48 -21.75 -5.59 2.68
C ASP A 48 -21.21 -7.02 2.42
N GLY A 49 -21.05 -7.80 3.50
CA GLY A 49 -20.43 -9.12 3.43
C GLY A 49 -18.91 -9.03 3.41
N ALA A 50 -18.27 -9.74 2.46
CA ALA A 50 -16.81 -9.85 2.37
C ALA A 50 -16.23 -9.02 1.20
N VAL A 51 -14.90 -8.84 1.22
CA VAL A 51 -14.12 -8.25 0.12
C VAL A 51 -14.06 -9.26 -1.04
N GLU A 52 -14.32 -8.79 -2.26
CA GLU A 52 -14.42 -9.66 -3.46
C GLU A 52 -13.08 -9.67 -4.22
N ALA A 53 -13.02 -10.51 -5.28
CA ALA A 53 -11.77 -10.81 -6.02
C ALA A 53 -11.21 -9.59 -6.78
N GLU A 54 -12.11 -8.79 -7.36
CA GLU A 54 -11.76 -7.58 -8.14
C GLU A 54 -12.13 -6.29 -7.38
N ASP A 55 -12.73 -6.42 -6.18
CA ASP A 55 -13.28 -5.29 -5.42
C ASP A 55 -12.16 -4.54 -4.68
N ARG A 56 -12.34 -3.23 -4.45
CA ARG A 56 -11.37 -2.39 -3.73
C ARG A 56 -11.83 -2.19 -2.28
N VAL A 57 -10.88 -2.25 -1.34
CA VAL A 57 -11.13 -2.04 0.09
C VAL A 57 -9.98 -1.24 0.73
N THR A 58 -10.31 -0.36 1.69
CA THR A 58 -9.30 0.39 2.43
C THR A 58 -8.68 -0.52 3.50
N ILE A 59 -7.37 -0.74 3.40
CA ILE A 59 -6.62 -1.61 4.30
C ILE A 59 -5.59 -0.79 5.09
N ASP A 60 -4.87 -1.49 5.96
CA ASP A 60 -3.78 -0.93 6.76
C ASP A 60 -2.64 -1.96 6.73
N PHE A 61 -1.36 -1.55 6.80
CA PHE A 61 -0.25 -2.54 6.84
C PHE A 61 0.94 -2.02 7.66
N THR A 62 1.38 -2.86 8.62
CA THR A 62 2.56 -2.65 9.44
C THR A 62 2.92 -3.97 10.18
N GLY A 63 4.13 -4.04 10.73
CA GLY A 63 4.60 -5.22 11.47
C GLY A 63 6.08 -5.49 11.20
N SER A 64 6.36 -6.50 10.36
CA SER A 64 7.73 -6.89 10.00
C SER A 64 7.77 -7.45 8.57
N VAL A 65 8.98 -7.63 8.05
CA VAL A 65 9.22 -8.21 6.75
C VAL A 65 10.20 -9.39 6.95
N ASP A 66 9.66 -10.62 6.89
CA ASP A 66 10.39 -11.87 7.20
C ASP A 66 10.97 -11.83 8.65
N GLY A 67 10.25 -11.17 9.57
CA GLY A 67 10.68 -11.00 10.96
C GLY A 67 11.50 -9.74 11.23
N GLU A 68 11.88 -9.02 10.15
CA GLU A 68 12.76 -7.83 10.21
C GLU A 68 11.90 -6.55 10.29
N GLU A 69 12.21 -5.66 11.24
CA GLU A 69 11.48 -4.40 11.42
C GLU A 69 12.01 -3.34 10.42
N PHE A 70 11.13 -2.87 9.53
CA PHE A 70 11.47 -1.97 8.40
C PHE A 70 10.94 -0.53 8.68
N GLU A 71 11.85 0.46 8.67
CA GLU A 71 11.50 1.87 8.90
C GLU A 71 11.10 2.56 7.57
N GLY A 72 10.08 3.43 7.63
CA GLY A 72 9.64 4.23 6.48
C GLY A 72 9.03 3.42 5.34
N GLY A 73 8.27 2.35 5.68
CA GLY A 73 7.68 1.46 4.67
C GLY A 73 6.27 1.00 5.03
N LYS A 74 5.64 1.64 6.01
CA LYS A 74 4.28 1.29 6.47
C LYS A 74 3.32 2.45 6.14
N ALA A 75 2.09 2.11 5.74
CA ALA A 75 1.04 3.12 5.44
C ALA A 75 -0.27 2.70 6.10
N SER A 76 -0.89 3.68 6.78
CA SER A 76 -2.18 3.53 7.44
C SER A 76 -3.28 4.15 6.58
N ASP A 77 -4.52 3.63 6.71
CA ASP A 77 -5.73 4.17 6.02
C ASP A 77 -5.55 4.11 4.49
N PHE A 78 -4.75 3.12 4.03
CA PHE A 78 -4.31 3.02 2.65
C PHE A 78 -5.40 2.36 1.80
N VAL A 79 -5.79 3.04 0.70
CA VAL A 79 -6.89 2.58 -0.16
C VAL A 79 -6.32 1.68 -1.28
N LEU A 80 -6.60 0.36 -1.17
CA LEU A 80 -6.02 -0.69 -2.03
C LEU A 80 -7.08 -1.28 -2.96
N ALA A 81 -6.81 -1.22 -4.27
CA ALA A 81 -7.67 -1.78 -5.32
C ALA A 81 -7.19 -3.18 -5.73
N MET A 82 -8.13 -4.15 -5.81
CA MET A 82 -7.82 -5.52 -6.31
C MET A 82 -7.97 -5.60 -7.84
N GLY A 83 -7.25 -6.57 -8.43
CA GLY A 83 -7.18 -6.71 -9.89
C GLY A 83 -6.08 -5.84 -10.49
N GLN A 84 -5.23 -5.24 -9.63
CA GLN A 84 -4.19 -4.30 -10.08
C GLN A 84 -2.83 -5.00 -10.18
N GLY A 85 -2.19 -4.89 -11.37
CA GLY A 85 -0.82 -5.34 -11.58
C GLY A 85 0.19 -4.23 -11.41
N ARG A 86 -0.30 -3.01 -11.06
CA ARG A 86 0.54 -1.84 -10.81
C ARG A 86 1.46 -2.08 -9.60
N MET A 87 0.89 -2.62 -8.52
CA MET A 87 1.60 -2.86 -7.24
C MET A 87 2.06 -4.33 -7.18
N ILE A 88 2.81 -4.70 -6.10
CA ILE A 88 3.25 -6.08 -5.83
C ILE A 88 2.10 -7.13 -5.95
N PRO A 89 2.39 -8.37 -6.45
CA PRO A 89 1.36 -9.45 -6.57
C PRO A 89 0.94 -9.99 -5.18
N GLY A 90 1.74 -9.65 -4.15
CA GLY A 90 1.48 -10.05 -2.78
C GLY A 90 0.14 -9.55 -2.25
N PHE A 91 -0.16 -8.26 -2.51
CA PHE A 91 -1.42 -7.61 -2.06
C PHE A 91 -2.66 -8.23 -2.73
N GLU A 92 -2.46 -8.91 -3.88
CA GLU A 92 -3.56 -9.56 -4.64
C GLU A 92 -4.07 -10.83 -3.93
N ASP A 93 -3.55 -11.11 -2.72
CA ASP A 93 -4.05 -12.15 -1.80
C ASP A 93 -3.90 -11.65 -0.35
N GLY A 94 -4.84 -12.05 0.52
CA GLY A 94 -4.74 -11.80 1.97
C GLY A 94 -5.94 -11.07 2.55
N ILE A 95 -6.47 -10.10 1.80
CA ILE A 95 -7.59 -9.22 2.27
C ILE A 95 -8.95 -9.72 1.77
N LYS A 96 -8.90 -10.68 0.85
CA LYS A 96 -10.07 -11.14 0.06
C LYS A 96 -10.78 -12.31 0.75
N GLY A 97 -12.08 -12.49 0.42
CA GLY A 97 -12.89 -13.58 0.99
C GLY A 97 -13.19 -13.46 2.48
N HIS A 98 -13.06 -12.22 3.02
CA HIS A 98 -13.38 -11.93 4.43
C HIS A 98 -13.67 -10.43 4.62
N LYS A 99 -14.08 -10.05 5.84
CA LYS A 99 -14.65 -8.72 6.13
C LYS A 99 -13.59 -7.77 6.71
N ALA A 100 -13.96 -6.47 6.88
CA ALA A 100 -13.12 -5.48 7.57
C ALA A 100 -13.33 -5.54 9.10
N GLY A 101 -12.46 -4.84 9.84
CA GLY A 101 -12.58 -4.69 11.30
C GLY A 101 -11.88 -5.81 12.06
N GLU A 102 -11.83 -7.01 11.45
CA GLU A 102 -11.10 -8.17 11.96
C GLU A 102 -9.59 -7.94 11.86
N GLU A 103 -8.83 -8.52 12.79
CA GLU A 103 -7.36 -8.43 12.79
C GLU A 103 -6.77 -9.82 12.51
N PHE A 104 -5.74 -9.83 11.65
CA PHE A 104 -5.16 -11.04 11.07
C PHE A 104 -3.69 -10.78 10.68
N THR A 105 -2.98 -11.86 10.33
CA THR A 105 -1.63 -11.75 9.75
C THR A 105 -1.66 -12.24 8.30
N ILE A 106 -1.01 -11.50 7.39
CA ILE A 106 -0.89 -11.87 5.96
C ILE A 106 0.55 -11.77 5.50
N ASP A 107 0.87 -12.44 4.40
CA ASP A 107 2.21 -12.41 3.80
C ASP A 107 2.11 -11.97 2.33
N VAL A 108 2.96 -11.01 1.96
CA VAL A 108 3.06 -10.47 0.59
C VAL A 108 4.52 -10.63 0.12
N THR A 109 4.75 -11.12 -1.10
CA THR A 109 6.12 -11.27 -1.63
C THR A 109 6.44 -10.11 -2.59
N PHE A 110 7.46 -9.32 -2.23
CA PHE A 110 8.02 -8.27 -3.08
C PHE A 110 8.95 -8.92 -4.13
N PRO A 111 8.97 -8.40 -5.41
CA PRO A 111 9.91 -8.90 -6.44
C PRO A 111 11.35 -8.36 -6.22
N GLU A 112 12.30 -8.91 -6.98
CA GLU A 112 13.74 -8.50 -6.92
C GLU A 112 13.95 -7.04 -7.38
N GLU A 113 12.88 -6.40 -7.91
CA GLU A 113 12.86 -4.98 -8.29
C GLU A 113 13.09 -4.06 -7.07
N TYR A 114 12.90 -4.63 -5.85
CA TYR A 114 13.09 -3.93 -4.57
C TYR A 114 14.60 -3.62 -4.39
N HIS A 115 15.02 -2.46 -4.91
CA HIS A 115 16.40 -1.97 -4.78
C HIS A 115 16.67 -1.51 -3.33
N ALA A 116 17.14 -2.47 -2.51
CA ALA A 116 17.59 -2.26 -1.12
C ALA A 116 18.37 -3.49 -0.63
N GLU A 117 19.31 -3.29 0.31
CA GLU A 117 20.18 -4.36 0.83
C GLU A 117 19.39 -5.35 1.70
N ASN A 118 18.76 -4.82 2.76
CA ASN A 118 17.88 -5.61 3.66
C ASN A 118 16.69 -6.16 2.88
N LEU A 119 16.02 -5.26 2.16
CA LEU A 119 14.83 -5.57 1.37
C LEU A 119 15.27 -6.02 -0.04
N LYS A 120 15.72 -7.28 -0.12
CA LYS A 120 16.26 -7.89 -1.36
C LYS A 120 15.16 -8.58 -2.20
N GLY A 121 13.92 -8.07 -2.10
CA GLY A 121 12.77 -8.72 -2.73
C GLY A 121 12.33 -9.93 -1.93
N LYS A 122 11.85 -9.66 -0.71
CA LYS A 122 11.50 -10.70 0.30
C LYS A 122 10.02 -10.58 0.70
N ALA A 123 9.56 -11.53 1.54
CA ALA A 123 8.16 -11.58 2.00
C ALA A 123 7.97 -10.73 3.27
N ALA A 124 6.90 -9.89 3.29
CA ALA A 124 6.52 -9.08 4.46
C ALA A 124 5.25 -9.60 5.09
N LYS A 125 5.25 -9.69 6.42
CA LYS A 125 4.13 -10.18 7.21
C LYS A 125 3.50 -9.03 8.01
N PHE A 126 2.19 -8.82 7.82
CA PHE A 126 1.46 -7.70 8.40
C PHE A 126 0.40 -8.23 9.35
N ALA A 127 0.73 -8.22 10.66
CA ALA A 127 -0.20 -8.55 11.74
C ALA A 127 -1.01 -7.29 12.09
N ILE A 128 -2.06 -7.04 11.30
CA ILE A 128 -2.81 -5.79 11.32
C ILE A 128 -4.30 -6.05 11.02
N ASN A 129 -5.16 -5.16 11.52
CA ASN A 129 -6.60 -5.17 11.21
C ASN A 129 -6.86 -4.59 9.81
N LEU A 130 -7.84 -5.16 9.11
CA LEU A 130 -8.37 -4.58 7.86
C LEU A 130 -9.12 -3.28 8.27
N LYS A 131 -8.82 -2.17 7.57
CA LYS A 131 -9.32 -0.84 7.95
C LYS A 131 -10.86 -0.75 7.77
N LYS A 132 -11.33 -0.44 6.54
CA LYS A 132 -12.78 -0.27 6.26
C LYS A 132 -13.15 -0.76 4.84
N VAL A 133 -14.17 -1.65 4.78
CA VAL A 133 -14.91 -1.93 3.53
C VAL A 133 -15.90 -0.76 3.25
N GLU A 134 -16.24 -0.05 4.35
CA GLU A 134 -17.16 1.10 4.33
C GLU A 134 -16.53 2.27 3.55
N GLU A 135 -15.73 3.13 4.24
CA GLU A 135 -15.11 4.28 3.58
C GLU A 135 -13.97 4.87 4.41
N ARG A 136 -12.96 5.38 3.67
CA ARG A 136 -11.97 6.35 4.18
C ARG A 136 -11.79 7.43 3.11
N GLU A 137 -12.82 8.27 2.97
CA GLU A 137 -12.77 9.47 2.14
C GLU A 137 -11.99 10.54 2.91
N LEU A 138 -10.85 10.98 2.33
CA LEU A 138 -9.77 11.69 3.06
C LEU A 138 -9.20 10.79 4.19
N PRO A 139 -8.25 9.84 3.85
CA PRO A 139 -7.52 9.01 4.87
C PRO A 139 -6.88 9.84 6.01
N GLU A 140 -6.98 9.33 7.25
CA GLU A 140 -6.50 10.05 8.45
C GLU A 140 -4.97 10.02 8.55
N LEU A 141 -4.41 11.10 9.12
CA LEU A 141 -2.96 11.26 9.35
C LEU A 141 -2.59 10.59 10.69
N THR A 142 -2.77 9.26 10.74
CA THR A 142 -2.60 8.44 11.95
C THR A 142 -1.12 8.42 12.42
N GLY A 1 -3.87 8.53 -14.99
CA GLY A 1 -3.66 7.56 -16.08
C GLY A 1 -2.24 7.00 -16.07
N ILE A 2 -2.05 5.79 -15.50
CA ILE A 2 -0.73 5.13 -15.38
C ILE A 2 -0.27 4.60 -16.76
N ALA A 3 -1.00 3.58 -17.27
CA ALA A 3 -0.76 2.99 -18.60
C ALA A 3 -1.28 3.90 -19.72
N GLU A 4 -2.26 4.74 -19.36
CA GLU A 4 -2.95 5.66 -20.28
C GLU A 4 -1.99 6.78 -20.72
N ALA A 5 -1.10 7.22 -19.81
CA ALA A 5 -0.01 8.16 -20.14
C ALA A 5 1.19 7.41 -20.77
N ALA A 6 1.48 6.22 -20.20
CA ALA A 6 2.64 5.40 -20.62
C ALA A 6 2.46 4.85 -22.05
N PHE A 7 3.38 5.22 -22.96
CA PHE A 7 3.44 4.69 -24.32
C PHE A 7 4.91 4.65 -24.79
N ASN A 8 5.34 3.47 -25.22
CA ASN A 8 6.60 3.24 -25.94
C ASN A 8 6.29 2.51 -27.26
N LYS A 9 7.13 2.73 -28.29
CA LYS A 9 7.01 2.03 -29.60
C LYS A 9 7.16 0.51 -29.43
N GLY A 10 7.98 0.12 -28.44
CA GLY A 10 8.17 -1.28 -28.05
C GLY A 10 7.61 -1.53 -26.65
N GLU A 11 7.50 -2.81 -26.25
CA GLU A 11 7.00 -3.21 -24.92
C GLU A 11 8.06 -2.90 -23.83
N THR A 12 7.66 -2.07 -22.86
CA THR A 12 8.51 -1.67 -21.71
C THR A 12 7.69 -1.74 -20.41
N ALA A 13 8.40 -1.84 -19.28
CA ALA A 13 7.77 -1.78 -17.96
C ALA A 13 7.71 -0.31 -17.48
N MET A 14 6.52 0.31 -17.62
CA MET A 14 6.22 1.65 -17.08
C MET A 14 4.91 1.56 -16.29
N THR A 15 5.06 1.40 -14.97
CA THR A 15 3.98 1.13 -14.02
C THR A 15 4.34 1.74 -12.65
N ILE A 16 3.34 1.85 -11.77
CA ILE A 16 3.58 2.13 -10.35
C ILE A 16 4.36 0.95 -9.74
N ASN A 17 5.34 1.25 -8.88
CA ASN A 17 6.21 0.21 -8.30
C ASN A 17 5.47 -0.56 -7.19
N GLY A 18 5.41 -1.89 -7.36
CA GLY A 18 4.89 -2.80 -6.35
C GLY A 18 5.72 -2.78 -5.07
N PRO A 19 7.05 -3.12 -5.15
CA PRO A 19 7.95 -3.00 -3.99
C PRO A 19 8.28 -1.53 -3.68
N TRP A 20 7.57 -0.96 -2.69
CA TRP A 20 7.70 0.47 -2.31
C TRP A 20 8.95 0.67 -1.44
N ALA A 21 9.77 1.68 -1.78
CA ALA A 21 10.98 2.02 -1.03
C ALA A 21 10.76 3.33 -0.28
N TRP A 22 11.10 3.35 1.02
CA TRP A 22 11.09 4.57 1.83
C TRP A 22 12.20 5.52 1.33
N SER A 23 13.30 4.91 0.87
CA SER A 23 14.37 5.61 0.17
C SER A 23 13.94 5.85 -1.32
N ASN A 24 13.29 7.00 -1.57
CA ASN A 24 12.80 7.38 -2.92
C ASN A 24 13.98 7.76 -3.82
N ILE A 25 13.90 7.34 -5.10
CA ILE A 25 14.98 7.45 -6.13
C ILE A 25 16.38 7.19 -5.53
N ASP A 26 16.60 5.93 -5.09
CA ASP A 26 17.88 5.49 -4.51
C ASP A 26 18.47 4.43 -5.45
N THR A 27 19.75 4.65 -5.86
CA THR A 27 20.51 3.82 -6.81
C THR A 27 20.01 4.04 -8.27
N SER A 28 18.73 3.77 -8.48
CA SER A 28 18.02 3.98 -9.76
C SER A 28 16.71 4.73 -9.44
N LYS A 29 15.89 5.02 -10.47
CA LYS A 29 14.57 5.66 -10.26
C LYS A 29 13.63 4.68 -9.53
N VAL A 30 12.85 5.21 -8.57
CA VAL A 30 11.84 4.44 -7.81
C VAL A 30 10.68 3.96 -8.75
N GLY A 31 10.91 2.79 -9.39
CA GLY A 31 9.95 2.16 -10.30
C GLY A 31 9.94 2.79 -11.68
N SER A 32 8.89 3.60 -11.95
CA SER A 32 8.69 4.31 -13.22
C SER A 32 7.84 5.57 -12.95
N GLY A 33 8.29 6.73 -13.48
CA GLY A 33 7.62 8.02 -13.24
C GLY A 33 8.10 8.68 -11.95
N SER A 34 8.51 9.96 -12.03
CA SER A 34 8.98 10.72 -10.87
C SER A 34 8.56 12.19 -11.02
N GLY A 35 7.53 12.61 -10.26
CA GLY A 35 7.03 13.98 -10.28
C GLY A 35 5.51 14.05 -10.17
N SER A 36 4.92 13.11 -9.42
CA SER A 36 3.48 13.10 -9.12
C SER A 36 3.20 14.01 -7.89
N GLY A 37 3.29 15.34 -8.13
CA GLY A 37 2.99 16.35 -7.12
C GLY A 37 1.50 16.63 -6.99
N SER A 38 0.74 16.20 -8.02
CA SER A 38 -0.71 16.34 -8.07
C SER A 38 -1.34 14.94 -8.19
N GLY A 39 -2.05 14.53 -7.14
CA GLY A 39 -2.74 13.24 -7.09
C GLY A 39 -4.01 13.36 -6.26
N SER A 40 -5.17 13.37 -6.93
CA SER A 40 -6.48 13.56 -6.29
C SER A 40 -6.82 12.37 -5.37
N GLN A 41 -7.59 12.66 -4.31
CA GLN A 41 -8.05 11.64 -3.37
C GLN A 41 -9.30 10.93 -3.94
N ALA A 42 -9.44 9.63 -3.64
CA ALA A 42 -10.61 8.82 -4.04
C ALA A 42 -11.53 8.60 -2.84
N THR A 43 -12.76 9.16 -2.91
CA THR A 43 -13.75 9.05 -1.83
C THR A 43 -14.42 7.66 -1.85
N TRP A 44 -14.83 7.18 -0.67
CA TRP A 44 -15.30 5.79 -0.48
C TRP A 44 -16.80 5.71 -0.20
N LYS A 45 -17.35 4.55 -0.54
CA LYS A 45 -18.77 4.18 -0.31
C LYS A 45 -18.80 2.83 0.43
N GLU A 46 -19.86 2.60 1.21
CA GLU A 46 -19.96 1.42 2.07
C GLU A 46 -20.06 0.13 1.23
N LYS A 47 -19.10 -0.78 1.42
CA LYS A 47 -19.19 -2.16 0.90
C LYS A 47 -19.73 -3.07 2.02
N ASP A 48 -20.48 -4.10 1.66
CA ASP A 48 -21.05 -5.07 2.65
C ASP A 48 -20.79 -6.51 2.21
N GLY A 49 -20.89 -7.43 3.18
CA GLY A 49 -20.53 -8.83 2.96
C GLY A 49 -19.02 -9.01 2.90
N ALA A 50 -18.50 -9.48 1.76
CA ALA A 50 -17.07 -9.82 1.59
C ALA A 50 -16.47 -9.07 0.38
N VAL A 51 -15.23 -8.57 0.52
CA VAL A 51 -14.49 -7.87 -0.55
C VAL A 51 -14.21 -8.85 -1.70
N GLU A 52 -14.48 -8.41 -2.94
CA GLU A 52 -14.44 -9.25 -4.15
C GLU A 52 -13.07 -9.20 -4.83
N ALA A 53 -12.91 -10.02 -5.87
CA ALA A 53 -11.65 -10.13 -6.67
C ALA A 53 -11.43 -8.88 -7.55
N GLU A 54 -12.48 -8.08 -7.72
CA GLU A 54 -12.40 -6.78 -8.44
C GLU A 54 -12.57 -5.60 -7.46
N ASP A 55 -13.11 -5.87 -6.26
CA ASP A 55 -13.57 -4.83 -5.32
C ASP A 55 -12.41 -4.23 -4.49
N ARG A 56 -12.65 -3.01 -4.02
CA ARG A 56 -11.67 -2.16 -3.35
C ARG A 56 -11.95 -2.18 -1.83
N VAL A 57 -10.88 -2.14 -1.04
CA VAL A 57 -10.94 -1.99 0.43
C VAL A 57 -9.80 -1.08 0.88
N THR A 58 -10.08 -0.17 1.81
CA THR A 58 -9.02 0.57 2.48
C THR A 58 -8.41 -0.36 3.52
N ILE A 59 -7.18 -0.82 3.27
CA ILE A 59 -6.46 -1.70 4.18
C ILE A 59 -5.62 -0.88 5.17
N ASP A 60 -5.01 -1.61 6.08
CA ASP A 60 -3.93 -1.10 6.92
C ASP A 60 -2.87 -2.19 6.91
N PHE A 61 -1.59 -1.82 7.06
CA PHE A 61 -0.51 -2.81 7.14
C PHE A 61 0.62 -2.28 8.06
N THR A 62 0.98 -3.11 9.06
CA THR A 62 2.13 -2.88 9.92
C THR A 62 2.71 -4.23 10.37
N GLY A 63 4.04 -4.33 10.34
CA GLY A 63 4.74 -5.57 10.64
C GLY A 63 6.18 -5.51 10.16
N SER A 64 6.88 -6.65 10.20
CA SER A 64 8.31 -6.75 9.84
C SER A 64 8.48 -7.58 8.57
N VAL A 65 9.71 -7.57 8.03
CA VAL A 65 10.08 -8.27 6.80
C VAL A 65 11.15 -9.33 7.13
N ASP A 66 10.71 -10.61 7.10
CA ASP A 66 11.51 -11.79 7.46
C ASP A 66 12.03 -11.68 8.93
N GLY A 67 11.20 -11.02 9.79
CA GLY A 67 11.51 -10.81 11.21
C GLY A 67 12.25 -9.50 11.49
N GLU A 68 12.62 -8.76 10.43
CA GLU A 68 13.41 -7.51 10.54
C GLU A 68 12.51 -6.28 10.36
N GLU A 69 12.60 -5.30 11.28
CA GLU A 69 11.79 -4.07 11.21
C GLU A 69 12.35 -3.13 10.12
N PHE A 70 11.53 -2.83 9.11
CA PHE A 70 11.88 -1.94 7.98
C PHE A 70 11.10 -0.61 8.11
N GLU A 71 11.85 0.50 8.30
CA GLU A 71 11.30 1.84 8.54
C GLU A 71 10.52 2.37 7.31
N GLY A 72 9.36 2.96 7.58
CA GLY A 72 8.48 3.51 6.54
C GLY A 72 7.82 2.45 5.65
N GLY A 73 7.97 1.16 6.03
CA GLY A 73 7.35 0.05 5.31
C GLY A 73 5.95 -0.30 5.82
N LYS A 74 5.46 0.51 6.76
CA LYS A 74 4.10 0.38 7.32
C LYS A 74 3.31 1.65 7.01
N ALA A 75 2.00 1.51 6.78
CA ALA A 75 1.12 2.66 6.51
C ALA A 75 -0.31 2.37 7.00
N SER A 76 -0.84 3.28 7.84
CA SER A 76 -2.23 3.24 8.31
C SER A 76 -3.13 3.97 7.30
N ASP A 77 -4.27 3.32 6.93
CA ASP A 77 -5.16 3.80 5.86
C ASP A 77 -4.40 3.82 4.52
N PHE A 78 -4.52 2.72 3.77
CA PHE A 78 -4.00 2.58 2.42
C PHE A 78 -5.12 2.06 1.54
N VAL A 79 -5.35 2.70 0.41
CA VAL A 79 -6.45 2.35 -0.49
C VAL A 79 -5.95 1.30 -1.50
N LEU A 80 -6.53 0.08 -1.39
CA LEU A 80 -6.09 -1.09 -2.15
C LEU A 80 -7.23 -1.63 -3.02
N ALA A 81 -7.00 -1.64 -4.33
CA ALA A 81 -7.89 -2.25 -5.33
C ALA A 81 -7.41 -3.67 -5.65
N MET A 82 -8.35 -4.63 -5.72
CA MET A 82 -8.03 -6.02 -6.13
C MET A 82 -7.87 -6.15 -7.65
N GLY A 83 -6.98 -7.07 -8.04
CA GLY A 83 -6.66 -7.33 -9.45
C GLY A 83 -5.60 -6.40 -10.02
N GLN A 84 -4.76 -5.82 -9.14
CA GLN A 84 -3.71 -4.87 -9.55
C GLN A 84 -2.39 -5.58 -9.89
N GLY A 85 -1.88 -5.28 -11.10
CA GLY A 85 -0.54 -5.72 -11.53
C GLY A 85 0.54 -4.73 -11.13
N ARG A 86 0.13 -3.49 -10.80
CA ARG A 86 1.05 -2.40 -10.39
C ARG A 86 1.58 -2.66 -8.96
N MET A 87 0.84 -3.46 -8.19
CA MET A 87 1.19 -3.82 -6.80
C MET A 87 1.85 -5.21 -6.75
N ILE A 88 2.37 -5.58 -5.55
CA ILE A 88 3.02 -6.89 -5.30
C ILE A 88 2.02 -8.07 -5.41
N PRO A 89 2.51 -9.35 -5.62
CA PRO A 89 1.65 -10.57 -5.66
C PRO A 89 0.78 -10.73 -4.40
N GLY A 90 1.29 -10.25 -3.24
CA GLY A 90 0.55 -10.30 -1.97
C GLY A 90 -0.71 -9.44 -1.97
N PHE A 91 -0.66 -8.31 -2.71
CA PHE A 91 -1.80 -7.38 -2.89
C PHE A 91 -2.76 -7.86 -4.02
N GLU A 92 -2.71 -9.16 -4.34
CA GLU A 92 -3.72 -9.84 -5.16
C GLU A 92 -4.51 -10.86 -4.29
N ASP A 93 -4.29 -10.82 -2.96
CA ASP A 93 -4.85 -11.80 -2.00
C ASP A 93 -4.85 -11.19 -0.57
N GLY A 94 -5.34 -11.97 0.42
CA GLY A 94 -5.19 -11.63 1.83
C GLY A 94 -6.41 -10.95 2.43
N ILE A 95 -6.98 -10.02 1.66
CA ILE A 95 -8.15 -9.21 2.09
C ILE A 95 -9.46 -9.73 1.46
N LYS A 96 -9.31 -10.60 0.44
CA LYS A 96 -10.44 -11.14 -0.36
C LYS A 96 -11.22 -12.21 0.43
N GLY A 97 -12.53 -12.31 0.13
CA GLY A 97 -13.39 -13.34 0.72
C GLY A 97 -13.76 -13.07 2.18
N HIS A 98 -13.58 -11.82 2.63
CA HIS A 98 -13.97 -11.39 3.98
C HIS A 98 -14.08 -9.85 4.07
N LYS A 99 -14.42 -9.34 5.26
CA LYS A 99 -14.78 -7.91 5.46
C LYS A 99 -13.65 -7.18 6.23
N ALA A 100 -13.75 -5.84 6.36
CA ALA A 100 -12.87 -5.06 7.26
C ALA A 100 -13.33 -5.16 8.73
N GLY A 101 -12.56 -4.54 9.64
CA GLY A 101 -12.87 -4.54 11.08
C GLY A 101 -12.20 -5.71 11.83
N GLU A 102 -11.98 -6.81 11.10
CA GLU A 102 -11.33 -8.03 11.65
C GLU A 102 -9.80 -7.90 11.60
N GLU A 103 -9.11 -8.55 12.55
CA GLU A 103 -7.64 -8.57 12.58
C GLU A 103 -7.11 -9.92 12.10
N PHE A 104 -6.05 -9.88 11.30
CA PHE A 104 -5.39 -11.05 10.73
C PHE A 104 -3.94 -10.68 10.35
N THR A 105 -3.16 -11.71 10.03
CA THR A 105 -1.80 -11.54 9.49
C THR A 105 -1.77 -12.05 8.05
N ILE A 106 -1.06 -11.33 7.16
CA ILE A 106 -0.78 -11.78 5.78
C ILE A 106 0.72 -11.67 5.52
N ASP A 107 1.29 -12.73 4.95
CA ASP A 107 2.70 -12.76 4.54
C ASP A 107 2.78 -12.62 3.02
N VAL A 108 3.51 -11.59 2.58
CA VAL A 108 3.61 -11.16 1.17
C VAL A 108 5.09 -11.24 0.74
N THR A 109 5.36 -11.66 -0.49
CA THR A 109 6.74 -11.71 -1.03
C THR A 109 6.94 -10.56 -2.02
N PHE A 110 8.02 -9.79 -1.83
CA PHE A 110 8.41 -8.72 -2.76
C PHE A 110 9.26 -9.32 -3.90
N PRO A 111 9.18 -8.77 -5.16
CA PRO A 111 10.08 -9.16 -6.28
C PRO A 111 11.54 -8.73 -6.01
N GLU A 112 12.48 -9.46 -6.64
CA GLU A 112 13.96 -9.30 -6.47
C GLU A 112 14.41 -7.86 -6.71
N GLU A 113 13.70 -7.16 -7.61
CA GLU A 113 14.01 -5.77 -8.00
C GLU A 113 13.27 -4.76 -7.06
N TYR A 114 13.22 -5.09 -5.75
CA TYR A 114 12.91 -4.12 -4.68
C TYR A 114 13.98 -3.01 -4.71
N HIS A 115 13.56 -1.76 -4.53
CA HIS A 115 14.45 -0.57 -4.64
C HIS A 115 15.23 -0.32 -3.33
N ALA A 116 16.09 -1.32 -2.98
CA ALA A 116 16.96 -1.34 -1.80
C ALA A 116 17.92 -2.54 -1.89
N GLU A 117 19.07 -2.43 -1.21
CA GLU A 117 20.08 -3.51 -1.17
C GLU A 117 19.75 -4.53 -0.06
N ASN A 118 19.41 -3.99 1.13
CA ASN A 118 19.08 -4.78 2.32
C ASN A 118 17.75 -5.51 2.11
N LEU A 119 16.82 -4.83 1.45
CA LEU A 119 15.55 -5.42 1.01
C LEU A 119 15.74 -5.86 -0.46
N LYS A 120 16.26 -7.09 -0.63
CA LYS A 120 16.63 -7.65 -1.96
C LYS A 120 15.47 -8.46 -2.58
N GLY A 121 14.23 -8.09 -2.20
CA GLY A 121 13.03 -8.85 -2.55
C GLY A 121 12.68 -9.89 -1.50
N LYS A 122 12.77 -9.47 -0.22
CA LYS A 122 12.47 -10.33 0.94
C LYS A 122 10.94 -10.55 1.10
N ALA A 123 10.56 -11.47 1.99
CA ALA A 123 9.15 -11.73 2.33
C ALA A 123 8.79 -11.05 3.66
N ALA A 124 7.71 -10.25 3.67
CA ALA A 124 7.21 -9.51 4.84
C ALA A 124 5.92 -10.14 5.35
N LYS A 125 5.55 -9.82 6.59
CA LYS A 125 4.26 -10.20 7.18
C LYS A 125 3.71 -9.00 7.97
N PHE A 126 2.40 -8.79 7.86
CA PHE A 126 1.71 -7.64 8.47
C PHE A 126 0.56 -8.14 9.35
N ALA A 127 0.75 -8.10 10.68
CA ALA A 127 -0.30 -8.43 11.66
C ALA A 127 -1.04 -7.15 12.03
N ILE A 128 -2.28 -7.02 11.55
CA ILE A 128 -3.03 -5.75 11.59
C ILE A 128 -4.53 -6.02 11.34
N ASN A 129 -5.41 -5.13 11.87
CA ASN A 129 -6.83 -5.14 11.53
C ASN A 129 -7.02 -4.47 10.15
N LEU A 130 -7.88 -5.07 9.31
CA LEU A 130 -8.28 -4.48 8.03
C LEU A 130 -9.04 -3.18 8.31
N LYS A 131 -8.59 -2.06 7.69
CA LYS A 131 -9.00 -0.70 8.07
C LYS A 131 -10.52 -0.49 7.91
N LYS A 132 -11.01 -0.28 6.67
CA LYS A 132 -12.44 0.00 6.44
C LYS A 132 -12.85 -0.16 4.96
N VAL A 133 -13.96 -0.91 4.76
CA VAL A 133 -14.60 -1.06 3.43
C VAL A 133 -15.64 0.04 3.20
N GLU A 134 -16.06 0.72 4.30
CA GLU A 134 -17.07 1.79 4.26
C GLU A 134 -16.47 3.10 3.72
N GLU A 135 -15.75 3.82 4.60
CA GLU A 135 -15.15 5.11 4.27
C GLU A 135 -13.90 5.31 5.13
N ARG A 136 -12.75 5.29 4.48
CA ARG A 136 -11.47 5.75 5.06
C ARG A 136 -10.66 6.36 3.92
N GLU A 137 -10.38 7.66 4.04
CA GLU A 137 -9.64 8.44 3.05
C GLU A 137 -9.00 9.64 3.75
N LEU A 138 -7.66 9.55 3.96
CA LEU A 138 -6.84 10.55 4.66
C LEU A 138 -7.48 11.05 5.99
N PRO A 139 -7.67 10.14 7.01
CA PRO A 139 -8.30 10.49 8.30
C PRO A 139 -7.26 10.81 9.40
N GLU A 140 -7.76 10.96 10.64
CA GLU A 140 -6.94 11.23 11.83
C GLU A 140 -6.65 9.92 12.56
N LEU A 141 -5.74 9.96 13.56
CA LEU A 141 -5.37 8.78 14.35
C LEU A 141 -6.46 8.48 15.40
N THR A 142 -6.93 7.21 15.43
CA THR A 142 -7.85 6.70 16.46
C THR A 142 -7.03 6.29 17.71
N GLY A 1 5.74 13.22 -8.68
CA GLY A 1 6.66 12.95 -9.81
C GLY A 1 6.60 11.48 -10.23
N ILE A 2 5.42 11.05 -10.68
CA ILE A 2 5.15 9.67 -11.14
C ILE A 2 4.57 9.74 -12.57
N ALA A 3 5.09 8.87 -13.47
CA ALA A 3 4.69 8.82 -14.90
C ALA A 3 3.19 8.53 -15.09
N GLU A 4 2.58 7.84 -14.10
CA GLU A 4 1.13 7.55 -14.09
C GLU A 4 0.29 8.84 -14.06
N ALA A 5 0.66 9.77 -13.16
CA ALA A 5 -0.09 11.01 -12.93
C ALA A 5 0.23 12.02 -14.03
N ALA A 6 1.53 12.19 -14.30
CA ALA A 6 2.03 13.09 -15.35
C ALA A 6 2.96 12.31 -16.29
N PHE A 7 2.47 12.05 -17.52
CA PHE A 7 3.29 11.45 -18.58
C PHE A 7 4.22 12.54 -19.13
N ASN A 8 5.50 12.47 -18.74
CA ASN A 8 6.51 13.47 -19.09
C ASN A 8 7.61 12.83 -19.95
N LYS A 9 8.05 13.56 -21.00
CA LYS A 9 9.05 13.08 -21.97
C LYS A 9 10.44 12.95 -21.32
N GLY A 10 10.74 13.87 -20.38
CA GLY A 10 11.98 13.84 -19.60
C GLY A 10 11.97 12.71 -18.58
N GLU A 11 13.16 12.19 -18.24
CA GLU A 11 13.31 10.99 -17.42
C GLU A 11 12.90 11.28 -15.96
N THR A 12 11.69 10.87 -15.62
CA THR A 12 11.11 11.01 -14.27
C THR A 12 10.87 9.61 -13.69
N ALA A 13 10.51 9.55 -12.40
CA ALA A 13 10.15 8.29 -11.73
C ALA A 13 8.92 7.71 -12.42
N MET A 14 9.01 6.42 -12.78
CA MET A 14 7.95 5.67 -13.50
C MET A 14 6.69 5.50 -12.62
N THR A 15 5.70 4.77 -13.15
CA THR A 15 4.49 4.38 -12.41
C THR A 15 4.85 3.72 -11.05
N ILE A 16 3.97 3.90 -10.03
CA ILE A 16 4.18 3.42 -8.65
C ILE A 16 4.74 1.99 -8.63
N ASN A 17 5.89 1.80 -7.97
CA ASN A 17 6.59 0.52 -7.92
C ASN A 17 5.86 -0.39 -6.95
N GLY A 18 5.74 -1.67 -7.34
CA GLY A 18 5.09 -2.71 -6.55
C GLY A 18 5.51 -2.68 -5.07
N PRO A 19 6.83 -2.81 -4.77
CA PRO A 19 7.33 -2.62 -3.40
C PRO A 19 7.49 -1.12 -3.10
N TRP A 20 7.00 -0.69 -1.93
CA TRP A 20 7.06 0.72 -1.52
C TRP A 20 8.48 1.03 -1.01
N ALA A 21 9.20 1.86 -1.77
CA ALA A 21 10.58 2.26 -1.49
C ALA A 21 10.56 3.52 -0.62
N TRP A 22 11.27 3.46 0.52
CA TRP A 22 11.35 4.56 1.48
C TRP A 22 12.83 4.76 1.80
N SER A 23 13.47 5.58 0.99
CA SER A 23 14.90 5.87 1.07
C SER A 23 15.14 7.39 1.03
N ASN A 24 16.38 7.80 1.36
CA ASN A 24 16.81 9.20 1.31
C ASN A 24 16.92 9.69 -0.14
N ILE A 25 16.64 10.99 -0.34
CA ILE A 25 16.73 11.69 -1.64
C ILE A 25 15.69 11.12 -2.64
N ASP A 26 14.47 11.66 -2.57
CA ASP A 26 13.40 11.39 -3.55
C ASP A 26 13.47 12.45 -4.69
N THR A 27 12.33 12.66 -5.38
CA THR A 27 12.21 13.64 -6.49
C THR A 27 12.67 15.06 -6.08
N SER A 28 12.30 15.47 -4.85
CA SER A 28 12.58 16.80 -4.30
C SER A 28 13.60 16.72 -3.14
N LYS A 29 14.23 15.51 -2.96
CA LYS A 29 15.20 15.20 -1.88
C LYS A 29 14.46 15.14 -0.51
N VAL A 30 14.78 14.11 0.31
CA VAL A 30 14.07 13.85 1.59
C VAL A 30 14.07 15.10 2.53
N GLY A 31 12.87 15.64 2.77
CA GLY A 31 12.67 16.79 3.66
C GLY A 31 11.25 17.34 3.61
N SER A 32 10.29 16.48 3.21
CA SER A 32 8.85 16.82 3.18
C SER A 32 8.26 16.65 4.59
N GLY A 33 7.85 17.77 5.20
CA GLY A 33 7.20 17.77 6.51
C GLY A 33 5.92 18.58 6.46
N SER A 34 4.78 17.92 6.75
CA SER A 34 3.42 18.51 6.69
C SER A 34 3.04 18.93 5.24
N GLY A 35 3.64 18.22 4.26
CA GLY A 35 3.39 18.48 2.83
C GLY A 35 2.12 17.78 2.34
N SER A 36 0.98 18.19 2.88
CA SER A 36 -0.34 17.61 2.57
C SER A 36 -0.95 18.28 1.32
N GLY A 37 -0.35 18.01 0.15
CA GLY A 37 -0.80 18.56 -1.13
C GLY A 37 -1.91 17.72 -1.74
N SER A 38 -3.10 17.76 -1.12
CA SER A 38 -4.29 17.04 -1.57
C SER A 38 -5.11 17.92 -2.54
N GLY A 39 -6.04 17.30 -3.27
CA GLY A 39 -6.86 18.00 -4.25
C GLY A 39 -7.82 17.04 -4.94
N SER A 40 -7.68 16.88 -6.27
CA SER A 40 -8.47 15.94 -7.06
C SER A 40 -8.09 14.49 -6.66
N GLN A 41 -9.06 13.77 -6.07
CA GLN A 41 -8.86 12.39 -5.58
C GLN A 41 -10.15 11.58 -5.79
N ALA A 42 -10.02 10.25 -5.82
CA ALA A 42 -11.16 9.35 -6.04
C ALA A 42 -11.70 8.84 -4.70
N THR A 43 -12.75 9.52 -4.18
CA THR A 43 -13.43 9.13 -2.94
C THR A 43 -14.34 7.91 -3.21
N TRP A 44 -14.49 7.07 -2.19
CA TRP A 44 -15.12 5.74 -2.31
C TRP A 44 -16.50 5.72 -1.64
N LYS A 45 -17.27 4.68 -1.98
CA LYS A 45 -18.61 4.39 -1.43
C LYS A 45 -18.54 3.22 -0.44
N GLU A 46 -19.59 3.08 0.39
CA GLU A 46 -19.73 1.98 1.36
C GLU A 46 -19.83 0.61 0.65
N LYS A 47 -18.97 -0.35 1.04
CA LYS A 47 -19.11 -1.78 0.67
C LYS A 47 -19.49 -2.59 1.91
N ASP A 48 -20.20 -3.72 1.68
CA ASP A 48 -20.63 -4.66 2.74
C ASP A 48 -20.27 -6.10 2.35
N GLY A 49 -20.62 -7.05 3.26
CA GLY A 49 -20.38 -8.47 3.05
C GLY A 49 -18.92 -8.83 3.31
N ALA A 50 -18.12 -8.85 2.24
CA ALA A 50 -16.69 -9.21 2.28
C ALA A 50 -15.95 -8.59 1.08
N VAL A 51 -14.61 -8.65 1.11
CA VAL A 51 -13.77 -8.22 -0.02
C VAL A 51 -13.75 -9.32 -1.10
N GLU A 52 -13.97 -8.93 -2.35
CA GLU A 52 -14.05 -9.83 -3.51
C GLU A 52 -12.69 -9.91 -4.23
N ALA A 53 -12.67 -10.59 -5.39
CA ALA A 53 -11.48 -10.71 -6.25
C ALA A 53 -11.18 -9.39 -6.99
N GLU A 54 -12.25 -8.67 -7.33
CA GLU A 54 -12.20 -7.41 -8.10
C GLU A 54 -12.55 -6.19 -7.23
N ASP A 55 -13.03 -6.43 -5.99
CA ASP A 55 -13.47 -5.36 -5.07
C ASP A 55 -12.27 -4.51 -4.60
N ARG A 56 -12.55 -3.25 -4.30
CA ARG A 56 -11.57 -2.30 -3.77
C ARG A 56 -11.82 -2.12 -2.26
N VAL A 57 -10.75 -2.14 -1.46
CA VAL A 57 -10.86 -2.07 0.00
C VAL A 57 -9.71 -1.24 0.61
N THR A 58 -10.04 -0.39 1.59
CA THR A 58 -9.06 0.35 2.37
C THR A 58 -8.51 -0.57 3.45
N ILE A 59 -7.22 -0.92 3.34
CA ILE A 59 -6.53 -1.77 4.30
C ILE A 59 -5.44 -0.99 5.02
N ASP A 60 -4.79 -1.66 5.96
CA ASP A 60 -3.64 -1.14 6.69
C ASP A 60 -2.55 -2.21 6.63
N PHE A 61 -1.27 -1.83 6.79
CA PHE A 61 -0.17 -2.81 6.84
C PHE A 61 0.96 -2.30 7.75
N THR A 62 1.42 -3.18 8.68
CA THR A 62 2.61 -2.95 9.52
C THR A 62 3.00 -4.27 10.21
N GLY A 63 4.28 -4.37 10.63
CA GLY A 63 4.82 -5.56 11.29
C GLY A 63 6.31 -5.71 11.05
N SER A 64 6.71 -6.70 10.22
CA SER A 64 8.11 -6.92 9.83
C SER A 64 8.17 -7.63 8.47
N VAL A 65 9.35 -7.57 7.85
CA VAL A 65 9.66 -8.26 6.59
C VAL A 65 10.84 -9.24 6.82
N ASP A 66 10.60 -10.54 6.58
CA ASP A 66 11.60 -11.63 6.80
C ASP A 66 12.06 -11.68 8.29
N GLY A 67 11.18 -11.19 9.19
CA GLY A 67 11.48 -11.10 10.63
C GLY A 67 12.18 -9.80 11.02
N GLU A 68 12.68 -9.08 10.01
CA GLU A 68 13.43 -7.83 10.17
C GLU A 68 12.46 -6.65 10.08
N GLU A 69 12.50 -5.75 11.06
CA GLU A 69 11.65 -4.56 11.09
C GLU A 69 12.22 -3.50 10.13
N PHE A 70 11.34 -2.81 9.39
CA PHE A 70 11.70 -1.87 8.32
C PHE A 70 10.88 -0.56 8.49
N GLU A 71 11.61 0.54 8.77
CA GLU A 71 11.03 1.88 8.98
C GLU A 71 10.52 2.48 7.67
N GLY A 72 9.34 3.11 7.73
CA GLY A 72 8.68 3.69 6.57
C GLY A 72 8.02 2.65 5.67
N GLY A 73 8.05 1.37 6.10
CA GLY A 73 7.46 0.27 5.35
C GLY A 73 6.05 -0.06 5.81
N LYS A 74 5.39 0.93 6.43
CA LYS A 74 4.04 0.80 6.96
C LYS A 74 3.22 2.02 6.57
N ALA A 75 1.91 1.82 6.35
CA ALA A 75 0.96 2.90 6.04
C ALA A 75 -0.43 2.53 6.56
N SER A 76 -1.05 3.49 7.28
CA SER A 76 -2.41 3.37 7.79
C SER A 76 -3.40 4.01 6.80
N ASP A 77 -4.64 3.48 6.77
CA ASP A 77 -5.75 4.04 5.97
C ASP A 77 -5.42 3.99 4.46
N PHE A 78 -4.68 2.95 4.06
CA PHE A 78 -4.18 2.81 2.69
C PHE A 78 -5.29 2.21 1.82
N VAL A 79 -5.60 2.89 0.72
CA VAL A 79 -6.66 2.45 -0.20
C VAL A 79 -6.04 1.54 -1.28
N LEU A 80 -6.61 0.33 -1.42
CA LEU A 80 -6.07 -0.72 -2.29
C LEU A 80 -7.19 -1.27 -3.18
N ALA A 81 -7.10 -0.97 -4.47
CA ALA A 81 -7.98 -1.55 -5.50
C ALA A 81 -7.35 -2.85 -6.02
N MET A 82 -8.15 -3.93 -6.07
CA MET A 82 -7.69 -5.22 -6.61
C MET A 82 -7.50 -5.14 -8.14
N GLY A 83 -6.50 -5.89 -8.63
CA GLY A 83 -6.13 -5.88 -10.05
C GLY A 83 -5.10 -4.82 -10.40
N GLN A 84 -4.48 -4.22 -9.36
CA GLN A 84 -3.41 -3.22 -9.54
C GLN A 84 -2.03 -3.87 -9.40
N GLY A 85 -1.17 -3.68 -10.43
CA GLY A 85 0.23 -4.12 -10.40
C GLY A 85 1.18 -3.01 -9.98
N ARG A 86 0.61 -1.84 -9.63
CA ARG A 86 1.35 -0.71 -9.03
C ARG A 86 1.77 -1.06 -7.59
N MET A 87 1.03 -2.00 -6.97
CA MET A 87 1.37 -2.57 -5.65
C MET A 87 1.88 -4.01 -5.81
N ILE A 88 2.45 -4.57 -4.72
CA ILE A 88 3.09 -5.90 -4.73
C ILE A 88 2.14 -7.00 -5.25
N PRO A 89 2.66 -8.02 -6.02
CA PRO A 89 1.85 -9.16 -6.51
C PRO A 89 1.30 -10.04 -5.37
N GLY A 90 1.84 -9.85 -4.14
CA GLY A 90 1.34 -10.52 -2.94
C GLY A 90 -0.10 -10.10 -2.58
N PHE A 91 -0.45 -8.84 -2.90
CA PHE A 91 -1.80 -8.27 -2.67
C PHE A 91 -2.88 -8.91 -3.60
N GLU A 92 -2.44 -9.88 -4.44
CA GLU A 92 -3.35 -10.77 -5.21
C GLU A 92 -4.36 -11.48 -4.27
N ASP A 93 -3.91 -11.77 -3.03
CA ASP A 93 -4.74 -12.45 -2.02
C ASP A 93 -4.28 -12.06 -0.60
N GLY A 94 -5.17 -12.28 0.40
CA GLY A 94 -4.90 -11.97 1.81
C GLY A 94 -6.00 -11.10 2.41
N ILE A 95 -6.48 -10.15 1.61
CA ILE A 95 -7.57 -9.22 1.99
C ILE A 95 -8.94 -9.81 1.59
N LYS A 96 -8.92 -10.77 0.66
CA LYS A 96 -10.11 -11.37 0.04
C LYS A 96 -10.83 -12.36 0.97
N GLY A 97 -12.14 -12.54 0.70
CA GLY A 97 -12.96 -13.55 1.36
C GLY A 97 -13.29 -13.26 2.83
N HIS A 98 -13.16 -11.98 3.25
CA HIS A 98 -13.48 -11.56 4.63
C HIS A 98 -13.75 -10.05 4.71
N LYS A 99 -14.29 -9.63 5.85
CA LYS A 99 -14.90 -8.28 6.06
C LYS A 99 -13.91 -7.31 6.74
N ALA A 100 -14.33 -6.02 6.83
CA ALA A 100 -13.58 -4.97 7.55
C ALA A 100 -13.84 -5.05 9.07
N GLY A 101 -12.95 -4.44 9.86
CA GLY A 101 -13.11 -4.37 11.33
C GLY A 101 -12.42 -5.51 12.07
N GLU A 102 -12.13 -6.62 11.36
CA GLU A 102 -11.42 -7.78 11.94
C GLU A 102 -9.89 -7.58 11.85
N GLU A 103 -9.14 -8.30 12.69
CA GLU A 103 -7.67 -8.27 12.67
C GLU A 103 -7.12 -9.68 12.37
N PHE A 104 -6.08 -9.72 11.53
CA PHE A 104 -5.52 -10.95 10.94
C PHE A 104 -4.05 -10.73 10.56
N THR A 105 -3.36 -11.82 10.19
CA THR A 105 -1.97 -11.76 9.70
C THR A 105 -1.92 -12.32 8.27
N ILE A 106 -1.17 -11.65 7.36
CA ILE A 106 -1.00 -12.13 5.97
C ILE A 106 0.47 -12.00 5.55
N ASP A 107 0.98 -13.07 4.92
CA ASP A 107 2.34 -13.07 4.34
C ASP A 107 2.25 -12.76 2.84
N VAL A 108 2.95 -11.69 2.44
CA VAL A 108 3.01 -11.22 1.05
C VAL A 108 4.48 -10.86 0.73
N THR A 109 4.98 -11.33 -0.42
CA THR A 109 6.41 -11.17 -0.77
C THR A 109 6.62 -9.95 -1.68
N PHE A 110 7.61 -9.12 -1.31
CA PHE A 110 8.10 -8.04 -2.18
C PHE A 110 8.84 -8.66 -3.38
N PRO A 111 8.64 -8.16 -4.63
CA PRO A 111 9.37 -8.65 -5.81
C PRO A 111 10.88 -8.30 -5.77
N GLU A 112 11.65 -8.99 -6.63
CA GLU A 112 13.09 -8.78 -6.86
C GLU A 112 13.41 -7.32 -7.29
N GLU A 113 12.36 -6.62 -7.78
CA GLU A 113 12.41 -5.23 -8.23
C GLU A 113 12.62 -4.24 -7.06
N TYR A 114 12.57 -4.74 -5.82
CA TYR A 114 12.91 -3.96 -4.62
C TYR A 114 14.42 -3.71 -4.62
N HIS A 115 14.80 -2.59 -5.23
CA HIS A 115 16.19 -2.15 -5.40
C HIS A 115 16.72 -1.51 -4.09
N ALA A 116 17.10 -2.39 -3.15
CA ALA A 116 17.72 -2.01 -1.87
C ALA A 116 18.67 -3.12 -1.40
N GLU A 117 19.64 -2.75 -0.55
CA GLU A 117 20.69 -3.66 -0.09
C GLU A 117 20.14 -4.76 0.84
N ASN A 118 19.43 -4.32 1.90
CA ASN A 118 18.76 -5.25 2.85
C ASN A 118 17.47 -5.78 2.22
N LEU A 119 16.66 -4.86 1.66
CA LEU A 119 15.37 -5.21 1.05
C LEU A 119 15.60 -5.65 -0.41
N LYS A 120 15.96 -6.95 -0.58
CA LYS A 120 16.31 -7.51 -1.91
C LYS A 120 15.10 -8.23 -2.57
N GLY A 121 13.91 -7.97 -2.05
CA GLY A 121 12.72 -8.75 -2.41
C GLY A 121 12.40 -9.81 -1.37
N LYS A 122 12.52 -9.40 -0.09
CA LYS A 122 12.19 -10.23 1.08
C LYS A 122 10.67 -10.49 1.16
N ALA A 123 10.30 -11.66 1.72
CA ALA A 123 8.91 -11.99 2.06
C ALA A 123 8.49 -11.27 3.35
N ALA A 124 7.36 -10.58 3.31
CA ALA A 124 6.84 -9.78 4.44
C ALA A 124 5.61 -10.44 5.05
N LYS A 125 5.29 -10.06 6.27
CA LYS A 125 4.06 -10.46 6.96
C LYS A 125 3.52 -9.27 7.77
N PHE A 126 2.19 -9.11 7.77
CA PHE A 126 1.52 -7.96 8.39
C PHE A 126 0.38 -8.43 9.29
N ALA A 127 0.64 -8.47 10.61
CA ALA A 127 -0.39 -8.71 11.63
C ALA A 127 -1.10 -7.38 11.92
N ILE A 128 -2.21 -7.13 11.21
CA ILE A 128 -2.85 -5.82 11.19
C ILE A 128 -4.39 -5.95 10.96
N ASN A 129 -5.13 -4.95 11.46
CA ASN A 129 -6.58 -4.84 11.32
C ASN A 129 -6.95 -4.32 9.92
N LEU A 130 -7.97 -4.94 9.28
CA LEU A 130 -8.54 -4.42 8.03
C LEU A 130 -9.24 -3.09 8.36
N LYS A 131 -8.78 -2.03 7.69
CA LYS A 131 -9.09 -0.64 8.04
C LYS A 131 -10.58 -0.32 7.86
N LYS A 132 -11.06 -0.41 6.60
CA LYS A 132 -12.49 -0.20 6.26
C LYS A 132 -12.77 -0.54 4.78
N VAL A 133 -13.99 -1.07 4.52
CA VAL A 133 -14.47 -1.37 3.13
C VAL A 133 -15.28 -0.20 2.53
N GLU A 134 -15.34 0.94 3.24
CA GLU A 134 -16.10 2.13 2.80
C GLU A 134 -15.14 3.15 2.12
N GLU A 135 -14.74 4.25 2.81
CA GLU A 135 -13.81 5.26 2.26
C GLU A 135 -12.89 5.83 3.35
N ARG A 136 -11.58 5.76 3.10
CA ARG A 136 -10.54 6.47 3.88
C ARG A 136 -9.45 6.94 2.89
N GLU A 137 -9.92 7.50 1.76
CA GLU A 137 -9.06 8.07 0.72
C GLU A 137 -8.57 9.46 1.16
N LEU A 138 -7.23 9.57 1.35
CA LEU A 138 -6.54 10.77 1.91
C LEU A 138 -7.28 11.33 3.15
N PRO A 139 -7.41 10.51 4.24
CA PRO A 139 -8.27 10.87 5.38
C PRO A 139 -7.57 11.83 6.36
N GLU A 140 -8.32 12.84 6.82
CA GLU A 140 -7.87 13.76 7.86
C GLU A 140 -8.14 13.13 9.24
N LEU A 141 -7.27 13.46 10.21
CA LEU A 141 -7.38 12.99 11.61
C LEU A 141 -8.73 13.46 12.18
N THR A 142 -9.73 12.57 12.13
CA THR A 142 -11.11 12.85 12.55
C THR A 142 -11.26 12.65 14.09
N GLY A 1 -3.17 1.74 -4.09
CA GLY A 1 -3.16 3.22 -4.16
C GLY A 1 -2.55 3.70 -5.47
N ILE A 2 -3.37 3.75 -6.55
CA ILE A 2 -2.90 4.16 -7.89
C ILE A 2 -3.52 5.54 -8.26
N ALA A 3 -2.67 6.46 -8.76
CA ALA A 3 -3.09 7.85 -9.09
C ALA A 3 -4.07 7.89 -10.29
N GLU A 4 -3.89 6.94 -11.22
CA GLU A 4 -4.75 6.80 -12.41
C GLU A 4 -6.10 6.13 -12.04
N ALA A 5 -6.06 5.26 -11.00
CA ALA A 5 -7.27 4.61 -10.44
C ALA A 5 -8.11 5.60 -9.63
N ALA A 6 -7.41 6.60 -9.04
CA ALA A 6 -8.04 7.68 -8.28
C ALA A 6 -8.38 8.85 -9.23
N PHE A 7 -9.40 9.64 -8.85
CA PHE A 7 -9.86 10.78 -9.66
C PHE A 7 -8.86 11.95 -9.52
N ASN A 8 -8.21 12.32 -10.63
CA ASN A 8 -7.27 13.45 -10.67
C ASN A 8 -7.80 14.49 -11.69
N LYS A 9 -7.58 15.78 -11.41
CA LYS A 9 -7.90 16.86 -12.37
C LYS A 9 -6.74 17.04 -13.36
N GLY A 10 -5.51 16.78 -12.87
CA GLY A 10 -4.31 16.81 -13.69
C GLY A 10 -4.18 15.58 -14.57
N GLU A 11 -3.27 15.66 -15.57
CA GLU A 11 -2.99 14.54 -16.47
C GLU A 11 -2.32 13.38 -15.71
N THR A 12 -2.66 12.13 -16.08
CA THR A 12 -2.15 10.93 -15.40
C THR A 12 -0.62 10.78 -15.60
N ALA A 13 0.09 10.53 -14.49
CA ALA A 13 1.55 10.32 -14.46
C ALA A 13 1.88 8.85 -14.76
N MET A 14 3.17 8.51 -14.64
CA MET A 14 3.67 7.11 -14.69
C MET A 14 2.84 6.17 -13.79
N THR A 15 2.73 4.89 -14.19
CA THR A 15 2.06 3.84 -13.40
C THR A 15 2.82 3.57 -12.09
N ILE A 16 2.07 3.07 -11.08
CA ILE A 16 2.62 2.76 -9.76
C ILE A 16 3.65 1.61 -9.82
N ASN A 17 4.82 1.84 -9.19
CA ASN A 17 5.80 0.79 -8.92
C ASN A 17 5.56 0.28 -7.51
N GLY A 18 5.12 -0.99 -7.41
CA GLY A 18 4.66 -1.60 -6.16
C GLY A 18 5.68 -1.58 -5.03
N PRO A 19 6.79 -2.39 -5.10
CA PRO A 19 7.78 -2.52 -4.01
C PRO A 19 8.28 -1.16 -3.45
N TRP A 20 7.74 -0.77 -2.30
CA TRP A 20 7.95 0.56 -1.69
C TRP A 20 9.08 0.48 -0.63
N ALA A 21 10.19 1.17 -0.89
CA ALA A 21 11.31 1.31 0.06
C ALA A 21 11.61 2.80 0.26
N TRP A 22 11.21 3.35 1.43
CA TRP A 22 11.46 4.77 1.80
C TRP A 22 10.83 5.76 0.79
N SER A 23 9.68 5.36 0.22
CA SER A 23 8.95 6.17 -0.76
C SER A 23 8.27 7.39 -0.07
N ASN A 24 9.03 8.51 -0.02
CA ASN A 24 8.59 9.77 0.61
C ASN A 24 9.05 10.97 -0.25
N ILE A 25 9.00 12.19 0.33
CA ILE A 25 9.51 13.41 -0.34
C ILE A 25 10.75 13.94 0.43
N ASP A 26 11.56 14.77 -0.24
CA ASP A 26 12.81 15.35 0.34
C ASP A 26 12.53 16.23 1.59
N THR A 27 11.32 16.84 1.64
CA THR A 27 10.91 17.69 2.79
C THR A 27 10.45 16.83 4.00
N SER A 28 9.58 15.85 3.73
CA SER A 28 9.00 14.96 4.76
C SER A 28 8.48 13.66 4.09
N LYS A 29 7.13 13.45 4.01
CA LYS A 29 6.52 12.28 3.33
C LYS A 29 5.42 12.79 2.38
N VAL A 30 5.56 12.55 1.06
CA VAL A 30 4.48 12.80 0.10
C VAL A 30 3.39 11.70 0.22
N GLY A 31 2.48 11.90 1.19
CA GLY A 31 1.34 11.01 1.45
C GLY A 31 0.02 11.76 1.53
N SER A 32 0.07 13.07 1.25
CA SER A 32 -1.11 13.95 1.25
C SER A 32 -1.23 14.66 -0.10
N GLY A 33 -2.46 14.77 -0.61
CA GLY A 33 -2.74 15.44 -1.87
C GLY A 33 -2.92 16.95 -1.73
N SER A 34 -1.84 17.64 -1.34
CA SER A 34 -1.84 19.09 -1.10
C SER A 34 -2.07 19.87 -2.42
N GLY A 35 -1.42 19.39 -3.49
CA GLY A 35 -1.50 20.03 -4.81
C GLY A 35 -2.79 19.71 -5.54
N SER A 36 -3.55 20.76 -5.90
CA SER A 36 -4.78 20.62 -6.67
C SER A 36 -4.44 20.31 -8.15
N GLY A 37 -4.65 19.05 -8.55
CA GLY A 37 -4.23 18.56 -9.87
C GLY A 37 -3.04 17.61 -9.81
N SER A 38 -2.53 17.38 -8.58
CA SER A 38 -1.42 16.45 -8.33
C SER A 38 -1.94 15.28 -7.49
N GLY A 39 -2.49 15.61 -6.30
CA GLY A 39 -3.03 14.62 -5.37
C GLY A 39 -4.35 14.02 -5.86
N SER A 40 -4.27 12.84 -6.47
CA SER A 40 -5.42 12.15 -7.04
C SER A 40 -6.35 11.63 -5.92
N GLN A 41 -7.58 12.18 -5.86
CA GLN A 41 -8.57 11.82 -4.83
C GLN A 41 -9.33 10.53 -5.20
N ALA A 42 -9.12 9.46 -4.42
CA ALA A 42 -9.89 8.22 -4.54
C ALA A 42 -11.20 8.40 -3.77
N THR A 43 -12.30 8.70 -4.48
CA THR A 43 -13.64 8.81 -3.87
C THR A 43 -14.22 7.40 -3.64
N TRP A 44 -14.46 7.05 -2.37
CA TRP A 44 -14.84 5.69 -1.96
C TRP A 44 -16.31 5.59 -1.57
N LYS A 45 -16.85 4.39 -1.81
CA LYS A 45 -18.23 4.00 -1.44
C LYS A 45 -18.15 2.74 -0.55
N GLU A 46 -19.17 2.54 0.30
CA GLU A 46 -19.17 1.47 1.31
C GLU A 46 -19.18 0.06 0.68
N LYS A 47 -18.28 -0.80 1.18
CA LYS A 47 -18.19 -2.21 0.81
C LYS A 47 -18.97 -3.05 1.84
N ASP A 48 -19.54 -4.16 1.38
CA ASP A 48 -20.37 -5.05 2.23
C ASP A 48 -20.03 -6.50 1.92
N GLY A 49 -20.50 -7.41 2.79
CA GLY A 49 -20.25 -8.84 2.64
C GLY A 49 -18.77 -9.19 2.72
N ALA A 50 -18.14 -9.36 1.54
CA ALA A 50 -16.73 -9.76 1.45
C ALA A 50 -16.06 -9.08 0.24
N VAL A 51 -14.73 -8.89 0.34
CA VAL A 51 -13.90 -8.29 -0.72
C VAL A 51 -13.74 -9.28 -1.89
N GLU A 52 -13.94 -8.79 -3.12
CA GLU A 52 -13.90 -9.63 -4.34
C GLU A 52 -12.53 -9.55 -5.04
N ALA A 53 -12.40 -10.31 -6.13
CA ALA A 53 -11.16 -10.41 -6.94
C ALA A 53 -10.92 -9.13 -7.78
N GLU A 54 -11.99 -8.38 -8.02
CA GLU A 54 -11.95 -7.11 -8.78
C GLU A 54 -12.18 -5.90 -7.85
N ASP A 55 -12.70 -6.16 -6.64
CA ASP A 55 -13.26 -5.12 -5.76
C ASP A 55 -12.17 -4.50 -4.87
N ARG A 56 -12.40 -3.24 -4.51
CA ARG A 56 -11.46 -2.41 -3.76
C ARG A 56 -11.90 -2.29 -2.29
N VAL A 57 -10.92 -2.33 -1.37
CA VAL A 57 -11.18 -2.11 0.07
C VAL A 57 -9.96 -1.36 0.67
N THR A 58 -10.21 -0.48 1.66
CA THR A 58 -9.13 0.23 2.36
C THR A 58 -8.49 -0.75 3.36
N ILE A 59 -7.19 -0.98 3.20
CA ILE A 59 -6.40 -1.88 4.05
C ILE A 59 -5.42 -1.07 4.90
N ASP A 60 -4.69 -1.76 5.76
CA ASP A 60 -3.62 -1.17 6.58
C ASP A 60 -2.48 -2.18 6.60
N PHE A 61 -1.23 -1.71 6.78
CA PHE A 61 -0.07 -2.59 6.90
C PHE A 61 1.03 -1.94 7.73
N THR A 62 1.59 -2.73 8.68
CA THR A 62 2.72 -2.33 9.52
C THR A 62 3.26 -3.59 10.22
N GLY A 63 4.54 -3.55 10.61
CA GLY A 63 5.18 -4.69 11.30
C GLY A 63 6.59 -4.96 10.78
N SER A 64 6.81 -6.18 10.25
CA SER A 64 8.16 -6.66 9.90
C SER A 64 8.17 -7.37 8.54
N VAL A 65 9.39 -7.56 8.01
CA VAL A 65 9.67 -8.26 6.75
C VAL A 65 10.57 -9.48 7.06
N ASP A 66 9.99 -10.71 6.95
CA ASP A 66 10.64 -11.99 7.32
C ASP A 66 11.07 -11.98 8.82
N GLY A 67 10.27 -11.25 9.64
CA GLY A 67 10.50 -11.13 11.08
C GLY A 67 11.49 -10.02 11.45
N GLU A 68 12.03 -9.33 10.44
CA GLU A 68 12.98 -8.21 10.61
C GLU A 68 12.26 -6.86 10.51
N GLU A 69 12.45 -5.98 11.52
CA GLU A 69 11.78 -4.68 11.56
C GLU A 69 12.38 -3.71 10.52
N PHE A 70 11.55 -3.27 9.56
CA PHE A 70 11.97 -2.34 8.47
C PHE A 70 11.22 -1.01 8.59
N GLU A 71 11.98 0.11 8.50
CA GLU A 71 11.44 1.48 8.57
C GLU A 71 11.26 2.06 7.16
N GLY A 72 10.21 2.88 6.98
CA GLY A 72 9.90 3.47 5.68
C GLY A 72 9.16 2.50 4.76
N GLY A 73 8.39 1.58 5.37
CA GLY A 73 7.69 0.52 4.64
C GLY A 73 6.35 0.16 5.29
N LYS A 74 5.75 1.11 6.01
CA LYS A 74 4.40 0.94 6.61
C LYS A 74 3.52 2.14 6.22
N ALA A 75 2.22 1.89 6.04
CA ALA A 75 1.24 2.93 5.75
C ALA A 75 -0.11 2.54 6.34
N SER A 76 -0.70 3.49 7.06
CA SER A 76 -2.00 3.35 7.72
C SER A 76 -3.10 3.99 6.85
N ASP A 77 -4.32 3.39 6.89
CA ASP A 77 -5.50 3.86 6.12
C ASP A 77 -5.24 3.84 4.61
N PHE A 78 -4.49 2.81 4.15
CA PHE A 78 -4.03 2.72 2.76
C PHE A 78 -5.14 2.16 1.88
N VAL A 79 -5.40 2.83 0.76
CA VAL A 79 -6.50 2.46 -0.15
C VAL A 79 -5.98 1.48 -1.23
N LEU A 80 -6.66 0.33 -1.37
CA LEU A 80 -6.19 -0.78 -2.23
C LEU A 80 -7.34 -1.30 -3.11
N ALA A 81 -7.13 -1.27 -4.44
CA ALA A 81 -8.00 -1.92 -5.43
C ALA A 81 -7.43 -3.30 -5.80
N MET A 82 -8.29 -4.33 -5.88
CA MET A 82 -7.86 -5.65 -6.41
C MET A 82 -7.85 -5.63 -7.95
N GLY A 83 -7.05 -6.54 -8.53
CA GLY A 83 -6.80 -6.59 -9.97
C GLY A 83 -5.64 -5.69 -10.38
N GLN A 84 -4.67 -5.52 -9.48
CA GLN A 84 -3.45 -4.72 -9.74
C GLN A 84 -2.23 -5.62 -9.99
N GLY A 85 -1.57 -5.39 -11.12
CA GLY A 85 -0.25 -5.96 -11.41
C GLY A 85 0.87 -4.96 -11.11
N ARG A 86 0.47 -3.69 -10.90
CA ARG A 86 1.39 -2.56 -10.62
C ARG A 86 2.04 -2.76 -9.24
N MET A 87 1.23 -3.24 -8.30
CA MET A 87 1.61 -3.41 -6.88
C MET A 87 2.01 -4.86 -6.60
N ILE A 88 2.58 -5.14 -5.40
CA ILE A 88 3.09 -6.48 -5.07
C ILE A 88 1.96 -7.53 -5.01
N PRO A 89 2.21 -8.80 -5.48
CA PRO A 89 1.15 -9.86 -5.60
C PRO A 89 0.54 -10.26 -4.23
N GLY A 90 1.27 -9.98 -3.14
CA GLY A 90 0.85 -10.34 -1.78
C GLY A 90 -0.39 -9.59 -1.28
N PHE A 91 -0.66 -8.42 -1.88
CA PHE A 91 -1.88 -7.63 -1.56
C PHE A 91 -3.18 -8.38 -1.93
N GLU A 92 -3.10 -9.19 -3.00
CA GLU A 92 -4.24 -9.98 -3.50
C GLU A 92 -4.44 -11.27 -2.66
N ASP A 93 -3.47 -11.55 -1.78
CA ASP A 93 -3.47 -12.71 -0.89
C ASP A 93 -3.57 -12.22 0.58
N GLY A 94 -4.81 -12.14 1.09
CA GLY A 94 -5.04 -11.83 2.49
C GLY A 94 -6.40 -11.20 2.77
N ILE A 95 -6.82 -10.26 1.92
CA ILE A 95 -8.00 -9.39 2.18
C ILE A 95 -9.32 -9.95 1.63
N LYS A 96 -9.23 -10.76 0.57
CA LYS A 96 -10.41 -11.28 -0.16
C LYS A 96 -11.20 -12.31 0.68
N GLY A 97 -12.48 -12.53 0.28
CA GLY A 97 -13.32 -13.58 0.88
C GLY A 97 -13.81 -13.29 2.30
N HIS A 98 -13.58 -12.05 2.76
CA HIS A 98 -14.04 -11.58 4.10
C HIS A 98 -14.06 -10.04 4.15
N LYS A 99 -14.39 -9.48 5.35
CA LYS A 99 -14.68 -8.04 5.51
C LYS A 99 -13.52 -7.31 6.24
N ALA A 100 -13.61 -5.97 6.30
CA ALA A 100 -12.74 -5.14 7.16
C ALA A 100 -13.28 -5.10 8.59
N GLY A 101 -12.40 -4.69 9.52
CA GLY A 101 -12.72 -4.59 10.95
C GLY A 101 -12.11 -5.72 11.75
N GLU A 102 -11.93 -6.87 11.08
CA GLU A 102 -11.28 -8.07 11.66
C GLU A 102 -9.75 -7.94 11.58
N GLU A 103 -9.05 -8.52 12.57
CA GLU A 103 -7.57 -8.47 12.65
C GLU A 103 -6.98 -9.85 12.35
N PHE A 104 -5.89 -9.84 11.57
CA PHE A 104 -5.23 -11.06 11.08
C PHE A 104 -3.80 -10.73 10.61
N THR A 105 -3.00 -11.76 10.37
CA THR A 105 -1.68 -11.62 9.74
C THR A 105 -1.79 -11.93 8.24
N ILE A 106 -1.09 -11.16 7.40
CA ILE A 106 -0.95 -11.49 5.97
C ILE A 106 0.53 -11.67 5.64
N ASP A 107 0.84 -12.73 4.91
CA ASP A 107 2.16 -12.92 4.31
C ASP A 107 2.10 -12.42 2.87
N VAL A 108 2.98 -11.47 2.55
CA VAL A 108 3.11 -10.87 1.22
C VAL A 108 4.55 -11.13 0.74
N THR A 109 4.75 -11.21 -0.58
CA THR A 109 6.08 -11.40 -1.17
C THR A 109 6.48 -10.12 -1.92
N PHE A 110 7.57 -9.47 -1.49
CA PHE A 110 8.23 -8.43 -2.28
C PHE A 110 9.06 -9.14 -3.38
N PRO A 111 8.86 -8.79 -4.68
CA PRO A 111 9.65 -9.35 -5.79
C PRO A 111 10.99 -8.59 -6.02
N GLU A 112 11.82 -9.17 -6.90
CA GLU A 112 13.01 -8.53 -7.47
C GLU A 112 12.57 -7.23 -8.19
N GLU A 113 13.45 -6.21 -8.18
CA GLU A 113 13.16 -4.81 -8.56
C GLU A 113 12.58 -4.05 -7.34
N TYR A 114 12.61 -4.68 -6.14
CA TYR A 114 12.48 -3.97 -4.86
C TYR A 114 13.64 -2.94 -4.75
N HIS A 115 13.27 -1.66 -4.47
CA HIS A 115 14.20 -0.52 -4.48
C HIS A 115 15.03 -0.44 -3.16
N ALA A 116 15.74 -1.53 -2.85
CA ALA A 116 16.51 -1.68 -1.60
C ALA A 116 17.66 -2.69 -1.81
N GLU A 117 18.79 -2.45 -1.13
CA GLU A 117 20.03 -3.24 -1.28
C GLU A 117 20.04 -4.42 -0.30
N ASN A 118 19.72 -4.13 0.97
CA ASN A 118 19.68 -5.10 2.08
C ASN A 118 18.38 -5.92 2.01
N LEU A 119 17.26 -5.21 1.73
CA LEU A 119 15.96 -5.83 1.46
C LEU A 119 15.94 -6.22 -0.03
N LYS A 120 16.38 -7.47 -0.28
CA LYS A 120 16.62 -8.00 -1.64
C LYS A 120 15.34 -8.51 -2.35
N GLY A 121 14.18 -7.94 -1.99
CA GLY A 121 12.90 -8.47 -2.45
C GLY A 121 12.53 -9.73 -1.66
N LYS A 122 12.24 -9.52 -0.37
CA LYS A 122 11.93 -10.60 0.59
C LYS A 122 10.47 -10.56 1.07
N ALA A 123 10.01 -11.68 1.63
CA ALA A 123 8.62 -11.84 2.10
C ALA A 123 8.41 -11.06 3.42
N ALA A 124 7.32 -10.26 3.47
CA ALA A 124 6.92 -9.51 4.67
C ALA A 124 5.66 -10.11 5.28
N LYS A 125 5.41 -9.78 6.55
CA LYS A 125 4.18 -10.15 7.25
C LYS A 125 3.63 -8.93 8.00
N PHE A 126 2.30 -8.76 7.93
CA PHE A 126 1.60 -7.63 8.55
C PHE A 126 0.43 -8.14 9.41
N ALA A 127 0.68 -8.25 10.74
CA ALA A 127 -0.37 -8.62 11.71
C ALA A 127 -1.18 -7.37 12.08
N ILE A 128 -2.18 -7.06 11.24
CA ILE A 128 -2.95 -5.82 11.31
C ILE A 128 -4.41 -6.12 10.91
N ASN A 129 -5.34 -5.28 11.41
CA ASN A 129 -6.73 -5.34 10.99
C ASN A 129 -6.88 -4.80 9.55
N LEU A 130 -7.76 -5.43 8.77
CA LEU A 130 -8.23 -4.87 7.49
C LEU A 130 -8.96 -3.55 7.86
N LYS A 131 -8.56 -2.44 7.24
CA LYS A 131 -8.83 -1.10 7.78
C LYS A 131 -10.32 -0.73 7.75
N LYS A 132 -10.87 -0.57 6.54
CA LYS A 132 -12.21 0.03 6.36
C LYS A 132 -12.83 -0.41 5.03
N VAL A 133 -14.05 -0.99 5.11
CA VAL A 133 -14.88 -1.28 3.93
C VAL A 133 -15.55 0.01 3.41
N GLU A 134 -15.89 0.91 4.35
CA GLU A 134 -16.69 2.11 4.08
C GLU A 134 -15.99 3.10 3.11
N GLU A 135 -14.97 3.83 3.60
CA GLU A 135 -14.27 4.85 2.76
C GLU A 135 -12.92 5.26 3.33
N ARG A 136 -12.08 5.81 2.43
CA ARG A 136 -10.91 6.64 2.76
C ARG A 136 -10.58 7.53 1.55
N GLU A 137 -11.29 8.66 1.41
CA GLU A 137 -11.01 9.65 0.36
C GLU A 137 -9.87 10.56 0.87
N LEU A 138 -8.62 10.22 0.46
CA LEU A 138 -7.36 10.90 0.88
C LEU A 138 -7.26 11.09 2.42
N PRO A 139 -6.89 10.01 3.18
CA PRO A 139 -6.81 10.05 4.65
C PRO A 139 -5.62 10.88 5.19
N GLU A 140 -5.79 11.37 6.42
CA GLU A 140 -4.71 12.03 7.18
C GLU A 140 -3.97 10.99 8.04
N LEU A 141 -2.88 11.42 8.72
CA LEU A 141 -2.11 10.57 9.66
C LEU A 141 -2.99 10.29 10.89
N THR A 142 -3.68 9.11 10.87
CA THR A 142 -4.68 8.68 11.88
C THR A 142 -5.62 9.83 12.34
N GLY A 1 -3.05 6.80 -4.99
CA GLY A 1 -2.91 6.85 -6.47
C GLY A 1 -1.48 6.60 -6.93
N ILE A 2 -1.20 6.91 -8.21
CA ILE A 2 0.14 6.73 -8.80
C ILE A 2 1.02 7.95 -8.46
N ALA A 3 2.35 7.74 -8.42
CA ALA A 3 3.34 8.79 -8.13
C ALA A 3 3.39 9.84 -9.26
N GLU A 4 3.00 9.43 -10.48
CA GLU A 4 2.82 10.34 -11.64
C GLU A 4 1.56 11.23 -11.43
N ALA A 5 0.51 10.64 -10.83
CA ALA A 5 -0.74 11.34 -10.48
C ALA A 5 -0.51 12.33 -9.33
N ALA A 6 0.41 11.96 -8.44
CA ALA A 6 0.81 12.78 -7.29
C ALA A 6 1.81 13.84 -7.74
N PHE A 7 1.58 15.10 -7.32
CA PHE A 7 2.48 16.22 -7.58
C PHE A 7 3.74 16.03 -6.73
N ASN A 8 4.87 15.78 -7.39
CA ASN A 8 6.14 15.42 -6.73
C ASN A 8 7.06 16.66 -6.62
N LYS A 9 7.83 16.75 -5.52
CA LYS A 9 8.82 17.82 -5.27
C LYS A 9 10.05 17.66 -6.21
N GLY A 10 10.34 16.40 -6.55
CA GLY A 10 11.37 16.04 -7.52
C GLY A 10 10.80 15.98 -8.93
N GLU A 11 11.70 15.83 -9.93
CA GLU A 11 11.36 15.61 -11.36
C GLU A 11 10.25 14.52 -11.53
N THR A 12 9.57 14.53 -12.70
CA THR A 12 8.27 13.83 -12.86
C THR A 12 8.43 12.30 -12.70
N ALA A 13 7.49 11.71 -11.94
CA ALA A 13 7.59 10.30 -11.50
C ALA A 13 6.93 9.34 -12.50
N MET A 14 7.15 8.04 -12.27
CA MET A 14 6.76 6.95 -13.19
C MET A 14 5.56 6.16 -12.60
N THR A 15 5.18 5.06 -13.31
CA THR A 15 4.26 4.03 -12.79
C THR A 15 4.78 3.49 -11.43
N ILE A 16 3.84 3.18 -10.50
CA ILE A 16 4.19 2.70 -9.15
C ILE A 16 5.05 1.43 -9.21
N ASN A 17 6.26 1.52 -8.62
CA ASN A 17 7.11 0.37 -8.33
C ASN A 17 6.53 -0.30 -7.07
N GLY A 18 5.89 -1.48 -7.27
CA GLY A 18 5.15 -2.20 -6.22
C GLY A 18 5.80 -2.26 -4.85
N PRO A 19 7.03 -2.83 -4.73
CA PRO A 19 7.79 -2.81 -3.47
C PRO A 19 8.26 -1.37 -3.12
N TRP A 20 7.65 -0.81 -2.07
CA TRP A 20 7.80 0.62 -1.71
C TRP A 20 9.15 0.86 -1.02
N ALA A 21 10.02 1.62 -1.70
CA ALA A 21 11.36 1.94 -1.22
C ALA A 21 11.33 3.11 -0.24
N TRP A 22 11.69 2.83 1.03
CA TRP A 22 11.86 3.87 2.05
C TRP A 22 13.12 4.70 1.74
N SER A 23 14.18 4.00 1.33
CA SER A 23 15.44 4.64 0.90
C SER A 23 15.30 5.18 -0.54
N ASN A 24 14.75 6.42 -0.63
CA ASN A 24 14.50 7.12 -1.90
C ASN A 24 15.83 7.56 -2.52
N ILE A 25 16.14 7.00 -3.71
CA ILE A 25 17.34 7.30 -4.53
C ILE A 25 18.69 7.15 -3.74
N ASP A 26 18.66 6.35 -2.65
CA ASP A 26 19.84 6.11 -1.78
C ASP A 26 20.76 5.05 -2.42
N THR A 27 20.27 3.79 -2.50
CA THR A 27 21.03 2.65 -3.05
C THR A 27 21.39 2.91 -4.53
N SER A 28 20.35 3.24 -5.30
CA SER A 28 20.46 3.57 -6.74
C SER A 28 19.30 4.52 -7.09
N LYS A 29 19.08 4.81 -8.40
CA LYS A 29 17.97 5.67 -8.88
C LYS A 29 16.61 4.96 -8.67
N VAL A 30 16.03 5.12 -7.46
CA VAL A 30 14.72 4.54 -7.11
C VAL A 30 13.80 5.68 -6.64
N GLY A 31 12.89 6.11 -7.54
CA GLY A 31 12.00 7.25 -7.29
C GLY A 31 12.69 8.58 -7.60
N SER A 32 12.01 9.69 -7.27
CA SER A 32 12.51 11.05 -7.56
C SER A 32 11.80 12.06 -6.64
N GLY A 33 12.15 12.01 -5.33
CA GLY A 33 11.48 12.80 -4.29
C GLY A 33 10.15 12.19 -3.86
N SER A 34 9.51 12.81 -2.85
CA SER A 34 8.20 12.38 -2.35
C SER A 34 7.06 13.07 -3.13
N GLY A 35 6.12 12.26 -3.63
CA GLY A 35 4.90 12.78 -4.27
C GLY A 35 3.77 12.98 -3.28
N SER A 36 2.85 13.89 -3.58
CA SER A 36 1.70 14.20 -2.69
C SER A 36 0.51 14.69 -3.53
N GLY A 37 -0.70 14.39 -3.04
CA GLY A 37 -1.95 14.72 -3.73
C GLY A 37 -3.10 13.95 -3.12
N SER A 38 -3.48 14.34 -1.90
CA SER A 38 -4.55 13.69 -1.12
C SER A 38 -5.95 14.20 -1.54
N GLY A 39 -7.01 13.54 -1.05
CA GLY A 39 -8.39 14.00 -1.25
C GLY A 39 -8.99 13.55 -2.58
N SER A 40 -8.57 14.22 -3.67
CA SER A 40 -9.08 13.96 -5.03
C SER A 40 -8.62 12.58 -5.55
N GLN A 41 -9.43 11.56 -5.25
CA GLN A 41 -9.22 10.16 -5.69
C GLN A 41 -10.58 9.56 -6.08
N ALA A 42 -10.55 8.39 -6.76
CA ALA A 42 -11.76 7.60 -7.08
C ALA A 42 -12.53 7.31 -5.79
N THR A 43 -13.78 7.81 -5.69
CA THR A 43 -14.52 7.88 -4.41
C THR A 43 -15.06 6.52 -3.98
N TRP A 44 -15.09 6.30 -2.66
CA TRP A 44 -15.49 5.02 -2.05
C TRP A 44 -16.83 5.19 -1.32
N LYS A 45 -17.66 4.13 -1.43
CA LYS A 45 -18.97 4.04 -0.76
C LYS A 45 -18.93 2.96 0.33
N GLU A 46 -19.81 3.11 1.35
CA GLU A 46 -19.95 2.15 2.45
C GLU A 46 -20.49 0.81 1.92
N LYS A 47 -19.73 -0.26 2.12
CA LYS A 47 -20.11 -1.61 1.65
C LYS A 47 -20.26 -2.56 2.84
N ASP A 48 -21.27 -3.44 2.80
CA ASP A 48 -21.54 -4.41 3.88
C ASP A 48 -21.48 -5.84 3.31
N GLY A 49 -20.97 -6.77 4.14
CA GLY A 49 -20.76 -8.16 3.74
C GLY A 49 -19.30 -8.56 3.81
N ALA A 50 -18.65 -8.67 2.65
CA ALA A 50 -17.23 -9.08 2.55
C ALA A 50 -16.55 -8.37 1.37
N VAL A 51 -15.21 -8.33 1.43
CA VAL A 51 -14.37 -7.98 0.28
C VAL A 51 -14.33 -9.21 -0.66
N GLU A 52 -14.62 -8.97 -1.93
CA GLU A 52 -14.72 -10.02 -2.97
C GLU A 52 -13.41 -10.16 -3.77
N ALA A 53 -13.48 -11.03 -4.82
CA ALA A 53 -12.38 -11.23 -5.77
C ALA A 53 -12.13 -9.99 -6.61
N GLU A 54 -13.22 -9.36 -7.07
CA GLU A 54 -13.18 -8.15 -7.92
C GLU A 54 -13.04 -6.87 -7.09
N ASP A 55 -13.19 -6.98 -5.76
CA ASP A 55 -13.44 -5.84 -4.88
C ASP A 55 -12.12 -5.19 -4.42
N ARG A 56 -12.21 -3.90 -4.08
CA ARG A 56 -11.10 -3.09 -3.53
C ARG A 56 -11.41 -2.77 -2.06
N VAL A 57 -10.36 -2.62 -1.22
CA VAL A 57 -10.55 -2.42 0.23
C VAL A 57 -9.49 -1.45 0.84
N THR A 58 -9.91 -0.69 1.88
CA THR A 58 -9.01 0.14 2.68
C THR A 58 -8.38 -0.73 3.77
N ILE A 59 -7.04 -0.71 3.85
CA ILE A 59 -6.25 -1.55 4.77
C ILE A 59 -5.06 -0.76 5.32
N ASP A 60 -4.58 -1.20 6.47
CA ASP A 60 -3.30 -0.77 7.05
C ASP A 60 -2.31 -1.91 6.82
N PHE A 61 -1.01 -1.60 6.79
CA PHE A 61 0.05 -2.61 6.74
C PHE A 61 1.26 -2.12 7.55
N THR A 62 1.76 -3.01 8.43
CA THR A 62 2.90 -2.77 9.32
C THR A 62 3.29 -4.10 10.01
N GLY A 63 4.48 -4.14 10.61
CA GLY A 63 4.94 -5.32 11.35
C GLY A 63 6.40 -5.61 11.10
N SER A 64 6.68 -6.47 10.09
CA SER A 64 8.06 -6.81 9.71
C SER A 64 8.10 -7.36 8.28
N VAL A 65 9.32 -7.51 7.77
CA VAL A 65 9.62 -8.11 6.49
C VAL A 65 10.68 -9.21 6.74
N ASP A 66 10.22 -10.47 6.67
CA ASP A 66 11.05 -11.68 6.93
C ASP A 66 11.72 -11.62 8.33
N GLY A 67 10.99 -11.00 9.29
CA GLY A 67 11.44 -10.87 10.69
C GLY A 67 12.26 -9.62 10.98
N GLU A 68 12.25 -8.63 10.06
CA GLU A 68 12.96 -7.35 10.23
C GLU A 68 11.98 -6.17 10.11
N GLU A 69 11.95 -5.27 11.09
CA GLU A 69 11.00 -4.14 11.10
C GLU A 69 11.52 -3.02 10.17
N PHE A 70 10.83 -2.85 9.03
CA PHE A 70 11.19 -1.84 8.02
C PHE A 70 10.32 -0.58 8.23
N GLU A 71 10.84 0.28 9.10
CA GLU A 71 10.14 1.49 9.55
C GLU A 71 10.15 2.56 8.46
N GLY A 72 8.98 3.18 8.24
CA GLY A 72 8.76 4.08 7.11
C GLY A 72 8.12 3.36 5.92
N GLY A 73 8.19 2.01 5.90
CA GLY A 73 7.56 1.19 4.87
C GLY A 73 6.19 0.69 5.32
N LYS A 74 5.36 1.62 5.79
CA LYS A 74 4.02 1.32 6.32
C LYS A 74 3.07 2.48 6.03
N ALA A 75 1.75 2.20 6.02
CA ALA A 75 0.72 3.23 5.76
C ALA A 75 -0.58 2.90 6.50
N SER A 76 -1.23 3.95 7.02
CA SER A 76 -2.55 3.89 7.66
C SER A 76 -3.63 4.41 6.71
N ASP A 77 -4.80 3.73 6.70
CA ASP A 77 -6.00 4.14 5.94
C ASP A 77 -5.70 4.21 4.43
N PHE A 78 -4.87 3.26 3.97
CA PHE A 78 -4.42 3.19 2.58
C PHE A 78 -5.49 2.46 1.75
N VAL A 79 -5.92 3.10 0.65
CA VAL A 79 -6.96 2.55 -0.23
C VAL A 79 -6.30 1.68 -1.32
N LEU A 80 -6.43 0.37 -1.14
CA LEU A 80 -5.78 -0.66 -1.96
C LEU A 80 -6.82 -1.37 -2.84
N ALA A 81 -6.52 -1.46 -4.13
CA ALA A 81 -7.25 -2.30 -5.08
C ALA A 81 -6.48 -3.64 -5.21
N MET A 82 -7.20 -4.78 -5.18
CA MET A 82 -6.60 -6.12 -5.33
C MET A 82 -6.00 -6.31 -6.75
N GLY A 83 -4.94 -7.13 -6.84
CA GLY A 83 -4.42 -7.62 -8.11
C GLY A 83 -3.89 -6.55 -9.05
N GLN A 84 -3.32 -5.48 -8.49
CA GLN A 84 -2.73 -4.40 -9.28
C GLN A 84 -1.28 -4.75 -9.65
N GLY A 85 -0.95 -4.66 -10.95
CA GLY A 85 0.41 -4.87 -11.45
C GLY A 85 1.38 -3.79 -11.01
N ARG A 86 0.83 -2.58 -10.77
CA ARG A 86 1.58 -1.43 -10.19
C ARG A 86 1.98 -1.74 -8.74
N MET A 87 1.20 -2.60 -8.05
CA MET A 87 1.50 -3.04 -6.68
C MET A 87 2.17 -4.42 -6.71
N ILE A 88 2.60 -4.90 -5.53
CA ILE A 88 3.25 -6.21 -5.38
C ILE A 88 2.26 -7.36 -5.74
N PRO A 89 2.76 -8.51 -6.31
CA PRO A 89 1.92 -9.68 -6.68
C PRO A 89 1.13 -10.24 -5.48
N GLY A 90 1.65 -10.04 -4.26
CA GLY A 90 0.99 -10.52 -3.02
C GLY A 90 -0.37 -9.88 -2.74
N PHE A 91 -0.57 -8.64 -3.23
CA PHE A 91 -1.83 -7.87 -3.04
C PHE A 91 -2.97 -8.37 -3.96
N GLU A 92 -2.74 -9.47 -4.70
CA GLU A 92 -3.81 -10.16 -5.46
C GLU A 92 -4.79 -10.85 -4.48
N ASP A 93 -4.28 -11.18 -3.28
CA ASP A 93 -5.00 -11.94 -2.24
C ASP A 93 -4.63 -11.38 -0.87
N GLY A 94 -5.14 -11.98 0.22
CA GLY A 94 -4.87 -11.54 1.60
C GLY A 94 -5.93 -10.57 2.14
N ILE A 95 -6.76 -10.04 1.23
CA ILE A 95 -7.81 -9.05 1.54
C ILE A 95 -9.20 -9.56 1.13
N LYS A 96 -9.23 -10.63 0.30
CA LYS A 96 -10.48 -11.11 -0.35
C LYS A 96 -11.13 -12.24 0.47
N GLY A 97 -12.44 -12.43 0.25
CA GLY A 97 -13.24 -13.46 0.93
C GLY A 97 -13.34 -13.30 2.45
N HIS A 98 -13.37 -12.02 2.91
CA HIS A 98 -13.54 -11.70 4.35
C HIS A 98 -13.87 -10.21 4.51
N LYS A 99 -14.38 -9.84 5.70
CA LYS A 99 -15.00 -8.53 5.94
C LYS A 99 -14.00 -7.55 6.59
N ALA A 100 -14.43 -6.29 6.70
CA ALA A 100 -13.70 -5.24 7.42
C ALA A 100 -13.92 -5.37 8.95
N GLY A 101 -12.97 -4.81 9.73
CA GLY A 101 -13.09 -4.78 11.20
C GLY A 101 -12.35 -5.91 11.89
N GLU A 102 -12.21 -7.06 11.21
CA GLU A 102 -11.50 -8.24 11.74
C GLU A 102 -9.98 -8.04 11.67
N GLU A 103 -9.24 -8.70 12.56
CA GLU A 103 -7.76 -8.68 12.54
C GLU A 103 -7.26 -10.01 11.96
N PHE A 104 -6.22 -9.93 11.12
CA PHE A 104 -5.64 -11.09 10.42
C PHE A 104 -4.14 -10.84 10.15
N THR A 105 -3.45 -11.91 9.73
CA THR A 105 -2.03 -11.86 9.31
C THR A 105 -1.93 -12.31 7.86
N ILE A 106 -1.10 -11.62 7.07
CA ILE A 106 -0.86 -11.97 5.66
C ILE A 106 0.63 -11.86 5.35
N ASP A 107 1.16 -12.87 4.64
CA ASP A 107 2.52 -12.86 4.12
C ASP A 107 2.46 -12.61 2.60
N VAL A 108 3.19 -11.58 2.16
CA VAL A 108 3.29 -11.14 0.76
C VAL A 108 4.76 -11.21 0.35
N THR A 109 5.05 -11.26 -0.95
CA THR A 109 6.43 -11.25 -1.45
C THR A 109 6.67 -9.98 -2.28
N PHE A 110 7.64 -9.15 -1.83
CA PHE A 110 8.18 -8.05 -2.64
C PHE A 110 8.98 -8.67 -3.81
N PRO A 111 8.70 -8.28 -5.09
CA PRO A 111 9.56 -8.67 -6.22
C PRO A 111 10.96 -8.01 -6.10
N GLU A 112 11.96 -8.59 -6.78
CA GLU A 112 13.38 -8.15 -6.71
C GLU A 112 13.60 -6.74 -7.31
N GLU A 113 12.51 -6.14 -7.84
CA GLU A 113 12.42 -4.72 -8.23
C GLU A 113 12.94 -3.78 -7.13
N TYR A 114 12.69 -4.17 -5.86
CA TYR A 114 13.31 -3.52 -4.69
C TYR A 114 14.79 -3.95 -4.61
N HIS A 115 15.65 -3.28 -5.37
CA HIS A 115 17.09 -3.60 -5.39
C HIS A 115 17.86 -2.75 -4.37
N ALA A 116 17.68 -3.12 -3.09
CA ALA A 116 18.43 -2.58 -1.94
C ALA A 116 19.19 -3.73 -1.24
N GLU A 117 19.97 -3.40 -0.20
CA GLU A 117 20.85 -4.36 0.50
C GLU A 117 20.01 -5.39 1.29
N ASN A 118 19.34 -4.92 2.35
CA ASN A 118 18.47 -5.75 3.19
C ASN A 118 17.21 -6.11 2.41
N LEU A 119 16.58 -5.07 1.82
CA LEU A 119 15.36 -5.20 1.01
C LEU A 119 15.75 -5.48 -0.46
N LYS A 120 16.07 -6.75 -0.76
CA LYS A 120 16.51 -7.20 -2.10
C LYS A 120 15.34 -7.85 -2.88
N GLY A 121 14.11 -7.57 -2.42
CA GLY A 121 12.92 -8.26 -2.91
C GLY A 121 12.63 -9.50 -2.10
N LYS A 122 12.28 -9.27 -0.82
CA LYS A 122 12.07 -10.33 0.20
C LYS A 122 10.58 -10.38 0.65
N ALA A 123 10.25 -11.42 1.44
CA ALA A 123 8.87 -11.65 1.91
C ALA A 123 8.56 -10.81 3.16
N ALA A 124 7.37 -10.19 3.19
CA ALA A 124 6.87 -9.39 4.33
C ALA A 124 5.68 -10.07 5.00
N LYS A 125 5.39 -9.68 6.25
CA LYS A 125 4.28 -10.20 7.04
C LYS A 125 3.61 -9.04 7.81
N PHE A 126 2.27 -8.94 7.68
CA PHE A 126 1.46 -7.84 8.25
C PHE A 126 0.30 -8.42 9.09
N ALA A 127 0.44 -8.36 10.44
CA ALA A 127 -0.60 -8.79 11.38
C ALA A 127 -1.31 -7.55 11.94
N ILE A 128 -2.43 -7.18 11.29
CA ILE A 128 -3.14 -5.92 11.57
C ILE A 128 -4.65 -6.08 11.29
N ASN A 129 -5.48 -5.23 11.92
CA ASN A 129 -6.91 -5.15 11.63
C ASN A 129 -7.14 -4.59 10.23
N LEU A 130 -8.21 -5.05 9.58
CA LEU A 130 -8.69 -4.45 8.33
C LEU A 130 -9.32 -3.10 8.69
N LYS A 131 -8.84 -2.04 8.04
CA LYS A 131 -9.27 -0.65 8.25
C LYS A 131 -10.78 -0.48 7.99
N LYS A 132 -11.19 -0.25 6.74
CA LYS A 132 -12.62 -0.04 6.39
C LYS A 132 -12.92 -0.42 4.94
N VAL A 133 -14.22 -0.45 4.66
CA VAL A 133 -14.80 -0.65 3.32
C VAL A 133 -15.74 0.54 3.00
N GLU A 134 -15.49 1.67 3.69
CA GLU A 134 -16.32 2.89 3.59
C GLU A 134 -15.70 3.92 2.64
N GLU A 135 -14.86 4.86 3.16
CA GLU A 135 -14.33 6.01 2.39
C GLU A 135 -13.04 6.58 3.03
N ARG A 136 -11.88 6.43 2.33
CA ARG A 136 -10.54 6.88 2.81
C ARG A 136 -9.66 7.34 1.62
N GLU A 137 -10.20 8.20 0.75
CA GLU A 137 -9.50 8.69 -0.48
C GLU A 137 -8.29 9.58 -0.13
N LEU A 138 -7.19 8.90 0.27
CA LEU A 138 -5.95 9.51 0.81
C LEU A 138 -6.26 10.59 1.88
N PRO A 139 -6.54 10.21 3.16
CA PRO A 139 -6.73 11.16 4.27
C PRO A 139 -5.40 11.52 4.96
N GLU A 140 -5.46 12.46 5.91
CA GLU A 140 -4.31 12.81 6.76
C GLU A 140 -4.25 11.86 7.98
N LEU A 141 -3.30 12.15 8.90
CA LEU A 141 -3.18 11.44 10.17
C LEU A 141 -4.20 12.01 11.16
N THR A 142 -5.48 11.75 10.86
CA THR A 142 -6.62 12.26 11.63
C THR A 142 -6.95 11.28 12.77
N GLY A 1 0.52 9.60 -3.75
CA GLY A 1 -0.17 8.36 -4.19
C GLY A 1 0.35 7.87 -5.52
N ILE A 2 -0.55 7.54 -6.47
CA ILE A 2 -0.16 7.05 -7.81
C ILE A 2 0.26 8.25 -8.68
N ALA A 3 1.44 8.12 -9.34
CA ALA A 3 2.19 9.25 -9.93
C ALA A 3 1.38 10.06 -10.96
N GLU A 4 0.64 9.36 -11.84
CA GLU A 4 -0.08 9.99 -12.97
C GLU A 4 -1.17 10.93 -12.44
N ALA A 5 -1.88 10.45 -11.40
CA ALA A 5 -2.96 11.21 -10.73
C ALA A 5 -2.40 12.25 -9.74
N ALA A 6 -1.22 11.95 -9.17
CA ALA A 6 -0.58 12.76 -8.13
C ALA A 6 -0.11 14.11 -8.69
N PHE A 7 -0.77 15.20 -8.26
CA PHE A 7 -0.35 16.57 -8.56
C PHE A 7 0.96 16.86 -7.80
N ASN A 8 2.08 16.80 -8.53
CA ASN A 8 3.43 16.90 -7.96
C ASN A 8 4.16 18.11 -8.56
N LYS A 9 4.97 18.78 -7.74
CA LYS A 9 5.81 19.90 -8.15
C LYS A 9 6.88 19.44 -9.16
N GLY A 10 7.31 18.17 -9.01
CA GLY A 10 8.17 17.50 -9.97
C GLY A 10 7.35 16.72 -11.00
N GLU A 11 8.03 16.25 -12.06
CA GLU A 11 7.40 15.50 -13.15
C GLU A 11 6.88 14.13 -12.65
N THR A 12 5.74 13.70 -13.20
CA THR A 12 5.11 12.41 -12.89
C THR A 12 5.88 11.25 -13.56
N ALA A 13 5.69 10.04 -13.04
CA ALA A 13 6.36 8.82 -13.53
C ALA A 13 5.30 7.76 -13.89
N MET A 14 5.76 6.57 -14.30
CA MET A 14 4.89 5.40 -14.55
C MET A 14 4.20 4.94 -13.24
N THR A 15 3.22 4.02 -13.38
CA THR A 15 2.37 3.57 -12.25
C THR A 15 3.21 2.91 -11.12
N ILE A 16 2.71 3.00 -9.87
CA ILE A 16 3.41 2.51 -8.66
C ILE A 16 3.89 1.04 -8.82
N ASN A 17 5.14 0.77 -8.39
CA ASN A 17 5.74 -0.59 -8.45
C ASN A 17 5.15 -1.46 -7.34
N GLY A 18 5.22 -2.78 -7.56
CA GLY A 18 4.69 -3.78 -6.62
C GLY A 18 5.14 -3.57 -5.18
N PRO A 19 6.48 -3.55 -4.91
CA PRO A 19 7.01 -3.24 -3.57
C PRO A 19 7.21 -1.72 -3.37
N TRP A 20 6.64 -1.17 -2.29
CA TRP A 20 6.79 0.24 -1.92
C TRP A 20 8.15 0.46 -1.22
N ALA A 21 9.01 1.27 -1.86
CA ALA A 21 10.34 1.59 -1.35
C ALA A 21 10.38 3.06 -0.92
N TRP A 22 10.14 3.31 0.39
CA TRP A 22 10.15 4.67 0.97
C TRP A 22 11.60 5.18 1.16
N SER A 23 12.57 4.27 1.00
CA SER A 23 14.01 4.58 1.07
C SER A 23 14.43 5.46 -0.12
N ASN A 24 14.26 6.79 0.03
CA ASN A 24 14.64 7.80 -0.97
C ASN A 24 15.96 8.48 -0.56
N ILE A 25 16.60 9.16 -1.56
CA ILE A 25 17.89 9.91 -1.42
C ILE A 25 19.04 9.05 -0.81
N ASP A 26 18.86 7.72 -0.86
CA ASP A 26 19.78 6.73 -0.26
C ASP A 26 21.05 6.62 -1.12
N THR A 27 20.99 5.84 -2.20
CA THR A 27 22.00 5.82 -3.25
C THR A 27 21.41 6.58 -4.45
N SER A 28 20.19 6.17 -4.84
CA SER A 28 19.37 6.90 -5.81
C SER A 28 18.81 8.18 -5.16
N LYS A 29 19.39 9.32 -5.55
CA LYS A 29 19.11 10.63 -4.94
C LYS A 29 17.78 11.21 -5.44
N VAL A 30 16.70 10.85 -4.72
CA VAL A 30 15.34 11.38 -4.95
C VAL A 30 14.83 11.98 -3.62
N GLY A 31 14.22 13.17 -3.66
CA GLY A 31 13.70 13.84 -2.47
C GLY A 31 12.54 14.76 -2.80
N SER A 32 11.31 14.31 -2.52
CA SER A 32 10.07 15.08 -2.77
C SER A 32 9.12 15.03 -1.55
N GLY A 33 9.62 14.48 -0.42
CA GLY A 33 8.85 14.37 0.82
C GLY A 33 7.72 13.34 0.75
N SER A 34 6.88 13.31 1.80
CA SER A 34 5.65 12.49 1.83
C SER A 34 4.47 13.27 1.19
N GLY A 35 4.61 14.61 1.11
CA GLY A 35 3.60 15.48 0.51
C GLY A 35 3.90 15.85 -0.93
N SER A 36 4.23 14.83 -1.75
CA SER A 36 4.52 15.00 -3.18
C SER A 36 3.21 15.29 -3.96
N GLY A 37 2.15 14.57 -3.60
CA GLY A 37 0.84 14.69 -4.24
C GLY A 37 -0.02 13.48 -3.93
N SER A 38 -1.27 13.71 -3.47
CA SER A 38 -2.18 12.64 -3.06
C SER A 38 -2.65 11.82 -4.27
N GLY A 39 -3.28 12.52 -5.23
CA GLY A 39 -3.80 11.90 -6.45
C GLY A 39 -5.29 12.14 -6.62
N SER A 40 -5.95 11.28 -7.42
CA SER A 40 -7.39 11.36 -7.65
C SER A 40 -8.12 10.45 -6.63
N GLN A 41 -9.16 11.00 -5.99
CA GLN A 41 -10.01 10.25 -5.05
C GLN A 41 -11.38 10.03 -5.67
N ALA A 42 -11.91 8.81 -5.50
CA ALA A 42 -13.25 8.42 -5.98
C ALA A 42 -14.06 7.95 -4.78
N THR A 43 -15.32 8.38 -4.67
CA THR A 43 -16.13 8.12 -3.46
C THR A 43 -16.63 6.67 -3.46
N TRP A 44 -16.54 6.03 -2.28
CA TRP A 44 -16.91 4.62 -2.08
C TRP A 44 -18.12 4.51 -1.15
N LYS A 45 -18.86 3.40 -1.28
CA LYS A 45 -19.97 3.01 -0.40
C LYS A 45 -19.59 1.74 0.35
N GLU A 46 -20.17 1.53 1.53
CA GLU A 46 -19.78 0.42 2.42
C GLU A 46 -20.17 -0.95 1.84
N LYS A 47 -19.20 -1.89 1.92
CA LYS A 47 -19.30 -3.23 1.33
C LYS A 47 -19.69 -4.24 2.41
N ASP A 48 -20.67 -5.10 2.09
CA ASP A 48 -21.16 -6.14 3.01
C ASP A 48 -20.89 -7.51 2.38
N GLY A 49 -20.19 -8.37 3.13
CA GLY A 49 -19.81 -9.71 2.65
C GLY A 49 -18.30 -9.91 2.68
N ALA A 50 -17.63 -9.67 1.54
CA ALA A 50 -16.19 -9.88 1.39
C ALA A 50 -15.59 -8.96 0.31
N VAL A 51 -14.29 -8.63 0.47
CA VAL A 51 -13.50 -7.93 -0.55
C VAL A 51 -13.24 -8.88 -1.73
N GLU A 52 -13.44 -8.38 -2.96
CA GLU A 52 -13.36 -9.19 -4.19
C GLU A 52 -11.95 -9.13 -4.78
N ALA A 53 -11.69 -10.00 -5.77
CA ALA A 53 -10.43 -10.02 -6.52
C ALA A 53 -10.32 -8.83 -7.49
N GLU A 54 -11.44 -8.13 -7.73
CA GLU A 54 -11.46 -6.90 -8.56
C GLU A 54 -11.72 -5.64 -7.70
N ASP A 55 -12.14 -5.83 -6.44
CA ASP A 55 -12.70 -4.74 -5.60
C ASP A 55 -11.59 -3.91 -4.92
N ARG A 56 -11.93 -2.66 -4.61
CA ARG A 56 -11.06 -1.72 -3.93
C ARG A 56 -11.59 -1.49 -2.50
N VAL A 57 -10.71 -1.67 -1.51
CA VAL A 57 -11.03 -1.47 -0.09
C VAL A 57 -9.89 -0.69 0.57
N THR A 58 -10.22 0.15 1.57
CA THR A 58 -9.23 0.85 2.36
C THR A 58 -8.65 -0.15 3.37
N ILE A 59 -7.37 -0.44 3.23
CA ILE A 59 -6.65 -1.37 4.10
C ILE A 59 -5.67 -0.62 5.01
N ASP A 60 -5.06 -1.38 5.90
CA ASP A 60 -3.98 -0.92 6.76
C ASP A 60 -2.88 -1.97 6.69
N PHE A 61 -1.63 -1.57 6.93
CA PHE A 61 -0.50 -2.51 6.98
C PHE A 61 0.60 -1.96 7.88
N THR A 62 1.07 -2.83 8.79
CA THR A 62 2.20 -2.56 9.66
C THR A 62 2.74 -3.90 10.16
N GLY A 63 4.06 -4.10 10.01
CA GLY A 63 4.71 -5.35 10.38
C GLY A 63 6.16 -5.40 9.93
N SER A 64 6.73 -6.61 9.97
CA SER A 64 8.16 -6.85 9.71
C SER A 64 8.32 -7.65 8.40
N VAL A 65 9.55 -7.76 7.92
CA VAL A 65 9.89 -8.53 6.71
C VAL A 65 10.91 -9.64 7.08
N ASP A 66 10.42 -10.91 7.07
CA ASP A 66 11.21 -12.10 7.49
C ASP A 66 11.72 -11.93 8.95
N GLY A 67 10.90 -11.25 9.77
CA GLY A 67 11.21 -10.99 11.18
C GLY A 67 12.10 -9.76 11.42
N GLU A 68 12.51 -9.08 10.33
CA GLU A 68 13.33 -7.85 10.39
C GLU A 68 12.41 -6.63 10.37
N GLU A 69 12.58 -5.71 11.33
CA GLU A 69 11.73 -4.52 11.41
C GLU A 69 12.23 -3.43 10.44
N PHE A 70 11.40 -3.15 9.40
CA PHE A 70 11.72 -2.16 8.35
C PHE A 70 10.81 -0.92 8.51
N GLU A 71 11.36 0.11 9.16
CA GLU A 71 10.63 1.38 9.40
C GLU A 71 10.74 2.26 8.15
N GLY A 72 9.61 2.85 7.74
CA GLY A 72 9.48 3.43 6.41
C GLY A 72 9.07 2.36 5.41
N GLY A 73 8.07 1.56 5.80
CA GLY A 73 7.49 0.53 4.94
C GLY A 73 6.10 0.12 5.40
N LYS A 74 5.44 0.99 6.20
CA LYS A 74 4.06 0.78 6.65
C LYS A 74 3.27 2.08 6.52
N ALA A 75 1.96 1.94 6.27
CA ALA A 75 1.03 3.07 6.14
C ALA A 75 -0.37 2.65 6.59
N SER A 76 -1.06 3.58 7.24
CA SER A 76 -2.43 3.41 7.72
C SER A 76 -3.42 4.06 6.74
N ASP A 77 -4.64 3.49 6.65
CA ASP A 77 -5.76 4.05 5.86
C ASP A 77 -5.42 4.18 4.36
N PHE A 78 -4.65 3.21 3.85
CA PHE A 78 -4.21 3.18 2.45
C PHE A 78 -5.32 2.55 1.59
N VAL A 79 -5.71 3.23 0.50
CA VAL A 79 -6.80 2.78 -0.39
C VAL A 79 -6.21 1.88 -1.49
N LEU A 80 -6.71 0.64 -1.59
CA LEU A 80 -6.06 -0.44 -2.37
C LEU A 80 -7.07 -1.16 -3.28
N ALA A 81 -6.80 -1.11 -4.60
CA ALA A 81 -7.60 -1.82 -5.63
C ALA A 81 -7.03 -3.22 -5.87
N MET A 82 -7.91 -4.24 -5.90
CA MET A 82 -7.52 -5.64 -6.15
C MET A 82 -7.54 -5.96 -7.64
N GLY A 83 -6.86 -7.07 -7.99
CA GLY A 83 -6.62 -7.44 -9.37
C GLY A 83 -5.53 -6.63 -10.02
N GLN A 84 -4.72 -5.96 -9.18
CA GLN A 84 -3.63 -5.11 -9.64
C GLN A 84 -2.29 -5.82 -9.40
N GLY A 85 -1.51 -5.93 -10.49
CA GLY A 85 -0.10 -6.33 -10.38
C GLY A 85 0.78 -5.16 -9.96
N ARG A 86 0.16 -3.96 -9.89
CA ARG A 86 0.79 -2.71 -9.44
C ARG A 86 1.27 -2.80 -7.98
N MET A 87 0.71 -3.74 -7.20
CA MET A 87 1.11 -4.00 -5.81
C MET A 87 1.63 -5.45 -5.68
N ILE A 88 2.40 -5.71 -4.58
CA ILE A 88 2.96 -7.05 -4.26
C ILE A 88 1.86 -8.15 -4.25
N PRO A 89 2.15 -9.34 -4.89
CA PRO A 89 1.12 -10.36 -5.20
C PRO A 89 0.44 -10.98 -3.94
N GLY A 90 1.25 -11.28 -2.90
CA GLY A 90 0.73 -11.84 -1.64
C GLY A 90 -0.30 -10.95 -0.97
N PHE A 91 -0.02 -9.64 -1.00
CA PHE A 91 -0.80 -8.60 -0.33
C PHE A 91 -2.18 -8.43 -0.99
N GLU A 92 -2.25 -8.82 -2.28
CA GLU A 92 -3.49 -8.81 -3.06
C GLU A 92 -4.45 -9.84 -2.45
N ASP A 93 -3.92 -11.03 -2.15
CA ASP A 93 -4.72 -12.16 -1.61
C ASP A 93 -4.91 -12.05 -0.08
N GLY A 94 -4.31 -11.03 0.53
CA GLY A 94 -4.32 -10.87 1.98
C GLY A 94 -5.61 -10.31 2.55
N ILE A 95 -6.39 -9.61 1.71
CA ILE A 95 -7.58 -8.85 2.14
C ILE A 95 -8.88 -9.42 1.56
N LYS A 96 -8.74 -10.27 0.53
CA LYS A 96 -9.86 -10.94 -0.16
C LYS A 96 -10.47 -12.06 0.69
N GLY A 97 -11.75 -12.38 0.42
CA GLY A 97 -12.46 -13.48 1.08
C GLY A 97 -12.96 -13.12 2.48
N HIS A 98 -12.85 -11.82 2.83
CA HIS A 98 -13.27 -11.31 4.15
C HIS A 98 -13.41 -9.77 4.12
N LYS A 99 -13.92 -9.23 5.24
CA LYS A 99 -14.34 -7.81 5.35
C LYS A 99 -13.41 -7.04 6.31
N ALA A 100 -13.68 -5.73 6.45
CA ALA A 100 -12.98 -4.85 7.40
C ALA A 100 -13.39 -5.11 8.86
N GLY A 101 -12.57 -4.59 9.79
CA GLY A 101 -12.84 -4.64 11.23
C GLY A 101 -12.15 -5.80 11.93
N GLU A 102 -11.95 -6.90 11.18
CA GLU A 102 -11.29 -8.11 11.69
C GLU A 102 -9.76 -7.98 11.57
N GLU A 103 -9.03 -8.62 12.50
CA GLU A 103 -7.56 -8.58 12.53
C GLU A 103 -6.97 -9.95 12.14
N PHE A 104 -5.86 -9.92 11.39
CA PHE A 104 -5.26 -11.09 10.73
C PHE A 104 -3.77 -10.84 10.44
N THR A 105 -3.04 -11.92 10.15
CA THR A 105 -1.63 -11.83 9.67
C THR A 105 -1.57 -12.39 8.25
N ILE A 106 -0.80 -11.74 7.37
CA ILE A 106 -0.65 -12.18 5.97
C ILE A 106 0.83 -12.25 5.59
N ASP A 107 1.19 -13.31 4.85
CA ASP A 107 2.53 -13.48 4.29
C ASP A 107 2.52 -13.02 2.82
N VAL A 108 3.40 -12.08 2.51
CA VAL A 108 3.59 -11.50 1.19
C VAL A 108 5.07 -11.67 0.81
N THR A 109 5.42 -11.60 -0.47
CA THR A 109 6.84 -11.55 -0.90
C THR A 109 7.06 -10.31 -1.78
N PHE A 110 8.11 -9.52 -1.47
CA PHE A 110 8.53 -8.39 -2.30
C PHE A 110 9.30 -8.93 -3.55
N PRO A 111 8.98 -8.45 -4.79
CA PRO A 111 9.82 -8.70 -5.98
C PRO A 111 11.06 -7.79 -6.06
N GLU A 112 11.83 -7.99 -7.15
CA GLU A 112 13.17 -7.41 -7.34
C GLU A 112 13.12 -5.92 -7.80
N GLU A 113 11.91 -5.32 -7.80
CA GLU A 113 11.72 -3.89 -8.12
C GLU A 113 11.98 -3.01 -6.87
N TYR A 114 12.01 -3.63 -5.67
CA TYR A 114 12.29 -2.91 -4.41
C TYR A 114 13.73 -2.36 -4.45
N HIS A 115 13.86 -1.03 -4.61
CA HIS A 115 15.16 -0.36 -4.74
C HIS A 115 15.83 -0.19 -3.35
N ALA A 116 16.32 -1.33 -2.85
CA ALA A 116 17.02 -1.50 -1.57
C ALA A 116 17.51 -2.95 -1.53
N GLU A 117 18.84 -3.14 -1.51
CA GLU A 117 19.49 -4.47 -1.55
C GLU A 117 19.14 -5.31 -0.30
N ASN A 118 18.92 -4.61 0.82
CA ASN A 118 18.49 -5.22 2.10
C ASN A 118 17.07 -5.84 1.97
N LEU A 119 16.27 -5.35 1.00
CA LEU A 119 14.92 -5.86 0.71
C LEU A 119 14.86 -6.37 -0.76
N LYS A 120 15.93 -7.07 -1.18
CA LYS A 120 16.14 -7.54 -2.59
C LYS A 120 14.95 -8.35 -3.19
N GLY A 121 14.19 -9.03 -2.31
CA GLY A 121 13.13 -9.94 -2.72
C GLY A 121 12.85 -10.97 -1.64
N LYS A 122 12.42 -10.50 -0.47
CA LYS A 122 12.19 -11.34 0.73
C LYS A 122 10.75 -11.20 1.23
N ALA A 123 10.28 -12.25 1.93
CA ALA A 123 8.88 -12.35 2.38
C ALA A 123 8.62 -11.50 3.64
N ALA A 124 7.52 -10.74 3.63
CA ALA A 124 7.07 -9.90 4.75
C ALA A 124 5.78 -10.44 5.38
N LYS A 125 5.51 -10.00 6.61
CA LYS A 125 4.33 -10.37 7.38
C LYS A 125 3.68 -9.08 7.94
N PHE A 126 2.38 -8.91 7.67
CA PHE A 126 1.60 -7.77 8.17
C PHE A 126 0.44 -8.28 9.04
N ALA A 127 0.66 -8.27 10.37
CA ALA A 127 -0.37 -8.57 11.36
C ALA A 127 -1.11 -7.27 11.71
N ILE A 128 -2.29 -7.08 11.11
CA ILE A 128 -3.06 -5.85 11.22
C ILE A 128 -4.55 -6.13 10.92
N ASN A 129 -5.43 -5.28 11.45
CA ASN A 129 -6.85 -5.27 11.10
C ASN A 129 -7.06 -4.63 9.73
N LEU A 130 -8.01 -5.19 8.95
CA LEU A 130 -8.46 -4.53 7.70
C LEU A 130 -9.18 -3.23 8.10
N LYS A 131 -8.82 -2.12 7.45
CA LYS A 131 -9.18 -0.77 7.90
C LYS A 131 -10.68 -0.48 7.73
N LYS A 132 -11.15 -0.47 6.47
CA LYS A 132 -12.44 0.16 6.13
C LYS A 132 -12.98 -0.32 4.77
N VAL A 133 -14.13 -1.05 4.79
CA VAL A 133 -14.89 -1.38 3.57
C VAL A 133 -15.89 -0.25 3.23
N GLU A 134 -16.00 0.73 4.15
CA GLU A 134 -16.98 1.80 4.07
C GLU A 134 -16.51 2.94 3.14
N GLU A 135 -15.65 3.80 3.69
CA GLU A 135 -15.31 5.11 3.11
C GLU A 135 -14.04 5.62 3.81
N ARG A 136 -13.10 6.18 3.03
CA ARG A 136 -11.90 6.84 3.58
C ARG A 136 -11.26 7.70 2.45
N GLU A 137 -12.09 8.60 1.87
CA GLU A 137 -11.65 9.50 0.78
C GLU A 137 -11.01 10.79 1.34
N LEU A 138 -9.75 10.62 1.82
CA LEU A 138 -8.88 11.70 2.37
C LEU A 138 -9.57 12.60 3.45
N PRO A 139 -10.02 12.01 4.61
CA PRO A 139 -10.54 12.79 5.77
C PRO A 139 -9.38 13.31 6.67
N GLU A 140 -9.61 13.38 8.00
CA GLU A 140 -8.59 13.83 8.98
C GLU A 140 -7.74 12.63 9.46
N LEU A 141 -6.68 12.92 10.26
CA LEU A 141 -5.76 11.88 10.79
C LEU A 141 -6.52 11.00 11.80
N THR A 142 -6.86 9.79 11.37
CA THR A 142 -7.55 8.80 12.21
C THR A 142 -6.51 7.77 12.74
N GLY A 1 -5.84 7.50 -13.68
CA GLY A 1 -5.25 6.60 -14.72
C GLY A 1 -3.75 6.50 -14.56
N ILE A 2 -3.17 5.33 -14.88
CA ILE A 2 -1.73 5.08 -14.76
C ILE A 2 -1.05 5.37 -16.11
N ALA A 3 -1.15 4.41 -17.05
CA ALA A 3 -0.57 4.52 -18.40
C ALA A 3 -1.30 5.60 -19.23
N GLU A 4 -2.57 5.86 -18.85
CA GLU A 4 -3.41 6.88 -19.47
C GLU A 4 -2.87 8.29 -19.15
N ALA A 5 -2.43 8.50 -17.90
CA ALA A 5 -1.94 9.80 -17.40
C ALA A 5 -0.57 10.14 -18.00
N ALA A 6 0.34 9.17 -17.99
CA ALA A 6 1.71 9.33 -18.51
C ALA A 6 1.96 8.38 -19.70
N PHE A 7 2.09 8.97 -20.90
CA PHE A 7 2.44 8.26 -22.15
C PHE A 7 3.69 8.92 -22.72
N ASN A 8 4.75 8.14 -22.93
CA ASN A 8 6.05 8.65 -23.42
C ASN A 8 6.21 8.29 -24.91
N LYS A 9 6.92 9.15 -25.66
CA LYS A 9 7.28 8.91 -27.08
C LYS A 9 8.20 7.68 -27.19
N GLY A 10 9.04 7.50 -26.17
CA GLY A 10 9.83 6.28 -26.00
C GLY A 10 8.97 5.18 -25.39
N GLU A 11 9.00 3.97 -25.99
CA GLU A 11 8.16 2.82 -25.56
C GLU A 11 8.49 2.45 -24.10
N THR A 12 7.61 2.87 -23.19
CA THR A 12 7.79 2.67 -21.74
C THR A 12 6.44 2.26 -21.11
N ALA A 13 6.41 1.08 -20.46
CA ALA A 13 5.23 0.64 -19.70
C ALA A 13 5.13 1.47 -18.41
N MET A 14 4.25 2.48 -18.44
CA MET A 14 3.98 3.34 -17.27
C MET A 14 3.30 2.53 -16.16
N THR A 15 4.07 2.20 -15.12
CA THR A 15 3.60 1.47 -13.93
C THR A 15 3.85 2.34 -12.68
N ILE A 16 2.88 2.35 -11.75
CA ILE A 16 3.04 2.99 -10.45
C ILE A 16 4.10 2.22 -9.63
N ASN A 17 4.93 2.96 -8.88
CA ASN A 17 5.94 2.39 -7.99
C ASN A 17 5.26 1.93 -6.69
N GLY A 18 4.45 0.86 -6.82
CA GLY A 18 3.68 0.28 -5.74
C GLY A 18 4.50 -0.11 -4.52
N PRO A 19 5.70 -0.77 -4.70
CA PRO A 19 6.71 -0.85 -3.63
C PRO A 19 7.14 0.58 -3.16
N TRP A 20 6.77 0.89 -1.93
CA TRP A 20 6.85 2.24 -1.33
C TRP A 20 8.27 2.56 -0.84
N ALA A 21 8.70 3.82 -1.04
CA ALA A 21 10.04 4.28 -0.65
C ALA A 21 10.11 4.55 0.86
N TRP A 22 11.18 4.06 1.51
CA TRP A 22 11.40 4.22 2.96
C TRP A 22 11.73 5.68 3.31
N SER A 23 12.80 6.20 2.67
CA SER A 23 13.31 7.55 2.94
C SER A 23 12.64 8.59 2.01
N ASN A 24 12.73 9.86 2.44
CA ASN A 24 12.24 11.02 1.68
C ASN A 24 13.03 11.19 0.36
N ILE A 25 12.30 11.49 -0.73
CA ILE A 25 12.79 11.70 -2.14
C ILE A 25 13.44 10.46 -2.81
N ASP A 26 13.87 9.47 -2.01
CA ASP A 26 14.64 8.31 -2.51
C ASP A 26 13.75 7.41 -3.38
N THR A 27 14.15 7.23 -4.65
CA THR A 27 13.52 6.34 -5.65
C THR A 27 12.17 6.90 -6.18
N SER A 28 11.18 7.09 -5.28
CA SER A 28 9.81 7.47 -5.65
C SER A 28 9.68 8.99 -5.94
N LYS A 29 10.67 9.79 -5.45
CA LYS A 29 10.61 11.27 -5.42
C LYS A 29 9.36 11.71 -4.62
N VAL A 30 9.46 11.61 -3.28
CA VAL A 30 8.37 11.94 -2.37
C VAL A 30 8.12 13.46 -2.37
N GLY A 31 7.18 13.89 -3.21
CA GLY A 31 6.88 15.30 -3.39
C GLY A 31 5.84 15.81 -2.40
N SER A 32 6.32 16.24 -1.24
CA SER A 32 5.47 16.87 -0.21
C SER A 32 5.18 18.33 -0.60
N GLY A 33 3.93 18.78 -0.38
CA GLY A 33 3.53 20.14 -0.71
C GLY A 33 2.31 20.60 0.07
N SER A 34 2.17 21.92 0.23
CA SER A 34 1.04 22.54 0.93
C SER A 34 -0.18 22.60 0.00
N GLY A 35 -1.12 21.65 0.17
CA GLY A 35 -2.32 21.54 -0.67
C GLY A 35 -3.53 21.08 0.12
N SER A 36 -4.38 20.23 -0.49
CA SER A 36 -5.61 19.72 0.12
C SER A 36 -5.99 18.36 -0.49
N GLY A 37 -6.47 17.45 0.37
CA GLY A 37 -6.91 16.11 -0.05
C GLY A 37 -8.42 15.92 0.15
N SER A 38 -9.19 17.01 -0.02
CA SER A 38 -10.64 17.04 0.28
C SER A 38 -11.48 16.79 -1.00
N GLY A 39 -11.03 15.83 -1.83
CA GLY A 39 -11.70 15.50 -3.10
C GLY A 39 -10.78 15.69 -4.29
N SER A 40 -9.84 14.73 -4.50
CA SER A 40 -8.80 14.84 -5.53
C SER A 40 -8.71 13.54 -6.37
N GLN A 41 -8.42 12.42 -5.70
CA GLN A 41 -8.25 11.10 -6.36
C GLN A 41 -9.61 10.38 -6.53
N ALA A 42 -9.55 9.10 -6.94
CA ALA A 42 -10.75 8.24 -7.14
C ALA A 42 -11.58 8.17 -5.85
N THR A 43 -12.80 8.76 -5.89
CA THR A 43 -13.67 8.92 -4.71
C THR A 43 -14.38 7.60 -4.35
N TRP A 44 -14.55 7.38 -3.04
CA TRP A 44 -15.08 6.13 -2.47
C TRP A 44 -16.46 6.35 -1.84
N LYS A 45 -17.17 5.23 -1.63
CA LYS A 45 -18.52 5.19 -1.08
C LYS A 45 -18.69 3.90 -0.24
N GLU A 46 -19.68 3.89 0.67
CA GLU A 46 -19.84 2.81 1.67
C GLU A 46 -20.15 1.45 1.01
N LYS A 47 -19.28 0.46 1.28
CA LYS A 47 -19.57 -0.97 1.04
C LYS A 47 -20.04 -1.61 2.35
N ASP A 48 -20.82 -2.68 2.24
CA ASP A 48 -21.17 -3.55 3.37
C ASP A 48 -20.99 -5.02 2.93
N GLY A 49 -20.50 -5.86 3.85
CA GLY A 49 -20.18 -7.25 3.56
C GLY A 49 -18.68 -7.47 3.39
N ALA A 50 -18.31 -8.58 2.74
CA ALA A 50 -16.91 -8.98 2.52
C ALA A 50 -16.31 -8.32 1.26
N VAL A 51 -14.97 -8.39 1.15
CA VAL A 51 -14.22 -7.95 -0.05
C VAL A 51 -14.19 -9.09 -1.07
N GLU A 52 -14.39 -8.76 -2.36
CA GLU A 52 -14.42 -9.76 -3.47
C GLU A 52 -13.04 -9.89 -4.13
N ALA A 53 -12.92 -10.88 -5.04
CA ALA A 53 -11.68 -11.19 -5.77
C ALA A 53 -11.33 -10.13 -6.83
N GLU A 54 -12.29 -9.27 -7.16
CA GLU A 54 -12.12 -8.16 -8.12
C GLU A 54 -12.13 -6.81 -7.41
N ASP A 55 -12.51 -6.83 -6.11
CA ASP A 55 -12.95 -5.63 -5.40
C ASP A 55 -11.79 -4.80 -4.82
N ARG A 56 -12.07 -3.52 -4.61
CA ARG A 56 -11.12 -2.55 -4.02
C ARG A 56 -11.54 -2.26 -2.57
N VAL A 57 -10.56 -2.26 -1.66
CA VAL A 57 -10.80 -1.99 -0.23
C VAL A 57 -9.61 -1.23 0.38
N THR A 58 -9.85 -0.50 1.49
CA THR A 58 -8.79 0.15 2.25
C THR A 58 -8.26 -0.80 3.34
N ILE A 59 -6.93 -0.91 3.43
CA ILE A 59 -6.22 -1.65 4.48
C ILE A 59 -5.07 -0.81 5.05
N ASP A 60 -4.54 -1.25 6.17
CA ASP A 60 -3.31 -0.72 6.75
C ASP A 60 -2.23 -1.80 6.58
N PHE A 61 -0.96 -1.43 6.80
CA PHE A 61 0.13 -2.42 6.84
C PHE A 61 1.32 -1.91 7.67
N THR A 62 1.76 -2.77 8.60
CA THR A 62 2.99 -2.61 9.38
C THR A 62 3.31 -3.95 10.06
N GLY A 63 4.60 -4.22 10.28
CA GLY A 63 5.05 -5.48 10.86
C GLY A 63 6.51 -5.73 10.57
N SER A 64 6.83 -6.92 10.05
CA SER A 64 8.21 -7.33 9.74
C SER A 64 8.24 -8.08 8.40
N VAL A 65 9.43 -8.15 7.80
CA VAL A 65 9.67 -8.88 6.56
C VAL A 65 10.71 -9.97 6.80
N ASP A 66 10.26 -11.24 6.74
CA ASP A 66 11.11 -12.44 6.99
C ASP A 66 11.75 -12.37 8.42
N GLY A 67 11.04 -11.67 9.33
CA GLY A 67 11.47 -11.51 10.74
C GLY A 67 12.34 -10.28 10.98
N GLU A 68 12.42 -9.36 9.99
CA GLU A 68 13.20 -8.11 10.11
C GLU A 68 12.25 -6.90 10.22
N GLU A 69 12.46 -6.05 11.23
CA GLU A 69 11.75 -4.77 11.36
C GLU A 69 12.32 -3.79 10.33
N PHE A 70 11.50 -3.38 9.34
CA PHE A 70 11.93 -2.57 8.20
C PHE A 70 11.33 -1.15 8.29
N GLU A 71 12.19 -0.19 8.69
CA GLU A 71 11.77 1.19 9.03
C GLU A 71 11.41 2.01 7.78
N GLY A 72 10.30 2.76 7.86
CA GLY A 72 9.79 3.56 6.75
C GLY A 72 8.87 2.77 5.83
N GLY A 73 9.00 1.43 5.83
CA GLY A 73 8.23 0.57 4.94
C GLY A 73 6.83 0.22 5.45
N LYS A 74 6.04 1.26 5.79
CA LYS A 74 4.64 1.10 6.22
C LYS A 74 3.81 2.33 5.81
N ALA A 75 2.48 2.13 5.71
CA ALA A 75 1.52 3.20 5.41
C ALA A 75 0.17 2.88 6.07
N SER A 76 -0.48 3.92 6.59
CA SER A 76 -1.80 3.85 7.24
C SER A 76 -2.91 4.20 6.25
N ASP A 77 -4.01 3.41 6.28
CA ASP A 77 -5.25 3.67 5.50
C ASP A 77 -4.97 3.74 3.98
N PHE A 78 -4.20 2.76 3.49
CA PHE A 78 -3.82 2.66 2.08
C PHE A 78 -4.97 2.00 1.29
N VAL A 79 -5.34 2.63 0.17
CA VAL A 79 -6.45 2.17 -0.68
C VAL A 79 -5.90 1.23 -1.77
N LEU A 80 -6.37 -0.02 -1.74
CA LEU A 80 -5.80 -1.13 -2.51
C LEU A 80 -6.89 -1.92 -3.26
N ALA A 81 -6.78 -1.97 -4.58
CA ALA A 81 -7.49 -2.96 -5.40
C ALA A 81 -6.63 -4.23 -5.42
N MET A 82 -7.19 -5.36 -4.96
CA MET A 82 -6.46 -6.64 -4.87
C MET A 82 -6.19 -7.23 -6.27
N GLY A 83 -5.10 -8.02 -6.37
CA GLY A 83 -4.71 -8.67 -7.63
C GLY A 83 -4.12 -7.71 -8.64
N GLN A 84 -3.59 -6.57 -8.15
CA GLN A 84 -2.95 -5.55 -9.00
C GLN A 84 -1.41 -5.67 -8.93
N GLY A 85 -0.77 -5.81 -10.11
CA GLY A 85 0.69 -5.89 -10.22
C GLY A 85 1.35 -4.53 -10.28
N ARG A 86 0.58 -3.46 -10.02
CA ARG A 86 1.10 -2.08 -9.90
C ARG A 86 1.83 -1.99 -8.55
N MET A 87 1.20 -2.65 -7.56
CA MET A 87 1.73 -2.82 -6.20
C MET A 87 2.41 -4.19 -6.10
N ILE A 88 3.00 -4.49 -4.93
CA ILE A 88 3.76 -5.74 -4.69
C ILE A 88 2.86 -6.99 -4.95
N PRO A 89 3.43 -8.08 -5.58
CA PRO A 89 2.63 -9.25 -6.07
C PRO A 89 1.85 -9.98 -4.95
N GLY A 90 2.31 -9.82 -3.69
CA GLY A 90 1.66 -10.45 -2.54
C GLY A 90 0.25 -9.93 -2.24
N PHE A 91 -0.07 -8.72 -2.73
CA PHE A 91 -1.41 -8.09 -2.59
C PHE A 91 -2.47 -8.76 -3.52
N GLU A 92 -2.09 -9.87 -4.18
CA GLU A 92 -3.02 -10.78 -4.85
C GLU A 92 -4.02 -11.40 -3.86
N ASP A 93 -3.58 -11.58 -2.61
CA ASP A 93 -4.31 -12.30 -1.57
C ASP A 93 -4.11 -11.60 -0.22
N GLY A 94 -4.96 -11.95 0.75
CA GLY A 94 -4.84 -11.47 2.12
C GLY A 94 -6.07 -10.74 2.61
N ILE A 95 -6.83 -10.16 1.67
CA ILE A 95 -8.00 -9.32 1.99
C ILE A 95 -9.29 -9.89 1.36
N LYS A 96 -9.18 -11.06 0.71
CA LYS A 96 -10.29 -11.68 -0.04
C LYS A 96 -11.27 -12.40 0.90
N GLY A 97 -12.57 -12.36 0.54
CA GLY A 97 -13.61 -13.15 1.20
C GLY A 97 -13.81 -12.86 2.68
N HIS A 98 -13.44 -11.65 3.12
CA HIS A 98 -13.65 -11.21 4.51
C HIS A 98 -13.72 -9.69 4.59
N LYS A 99 -14.30 -9.19 5.69
CA LYS A 99 -14.75 -7.78 5.81
C LYS A 99 -13.81 -6.94 6.68
N ALA A 100 -14.08 -5.62 6.75
CA ALA A 100 -13.33 -4.67 7.59
C ALA A 100 -13.71 -4.80 9.08
N GLY A 101 -12.81 -4.33 9.96
CA GLY A 101 -13.03 -4.31 11.41
C GLY A 101 -12.38 -5.49 12.13
N GLU A 102 -12.20 -6.61 11.41
CA GLU A 102 -11.50 -7.80 11.92
C GLU A 102 -9.99 -7.60 11.81
N GLU A 103 -9.21 -8.36 12.59
CA GLU A 103 -7.74 -8.31 12.55
C GLU A 103 -7.17 -9.72 12.30
N PHE A 104 -6.09 -9.74 11.51
CA PHE A 104 -5.50 -10.97 10.93
C PHE A 104 -4.01 -10.74 10.63
N THR A 105 -3.32 -11.83 10.28
CA THR A 105 -1.96 -11.77 9.74
C THR A 105 -1.97 -12.30 8.29
N ILE A 106 -1.23 -11.63 7.41
CA ILE A 106 -1.10 -12.02 5.99
C ILE A 106 0.36 -11.93 5.56
N ASP A 107 0.74 -12.74 4.57
CA ASP A 107 2.12 -12.75 4.05
C ASP A 107 2.13 -12.32 2.58
N VAL A 108 2.92 -11.27 2.28
CA VAL A 108 3.04 -10.66 0.96
C VAL A 108 4.52 -10.61 0.55
N THR A 109 4.86 -11.00 -0.68
CA THR A 109 6.26 -11.05 -1.13
C THR A 109 6.62 -9.76 -1.90
N PHE A 110 7.74 -9.13 -1.52
CA PHE A 110 8.28 -7.96 -2.21
C PHE A 110 8.99 -8.41 -3.51
N PRO A 111 8.78 -7.68 -4.65
CA PRO A 111 9.35 -8.07 -5.96
C PRO A 111 10.86 -7.74 -6.05
N GLU A 112 11.59 -8.57 -6.78
CA GLU A 112 13.03 -8.36 -7.01
C GLU A 112 13.25 -7.09 -7.87
N GLU A 113 14.40 -6.44 -7.64
CA GLU A 113 14.76 -5.11 -8.18
C GLU A 113 13.98 -3.97 -7.48
N TYR A 114 13.28 -4.30 -6.35
CA TYR A 114 12.75 -3.28 -5.42
C TYR A 114 13.93 -2.49 -4.82
N HIS A 115 13.89 -1.16 -5.03
CA HIS A 115 14.93 -0.24 -4.54
C HIS A 115 14.71 0.08 -3.05
N ALA A 116 15.20 -0.84 -2.20
CA ALA A 116 15.18 -0.67 -0.72
C ALA A 116 16.29 -1.50 -0.05
N GLU A 117 17.20 -2.07 -0.88
CA GLU A 117 18.39 -2.84 -0.46
C GLU A 117 18.06 -4.23 0.13
N ASN A 118 17.41 -4.21 1.29
CA ASN A 118 17.12 -5.39 2.13
C ASN A 118 16.30 -6.46 1.37
N LEU A 119 15.27 -6.00 0.63
CA LEU A 119 14.21 -6.88 0.08
C LEU A 119 14.66 -7.59 -1.22
N LYS A 120 15.52 -8.61 -1.05
CA LYS A 120 16.04 -9.44 -2.14
C LYS A 120 15.15 -10.69 -2.34
N GLY A 121 13.87 -10.44 -2.63
CA GLY A 121 12.86 -11.50 -2.74
C GLY A 121 12.37 -12.00 -1.38
N LYS A 122 12.46 -11.11 -0.37
CA LYS A 122 12.01 -11.39 1.01
C LYS A 122 10.47 -11.33 1.11
N ALA A 123 9.90 -12.35 1.77
CA ALA A 123 8.47 -12.42 2.08
C ALA A 123 8.19 -11.66 3.39
N ALA A 124 7.14 -10.85 3.39
CA ALA A 124 6.75 -9.96 4.49
C ALA A 124 5.48 -10.47 5.15
N LYS A 125 5.24 -10.02 6.37
CA LYS A 125 4.05 -10.37 7.13
C LYS A 125 3.49 -9.09 7.80
N PHE A 126 2.18 -8.90 7.66
CA PHE A 126 1.46 -7.77 8.24
C PHE A 126 0.33 -8.30 9.13
N ALA A 127 0.60 -8.38 10.44
CA ALA A 127 -0.41 -8.67 11.45
C ALA A 127 -1.17 -7.38 11.75
N ILE A 128 -2.23 -7.14 10.96
CA ILE A 128 -2.97 -5.87 10.98
C ILE A 128 -4.46 -6.10 10.67
N ASN A 129 -5.30 -5.20 11.20
CA ASN A 129 -6.75 -5.18 10.92
C ASN A 129 -7.05 -4.63 9.52
N LEU A 130 -8.12 -5.17 8.91
CA LEU A 130 -8.68 -4.61 7.67
C LEU A 130 -9.32 -3.27 8.05
N LYS A 131 -8.93 -2.20 7.33
CA LYS A 131 -9.22 -0.83 7.76
C LYS A 131 -10.70 -0.50 7.59
N LYS A 132 -11.12 -0.28 6.33
CA LYS A 132 -12.47 0.15 6.03
C LYS A 132 -12.85 -0.17 4.57
N VAL A 133 -14.06 -0.72 4.39
CA VAL A 133 -14.64 -1.00 3.06
C VAL A 133 -15.43 0.23 2.53
N GLU A 134 -15.44 1.33 3.29
CA GLU A 134 -16.23 2.52 2.94
C GLU A 134 -15.42 3.53 2.09
N GLU A 135 -14.67 4.42 2.75
CA GLU A 135 -14.11 5.62 2.11
C GLU A 135 -12.81 6.03 2.81
N ARG A 136 -11.72 6.10 2.03
CA ARG A 136 -10.40 6.63 2.47
C ARG A 136 -9.67 7.32 1.30
N GLU A 137 -10.43 8.11 0.52
CA GLU A 137 -9.87 8.93 -0.57
C GLU A 137 -9.02 10.07 0.05
N LEU A 138 -7.69 9.84 0.08
CA LEU A 138 -6.70 10.72 0.76
C LEU A 138 -7.07 10.93 2.25
N PRO A 139 -6.69 9.96 3.14
CA PRO A 139 -7.00 10.04 4.59
C PRO A 139 -6.01 10.95 5.36
N GLU A 140 -6.17 11.00 6.68
CA GLU A 140 -5.28 11.77 7.58
C GLU A 140 -4.65 10.84 8.61
N LEU A 141 -3.46 11.23 9.11
CA LEU A 141 -2.77 10.52 10.19
C LEU A 141 -3.48 10.83 11.53
N THR A 142 -4.41 9.95 11.93
CA THR A 142 -5.26 10.12 13.11
C THR A 142 -4.78 9.18 14.25
N GLY A 1 -7.63 5.08 -10.70
CA GLY A 1 -6.88 6.21 -11.32
C GLY A 1 -5.71 6.65 -10.46
N ILE A 2 -4.50 6.77 -11.07
CA ILE A 2 -3.27 7.18 -10.36
C ILE A 2 -2.84 8.57 -10.85
N ALA A 3 -2.40 8.65 -12.13
CA ALA A 3 -1.95 9.91 -12.76
C ALA A 3 -3.15 10.84 -13.05
N GLU A 4 -4.33 10.22 -13.17
CA GLU A 4 -5.59 10.90 -13.42
C GLU A 4 -6.11 11.55 -12.12
N ALA A 5 -5.90 10.83 -11.00
CA ALA A 5 -6.26 11.30 -9.64
C ALA A 5 -5.28 12.38 -9.16
N ALA A 6 -3.99 12.18 -9.48
CA ALA A 6 -2.91 13.08 -9.07
C ALA A 6 -2.71 14.18 -10.12
N PHE A 7 -3.12 15.40 -9.78
CA PHE A 7 -3.00 16.57 -10.68
C PHE A 7 -1.53 17.04 -10.75
N ASN A 8 -0.91 16.76 -11.90
CA ASN A 8 0.51 17.09 -12.17
C ASN A 8 0.61 18.20 -13.20
N LYS A 9 1.34 19.27 -12.82
CA LYS A 9 1.88 20.25 -13.76
C LYS A 9 3.07 19.63 -14.51
N GLY A 10 3.77 18.70 -13.82
CA GLY A 10 4.94 18.02 -14.39
C GLY A 10 4.54 16.97 -15.42
N GLU A 11 5.56 16.45 -16.14
CA GLU A 11 5.40 15.32 -17.08
C GLU A 11 4.64 14.15 -16.42
N THR A 12 3.79 13.45 -17.19
CA THR A 12 2.97 12.35 -16.69
C THR A 12 3.84 11.15 -16.30
N ALA A 13 4.18 11.07 -14.99
CA ALA A 13 4.91 9.93 -14.42
C ALA A 13 4.06 8.65 -14.56
N MET A 14 4.73 7.51 -14.74
CA MET A 14 4.05 6.22 -14.95
C MET A 14 3.34 5.75 -13.68
N THR A 15 2.47 4.76 -13.86
CA THR A 15 1.72 4.11 -12.78
C THR A 15 2.70 3.39 -11.82
N ILE A 16 2.26 3.22 -10.56
CA ILE A 16 3.07 2.64 -9.47
C ILE A 16 3.67 1.28 -9.92
N ASN A 17 5.00 1.15 -9.88
CA ASN A 17 5.70 -0.05 -10.34
C ASN A 17 6.04 -0.97 -9.17
N GLY A 18 5.22 -2.03 -9.00
CA GLY A 18 5.48 -3.12 -8.05
C GLY A 18 5.55 -2.68 -6.58
N PRO A 19 6.77 -2.61 -5.96
CA PRO A 19 6.92 -2.18 -4.57
C PRO A 19 6.88 -0.64 -4.43
N TRP A 20 6.38 -0.18 -3.29
CA TRP A 20 6.26 1.25 -2.96
C TRP A 20 7.61 1.81 -2.46
N ALA A 21 7.97 3.03 -2.92
CA ALA A 21 9.18 3.74 -2.47
C ALA A 21 8.77 4.81 -1.45
N TRP A 22 8.88 4.46 -0.17
CA TRP A 22 8.57 5.38 0.95
C TRP A 22 9.72 6.40 1.15
N SER A 23 10.93 6.00 0.70
CA SER A 23 12.14 6.85 0.74
C SER A 23 11.93 8.14 -0.09
N ASN A 24 12.35 9.29 0.47
CA ASN A 24 12.22 10.60 -0.19
C ASN A 24 13.31 10.78 -1.25
N ILE A 25 13.16 11.79 -2.12
CA ILE A 25 14.15 12.11 -3.18
C ILE A 25 14.99 13.32 -2.73
N ASP A 26 15.98 13.75 -3.55
CA ASP A 26 16.75 14.98 -3.30
C ASP A 26 15.85 16.21 -3.51
N THR A 27 15.89 17.16 -2.55
CA THR A 27 15.13 18.45 -2.57
C THR A 27 13.62 18.28 -2.19
N SER A 28 13.02 17.10 -2.45
CA SER A 28 11.57 16.86 -2.32
C SER A 28 11.30 15.41 -1.86
N LYS A 29 10.03 14.94 -1.97
CA LYS A 29 9.65 13.54 -1.72
C LYS A 29 9.23 12.88 -3.04
N VAL A 30 9.91 11.79 -3.46
CA VAL A 30 9.40 10.96 -4.57
C VAL A 30 8.18 10.14 -4.06
N GLY A 31 6.97 10.64 -4.42
CA GLY A 31 5.70 10.04 -4.03
C GLY A 31 4.57 11.06 -4.02
N SER A 32 3.55 10.81 -3.18
CA SER A 32 2.39 11.69 -3.02
C SER A 32 2.54 12.58 -1.76
N GLY A 33 1.66 13.58 -1.64
CA GLY A 33 1.66 14.52 -0.51
C GLY A 33 0.76 15.72 -0.77
N SER A 34 0.92 16.31 -1.98
CA SER A 34 0.08 17.40 -2.48
C SER A 34 -1.23 16.81 -3.02
N GLY A 35 -2.25 16.76 -2.17
CA GLY A 35 -3.57 16.23 -2.53
C GLY A 35 -4.69 17.13 -2.02
N SER A 36 -5.16 18.04 -2.87
CA SER A 36 -6.20 19.03 -2.53
C SER A 36 -6.99 19.40 -3.79
N GLY A 37 -8.31 19.14 -3.77
CA GLY A 37 -9.20 19.45 -4.89
C GLY A 37 -10.47 18.63 -4.85
N SER A 38 -11.48 19.03 -5.66
CA SER A 38 -12.77 18.34 -5.75
C SER A 38 -12.63 16.92 -6.34
N GLY A 39 -11.79 16.81 -7.39
CA GLY A 39 -11.58 15.55 -8.12
C GLY A 39 -10.20 14.93 -7.87
N SER A 40 -9.52 15.38 -6.79
CA SER A 40 -8.18 14.87 -6.43
C SER A 40 -8.26 13.52 -5.68
N GLN A 41 -9.49 13.04 -5.45
CA GLN A 41 -9.76 11.79 -4.73
C GLN A 41 -11.04 11.13 -5.26
N ALA A 42 -11.00 9.81 -5.47
CA ALA A 42 -12.18 9.00 -5.78
C ALA A 42 -12.97 8.77 -4.48
N THR A 43 -14.32 8.93 -4.55
CA THR A 43 -15.18 8.76 -3.36
C THR A 43 -15.48 7.26 -3.12
N TRP A 44 -15.32 6.85 -1.86
CA TRP A 44 -15.53 5.46 -1.39
C TRP A 44 -16.79 5.39 -0.53
N LYS A 45 -17.48 4.25 -0.60
CA LYS A 45 -18.78 4.04 0.07
C LYS A 45 -18.75 2.78 0.95
N GLU A 46 -19.69 2.76 1.93
CA GLU A 46 -19.75 1.73 2.98
C GLU A 46 -20.11 0.34 2.39
N LYS A 47 -19.20 -0.64 2.57
CA LYS A 47 -19.43 -2.04 2.15
C LYS A 47 -19.85 -2.90 3.35
N ASP A 48 -20.64 -3.93 3.06
CA ASP A 48 -21.02 -4.97 4.03
C ASP A 48 -20.92 -6.33 3.35
N GLY A 49 -20.37 -7.32 4.07
CA GLY A 49 -20.17 -8.66 3.55
C GLY A 49 -18.69 -9.00 3.52
N ALA A 50 -18.08 -9.04 2.33
CA ALA A 50 -16.66 -9.39 2.15
C ALA A 50 -16.04 -8.65 0.96
N VAL A 51 -14.69 -8.67 0.91
CA VAL A 51 -13.92 -8.12 -0.20
C VAL A 51 -13.90 -9.15 -1.33
N GLU A 52 -14.28 -8.70 -2.52
CA GLU A 52 -14.44 -9.55 -3.72
C GLU A 52 -13.14 -9.53 -4.55
N ALA A 53 -13.08 -10.37 -5.60
CA ALA A 53 -11.87 -10.55 -6.43
C ALA A 53 -11.58 -9.33 -7.33
N GLU A 54 -12.61 -8.55 -7.62
CA GLU A 54 -12.49 -7.30 -8.40
C GLU A 54 -12.64 -6.06 -7.51
N ASP A 55 -13.02 -6.29 -6.23
CA ASP A 55 -13.35 -5.21 -5.29
C ASP A 55 -12.09 -4.55 -4.70
N ARG A 56 -12.27 -3.29 -4.28
CA ARG A 56 -11.22 -2.44 -3.76
C ARG A 56 -11.56 -2.16 -2.28
N VAL A 57 -10.57 -2.22 -1.39
CA VAL A 57 -10.78 -1.99 0.05
C VAL A 57 -9.60 -1.21 0.64
N THR A 58 -9.89 -0.35 1.64
CA THR A 58 -8.87 0.40 2.36
C THR A 58 -8.24 -0.52 3.41
N ILE A 59 -6.95 -0.81 3.24
CA ILE A 59 -6.18 -1.65 4.17
C ILE A 59 -5.13 -0.81 4.92
N ASP A 60 -4.52 -1.46 5.88
CA ASP A 60 -3.32 -0.96 6.59
C ASP A 60 -2.29 -2.08 6.49
N PHE A 61 -1.00 -1.76 6.53
CA PHE A 61 0.06 -2.75 6.45
C PHE A 61 1.27 -2.32 7.29
N THR A 62 1.73 -3.25 8.14
CA THR A 62 2.93 -3.08 8.99
C THR A 62 3.25 -4.42 9.69
N GLY A 63 4.45 -4.53 10.30
CA GLY A 63 4.83 -5.71 11.07
C GLY A 63 6.31 -6.00 10.94
N SER A 64 6.65 -6.94 10.03
CA SER A 64 8.05 -7.33 9.78
C SER A 64 8.18 -8.01 8.40
N VAL A 65 9.42 -8.19 7.95
CA VAL A 65 9.75 -8.87 6.71
C VAL A 65 10.81 -9.95 7.02
N ASP A 66 10.38 -11.22 6.97
CA ASP A 66 11.17 -12.39 7.42
C ASP A 66 11.58 -12.26 8.91
N GLY A 67 10.75 -11.51 9.67
CA GLY A 67 10.97 -11.25 11.10
C GLY A 67 11.81 -10.00 11.39
N GLU A 68 12.11 -9.21 10.34
CA GLU A 68 12.91 -7.95 10.45
C GLU A 68 12.01 -6.73 10.30
N GLU A 69 12.09 -5.78 11.24
CA GLU A 69 11.27 -4.55 11.21
C GLU A 69 11.81 -3.56 10.15
N PHE A 70 11.02 -3.36 9.07
CA PHE A 70 11.37 -2.45 7.96
C PHE A 70 10.68 -1.10 8.18
N GLU A 71 11.29 -0.28 9.05
CA GLU A 71 10.72 1.01 9.47
C GLU A 71 11.01 2.07 8.41
N GLY A 72 9.94 2.73 7.93
CA GLY A 72 9.98 3.54 6.72
C GLY A 72 9.60 2.72 5.49
N GLY A 73 8.60 1.83 5.67
CA GLY A 73 8.06 1.02 4.57
C GLY A 73 6.63 0.54 4.85
N LYS A 74 5.92 1.26 5.73
CA LYS A 74 4.52 0.93 6.11
C LYS A 74 3.63 2.16 5.91
N ALA A 75 2.33 1.93 5.69
CA ALA A 75 1.33 2.99 5.52
C ALA A 75 -0.03 2.53 6.04
N SER A 76 -0.72 3.45 6.73
CA SER A 76 -2.09 3.28 7.20
C SER A 76 -3.06 4.01 6.28
N ASP A 77 -4.33 3.56 6.29
CA ASP A 77 -5.44 4.14 5.51
C ASP A 77 -5.16 4.11 3.99
N PHE A 78 -4.42 3.07 3.56
CA PHE A 78 -4.02 2.90 2.16
C PHE A 78 -5.16 2.25 1.37
N VAL A 79 -5.53 2.89 0.25
CA VAL A 79 -6.67 2.47 -0.57
C VAL A 79 -6.19 1.49 -1.68
N LEU A 80 -6.36 0.19 -1.41
CA LEU A 80 -5.87 -0.90 -2.28
C LEU A 80 -6.97 -1.38 -3.23
N ALA A 81 -6.70 -1.28 -4.53
CA ALA A 81 -7.54 -1.84 -5.58
C ALA A 81 -6.99 -3.21 -6.00
N MET A 82 -7.87 -4.23 -6.09
CA MET A 82 -7.50 -5.57 -6.58
C MET A 82 -7.48 -5.63 -8.12
N GLY A 83 -6.78 -6.64 -8.66
CA GLY A 83 -6.61 -6.83 -10.10
C GLY A 83 -5.56 -5.91 -10.70
N GLN A 84 -4.76 -5.26 -9.83
CA GLN A 84 -3.78 -4.25 -10.23
C GLN A 84 -2.35 -4.82 -10.09
N GLY A 85 -1.54 -4.69 -11.16
CA GLY A 85 -0.10 -5.02 -11.11
C GLY A 85 0.75 -3.83 -10.69
N ARG A 86 0.13 -2.88 -9.99
CA ARG A 86 0.79 -1.65 -9.48
C ARG A 86 1.46 -1.92 -8.13
N MET A 87 0.86 -2.85 -7.36
CA MET A 87 1.38 -3.27 -6.05
C MET A 87 2.10 -4.63 -6.16
N ILE A 88 2.71 -5.04 -5.05
CA ILE A 88 3.37 -6.35 -4.93
C ILE A 88 2.34 -7.50 -5.17
N PRO A 89 2.76 -8.66 -5.81
CA PRO A 89 1.81 -9.74 -6.24
C PRO A 89 0.86 -10.22 -5.11
N GLY A 90 1.44 -10.42 -3.92
CA GLY A 90 0.71 -10.98 -2.78
C GLY A 90 -0.35 -10.06 -2.19
N PHE A 91 -0.24 -8.75 -2.46
CA PHE A 91 -1.18 -7.72 -1.96
C PHE A 91 -2.57 -7.87 -2.61
N GLU A 92 -2.60 -8.59 -3.75
CA GLU A 92 -3.84 -8.87 -4.49
C GLU A 92 -4.61 -10.08 -3.87
N ASP A 93 -4.18 -10.52 -2.67
CA ASP A 93 -4.82 -11.62 -1.92
C ASP A 93 -4.63 -11.40 -0.41
N GLY A 94 -5.33 -12.19 0.42
CA GLY A 94 -5.24 -12.11 1.89
C GLY A 94 -6.34 -11.25 2.49
N ILE A 95 -6.88 -10.33 1.68
CA ILE A 95 -7.95 -9.40 2.08
C ILE A 95 -9.34 -9.96 1.68
N LYS A 96 -9.34 -10.90 0.71
CA LYS A 96 -10.57 -11.47 0.13
C LYS A 96 -11.33 -12.35 1.13
N GLY A 97 -12.62 -12.61 0.85
CA GLY A 97 -13.42 -13.59 1.60
C GLY A 97 -13.79 -13.18 3.03
N HIS A 98 -13.46 -11.92 3.38
CA HIS A 98 -13.73 -11.35 4.71
C HIS A 98 -13.75 -9.82 4.65
N LYS A 99 -13.96 -9.17 5.79
CA LYS A 99 -14.32 -7.74 5.87
C LYS A 99 -13.35 -6.97 6.78
N ALA A 100 -13.52 -5.64 6.85
CA ALA A 100 -12.67 -4.76 7.68
C ALA A 100 -13.02 -4.87 9.19
N GLY A 101 -12.13 -4.30 10.03
CA GLY A 101 -12.33 -4.25 11.48
C GLY A 101 -11.64 -5.41 12.21
N GLU A 102 -11.51 -6.54 11.53
CA GLU A 102 -10.78 -7.72 12.04
C GLU A 102 -9.28 -7.54 11.87
N GLU A 103 -8.48 -8.30 12.63
CA GLU A 103 -7.01 -8.28 12.53
C GLU A 103 -6.47 -9.67 12.22
N PHE A 104 -5.48 -9.72 11.32
CA PHE A 104 -4.94 -10.96 10.75
C PHE A 104 -3.49 -10.73 10.31
N THR A 105 -2.81 -11.82 9.96
CA THR A 105 -1.47 -11.78 9.38
C THR A 105 -1.53 -12.34 7.96
N ILE A 106 -0.84 -11.69 7.00
CA ILE A 106 -0.68 -12.21 5.63
C ILE A 106 0.80 -12.16 5.24
N ASP A 107 1.29 -13.28 4.67
CA ASP A 107 2.69 -13.39 4.21
C ASP A 107 2.71 -13.30 2.68
N VAL A 108 3.47 -12.31 2.20
CA VAL A 108 3.58 -11.93 0.78
C VAL A 108 5.07 -11.76 0.47
N THR A 109 5.54 -12.10 -0.75
CA THR A 109 6.96 -11.88 -1.09
C THR A 109 7.09 -10.54 -1.82
N PHE A 110 8.08 -9.74 -1.41
CA PHE A 110 8.45 -8.51 -2.10
C PHE A 110 9.15 -8.85 -3.43
N PRO A 111 9.00 -7.99 -4.49
CA PRO A 111 9.73 -8.16 -5.76
C PRO A 111 11.26 -8.14 -5.59
N GLU A 112 11.96 -8.67 -6.63
CA GLU A 112 13.43 -8.91 -6.67
C GLU A 112 14.24 -7.81 -5.98
N GLU A 113 13.84 -6.54 -6.18
CA GLU A 113 14.43 -5.38 -5.53
C GLU A 113 13.32 -4.43 -5.04
N TYR A 114 12.71 -4.75 -3.86
CA TYR A 114 11.98 -3.74 -3.07
C TYR A 114 12.97 -2.61 -2.71
N HIS A 115 12.45 -1.37 -2.65
CA HIS A 115 13.28 -0.13 -2.60
C HIS A 115 13.95 0.05 -1.21
N ALA A 116 15.03 -0.75 -1.01
CA ALA A 116 15.83 -0.84 0.23
C ALA A 116 16.94 -1.90 0.05
N GLU A 117 18.02 -1.77 0.82
CA GLU A 117 19.23 -2.61 0.71
C GLU A 117 18.98 -4.01 1.31
N ASN A 118 18.30 -4.05 2.46
CA ASN A 118 18.00 -5.28 3.19
C ASN A 118 16.91 -6.10 2.48
N LEU A 119 16.15 -5.43 1.60
CA LEU A 119 15.00 -6.01 0.90
C LEU A 119 15.40 -6.49 -0.51
N LYS A 120 15.85 -7.75 -0.60
CA LYS A 120 16.35 -8.37 -1.86
C LYS A 120 15.31 -9.36 -2.45
N GLY A 121 14.02 -9.06 -2.24
CA GLY A 121 12.93 -9.95 -2.68
C GLY A 121 12.60 -11.02 -1.65
N LYS A 122 12.70 -10.64 -0.38
CA LYS A 122 12.44 -11.52 0.77
C LYS A 122 10.95 -11.48 1.18
N ALA A 123 10.50 -12.57 1.81
CA ALA A 123 9.11 -12.72 2.26
C ALA A 123 8.80 -11.81 3.46
N ALA A 124 7.67 -11.10 3.35
CA ALA A 124 7.13 -10.15 4.34
C ALA A 124 5.88 -10.71 4.98
N LYS A 125 5.51 -10.15 6.14
CA LYS A 125 4.27 -10.47 6.85
C LYS A 125 3.67 -9.17 7.41
N PHE A 126 2.35 -9.04 7.28
CA PHE A 126 1.61 -7.88 7.79
C PHE A 126 0.58 -8.37 8.81
N ALA A 127 1.01 -8.39 10.09
CA ALA A 127 0.13 -8.67 11.23
C ALA A 127 -0.58 -7.37 11.62
N ILE A 128 -1.70 -7.08 10.94
CA ILE A 128 -2.37 -5.79 11.05
C ILE A 128 -3.88 -5.95 10.74
N ASN A 129 -4.69 -5.07 11.32
CA ASN A 129 -6.13 -5.00 11.07
C ASN A 129 -6.44 -4.41 9.68
N LEU A 130 -7.47 -4.98 9.04
CA LEU A 130 -8.04 -4.42 7.80
C LEU A 130 -8.73 -3.09 8.17
N LYS A 131 -8.39 -2.01 7.44
CA LYS A 131 -8.61 -0.64 7.91
C LYS A 131 -10.08 -0.22 7.82
N LYS A 132 -10.64 -0.22 6.61
CA LYS A 132 -12.00 0.30 6.37
C LYS A 132 -12.53 -0.22 5.02
N VAL A 133 -13.77 -0.76 5.03
CA VAL A 133 -14.52 -1.12 3.79
C VAL A 133 -15.40 0.07 3.33
N GLU A 134 -15.22 1.24 3.98
CA GLU A 134 -16.01 2.45 3.76
C GLU A 134 -15.11 3.54 3.12
N GLU A 135 -15.40 4.83 3.43
CA GLU A 135 -14.72 6.01 2.86
C GLU A 135 -13.29 6.17 3.41
N ARG A 136 -12.41 6.78 2.58
CA ARG A 136 -11.03 7.13 2.97
C ARG A 136 -10.42 8.13 1.96
N GLU A 137 -11.19 9.21 1.68
CA GLU A 137 -10.78 10.28 0.74
C GLU A 137 -9.67 11.17 1.34
N LEU A 138 -8.40 10.81 1.05
CA LEU A 138 -7.15 11.46 1.56
C LEU A 138 -7.27 12.06 3.01
N PRO A 139 -7.52 11.19 4.05
CA PRO A 139 -7.76 11.66 5.44
C PRO A 139 -6.45 11.75 6.26
N GLU A 140 -6.58 12.27 7.49
CA GLU A 140 -5.46 12.36 8.44
C GLU A 140 -5.42 11.08 9.29
N LEU A 141 -4.23 10.48 9.38
CA LEU A 141 -3.98 9.31 10.24
C LEU A 141 -4.20 9.71 11.70
N THR A 142 -5.31 9.20 12.27
CA THR A 142 -5.71 9.49 13.65
C THR A 142 -4.77 8.73 14.65
N GLY A 1 -0.46 10.82 -14.70
CA GLY A 1 0.09 9.84 -13.73
C GLY A 1 -0.59 9.93 -12.37
N ILE A 2 0.09 9.45 -11.33
CA ILE A 2 -0.47 9.32 -9.97
C ILE A 2 0.10 10.41 -9.02
N ALA A 3 1.34 10.86 -9.29
CA ALA A 3 2.08 11.80 -8.41
C ALA A 3 1.42 13.19 -8.35
N GLU A 4 0.65 13.53 -9.39
CA GLU A 4 -0.11 14.80 -9.48
C GLU A 4 -1.40 14.72 -8.62
N ALA A 5 -1.93 13.49 -8.49
CA ALA A 5 -3.13 13.22 -7.66
C ALA A 5 -2.75 13.14 -6.17
N ALA A 6 -1.56 12.57 -5.91
CA ALA A 6 -0.96 12.48 -4.57
C ALA A 6 -0.29 13.81 -4.19
N PHE A 7 -0.24 14.12 -2.87
CA PHE A 7 0.41 15.35 -2.36
C PHE A 7 1.91 15.34 -2.75
N ASN A 8 2.26 16.28 -3.64
CA ASN A 8 3.56 16.36 -4.29
C ASN A 8 4.56 17.17 -3.43
N LYS A 9 5.62 16.50 -2.97
CA LYS A 9 6.76 17.14 -2.23
C LYS A 9 8.04 17.16 -3.09
N GLY A 10 7.99 16.42 -4.20
CA GLY A 10 9.16 16.13 -5.03
C GLY A 10 8.75 15.90 -6.48
N GLU A 11 9.75 15.74 -7.38
CA GLU A 11 9.54 15.47 -8.84
C GLU A 11 8.30 14.59 -9.12
N THR A 12 7.40 15.05 -10.02
CA THR A 12 6.22 14.26 -10.45
C THR A 12 6.69 13.03 -11.25
N ALA A 13 7.10 12.00 -10.50
CA ALA A 13 7.76 10.81 -11.03
C ALA A 13 6.75 9.87 -11.71
N MET A 14 7.26 8.72 -12.18
CA MET A 14 6.45 7.67 -12.83
C MET A 14 5.45 7.05 -11.82
N THR A 15 4.47 6.29 -12.34
CA THR A 15 3.49 5.53 -11.54
C THR A 15 4.20 4.67 -10.47
N ILE A 16 3.53 4.52 -9.31
CA ILE A 16 4.08 3.83 -8.11
C ILE A 16 4.62 2.42 -8.49
N ASN A 17 5.79 2.06 -7.96
CA ASN A 17 6.41 0.75 -8.21
C ASN A 17 5.67 -0.31 -7.39
N GLY A 18 5.69 -1.56 -7.90
CA GLY A 18 5.10 -2.71 -7.17
C GLY A 18 5.58 -2.75 -5.73
N PRO A 19 6.92 -2.95 -5.51
CA PRO A 19 7.55 -2.71 -4.20
C PRO A 19 8.01 -1.23 -4.05
N TRP A 20 7.60 -0.59 -2.95
CA TRP A 20 7.90 0.83 -2.69
C TRP A 20 9.36 0.97 -2.19
N ALA A 21 10.23 1.56 -3.03
CA ALA A 21 11.66 1.69 -2.72
C ALA A 21 11.92 3.01 -1.98
N TRP A 22 11.97 2.92 -0.64
CA TRP A 22 12.19 4.08 0.26
C TRP A 22 13.69 4.41 0.42
N SER A 23 14.54 3.90 -0.52
CA SER A 23 15.98 4.17 -0.59
C SER A 23 16.23 5.70 -0.73
N ASN A 24 16.35 6.36 0.43
CA ASN A 24 16.44 7.82 0.54
C ASN A 24 17.87 8.30 0.24
N ILE A 25 17.95 9.54 -0.26
CA ILE A 25 19.17 10.31 -0.61
C ILE A 25 19.94 9.80 -1.86
N ASP A 26 19.96 8.46 -2.06
CA ASP A 26 20.61 7.81 -3.20
C ASP A 26 19.66 7.74 -4.41
N THR A 27 18.66 6.83 -4.33
CA THR A 27 17.70 6.58 -5.43
C THR A 27 16.79 7.79 -5.62
N SER A 28 16.30 8.31 -4.50
CA SER A 28 15.44 9.49 -4.44
C SER A 28 15.98 10.40 -3.33
N LYS A 29 16.48 11.61 -3.72
CA LYS A 29 17.02 12.59 -2.77
C LYS A 29 15.88 13.13 -1.89
N VAL A 30 15.74 12.53 -0.70
CA VAL A 30 14.70 12.91 0.27
C VAL A 30 15.23 14.02 1.20
N GLY A 31 14.88 15.27 0.85
CA GLY A 31 15.11 16.43 1.72
C GLY A 31 13.82 16.87 2.39
N SER A 32 12.76 16.04 2.27
CA SER A 32 11.45 16.30 2.90
C SER A 32 11.36 15.55 4.24
N GLY A 33 11.22 16.31 5.34
CA GLY A 33 11.10 15.75 6.68
C GLY A 33 10.29 16.68 7.58
N SER A 34 9.45 16.08 8.44
CA SER A 34 8.50 16.76 9.37
C SER A 34 7.25 17.26 8.62
N GLY A 35 7.47 17.99 7.50
CA GLY A 35 6.40 18.54 6.68
C GLY A 35 5.44 17.48 6.13
N SER A 36 4.15 17.73 6.31
CA SER A 36 3.07 16.81 5.91
C SER A 36 1.88 17.61 5.35
N GLY A 37 1.16 16.98 4.43
CA GLY A 37 -0.01 17.57 3.81
C GLY A 37 -0.83 16.55 3.05
N SER A 38 -2.10 16.85 2.82
CA SER A 38 -3.00 16.03 2.00
C SER A 38 -3.14 16.64 0.59
N GLY A 39 -3.75 15.90 -0.33
CA GLY A 39 -4.00 16.38 -1.70
C GLY A 39 -5.47 16.23 -2.07
N SER A 40 -5.81 15.11 -2.72
CA SER A 40 -7.20 14.75 -3.06
C SER A 40 -7.36 13.21 -3.07
N GLN A 41 -8.61 12.76 -3.06
CA GLN A 41 -8.98 11.34 -3.10
C GLN A 41 -10.40 11.20 -3.67
N ALA A 42 -10.64 10.10 -4.40
CA ALA A 42 -11.98 9.73 -4.88
C ALA A 42 -12.84 9.32 -3.68
N THR A 43 -14.17 9.52 -3.78
CA THR A 43 -15.10 9.13 -2.71
C THR A 43 -15.33 7.61 -2.76
N TRP A 44 -15.33 6.99 -1.57
CA TRP A 44 -15.47 5.53 -1.39
C TRP A 44 -16.84 5.21 -0.79
N LYS A 45 -17.38 4.04 -1.15
CA LYS A 45 -18.73 3.60 -0.76
C LYS A 45 -18.68 2.19 -0.15
N GLU A 46 -19.71 1.86 0.63
CA GLU A 46 -19.78 0.63 1.43
C GLU A 46 -19.84 -0.62 0.56
N LYS A 47 -18.91 -1.55 0.81
CA LYS A 47 -18.96 -2.89 0.23
C LYS A 47 -19.69 -3.82 1.20
N ASP A 48 -20.62 -4.62 0.66
CA ASP A 48 -21.40 -5.59 1.43
C ASP A 48 -20.52 -6.81 1.75
N GLY A 49 -20.70 -7.36 2.96
CA GLY A 49 -20.02 -8.59 3.39
C GLY A 49 -18.50 -8.54 3.25
N ALA A 50 -17.98 -9.12 2.16
CA ALA A 50 -16.52 -9.33 1.94
C ALA A 50 -16.03 -8.66 0.65
N VAL A 51 -14.70 -8.52 0.56
CA VAL A 51 -13.99 -7.94 -0.60
C VAL A 51 -13.90 -8.98 -1.74
N GLU A 52 -14.15 -8.52 -2.99
CA GLU A 52 -14.13 -9.38 -4.20
C GLU A 52 -12.76 -9.33 -4.90
N ALA A 53 -12.65 -10.17 -5.95
CA ALA A 53 -11.45 -10.32 -6.78
C ALA A 53 -11.02 -9.01 -7.43
N GLU A 54 -12.02 -8.21 -7.84
CA GLU A 54 -11.81 -6.96 -8.59
C GLU A 54 -12.18 -5.73 -7.74
N ASP A 55 -12.50 -5.95 -6.45
CA ASP A 55 -13.10 -4.89 -5.59
C ASP A 55 -12.02 -4.13 -4.82
N ARG A 56 -12.35 -2.91 -4.41
CA ARG A 56 -11.42 -1.99 -3.75
C ARG A 56 -11.73 -1.97 -2.24
N VAL A 57 -10.68 -1.93 -1.43
CA VAL A 57 -10.79 -1.88 0.03
C VAL A 57 -9.66 -1.02 0.62
N THR A 58 -10.00 -0.23 1.64
CA THR A 58 -9.00 0.49 2.43
C THR A 58 -8.47 -0.49 3.50
N ILE A 59 -7.19 -0.82 3.42
CA ILE A 59 -6.55 -1.73 4.37
C ILE A 59 -5.42 -1.02 5.13
N ASP A 60 -4.88 -1.72 6.12
CA ASP A 60 -3.70 -1.31 6.87
C ASP A 60 -2.69 -2.44 6.73
N PHE A 61 -1.39 -2.15 6.94
CA PHE A 61 -0.36 -3.20 7.00
C PHE A 61 0.83 -2.71 7.84
N THR A 62 1.20 -3.51 8.86
CA THR A 62 2.38 -3.28 9.71
C THR A 62 2.81 -4.60 10.37
N GLY A 63 4.12 -4.73 10.61
CA GLY A 63 4.71 -5.95 11.16
C GLY A 63 6.22 -5.96 10.95
N SER A 64 6.75 -7.05 10.36
CA SER A 64 8.18 -7.20 10.08
C SER A 64 8.40 -7.96 8.77
N VAL A 65 9.63 -7.92 8.26
CA VAL A 65 10.03 -8.59 7.03
C VAL A 65 11.16 -9.61 7.33
N ASP A 66 10.81 -10.91 7.22
CA ASP A 66 11.69 -12.03 7.60
C ASP A 66 12.16 -11.90 9.09
N GLY A 67 11.20 -11.46 9.94
CA GLY A 67 11.45 -11.24 11.37
C GLY A 67 12.11 -9.90 11.69
N GLU A 68 12.60 -9.19 10.65
CA GLU A 68 13.35 -7.92 10.80
C GLU A 68 12.40 -6.72 10.72
N GLU A 69 12.51 -5.83 11.69
CA GLU A 69 11.72 -4.60 11.75
C GLU A 69 12.30 -3.57 10.75
N PHE A 70 11.40 -2.86 10.03
CA PHE A 70 11.77 -1.96 8.91
C PHE A 70 10.84 -0.72 8.85
N GLU A 71 11.40 0.47 9.15
CA GLU A 71 10.69 1.76 9.04
C GLU A 71 10.58 2.17 7.56
N GLY A 72 9.41 2.75 7.19
CA GLY A 72 9.10 3.08 5.80
C GLY A 72 8.49 1.92 5.03
N GLY A 73 8.39 0.74 5.68
CA GLY A 73 7.89 -0.47 5.06
C GLY A 73 6.44 -0.79 5.39
N LYS A 74 5.78 0.13 6.12
CA LYS A 74 4.36 -0.02 6.51
C LYS A 74 3.60 1.27 6.16
N ALA A 75 2.27 1.14 6.01
CA ALA A 75 1.37 2.29 5.78
C ALA A 75 -0.01 2.00 6.38
N SER A 76 -0.55 3.02 7.06
CA SER A 76 -1.90 3.00 7.62
C SER A 76 -2.87 3.66 6.64
N ASP A 77 -4.13 3.15 6.59
CA ASP A 77 -5.23 3.74 5.80
C ASP A 77 -4.90 3.75 4.29
N PHE A 78 -4.22 2.68 3.85
CA PHE A 78 -3.76 2.53 2.47
C PHE A 78 -4.93 2.02 1.60
N VAL A 79 -5.34 2.85 0.63
CA VAL A 79 -6.52 2.59 -0.21
C VAL A 79 -6.08 1.82 -1.48
N LEU A 80 -6.46 0.53 -1.55
CA LEU A 80 -6.00 -0.40 -2.60
C LEU A 80 -7.18 -1.02 -3.33
N ALA A 81 -7.12 -0.99 -4.67
CA ALA A 81 -8.08 -1.66 -5.56
C ALA A 81 -7.51 -3.04 -5.97
N MET A 82 -8.33 -4.10 -5.86
CA MET A 82 -7.93 -5.47 -6.26
C MET A 82 -7.93 -5.64 -7.78
N GLY A 83 -7.04 -6.52 -8.26
CA GLY A 83 -6.84 -6.74 -9.70
C GLY A 83 -5.81 -5.78 -10.29
N GLN A 84 -5.34 -4.82 -9.48
CA GLN A 84 -4.34 -3.83 -9.89
C GLN A 84 -2.93 -4.39 -9.67
N GLY A 85 -2.09 -4.32 -10.73
CA GLY A 85 -0.69 -4.75 -10.66
C GLY A 85 0.27 -3.63 -10.31
N ARG A 86 -0.29 -2.48 -9.87
CA ARG A 86 0.48 -1.28 -9.51
C ARG A 86 1.30 -1.51 -8.21
N MET A 87 0.75 -2.33 -7.31
CA MET A 87 1.40 -2.75 -6.05
C MET A 87 1.87 -4.22 -6.17
N ILE A 88 2.55 -4.71 -5.11
CA ILE A 88 3.10 -6.09 -5.07
C ILE A 88 2.00 -7.17 -5.31
N PRO A 89 2.35 -8.28 -6.05
CA PRO A 89 1.41 -9.42 -6.28
C PRO A 89 1.03 -10.17 -4.98
N GLY A 90 1.73 -9.86 -3.88
CA GLY A 90 1.40 -10.39 -2.56
C GLY A 90 0.00 -9.97 -2.09
N PHE A 91 -0.37 -8.71 -2.40
CA PHE A 91 -1.69 -8.13 -2.06
C PHE A 91 -2.85 -8.83 -2.82
N GLU A 92 -2.52 -9.68 -3.82
CA GLU A 92 -3.52 -10.43 -4.61
C GLU A 92 -4.32 -11.39 -3.69
N ASP A 93 -3.71 -11.78 -2.55
CA ASP A 93 -4.36 -12.62 -1.53
C ASP A 93 -4.14 -12.00 -0.15
N GLY A 94 -5.15 -12.15 0.73
CA GLY A 94 -5.03 -11.75 2.13
C GLY A 94 -6.07 -10.75 2.60
N ILE A 95 -6.68 -10.00 1.66
CA ILE A 95 -7.66 -8.92 1.98
C ILE A 95 -9.09 -9.29 1.53
N LYS A 96 -9.22 -10.28 0.63
CA LYS A 96 -10.53 -10.71 0.07
C LYS A 96 -11.15 -11.81 0.94
N GLY A 97 -12.44 -12.11 0.66
CA GLY A 97 -13.14 -13.22 1.31
C GLY A 97 -13.45 -12.96 2.78
N HIS A 98 -13.31 -11.69 3.20
CA HIS A 98 -13.58 -11.26 4.58
C HIS A 98 -13.78 -9.73 4.64
N LYS A 99 -14.26 -9.25 5.80
CA LYS A 99 -14.77 -7.88 5.99
C LYS A 99 -13.82 -6.99 6.80
N ALA A 100 -14.19 -5.70 6.92
CA ALA A 100 -13.48 -4.71 7.76
C ALA A 100 -13.81 -4.90 9.24
N GLY A 101 -12.86 -4.53 10.13
CA GLY A 101 -13.07 -4.55 11.58
C GLY A 101 -12.45 -5.77 12.26
N GLU A 102 -12.26 -6.85 11.50
CA GLU A 102 -11.60 -8.09 11.99
C GLU A 102 -10.07 -7.96 11.89
N GLU A 103 -9.33 -8.64 12.80
CA GLU A 103 -7.85 -8.63 12.81
C GLU A 103 -7.32 -9.96 12.25
N PHE A 104 -6.22 -9.88 11.49
CA PHE A 104 -5.60 -11.03 10.83
C PHE A 104 -4.11 -10.76 10.59
N THR A 105 -3.38 -11.80 10.20
CA THR A 105 -1.99 -11.71 9.76
C THR A 105 -1.91 -12.29 8.34
N ILE A 106 -1.14 -11.62 7.45
CA ILE A 106 -0.91 -12.10 6.08
C ILE A 106 0.58 -11.96 5.74
N ASP A 107 1.16 -13.02 5.18
CA ASP A 107 2.55 -13.03 4.71
C ASP A 107 2.57 -12.81 3.19
N VAL A 108 3.28 -11.75 2.77
CA VAL A 108 3.40 -11.37 1.35
C VAL A 108 4.89 -11.18 1.01
N THR A 109 5.34 -11.72 -0.13
CA THR A 109 6.73 -11.56 -0.59
C THR A 109 6.80 -10.43 -1.61
N PHE A 110 7.79 -9.54 -1.45
CA PHE A 110 8.08 -8.48 -2.43
C PHE A 110 8.87 -9.08 -3.62
N PRO A 111 8.67 -8.54 -4.87
CA PRO A 111 9.48 -8.95 -6.04
C PRO A 111 10.91 -8.37 -6.01
N GLU A 112 11.74 -8.90 -6.93
CA GLU A 112 13.19 -8.58 -7.05
C GLU A 112 13.45 -7.10 -7.44
N GLU A 113 12.38 -6.36 -7.77
CA GLU A 113 12.41 -4.96 -8.21
C GLU A 113 12.62 -3.98 -7.03
N TYR A 114 12.56 -4.51 -5.77
CA TYR A 114 12.69 -3.69 -4.54
C TYR A 114 14.15 -3.20 -4.39
N HIS A 115 14.45 -2.03 -4.95
CA HIS A 115 15.81 -1.45 -4.89
C HIS A 115 15.94 -0.54 -3.64
N ALA A 116 16.02 -1.19 -2.47
CA ALA A 116 16.22 -0.52 -1.15
C ALA A 116 17.29 -1.26 -0.31
N GLU A 117 18.34 -1.73 -1.03
CA GLU A 117 19.56 -2.37 -0.46
C GLU A 117 19.23 -3.66 0.33
N ASN A 118 18.85 -3.47 1.62
CA ASN A 118 18.46 -4.57 2.53
C ASN A 118 17.22 -5.27 1.97
N LEU A 119 16.20 -4.45 1.69
CA LEU A 119 14.97 -4.89 1.06
C LEU A 119 15.19 -5.03 -0.45
N LYS A 120 15.57 -6.26 -0.88
CA LYS A 120 15.77 -6.60 -2.31
C LYS A 120 14.50 -7.24 -2.90
N GLY A 121 13.71 -7.85 -2.02
CA GLY A 121 12.49 -8.56 -2.37
C GLY A 121 12.19 -9.66 -1.37
N LYS A 122 12.31 -9.28 -0.09
CA LYS A 122 12.20 -10.22 1.04
C LYS A 122 10.73 -10.56 1.35
N ALA A 123 10.51 -11.71 2.00
CA ALA A 123 9.18 -12.14 2.48
C ALA A 123 8.82 -11.41 3.79
N ALA A 124 7.71 -10.67 3.75
CA ALA A 124 7.20 -9.87 4.89
C ALA A 124 5.91 -10.48 5.44
N LYS A 125 5.56 -10.05 6.64
CA LYS A 125 4.32 -10.44 7.33
C LYS A 125 3.73 -9.19 8.01
N PHE A 126 2.45 -8.95 7.75
CA PHE A 126 1.73 -7.78 8.25
C PHE A 126 0.51 -8.23 9.08
N ALA A 127 0.60 -8.00 10.40
CA ALA A 127 -0.46 -8.33 11.36
C ALA A 127 -1.16 -7.03 11.82
N ILE A 128 -2.47 -6.93 11.50
CA ILE A 128 -3.31 -5.74 11.83
C ILE A 128 -4.78 -6.04 11.42
N ASN A 129 -5.73 -5.23 11.91
CA ASN A 129 -7.14 -5.30 11.49
C ASN A 129 -7.33 -4.65 10.11
N LEU A 130 -8.29 -5.17 9.34
CA LEU A 130 -8.75 -4.53 8.10
C LEU A 130 -9.38 -3.18 8.49
N LYS A 131 -8.92 -2.11 7.82
CA LYS A 131 -9.30 -0.74 8.12
C LYS A 131 -10.80 -0.51 7.85
N LYS A 132 -11.20 -0.57 6.57
CA LYS A 132 -12.50 -0.07 6.11
C LYS A 132 -12.84 -0.58 4.69
N VAL A 133 -13.97 -1.29 4.53
CA VAL A 133 -14.51 -1.67 3.20
C VAL A 133 -15.47 -0.57 2.69
N GLU A 134 -15.74 0.45 3.55
CA GLU A 134 -16.70 1.52 3.26
C GLU A 134 -15.98 2.78 2.70
N GLU A 135 -15.57 3.73 3.57
CA GLU A 135 -15.08 5.06 3.13
C GLU A 135 -13.85 5.54 3.95
N ARG A 136 -12.72 5.82 3.26
CA ARG A 136 -11.53 6.50 3.84
C ARG A 136 -10.85 7.36 2.76
N GLU A 137 -11.31 8.61 2.61
CA GLU A 137 -10.62 9.62 1.79
C GLU A 137 -9.53 10.25 2.65
N LEU A 138 -8.25 9.95 2.31
CA LEU A 138 -7.02 10.26 3.11
C LEU A 138 -7.17 11.47 4.09
N PRO A 139 -7.62 11.22 5.36
CA PRO A 139 -7.85 12.30 6.35
C PRO A 139 -6.57 12.66 7.11
N GLU A 140 -6.68 13.67 7.98
CA GLU A 140 -5.60 14.06 8.89
C GLU A 140 -5.52 13.06 10.05
N LEU A 141 -4.45 13.17 10.85
CA LEU A 141 -4.27 12.37 12.07
C LEU A 141 -5.21 12.94 13.16
N THR A 142 -6.46 12.45 13.14
CA THR A 142 -7.54 12.93 14.01
C THR A 142 -8.54 11.77 14.28
#